data_2E9H
#
_entry.id   2E9H
#
loop_
_entity.id
_entity.type
_entity.pdbx_description
1 polymer 'Eukaryotic translation initiation factor 5'
2 non-polymer 'ZINC ION'
#
_entity_poly.entity_id   1
_entity_poly.type   'polypeptide(L)'
_entity_poly.pdbx_seq_one_letter_code
;GSSGSSGMSVNVNRSVSDQFYRYKMPRLIAKVEGKGNGIKTVIVNMVDVAKALNRPPTYPTKYFGCELGAQTQFDVKNDR
YIVNGSHEANKLQDMLDGFIKKFVLCPECENPETDLHVNPKKQTIGNSCKACGYRGMLDTHHKLCTFILKNPPENSD
;
_entity_poly.pdbx_strand_id   A
#
loop_
_chem_comp.id
_chem_comp.type
_chem_comp.name
_chem_comp.formula
ZN non-polymer 'ZINC ION' 'Zn 2'
#
# COMPACT_ATOMS: atom_id res chain seq x y z
N GLY A 1 10.33 -25.15 -21.45
CA GLY A 1 10.81 -24.16 -20.50
C GLY A 1 11.18 -22.85 -21.17
N SER A 2 10.19 -21.97 -21.32
CA SER A 2 10.41 -20.67 -21.96
C SER A 2 11.69 -20.04 -21.45
N SER A 3 12.33 -19.24 -22.30
CA SER A 3 13.58 -18.57 -21.93
C SER A 3 13.30 -17.41 -20.97
N GLY A 4 13.58 -17.63 -19.70
CA GLY A 4 13.35 -16.60 -18.69
C GLY A 4 12.29 -17.00 -17.69
N SER A 5 11.75 -16.00 -16.99
CA SER A 5 10.72 -16.25 -15.98
C SER A 5 9.34 -15.89 -16.51
N SER A 6 8.31 -16.23 -15.75
CA SER A 6 6.94 -15.96 -16.15
C SER A 6 6.50 -14.58 -15.67
N GLY A 7 6.66 -14.33 -14.37
CA GLY A 7 6.29 -13.05 -13.81
C GLY A 7 7.48 -12.26 -13.32
N MET A 8 7.55 -10.98 -13.70
CA MET A 8 8.65 -10.11 -13.29
C MET A 8 8.19 -9.15 -12.20
N SER A 9 9.10 -8.83 -11.29
CA SER A 9 8.80 -7.92 -10.20
C SER A 9 9.70 -6.69 -10.24
N VAL A 10 9.19 -5.56 -9.76
CA VAL A 10 9.95 -4.32 -9.74
C VAL A 10 10.63 -4.11 -8.40
N ASN A 11 11.51 -3.11 -8.33
CA ASN A 11 12.23 -2.80 -7.11
C ASN A 11 11.30 -2.18 -6.07
N VAL A 12 11.46 -2.58 -4.81
CA VAL A 12 10.65 -2.07 -3.73
C VAL A 12 10.36 -0.58 -3.91
N ASN A 13 11.33 0.14 -4.47
CA ASN A 13 11.18 1.57 -4.70
C ASN A 13 11.31 1.90 -6.19
N ARG A 14 10.56 2.89 -6.64
CA ARG A 14 10.59 3.30 -8.04
C ARG A 14 11.65 4.39 -8.27
N SER A 15 12.63 4.44 -7.39
CA SER A 15 13.69 5.42 -7.48
C SER A 15 15.03 4.77 -7.86
N VAL A 16 15.14 3.48 -7.56
CA VAL A 16 16.36 2.73 -7.87
C VAL A 16 16.27 2.11 -9.26
N SER A 17 17.36 2.22 -10.02
CA SER A 17 17.42 1.67 -11.37
C SER A 17 18.52 0.62 -11.49
N ASP A 18 18.56 -0.29 -10.52
CA ASP A 18 19.56 -1.35 -10.52
C ASP A 18 18.91 -2.72 -10.32
N GLN A 19 19.72 -3.77 -10.38
CA GLN A 19 19.22 -5.12 -10.22
C GLN A 19 19.89 -5.81 -9.02
N PHE A 20 20.27 -5.01 -8.04
CA PHE A 20 20.93 -5.53 -6.84
C PHE A 20 19.94 -5.65 -5.68
N TYR A 21 18.92 -4.79 -5.70
CA TYR A 21 17.91 -4.79 -4.65
C TYR A 21 17.37 -6.20 -4.40
N ARG A 22 17.60 -6.72 -3.20
CA ARG A 22 17.14 -8.05 -2.84
C ARG A 22 15.61 -8.11 -2.80
N TYR A 23 15.03 -7.45 -1.80
CA TYR A 23 13.59 -7.43 -1.65
C TYR A 23 12.91 -6.90 -2.90
N LYS A 24 11.86 -7.60 -3.34
CA LYS A 24 11.12 -7.22 -4.54
C LYS A 24 9.62 -7.31 -4.30
N MET A 25 8.85 -6.58 -5.09
CA MET A 25 7.40 -6.59 -4.98
C MET A 25 6.74 -6.72 -6.34
N PRO A 26 5.66 -7.51 -6.42
CA PRO A 26 4.93 -7.73 -7.66
C PRO A 26 4.16 -6.50 -8.11
N ARG A 27 4.40 -6.08 -9.34
CA ARG A 27 3.73 -4.90 -9.89
C ARG A 27 2.22 -5.04 -9.78
N LEU A 28 1.59 -4.12 -9.06
CA LEU A 28 0.15 -4.14 -8.87
C LEU A 28 -0.58 -4.06 -10.21
N ILE A 29 -1.77 -4.67 -10.28
CA ILE A 29 -2.56 -4.68 -11.50
C ILE A 29 -3.86 -3.90 -11.31
N ALA A 30 -4.16 -3.03 -12.26
CA ALA A 30 -5.38 -2.23 -12.21
C ALA A 30 -6.29 -2.53 -13.39
N LYS A 31 -7.55 -2.85 -13.10
CA LYS A 31 -8.52 -3.16 -14.14
C LYS A 31 -9.52 -2.03 -14.31
N VAL A 32 -9.94 -1.79 -15.54
CA VAL A 32 -10.91 -0.73 -15.84
C VAL A 32 -11.96 -1.21 -16.82
N GLU A 33 -13.19 -0.75 -16.62
CA GLU A 33 -14.30 -1.14 -17.49
C GLU A 33 -15.09 0.09 -17.94
N GLY A 34 -15.69 0.00 -19.12
CA GLY A 34 -16.47 1.11 -19.64
C GLY A 34 -15.72 2.42 -19.58
N LYS A 35 -16.44 3.52 -19.82
CA LYS A 35 -15.82 4.84 -19.78
C LYS A 35 -16.88 5.91 -19.47
N GLY A 36 -16.84 6.42 -18.25
CA GLY A 36 -17.79 7.44 -17.85
C GLY A 36 -19.12 6.86 -17.40
N ASN A 37 -19.55 5.79 -18.08
CA ASN A 37 -20.81 5.13 -17.74
C ASN A 37 -20.62 4.13 -16.61
N GLY A 38 -19.74 4.45 -15.68
CA GLY A 38 -19.48 3.58 -14.55
C GLY A 38 -18.07 3.06 -14.54
N ILE A 39 -17.13 3.86 -15.04
CA ILE A 39 -15.73 3.47 -15.08
C ILE A 39 -15.10 3.51 -13.69
N LYS A 40 -14.49 2.40 -13.29
CA LYS A 40 -13.86 2.30 -11.98
C LYS A 40 -12.62 1.40 -12.05
N THR A 41 -11.65 1.69 -11.19
CA THR A 41 -10.41 0.91 -11.15
C THR A 41 -10.46 -0.14 -10.05
N VAL A 42 -10.15 -1.38 -10.41
CA VAL A 42 -10.16 -2.47 -9.45
C VAL A 42 -8.77 -3.09 -9.31
N ILE A 43 -8.09 -2.75 -8.21
CA ILE A 43 -6.75 -3.27 -7.95
C ILE A 43 -6.79 -4.77 -7.66
N VAL A 44 -6.87 -5.57 -8.72
CA VAL A 44 -6.91 -7.01 -8.58
C VAL A 44 -5.74 -7.52 -7.73
N ASN A 45 -4.56 -6.98 -7.98
CA ASN A 45 -3.36 -7.37 -7.23
C ASN A 45 -3.20 -6.51 -5.98
N MET A 46 -4.31 -6.28 -5.28
CA MET A 46 -4.28 -5.48 -4.06
C MET A 46 -3.81 -6.31 -2.87
N VAL A 47 -4.43 -7.48 -2.69
CA VAL A 47 -4.08 -8.37 -1.59
C VAL A 47 -2.66 -8.92 -1.77
N ASP A 48 -2.32 -9.29 -3.00
CA ASP A 48 -1.00 -9.82 -3.30
C ASP A 48 0.09 -8.85 -2.88
N VAL A 49 0.19 -7.73 -3.58
CA VAL A 49 1.20 -6.72 -3.27
C VAL A 49 1.33 -6.52 -1.77
N ALA A 50 0.20 -6.37 -1.09
CA ALA A 50 0.19 -6.18 0.35
C ALA A 50 1.05 -7.22 1.06
N LYS A 51 0.62 -8.47 1.00
CA LYS A 51 1.34 -9.56 1.64
C LYS A 51 2.85 -9.39 1.45
N ALA A 52 3.27 -9.16 0.21
CA ALA A 52 4.68 -8.97 -0.10
C ALA A 52 5.28 -7.86 0.76
N LEU A 53 4.54 -6.78 0.95
CA LEU A 53 5.00 -5.66 1.75
C LEU A 53 4.79 -5.93 3.23
N ASN A 54 4.35 -7.14 3.56
CA ASN A 54 4.12 -7.53 4.94
C ASN A 54 3.09 -6.60 5.59
N ARG A 55 2.22 -6.01 4.78
CA ARG A 55 1.19 -5.11 5.27
C ARG A 55 -0.14 -5.36 4.57
N PRO A 56 -1.24 -5.08 5.29
CA PRO A 56 -2.59 -5.28 4.76
C PRO A 56 -2.93 -4.28 3.66
N PRO A 57 -3.81 -4.69 2.72
CA PRO A 57 -4.24 -3.85 1.61
C PRO A 57 -5.11 -2.68 2.05
N THR A 58 -5.58 -2.75 3.30
CA THR A 58 -6.43 -1.71 3.85
C THR A 58 -5.66 -0.39 4.00
N TYR A 59 -4.37 -0.51 4.23
CA TYR A 59 -3.51 0.67 4.40
C TYR A 59 -3.35 1.42 3.08
N PRO A 60 -2.86 0.71 2.06
CA PRO A 60 -2.65 1.29 0.73
C PRO A 60 -3.97 1.59 0.01
N THR A 61 -4.85 0.60 -0.05
CA THR A 61 -6.15 0.77 -0.70
C THR A 61 -6.80 2.09 -0.30
N LYS A 62 -6.88 2.32 1.01
CA LYS A 62 -7.49 3.54 1.53
C LYS A 62 -6.78 4.78 0.96
N TYR A 63 -5.45 4.75 0.98
CA TYR A 63 -4.65 5.86 0.47
C TYR A 63 -5.12 6.27 -0.92
N PHE A 64 -5.08 5.32 -1.86
CA PHE A 64 -5.50 5.58 -3.23
C PHE A 64 -6.71 6.49 -3.26
N GLY A 65 -7.75 6.12 -2.52
CA GLY A 65 -8.96 6.93 -2.48
C GLY A 65 -8.69 8.37 -2.11
N CYS A 66 -7.94 8.57 -1.03
CA CYS A 66 -7.61 9.91 -0.57
C CYS A 66 -6.97 10.73 -1.68
N GLU A 67 -5.79 10.31 -2.12
CA GLU A 67 -5.08 11.02 -3.18
C GLU A 67 -5.97 11.21 -4.40
N LEU A 68 -6.63 10.13 -4.82
CA LEU A 68 -7.51 10.18 -5.98
C LEU A 68 -8.75 11.02 -5.68
N GLY A 69 -9.09 11.13 -4.40
CA GLY A 69 -10.26 11.91 -4.01
C GLY A 69 -11.56 11.24 -4.40
N ALA A 70 -11.58 9.91 -4.34
CA ALA A 70 -12.77 9.16 -4.70
C ALA A 70 -13.11 8.14 -3.61
N GLN A 71 -14.21 7.42 -3.81
CA GLN A 71 -14.65 6.40 -2.86
C GLN A 71 -14.00 5.06 -3.17
N THR A 72 -14.02 4.17 -2.18
CA THR A 72 -13.43 2.83 -2.34
C THR A 72 -14.28 1.77 -1.64
N GLN A 73 -14.31 0.58 -2.23
CA GLN A 73 -15.08 -0.53 -1.67
C GLN A 73 -14.16 -1.53 -0.96
N PHE A 74 -14.63 -2.03 0.18
CA PHE A 74 -13.85 -2.99 0.95
C PHE A 74 -14.65 -4.27 1.20
N ASP A 75 -14.18 -5.37 0.62
CA ASP A 75 -14.86 -6.66 0.76
C ASP A 75 -13.87 -7.74 1.18
N VAL A 76 -13.75 -7.94 2.50
CA VAL A 76 -12.83 -8.96 3.03
C VAL A 76 -13.27 -10.36 2.63
N LYS A 77 -14.58 -10.56 2.56
CA LYS A 77 -15.12 -11.87 2.18
C LYS A 77 -14.49 -12.37 0.89
N ASN A 78 -14.41 -11.49 -0.10
CA ASN A 78 -13.83 -11.85 -1.39
C ASN A 78 -12.50 -11.12 -1.61
N ASP A 79 -12.00 -10.50 -0.55
CA ASP A 79 -10.73 -9.77 -0.62
C ASP A 79 -10.67 -8.92 -1.89
N ARG A 80 -11.83 -8.40 -2.30
CA ARG A 80 -11.91 -7.57 -3.49
C ARG A 80 -11.95 -6.10 -3.12
N TYR A 81 -11.05 -5.31 -3.71
CA TYR A 81 -10.99 -3.88 -3.44
C TYR A 81 -11.23 -3.07 -4.71
N ILE A 82 -12.12 -2.09 -4.62
CA ILE A 82 -12.44 -1.24 -5.77
C ILE A 82 -12.20 0.23 -5.45
N VAL A 83 -11.66 0.96 -6.41
CA VAL A 83 -11.40 2.38 -6.23
C VAL A 83 -12.14 3.23 -7.27
N ASN A 84 -13.12 3.99 -6.80
CA ASN A 84 -13.91 4.84 -7.68
C ASN A 84 -13.01 5.70 -8.56
N GLY A 85 -13.29 5.72 -9.85
CA GLY A 85 -12.49 6.51 -10.78
C GLY A 85 -11.67 5.65 -11.71
N SER A 86 -11.05 6.28 -12.70
CA SER A 86 -10.23 5.57 -13.68
C SER A 86 -8.74 5.84 -13.44
N HIS A 87 -7.98 4.78 -13.25
CA HIS A 87 -6.54 4.91 -13.01
C HIS A 87 -5.80 3.65 -13.49
N GLU A 88 -4.83 3.86 -14.37
CA GLU A 88 -4.05 2.74 -14.91
C GLU A 88 -2.95 2.33 -13.93
N ALA A 89 -2.68 1.03 -13.86
CA ALA A 89 -1.66 0.51 -12.96
C ALA A 89 -0.44 1.43 -12.93
N ASN A 90 0.05 1.81 -14.11
CA ASN A 90 1.20 2.68 -14.22
C ASN A 90 1.08 3.86 -13.26
N LYS A 91 -0.07 4.53 -13.29
CA LYS A 91 -0.31 5.68 -12.42
C LYS A 91 -0.43 5.24 -10.96
N LEU A 92 -1.32 4.29 -10.71
CA LEU A 92 -1.53 3.78 -9.36
C LEU A 92 -0.20 3.51 -8.66
N GLN A 93 0.70 2.85 -9.37
CA GLN A 93 2.02 2.52 -8.82
C GLN A 93 2.70 3.77 -8.27
N ASP A 94 2.72 4.83 -9.08
CA ASP A 94 3.34 6.09 -8.67
C ASP A 94 2.67 6.64 -7.41
N MET A 95 1.35 6.73 -7.44
CA MET A 95 0.59 7.24 -6.30
C MET A 95 0.93 6.48 -5.03
N LEU A 96 0.99 5.15 -5.14
CA LEU A 96 1.31 4.30 -4.00
C LEU A 96 2.77 4.49 -3.58
N ASP A 97 3.65 4.65 -4.55
CA ASP A 97 5.07 4.84 -4.29
C ASP A 97 5.27 5.61 -2.99
N GLY A 98 4.71 6.81 -2.93
CA GLY A 98 4.84 7.64 -1.74
C GLY A 98 4.60 6.86 -0.46
N PHE A 99 3.46 6.21 -0.37
CA PHE A 99 3.10 5.42 0.81
C PHE A 99 4.18 4.37 1.09
N ILE A 100 4.59 3.66 0.05
CA ILE A 100 5.61 2.62 0.19
C ILE A 100 7.00 3.23 0.34
N LYS A 101 7.05 4.56 0.45
CA LYS A 101 8.31 5.26 0.61
C LYS A 101 8.47 5.79 2.03
N LYS A 102 7.34 5.96 2.72
CA LYS A 102 7.35 6.45 4.10
C LYS A 102 6.84 5.39 5.07
N PHE A 103 5.67 4.85 4.76
CA PHE A 103 5.06 3.82 5.60
C PHE A 103 5.92 2.56 5.62
N VAL A 104 6.08 1.95 4.45
CA VAL A 104 6.88 0.73 4.32
C VAL A 104 8.35 1.01 4.60
N LEU A 105 9.02 1.63 3.63
CA LEU A 105 10.44 1.95 3.77
C LEU A 105 10.67 2.94 4.90
N CYS A 106 11.92 3.10 5.30
CA CYS A 106 12.27 4.02 6.37
C CYS A 106 12.83 5.33 5.82
N PRO A 107 12.37 6.46 6.37
CA PRO A 107 12.82 7.78 5.95
C PRO A 107 14.26 8.07 6.34
N GLU A 108 14.93 7.05 6.89
CA GLU A 108 16.32 7.19 7.30
C GLU A 108 17.21 6.17 6.59
N CYS A 109 16.80 4.91 6.64
CA CYS A 109 17.56 3.84 6.00
C CYS A 109 16.80 3.29 4.79
N GLU A 110 15.54 3.69 4.65
CA GLU A 110 14.71 3.23 3.54
C GLU A 110 14.67 1.70 3.49
N ASN A 111 14.51 1.08 4.65
CA ASN A 111 14.45 -0.37 4.74
C ASN A 111 13.04 -0.84 5.01
N PRO A 112 12.56 -1.81 4.21
CA PRO A 112 11.21 -2.37 4.35
C PRO A 112 11.06 -3.20 5.61
N GLU A 113 12.11 -3.25 6.42
CA GLU A 113 12.10 -4.02 7.65
C GLU A 113 11.62 -3.16 8.82
N THR A 114 10.58 -2.38 8.58
CA THR A 114 10.02 -1.51 9.60
C THR A 114 8.61 -1.94 9.99
N ASP A 115 8.02 -1.25 10.95
CA ASP A 115 6.67 -1.56 11.41
C ASP A 115 5.94 -0.29 11.84
N LEU A 116 4.65 -0.44 12.14
CA LEU A 116 3.83 0.69 12.57
C LEU A 116 3.17 0.41 13.92
N HIS A 117 2.91 1.48 14.67
CA HIS A 117 2.28 1.35 15.98
C HIS A 117 1.06 2.24 16.08
N VAL A 118 0.04 1.77 16.79
CA VAL A 118 -1.20 2.54 16.97
C VAL A 118 -1.54 2.69 18.44
N ASN A 119 -1.88 3.92 18.85
CA ASN A 119 -2.24 4.19 20.23
C ASN A 119 -3.70 4.61 20.35
N PRO A 120 -4.51 3.76 20.99
CA PRO A 120 -5.93 4.02 21.19
C PRO A 120 -6.19 5.15 22.18
N LYS A 121 -5.30 5.29 23.15
CA LYS A 121 -5.42 6.34 24.16
C LYS A 121 -4.93 7.67 23.61
N LYS A 122 -3.67 7.70 23.17
CA LYS A 122 -3.07 8.90 22.62
C LYS A 122 -3.66 9.23 21.26
N GLN A 123 -4.36 8.27 20.67
CA GLN A 123 -4.97 8.45 19.36
C GLN A 123 -3.97 9.04 18.37
N THR A 124 -2.79 8.42 18.29
CA THR A 124 -1.74 8.89 17.38
C THR A 124 -0.96 7.71 16.81
N ILE A 125 -0.64 7.79 15.52
CA ILE A 125 0.13 6.73 14.86
C ILE A 125 1.62 7.00 14.93
N GLY A 126 2.41 5.94 15.01
CA GLY A 126 3.85 6.08 15.09
C GLY A 126 4.58 4.82 14.65
N ASN A 127 5.68 5.00 13.93
CA ASN A 127 6.47 3.87 13.45
C ASN A 127 7.77 3.75 14.23
N SER A 128 8.38 2.57 14.17
CA SER A 128 9.64 2.32 14.87
C SER A 128 10.57 1.45 14.03
N CYS A 129 11.69 2.04 13.61
CA CYS A 129 12.67 1.32 12.80
C CYS A 129 13.82 0.82 13.66
N LYS A 130 14.29 -0.39 13.37
CA LYS A 130 15.39 -1.00 14.11
C LYS A 130 16.69 -0.95 13.30
N ALA A 131 16.56 -1.13 11.99
CA ALA A 131 17.72 -1.09 11.10
C ALA A 131 18.68 0.03 11.48
N CYS A 132 18.16 1.26 11.48
CA CYS A 132 18.98 2.42 11.83
C CYS A 132 18.66 2.91 13.24
N GLY A 133 17.38 2.96 13.58
CA GLY A 133 16.97 3.40 14.89
C GLY A 133 16.17 4.69 14.85
N TYR A 134 15.10 4.69 14.07
CA TYR A 134 14.26 5.88 13.94
C TYR A 134 12.90 5.65 14.60
N ARG A 135 12.35 6.71 15.19
CA ARG A 135 11.06 6.62 15.86
C ARG A 135 10.33 7.97 15.79
N GLY A 136 9.00 7.91 15.90
CA GLY A 136 8.21 9.13 15.85
C GLY A 136 6.76 8.87 15.50
N MET A 137 5.94 9.91 15.53
CA MET A 137 4.53 9.79 15.21
C MET A 137 4.25 10.26 13.79
N LEU A 138 3.70 9.36 12.97
CA LEU A 138 3.38 9.69 11.58
C LEU A 138 2.31 10.77 11.51
N ASP A 139 2.58 11.81 10.73
CA ASP A 139 1.64 12.91 10.57
C ASP A 139 0.20 12.40 10.50
N THR A 140 -0.60 12.74 11.49
CA THR A 140 -2.00 12.31 11.55
C THR A 140 -2.69 12.55 10.21
N HIS A 141 -2.90 11.48 9.46
CA HIS A 141 -3.56 11.57 8.16
C HIS A 141 -4.93 12.24 8.29
N HIS A 142 -5.66 12.30 7.19
CA HIS A 142 -6.98 12.92 7.18
C HIS A 142 -8.06 11.90 7.56
N LYS A 143 -8.33 10.97 6.65
CA LYS A 143 -9.34 9.93 6.89
C LYS A 143 -8.68 8.65 7.37
N LEU A 144 -7.63 8.22 6.68
CA LEU A 144 -6.92 7.00 7.05
C LEU A 144 -6.87 6.82 8.56
N CYS A 145 -6.13 7.71 9.23
CA CYS A 145 -6.00 7.66 10.68
C CYS A 145 -7.31 7.19 11.32
N THR A 146 -8.40 7.85 10.95
CA THR A 146 -9.71 7.51 11.50
C THR A 146 -10.00 6.02 11.36
N PHE A 147 -9.66 5.46 10.20
CA PHE A 147 -9.88 4.05 9.94
C PHE A 147 -8.92 3.19 10.76
N ILE A 148 -7.64 3.54 10.71
CA ILE A 148 -6.63 2.79 11.45
C ILE A 148 -7.01 2.64 12.92
N LEU A 149 -7.32 3.77 13.56
CA LEU A 149 -7.71 3.76 14.97
C LEU A 149 -8.85 2.78 15.21
N LYS A 150 -9.98 3.03 14.55
CA LYS A 150 -11.15 2.17 14.69
C LYS A 150 -10.77 0.69 14.56
N ASN A 151 -9.85 0.41 13.63
CA ASN A 151 -9.40 -0.96 13.41
C ASN A 151 -7.87 -1.02 13.36
N PRO A 152 -7.27 -1.50 14.46
CA PRO A 152 -5.82 -1.63 14.57
C PRO A 152 -5.26 -2.72 13.68
N PRO A 153 -3.93 -2.71 13.48
CA PRO A 153 -3.25 -3.71 12.65
C PRO A 153 -3.25 -5.10 13.27
N GLU A 154 -2.96 -6.11 12.47
CA GLU A 154 -2.94 -7.49 12.94
C GLU A 154 -1.65 -7.78 13.70
N ASN A 155 -1.78 -8.45 14.84
CA ASN A 155 -0.62 -8.79 15.66
C ASN A 155 -0.04 -10.14 15.26
N SER A 156 1.14 -10.45 15.78
CA SER A 156 1.81 -11.70 15.47
C SER A 156 2.25 -12.41 16.75
N ASP A 157 2.42 -13.73 16.66
CA ASP A 157 2.84 -14.53 17.82
C ASP A 157 4.22 -15.13 17.57
ZN ZN B . 15.65 3.19 9.55
N GLY A 1 23.94 -20.64 -18.48
CA GLY A 1 23.37 -21.28 -17.30
C GLY A 1 21.88 -21.46 -17.41
N SER A 2 21.39 -22.61 -16.95
CA SER A 2 19.96 -22.91 -17.00
C SER A 2 19.22 -22.26 -15.83
N SER A 3 18.06 -21.68 -16.12
CA SER A 3 17.26 -21.02 -15.09
C SER A 3 15.91 -20.60 -15.65
N GLY A 4 14.89 -20.64 -14.80
CA GLY A 4 13.55 -20.27 -15.23
C GLY A 4 13.00 -19.11 -14.43
N SER A 5 12.12 -18.32 -15.04
CA SER A 5 11.52 -17.18 -14.38
C SER A 5 10.21 -17.56 -13.72
N SER A 6 10.22 -17.67 -12.40
CA SER A 6 9.03 -18.03 -11.64
C SER A 6 8.03 -16.88 -11.61
N GLY A 7 8.39 -15.78 -12.26
CA GLY A 7 7.51 -14.62 -12.29
C GLY A 7 8.29 -13.32 -12.41
N MET A 8 7.57 -12.23 -12.66
CA MET A 8 8.19 -10.91 -12.80
C MET A 8 7.91 -10.05 -11.57
N SER A 9 8.91 -9.28 -11.17
CA SER A 9 8.78 -8.40 -10.00
C SER A 9 9.79 -7.26 -10.06
N VAL A 10 9.35 -6.07 -9.68
CA VAL A 10 10.22 -4.89 -9.68
C VAL A 10 10.79 -4.62 -8.29
N ASN A 11 11.82 -3.81 -8.24
CA ASN A 11 12.46 -3.46 -6.97
C ASN A 11 11.47 -2.75 -6.04
N VAL A 12 11.63 -2.98 -4.74
CA VAL A 12 10.75 -2.36 -3.75
C VAL A 12 10.63 -0.85 -3.99
N ASN A 13 11.74 -0.23 -4.37
CA ASN A 13 11.76 1.21 -4.63
C ASN A 13 12.27 1.49 -6.04
N ARG A 14 11.34 1.64 -6.99
CA ARG A 14 11.70 1.92 -8.37
C ARG A 14 12.87 2.89 -8.45
N SER A 15 13.02 3.72 -7.43
CA SER A 15 14.11 4.69 -7.38
C SER A 15 15.46 4.00 -7.55
N VAL A 16 15.66 2.92 -6.80
CA VAL A 16 16.91 2.18 -6.86
C VAL A 16 17.07 1.48 -8.21
N SER A 17 18.27 1.57 -8.78
CA SER A 17 18.55 0.95 -10.06
C SER A 17 19.66 -0.08 -9.94
N ASP A 18 19.44 -1.09 -9.12
CA ASP A 18 20.42 -2.15 -8.91
C ASP A 18 19.77 -3.52 -8.95
N GLN A 19 20.47 -4.50 -9.51
CA GLN A 19 19.96 -5.85 -9.61
C GLN A 19 20.40 -6.70 -8.42
N PHE A 20 20.39 -6.10 -7.23
CA PHE A 20 20.78 -6.79 -6.01
C PHE A 20 19.66 -6.77 -4.98
N TYR A 21 18.90 -5.68 -4.97
CA TYR A 21 17.80 -5.53 -4.03
C TYR A 21 17.07 -6.85 -3.82
N ARG A 22 17.38 -7.52 -2.72
CA ARG A 22 16.76 -8.80 -2.40
C ARG A 22 15.23 -8.68 -2.42
N TYR A 23 14.69 -7.99 -1.43
CA TYR A 23 13.24 -7.81 -1.33
C TYR A 23 12.68 -7.20 -2.61
N LYS A 24 11.60 -7.78 -3.10
CA LYS A 24 10.96 -7.30 -4.32
C LYS A 24 9.43 -7.42 -4.22
N MET A 25 8.73 -6.68 -5.08
CA MET A 25 7.27 -6.72 -5.09
C MET A 25 6.74 -6.67 -6.52
N PRO A 26 5.74 -7.50 -6.81
CA PRO A 26 5.11 -7.57 -8.13
C PRO A 26 4.31 -6.32 -8.46
N ARG A 27 4.43 -5.85 -9.70
CA ARG A 27 3.71 -4.66 -10.14
C ARG A 27 2.21 -4.85 -10.01
N LEU A 28 1.57 -3.96 -9.24
CA LEU A 28 0.13 -4.04 -9.03
C LEU A 28 -0.61 -3.94 -10.36
N ILE A 29 -1.70 -4.71 -10.48
CA ILE A 29 -2.50 -4.71 -11.69
C ILE A 29 -3.84 -4.00 -11.46
N ALA A 30 -4.26 -3.22 -12.46
CA ALA A 30 -5.52 -2.49 -12.38
C ALA A 30 -6.48 -2.94 -13.47
N LYS A 31 -7.77 -2.93 -13.14
CA LYS A 31 -8.80 -3.33 -14.10
C LYS A 31 -9.85 -2.24 -14.26
N VAL A 32 -10.27 -2.01 -15.49
CA VAL A 32 -11.28 -0.98 -15.79
C VAL A 32 -12.31 -1.50 -16.78
N GLU A 33 -13.55 -1.03 -16.62
CA GLU A 33 -14.63 -1.45 -17.51
C GLU A 33 -15.60 -0.30 -17.75
N GLY A 34 -15.97 -0.10 -19.02
CA GLY A 34 -16.90 0.96 -19.36
C GLY A 34 -16.23 2.33 -19.37
N LYS A 35 -16.89 3.31 -19.97
CA LYS A 35 -16.36 4.66 -20.05
C LYS A 35 -17.42 5.69 -19.67
N GLY A 36 -17.36 6.14 -18.41
CA GLY A 36 -18.31 7.12 -17.93
C GLY A 36 -19.61 6.48 -17.46
N ASN A 37 -19.96 5.35 -18.06
CA ASN A 37 -21.18 4.65 -17.70
C ASN A 37 -20.93 3.65 -16.57
N GLY A 38 -20.04 4.02 -15.65
CA GLY A 38 -19.72 3.15 -14.53
C GLY A 38 -18.27 2.69 -14.55
N ILE A 39 -17.40 3.52 -15.11
CA ILE A 39 -15.98 3.19 -15.19
C ILE A 39 -15.31 3.33 -13.83
N LYS A 40 -14.74 2.23 -13.34
CA LYS A 40 -14.05 2.22 -12.05
C LYS A 40 -12.77 1.41 -12.13
N THR A 41 -11.80 1.76 -11.28
CA THR A 41 -10.53 1.06 -11.24
C THR A 41 -10.50 0.00 -10.14
N VAL A 42 -10.30 -1.25 -10.53
CA VAL A 42 -10.25 -2.35 -9.59
C VAL A 42 -8.84 -2.91 -9.45
N ILE A 43 -8.28 -2.78 -8.26
CA ILE A 43 -6.92 -3.27 -8.00
C ILE A 43 -6.92 -4.78 -7.80
N VAL A 44 -6.93 -5.52 -8.91
CA VAL A 44 -6.92 -6.98 -8.84
C VAL A 44 -5.79 -7.49 -7.95
N ASN A 45 -4.55 -7.18 -8.35
CA ASN A 45 -3.38 -7.61 -7.58
C ASN A 45 -3.15 -6.70 -6.38
N MET A 46 -4.21 -6.47 -5.61
CA MET A 46 -4.13 -5.62 -4.43
C MET A 46 -3.58 -6.40 -3.24
N VAL A 47 -4.19 -7.55 -2.94
CA VAL A 47 -3.77 -8.38 -1.83
C VAL A 47 -2.37 -8.95 -2.08
N ASP A 48 -2.11 -9.35 -3.32
CA ASP A 48 -0.82 -9.91 -3.70
C ASP A 48 0.32 -8.98 -3.29
N VAL A 49 0.41 -7.83 -3.96
CA VAL A 49 1.44 -6.85 -3.67
C VAL A 49 1.53 -6.56 -2.18
N ALA A 50 0.37 -6.45 -1.54
CA ALA A 50 0.30 -6.18 -0.11
C ALA A 50 1.05 -7.23 0.69
N LYS A 51 0.79 -8.49 0.38
CA LYS A 51 1.44 -9.60 1.07
C LYS A 51 2.96 -9.47 0.99
N ALA A 52 3.46 -9.07 -0.16
CA ALA A 52 4.90 -8.90 -0.36
C ALA A 52 5.47 -7.87 0.62
N LEU A 53 4.66 -6.86 0.94
CA LEU A 53 5.08 -5.81 1.86
C LEU A 53 4.71 -6.17 3.29
N ASN A 54 4.42 -7.44 3.53
CA ASN A 54 4.05 -7.91 4.86
C ASN A 54 3.00 -7.01 5.48
N ARG A 55 2.22 -6.34 4.64
CA ARG A 55 1.18 -5.44 5.10
C ARG A 55 -0.14 -5.70 4.37
N PRO A 56 -1.26 -5.48 5.06
CA PRO A 56 -2.60 -5.69 4.51
C PRO A 56 -2.94 -4.66 3.43
N PRO A 57 -3.82 -5.06 2.49
CA PRO A 57 -4.26 -4.18 1.41
C PRO A 57 -5.13 -3.03 1.89
N THR A 58 -5.61 -3.13 3.13
CA THR A 58 -6.46 -2.11 3.71
C THR A 58 -5.69 -0.80 3.89
N TYR A 59 -4.38 -0.92 4.09
CA TYR A 59 -3.54 0.25 4.29
C TYR A 59 -3.42 1.07 3.01
N PRO A 60 -2.93 0.42 1.94
CA PRO A 60 -2.77 1.06 0.63
C PRO A 60 -4.11 1.37 -0.04
N THR A 61 -4.96 0.35 -0.12
CA THR A 61 -6.28 0.51 -0.74
C THR A 61 -6.93 1.81 -0.31
N LYS A 62 -6.97 2.06 0.99
CA LYS A 62 -7.55 3.28 1.53
C LYS A 62 -6.80 4.52 1.05
N TYR A 63 -5.51 4.34 0.79
CA TYR A 63 -4.68 5.46 0.32
C TYR A 63 -5.09 5.89 -1.09
N PHE A 64 -5.22 4.91 -1.97
CA PHE A 64 -5.61 5.20 -3.36
C PHE A 64 -6.84 6.09 -3.41
N GLY A 65 -7.90 5.66 -2.72
CA GLY A 65 -9.13 6.44 -2.70
C GLY A 65 -8.95 7.80 -2.06
N CYS A 66 -8.08 7.86 -1.04
CA CYS A 66 -7.83 9.10 -0.34
C CYS A 66 -7.33 10.18 -1.30
N GLU A 67 -6.14 9.98 -1.84
CA GLU A 67 -5.55 10.93 -2.78
C GLU A 67 -6.54 11.29 -3.88
N LEU A 68 -7.14 10.27 -4.48
CA LEU A 68 -8.11 10.47 -5.56
C LEU A 68 -9.39 11.09 -5.02
N GLY A 69 -9.65 10.88 -3.74
CA GLY A 69 -10.85 11.42 -3.12
C GLY A 69 -12.12 10.89 -3.75
N ALA A 70 -12.11 9.60 -4.09
CA ALA A 70 -13.27 8.97 -4.71
C ALA A 70 -13.80 7.84 -3.84
N GLN A 71 -14.85 7.18 -4.31
CA GLN A 71 -15.46 6.07 -3.57
C GLN A 71 -14.60 4.81 -3.66
N THR A 72 -14.76 3.93 -2.70
CA THR A 72 -13.99 2.68 -2.67
C THR A 72 -14.80 1.55 -2.07
N GLN A 73 -14.40 0.32 -2.36
CA GLN A 73 -15.10 -0.86 -1.84
C GLN A 73 -14.13 -1.79 -1.11
N PHE A 74 -14.56 -2.29 0.04
CA PHE A 74 -13.73 -3.19 0.85
C PHE A 74 -14.45 -4.52 1.09
N ASP A 75 -13.89 -5.59 0.56
CA ASP A 75 -14.47 -6.92 0.71
C ASP A 75 -13.41 -7.94 1.11
N VAL A 76 -13.36 -8.27 2.40
CA VAL A 76 -12.38 -9.23 2.90
C VAL A 76 -12.78 -10.66 2.51
N LYS A 77 -14.08 -10.89 2.40
CA LYS A 77 -14.58 -12.21 2.04
C LYS A 77 -13.98 -12.69 0.72
N ASN A 78 -14.03 -11.83 -0.29
CA ASN A 78 -13.49 -12.16 -1.60
C ASN A 78 -12.18 -11.41 -1.85
N ASP A 79 -11.69 -10.73 -0.82
CA ASP A 79 -10.45 -9.97 -0.93
C ASP A 79 -10.45 -9.11 -2.20
N ARG A 80 -11.61 -8.55 -2.53
CA ARG A 80 -11.74 -7.71 -3.71
C ARG A 80 -11.84 -6.25 -3.33
N TYR A 81 -10.97 -5.43 -3.91
CA TYR A 81 -10.96 -3.99 -3.62
C TYR A 81 -11.21 -3.18 -4.89
N ILE A 82 -12.12 -2.22 -4.81
CA ILE A 82 -12.44 -1.37 -5.95
C ILE A 82 -12.21 0.10 -5.63
N VAL A 83 -11.86 0.88 -6.64
CA VAL A 83 -11.61 2.30 -6.47
C VAL A 83 -12.29 3.13 -7.56
N ASN A 84 -13.42 3.74 -7.21
CA ASN A 84 -14.16 4.56 -8.17
C ASN A 84 -13.23 5.47 -8.95
N GLY A 85 -13.63 5.80 -10.18
CA GLY A 85 -12.81 6.66 -11.02
C GLY A 85 -11.84 5.88 -11.88
N SER A 86 -11.73 6.28 -13.14
CA SER A 86 -10.82 5.61 -14.07
C SER A 86 -9.38 5.99 -13.79
N HIS A 87 -8.54 4.97 -13.58
CA HIS A 87 -7.12 5.19 -13.29
C HIS A 87 -6.27 4.09 -13.89
N GLU A 88 -5.11 4.46 -14.43
CA GLU A 88 -4.20 3.50 -15.05
C GLU A 88 -3.19 2.98 -14.03
N ALA A 89 -2.95 1.67 -14.06
CA ALA A 89 -2.01 1.05 -13.15
C ALA A 89 -0.76 1.91 -12.97
N ASN A 90 -0.24 2.42 -14.07
CA ASN A 90 0.95 3.26 -14.04
C ASN A 90 0.84 4.33 -12.96
N LYS A 91 -0.25 5.09 -13.01
CA LYS A 91 -0.48 6.15 -12.03
C LYS A 91 -0.55 5.58 -10.62
N LEU A 92 -1.44 4.61 -10.43
CA LEU A 92 -1.61 3.98 -9.12
C LEU A 92 -0.25 3.74 -8.45
N GLN A 93 0.63 3.02 -9.15
CA GLN A 93 1.95 2.72 -8.63
C GLN A 93 2.67 3.99 -8.20
N ASP A 94 2.44 5.07 -8.94
CA ASP A 94 3.07 6.35 -8.63
C ASP A 94 2.59 6.88 -7.28
N MET A 95 1.30 6.71 -7.00
CA MET A 95 0.73 7.16 -5.75
C MET A 95 1.09 6.23 -4.60
N LEU A 96 0.85 4.93 -4.81
CA LEU A 96 1.16 3.92 -3.80
C LEU A 96 2.53 4.18 -3.18
N ASP A 97 3.49 4.60 -4.00
CA ASP A 97 4.83 4.88 -3.53
C ASP A 97 4.80 5.66 -2.23
N GLY A 98 4.13 6.81 -2.25
CA GLY A 98 4.03 7.64 -1.06
C GLY A 98 3.80 6.83 0.19
N PHE A 99 2.95 5.80 0.09
CA PHE A 99 2.64 4.95 1.22
C PHE A 99 3.85 4.11 1.63
N ILE A 100 4.39 3.37 0.67
CA ILE A 100 5.55 2.53 0.92
C ILE A 100 6.79 3.37 1.20
N LYS A 101 6.65 4.69 1.07
CA LYS A 101 7.75 5.60 1.30
C LYS A 101 7.94 5.86 2.80
N LYS A 102 6.86 5.74 3.55
CA LYS A 102 6.89 5.96 4.99
C LYS A 102 6.22 4.81 5.74
N PHE A 103 4.94 4.60 5.46
CA PHE A 103 4.18 3.53 6.09
C PHE A 103 5.00 2.24 6.15
N VAL A 104 5.85 2.04 5.15
CA VAL A 104 6.68 0.85 5.08
C VAL A 104 8.17 1.22 5.15
N LEU A 105 8.65 1.92 4.14
CA LEU A 105 10.05 2.34 4.09
C LEU A 105 10.38 3.26 5.26
N CYS A 106 11.67 3.29 5.63
CA CYS A 106 12.12 4.14 6.73
C CYS A 106 12.67 5.46 6.21
N PRO A 107 12.26 6.56 6.85
CA PRO A 107 12.71 7.90 6.48
C PRO A 107 14.17 8.15 6.80
N GLU A 108 14.85 7.10 7.27
CA GLU A 108 16.26 7.19 7.62
C GLU A 108 17.07 6.10 6.94
N CYS A 109 16.60 4.87 7.05
CA CYS A 109 17.28 3.73 6.44
C CYS A 109 16.43 3.12 5.33
N GLU A 110 15.40 3.84 4.93
CA GLU A 110 14.50 3.36 3.87
C GLU A 110 14.36 1.85 3.91
N ASN A 111 14.38 1.29 5.11
CA ASN A 111 14.27 -0.15 5.30
C ASN A 111 12.81 -0.60 5.13
N PRO A 112 12.60 -1.58 4.23
CA PRO A 112 11.26 -2.12 3.96
C PRO A 112 10.72 -2.94 5.13
N GLU A 113 11.51 -3.04 6.19
CA GLU A 113 11.10 -3.78 7.38
C GLU A 113 10.99 -2.87 8.59
N THR A 114 9.81 -2.31 8.80
CA THR A 114 9.57 -1.41 9.92
C THR A 114 8.32 -1.83 10.70
N ASP A 115 8.12 -1.21 11.86
CA ASP A 115 6.98 -1.52 12.70
C ASP A 115 6.04 -0.31 12.81
N LEU A 116 4.76 -0.58 12.98
CA LEU A 116 3.76 0.48 13.09
C LEU A 116 2.96 0.34 14.38
N HIS A 117 2.96 1.38 15.20
CA HIS A 117 2.24 1.37 16.46
C HIS A 117 0.98 2.23 16.37
N VAL A 118 -0.13 1.70 16.88
CA VAL A 118 -1.40 2.42 16.86
C VAL A 118 -1.90 2.70 18.27
N ASN A 119 -2.37 3.93 18.49
CA ASN A 119 -2.88 4.33 19.79
C ASN A 119 -4.28 4.91 19.68
N PRO A 120 -5.28 4.14 20.13
CA PRO A 120 -6.68 4.55 20.09
C PRO A 120 -6.98 5.69 21.07
N LYS A 121 -6.29 5.69 22.20
CA LYS A 121 -6.47 6.71 23.21
C LYS A 121 -5.84 8.04 22.77
N LYS A 122 -4.54 8.00 22.52
CA LYS A 122 -3.81 9.19 22.09
C LYS A 122 -4.14 9.53 20.65
N GLN A 123 -4.88 8.65 19.98
CA GLN A 123 -5.26 8.86 18.59
C GLN A 123 -4.06 9.32 17.76
N THR A 124 -2.93 8.65 17.94
CA THR A 124 -1.72 8.99 17.21
C THR A 124 -0.95 7.74 16.80
N ILE A 125 -0.48 7.72 15.56
CA ILE A 125 0.27 6.59 15.05
C ILE A 125 1.77 6.86 15.07
N GLY A 126 2.54 5.89 15.57
CA GLY A 126 3.98 6.04 15.64
C GLY A 126 4.72 4.83 15.12
N ASN A 127 5.69 5.07 14.23
CA ASN A 127 6.47 3.99 13.66
C ASN A 127 7.78 3.80 14.41
N SER A 128 8.23 2.55 14.52
CA SER A 128 9.47 2.24 15.21
C SER A 128 10.31 1.24 14.41
N CYS A 129 11.42 1.72 13.87
CA CYS A 129 12.31 0.88 13.08
C CYS A 129 13.45 0.33 13.94
N LYS A 130 14.05 -0.76 13.48
CA LYS A 130 15.15 -1.39 14.21
C LYS A 130 16.47 -1.24 13.45
N ALA A 131 16.41 -1.48 12.14
CA ALA A 131 17.61 -1.37 11.30
C ALA A 131 18.48 -0.21 11.75
N CYS A 132 17.88 0.96 11.92
CA CYS A 132 18.61 2.14 12.35
C CYS A 132 18.17 2.59 13.74
N GLY A 133 16.88 2.43 14.02
CA GLY A 133 16.36 2.82 15.32
C GLY A 133 15.64 4.15 15.27
N TYR A 134 14.79 4.33 14.26
CA TYR A 134 14.05 5.57 14.10
C TYR A 134 12.67 5.47 14.76
N ARG A 135 12.37 6.41 15.65
CA ARG A 135 11.08 6.42 16.34
C ARG A 135 10.42 7.79 16.23
N GLY A 136 9.25 7.82 15.63
CA GLY A 136 8.53 9.07 15.47
C GLY A 136 7.03 8.88 15.34
N MET A 137 6.27 9.93 15.58
CA MET A 137 4.82 9.87 15.49
C MET A 137 4.33 10.42 14.15
N LEU A 138 3.73 9.55 13.34
CA LEU A 138 3.22 9.95 12.03
C LEU A 138 2.09 10.96 12.18
N ASP A 139 2.18 12.06 11.42
CA ASP A 139 1.17 13.10 11.46
C ASP A 139 0.68 13.44 10.05
N THR A 140 -0.31 12.68 9.58
CA THR A 140 -0.87 12.90 8.25
C THR A 140 -2.32 13.35 8.33
N HIS A 141 -2.91 13.64 7.17
CA HIS A 141 -4.29 14.08 7.11
C HIS A 141 -5.19 13.19 7.97
N HIS A 142 -6.39 13.68 8.26
CA HIS A 142 -7.33 12.93 9.09
C HIS A 142 -8.24 12.08 8.21
N LYS A 143 -7.75 11.70 7.04
CA LYS A 143 -8.52 10.89 6.10
C LYS A 143 -8.16 9.41 6.25
N LEU A 144 -6.87 9.10 6.16
CA LEU A 144 -6.40 7.73 6.29
C LEU A 144 -5.96 7.44 7.72
N CYS A 145 -4.90 8.12 8.16
CA CYS A 145 -4.37 7.94 9.50
C CYS A 145 -5.51 7.73 10.50
N THR A 146 -6.63 8.38 10.26
CA THR A 146 -7.79 8.27 11.14
C THR A 146 -8.42 6.88 11.05
N PHE A 147 -8.60 6.41 9.82
CA PHE A 147 -9.19 5.09 9.59
C PHE A 147 -8.39 4.01 10.31
N ILE A 148 -7.08 4.13 10.30
CA ILE A 148 -6.20 3.17 10.95
C ILE A 148 -6.46 3.12 12.46
N LEU A 149 -6.66 4.29 13.05
CA LEU A 149 -6.92 4.39 14.49
C LEU A 149 -8.25 3.74 14.83
N LYS A 150 -9.33 4.24 14.24
CA LYS A 150 -10.66 3.71 14.50
C LYS A 150 -10.64 2.19 14.55
N ASN A 151 -9.92 1.58 13.62
CA ASN A 151 -9.82 0.13 13.56
C ASN A 151 -8.38 -0.31 13.32
N PRO A 152 -7.77 -0.95 14.33
CA PRO A 152 -6.39 -1.42 14.26
C PRO A 152 -6.24 -2.60 13.31
N PRO A 153 -4.98 -2.94 12.97
CA PRO A 153 -4.67 -4.04 12.07
C PRO A 153 -4.97 -5.41 12.69
N GLU A 154 -5.04 -6.43 11.85
CA GLU A 154 -5.33 -7.78 12.33
C GLU A 154 -4.04 -8.53 12.63
N ASN A 155 -3.83 -8.82 13.92
CA ASN A 155 -2.63 -9.53 14.35
C ASN A 155 -2.83 -11.04 14.26
N SER A 156 -1.73 -11.76 14.01
CA SER A 156 -1.78 -13.21 13.89
C SER A 156 -0.74 -13.87 14.77
N ASP A 157 -1.18 -14.83 15.59
CA ASP A 157 -0.27 -15.54 16.49
C ASP A 157 0.83 -16.24 15.71
ZN ZN B . 15.27 2.82 10.02
N GLY A 1 18.18 -21.08 -23.70
CA GLY A 1 17.54 -22.38 -23.51
C GLY A 1 16.04 -22.25 -23.31
N SER A 2 15.45 -23.25 -22.65
CA SER A 2 14.01 -23.25 -22.40
C SER A 2 13.69 -22.52 -21.09
N SER A 3 13.53 -21.20 -21.19
CA SER A 3 13.22 -20.39 -20.01
C SER A 3 11.77 -19.91 -20.05
N GLY A 4 11.21 -19.66 -18.87
CA GLY A 4 9.83 -19.20 -18.79
C GLY A 4 9.72 -17.81 -18.20
N SER A 5 9.64 -16.81 -19.06
CA SER A 5 9.53 -15.43 -18.60
C SER A 5 8.08 -15.07 -18.28
N SER A 6 7.41 -15.96 -17.54
CA SER A 6 6.02 -15.74 -17.15
C SER A 6 5.80 -14.29 -16.71
N GLY A 7 6.53 -13.89 -15.68
CA GLY A 7 6.40 -12.53 -15.17
C GLY A 7 7.62 -12.08 -14.39
N MET A 8 7.77 -10.77 -14.23
CA MET A 8 8.90 -10.22 -13.49
C MET A 8 8.44 -9.16 -12.50
N SER A 9 9.10 -9.09 -11.35
CA SER A 9 8.75 -8.11 -10.32
C SER A 9 9.71 -6.93 -10.35
N VAL A 10 9.30 -5.84 -9.72
CA VAL A 10 10.12 -4.63 -9.67
C VAL A 10 10.71 -4.42 -8.27
N ASN A 11 11.53 -3.40 -8.13
CA ASN A 11 12.17 -3.09 -6.86
C ASN A 11 11.14 -2.53 -5.87
N VAL A 12 11.24 -2.97 -4.62
CA VAL A 12 10.32 -2.52 -3.57
C VAL A 12 9.94 -1.06 -3.78
N ASN A 13 10.91 -0.26 -4.21
CA ASN A 13 10.68 1.17 -4.44
C ASN A 13 10.91 1.53 -5.90
N ARG A 14 10.13 2.46 -6.42
CA ARG A 14 10.25 2.90 -7.80
C ARG A 14 11.25 4.04 -7.92
N SER A 15 12.22 4.07 -7.02
CA SER A 15 13.23 5.12 -7.02
C SER A 15 14.61 4.55 -7.33
N VAL A 16 14.78 3.25 -7.06
CA VAL A 16 16.04 2.58 -7.30
C VAL A 16 15.94 1.59 -8.46
N SER A 17 16.85 1.70 -9.42
CA SER A 17 16.85 0.82 -10.58
C SER A 17 17.78 -0.38 -10.36
N ASP A 18 18.85 -0.15 -9.61
CA ASP A 18 19.82 -1.20 -9.32
C ASP A 18 19.12 -2.55 -9.19
N GLN A 19 19.61 -3.53 -9.95
CA GLN A 19 19.05 -4.87 -9.92
C GLN A 19 19.64 -5.70 -8.79
N PHE A 20 20.01 -5.02 -7.70
CA PHE A 20 20.58 -5.69 -6.54
C PHE A 20 19.56 -5.81 -5.41
N TYR A 21 18.57 -4.93 -5.43
CA TYR A 21 17.53 -4.93 -4.41
C TYR A 21 17.01 -6.34 -4.16
N ARG A 22 17.32 -6.87 -2.97
CA ARG A 22 16.89 -8.21 -2.61
C ARG A 22 15.37 -8.33 -2.67
N TYR A 23 14.68 -7.55 -1.85
CA TYR A 23 13.22 -7.57 -1.81
C TYR A 23 12.64 -6.98 -3.09
N LYS A 24 11.59 -7.62 -3.61
CA LYS A 24 10.94 -7.17 -4.83
C LYS A 24 9.42 -7.29 -4.71
N MET A 25 8.71 -6.43 -5.43
CA MET A 25 7.24 -6.45 -5.40
C MET A 25 6.69 -6.53 -6.82
N PRO A 26 5.66 -7.39 -7.00
CA PRO A 26 5.02 -7.59 -8.30
C PRO A 26 4.20 -6.37 -8.73
N ARG A 27 4.62 -5.73 -9.82
CA ARG A 27 3.93 -4.56 -10.33
C ARG A 27 2.42 -4.73 -10.24
N LEU A 28 1.79 -3.93 -9.39
CA LEU A 28 0.33 -4.00 -9.22
C LEU A 28 -0.39 -3.79 -10.55
N ILE A 29 -1.51 -4.48 -10.72
CA ILE A 29 -2.30 -4.37 -11.93
C ILE A 29 -3.57 -3.56 -11.71
N ALA A 30 -4.10 -2.98 -12.78
CA ALA A 30 -5.32 -2.19 -12.69
C ALA A 30 -6.29 -2.54 -13.82
N LYS A 31 -7.50 -2.93 -13.45
CA LYS A 31 -8.52 -3.29 -14.42
C LYS A 31 -9.54 -2.16 -14.59
N VAL A 32 -9.75 -1.75 -15.84
CA VAL A 32 -10.70 -0.69 -16.14
C VAL A 32 -11.54 -1.03 -17.36
N GLU A 33 -12.82 -0.66 -17.31
CA GLU A 33 -13.74 -0.93 -18.41
C GLU A 33 -14.64 0.27 -18.68
N GLY A 34 -15.29 0.28 -19.84
CA GLY A 34 -16.17 1.37 -20.19
C GLY A 34 -15.53 2.73 -19.97
N LYS A 35 -16.35 3.78 -20.01
CA LYS A 35 -15.86 5.14 -19.82
C LYS A 35 -16.99 6.08 -19.41
N GLY A 36 -17.02 6.44 -18.14
CA GLY A 36 -18.06 7.33 -17.64
C GLY A 36 -19.36 6.60 -17.34
N ASN A 37 -19.65 5.57 -18.13
CA ASN A 37 -20.87 4.79 -17.94
C ASN A 37 -20.67 3.71 -16.88
N GLY A 38 -19.83 4.01 -15.89
CA GLY A 38 -19.56 3.06 -14.83
C GLY A 38 -18.11 2.60 -14.81
N ILE A 39 -17.21 3.49 -15.22
CA ILE A 39 -15.78 3.18 -15.25
C ILE A 39 -15.20 3.16 -13.84
N LYS A 40 -14.57 2.04 -13.48
CA LYS A 40 -13.97 1.89 -12.17
C LYS A 40 -12.64 1.14 -12.26
N THR A 41 -11.75 1.38 -11.30
CA THR A 41 -10.45 0.73 -11.27
C THR A 41 -10.39 -0.32 -10.17
N VAL A 42 -10.33 -1.59 -10.57
CA VAL A 42 -10.26 -2.69 -9.62
C VAL A 42 -8.83 -3.19 -9.46
N ILE A 43 -8.23 -2.90 -8.30
CA ILE A 43 -6.87 -3.31 -8.02
C ILE A 43 -6.80 -4.81 -7.74
N VAL A 44 -6.65 -5.60 -8.78
CA VAL A 44 -6.58 -7.06 -8.64
C VAL A 44 -5.37 -7.46 -7.78
N ASN A 45 -4.21 -6.89 -8.09
CA ASN A 45 -2.99 -7.19 -7.35
C ASN A 45 -2.91 -6.36 -6.08
N MET A 46 -4.01 -6.31 -5.34
CA MET A 46 -4.06 -5.55 -4.10
C MET A 46 -3.58 -6.40 -2.93
N VAL A 47 -4.16 -7.58 -2.77
CA VAL A 47 -3.79 -8.48 -1.69
C VAL A 47 -2.38 -9.04 -1.89
N ASP A 48 -2.03 -9.30 -3.15
CA ASP A 48 -0.72 -9.83 -3.48
C ASP A 48 0.38 -8.87 -3.04
N VAL A 49 0.45 -7.72 -3.71
CA VAL A 49 1.47 -6.72 -3.39
C VAL A 49 1.53 -6.47 -1.88
N ALA A 50 0.37 -6.43 -1.25
CA ALA A 50 0.29 -6.19 0.19
C ALA A 50 1.03 -7.29 0.96
N LYS A 51 0.65 -8.53 0.72
CA LYS A 51 1.29 -9.67 1.38
C LYS A 51 2.80 -9.53 1.39
N ALA A 52 3.36 -9.11 0.26
CA ALA A 52 4.80 -8.93 0.13
C ALA A 52 5.32 -7.92 1.14
N LEU A 53 4.52 -6.89 1.41
CA LEU A 53 4.90 -5.86 2.36
C LEU A 53 4.48 -6.24 3.77
N ASN A 54 4.21 -7.52 3.98
CA ASN A 54 3.81 -8.02 5.29
C ASN A 54 2.74 -7.13 5.91
N ARG A 55 1.98 -6.46 5.06
CA ARG A 55 0.91 -5.57 5.51
C ARG A 55 -0.37 -5.78 4.71
N PRO A 56 -1.52 -5.52 5.36
CA PRO A 56 -2.83 -5.69 4.72
C PRO A 56 -3.08 -4.63 3.65
N PRO A 57 -3.84 -5.02 2.61
CA PRO A 57 -4.18 -4.12 1.49
C PRO A 57 -5.13 -3.01 1.92
N THR A 58 -5.66 -3.10 3.14
CA THR A 58 -6.58 -2.11 3.66
C THR A 58 -5.87 -0.78 3.91
N TYR A 59 -4.59 -0.86 4.23
CA TYR A 59 -3.81 0.35 4.50
C TYR A 59 -3.62 1.17 3.23
N PRO A 60 -3.07 0.53 2.19
CA PRO A 60 -2.83 1.19 0.90
C PRO A 60 -4.13 1.50 0.15
N THR A 61 -4.99 0.49 0.05
CA THR A 61 -6.27 0.66 -0.64
C THR A 61 -6.93 1.98 -0.27
N LYS A 62 -7.05 2.23 1.04
CA LYS A 62 -7.67 3.45 1.53
C LYS A 62 -6.92 4.68 1.02
N TYR A 63 -5.61 4.55 0.89
CA TYR A 63 -4.77 5.66 0.42
C TYR A 63 -5.26 6.15 -0.95
N PHE A 64 -5.27 5.25 -1.92
CA PHE A 64 -5.71 5.59 -3.27
C PHE A 64 -6.99 6.43 -3.23
N GLY A 65 -8.02 5.90 -2.58
CA GLY A 65 -9.28 6.61 -2.48
C GLY A 65 -9.13 7.97 -1.84
N CYS A 66 -8.27 8.05 -0.82
CA CYS A 66 -8.05 9.31 -0.11
C CYS A 66 -7.53 10.38 -1.07
N GLU A 67 -6.39 10.11 -1.70
CA GLU A 67 -5.78 11.04 -2.63
C GLU A 67 -6.71 11.30 -3.81
N LEU A 68 -7.39 10.26 -4.27
CA LEU A 68 -8.31 10.38 -5.40
C LEU A 68 -9.58 11.12 -4.98
N GLY A 69 -9.91 11.05 -3.70
CA GLY A 69 -11.10 11.72 -3.20
C GLY A 69 -12.37 11.04 -3.66
N ALA A 70 -12.34 9.71 -3.75
CA ALA A 70 -13.50 8.95 -4.18
C ALA A 70 -13.80 7.81 -3.21
N GLN A 71 -14.86 7.06 -3.49
CA GLN A 71 -15.26 5.95 -2.65
C GLN A 71 -14.55 4.66 -3.07
N THR A 72 -14.55 3.67 -2.20
CA THR A 72 -13.91 2.39 -2.49
C THR A 72 -14.72 1.22 -1.93
N GLN A 73 -14.48 0.03 -2.46
CA GLN A 73 -15.18 -1.16 -2.01
C GLN A 73 -14.26 -2.07 -1.22
N PHE A 74 -14.74 -2.53 -0.06
CA PHE A 74 -13.95 -3.42 0.78
C PHE A 74 -14.67 -4.74 1.00
N ASP A 75 -14.21 -5.79 0.31
CA ASP A 75 -14.80 -7.11 0.42
C ASP A 75 -13.74 -8.17 0.71
N VAL A 76 -13.41 -8.32 1.99
CA VAL A 76 -12.39 -9.30 2.40
C VAL A 76 -12.84 -10.72 2.06
N LYS A 77 -14.13 -10.98 2.20
CA LYS A 77 -14.69 -12.30 1.89
C LYS A 77 -14.06 -12.87 0.62
N ASN A 78 -14.09 -12.07 -0.45
CA ASN A 78 -13.54 -12.51 -1.72
C ASN A 78 -12.23 -11.77 -2.02
N ASP A 79 -11.61 -11.22 -0.98
CA ASP A 79 -10.36 -10.49 -1.15
C ASP A 79 -10.37 -9.66 -2.42
N ARG A 80 -11.46 -8.90 -2.62
CA ARG A 80 -11.59 -8.06 -3.79
C ARG A 80 -11.75 -6.60 -3.40
N TYR A 81 -10.90 -5.74 -3.95
CA TYR A 81 -10.94 -4.32 -3.65
C TYR A 81 -11.18 -3.50 -4.93
N ILE A 82 -12.19 -2.65 -4.90
CA ILE A 82 -12.52 -1.80 -6.04
C ILE A 82 -12.39 -0.33 -5.69
N VAL A 83 -12.10 0.49 -6.70
CA VAL A 83 -11.95 1.92 -6.50
C VAL A 83 -12.81 2.70 -7.49
N ASN A 84 -13.60 3.63 -6.98
CA ASN A 84 -14.47 4.46 -7.82
C ASN A 84 -13.65 5.44 -8.64
N GLY A 85 -14.03 5.59 -9.91
CA GLY A 85 -13.33 6.50 -10.79
C GLY A 85 -12.32 5.80 -11.68
N SER A 86 -12.02 6.40 -12.82
CA SER A 86 -11.07 5.81 -13.77
C SER A 86 -9.64 6.18 -13.39
N HIS A 87 -8.77 5.17 -13.33
CA HIS A 87 -7.37 5.39 -12.99
C HIS A 87 -6.48 4.34 -13.63
N GLU A 88 -5.36 4.78 -14.20
CA GLU A 88 -4.43 3.87 -14.84
C GLU A 88 -3.45 3.27 -13.83
N ALA A 89 -3.01 2.04 -14.10
CA ALA A 89 -2.08 1.36 -13.22
C ALA A 89 -0.80 2.17 -13.02
N ASN A 90 -0.26 2.67 -14.13
CA ASN A 90 0.97 3.47 -14.09
C ASN A 90 0.90 4.50 -12.96
N LYS A 91 -0.23 5.19 -12.87
CA LYS A 91 -0.42 6.20 -11.85
C LYS A 91 -0.41 5.58 -10.45
N LEU A 92 -1.35 4.67 -10.20
CA LEU A 92 -1.44 4.00 -8.91
C LEU A 92 -0.05 3.70 -8.35
N GLN A 93 0.78 3.04 -9.17
CA GLN A 93 2.14 2.69 -8.75
C GLN A 93 2.88 3.93 -8.27
N ASP A 94 2.69 5.05 -8.97
CA ASP A 94 3.35 6.30 -8.61
C ASP A 94 2.85 6.82 -7.27
N MET A 95 1.54 6.79 -7.09
CA MET A 95 0.93 7.26 -5.85
C MET A 95 1.30 6.35 -4.68
N LEU A 96 0.91 5.09 -4.78
CA LEU A 96 1.20 4.11 -3.73
C LEU A 96 2.58 4.34 -3.14
N ASP A 97 3.52 4.75 -3.99
CA ASP A 97 4.90 5.00 -3.57
C ASP A 97 4.91 5.71 -2.22
N GLY A 98 4.40 6.94 -2.21
CA GLY A 98 4.37 7.72 -0.98
C GLY A 98 4.12 6.86 0.24
N PHE A 99 3.17 5.94 0.14
CA PHE A 99 2.83 5.06 1.24
C PHE A 99 4.02 4.19 1.63
N ILE A 100 4.42 3.30 0.74
CA ILE A 100 5.55 2.42 0.99
C ILE A 100 6.81 3.22 1.29
N LYS A 101 6.79 4.51 0.97
CA LYS A 101 7.93 5.38 1.20
C LYS A 101 8.19 5.53 2.70
N LYS A 102 7.11 5.48 3.49
CA LYS A 102 7.23 5.62 4.94
C LYS A 102 6.41 4.54 5.65
N PHE A 103 5.13 4.47 5.33
CA PHE A 103 4.24 3.48 5.94
C PHE A 103 4.89 2.10 5.96
N VAL A 104 5.86 1.90 5.06
CA VAL A 104 6.57 0.63 4.99
C VAL A 104 8.07 0.83 5.14
N LEU A 105 8.64 1.68 4.29
CA LEU A 105 10.07 1.96 4.33
C LEU A 105 10.43 2.81 5.56
N CYS A 106 11.72 3.06 5.74
CA CYS A 106 12.19 3.85 6.87
C CYS A 106 12.95 5.09 6.38
N PRO A 107 12.65 6.25 6.98
CA PRO A 107 13.30 7.51 6.63
C PRO A 107 14.76 7.56 7.06
N GLU A 108 15.25 6.44 7.60
CA GLU A 108 16.63 6.36 8.05
C GLU A 108 17.42 5.35 7.21
N CYS A 109 16.98 4.09 7.24
CA CYS A 109 17.64 3.04 6.47
C CYS A 109 16.92 2.79 5.16
N GLU A 110 15.61 3.05 5.14
CA GLU A 110 14.81 2.85 3.94
C GLU A 110 14.55 1.37 3.70
N ASN A 111 14.32 0.62 4.77
CA ASN A 111 14.06 -0.81 4.67
C ASN A 111 12.57 -1.11 4.82
N PRO A 112 12.07 -2.02 3.99
CA PRO A 112 10.66 -2.42 4.01
C PRO A 112 10.30 -3.21 5.27
N GLU A 113 11.29 -3.46 6.10
CA GLU A 113 11.08 -4.21 7.34
C GLU A 113 10.90 -3.27 8.52
N THR A 114 9.65 -2.88 8.77
CA THR A 114 9.34 -1.97 9.87
C THR A 114 8.04 -2.37 10.56
N ASP A 115 7.66 -1.61 11.58
CA ASP A 115 6.44 -1.89 12.33
C ASP A 115 5.70 -0.59 12.64
N LEU A 116 4.37 -0.66 12.65
CA LEU A 116 3.53 0.51 12.94
C LEU A 116 2.80 0.34 14.27
N HIS A 117 2.76 1.41 15.05
CA HIS A 117 2.07 1.38 16.34
C HIS A 117 0.93 2.39 16.38
N VAL A 118 -0.29 1.89 16.55
CA VAL A 118 -1.46 2.75 16.60
C VAL A 118 -1.88 3.03 18.04
N ASN A 119 -2.10 4.30 18.36
CA ASN A 119 -2.51 4.70 19.70
C ASN A 119 -3.91 5.29 19.69
N PRO A 120 -4.87 4.56 20.27
CA PRO A 120 -6.27 5.00 20.35
C PRO A 120 -6.46 6.16 21.30
N LYS A 121 -5.78 6.11 22.44
CA LYS A 121 -5.87 7.18 23.44
C LYS A 121 -5.14 8.43 22.97
N LYS A 122 -3.91 8.25 22.51
CA LYS A 122 -3.10 9.37 22.03
C LYS A 122 -3.54 9.78 20.64
N GLN A 123 -4.30 8.91 19.97
CA GLN A 123 -4.78 9.20 18.62
C GLN A 123 -3.63 9.65 17.72
N THR A 124 -2.51 8.95 17.79
CA THR A 124 -1.34 9.28 16.98
C THR A 124 -0.64 8.02 16.49
N ILE A 125 -0.22 8.04 15.23
CA ILE A 125 0.48 6.90 14.64
C ILE A 125 1.99 7.02 14.80
N GLY A 126 2.60 5.99 15.36
CA GLY A 126 4.05 6.00 15.56
C GLY A 126 4.72 4.77 15.00
N ASN A 127 5.65 4.97 14.07
CA ASN A 127 6.36 3.87 13.44
C ASN A 127 7.67 3.59 14.17
N SER A 128 8.04 2.32 14.26
CA SER A 128 9.27 1.92 14.94
C SER A 128 10.09 0.97 14.07
N CYS A 129 11.29 1.39 13.71
CA CYS A 129 12.17 0.59 12.87
C CYS A 129 13.19 -0.16 13.73
N LYS A 130 13.57 -1.36 13.28
CA LYS A 130 14.54 -2.17 14.00
C LYS A 130 15.87 -2.18 13.28
N ALA A 131 15.82 -2.27 11.95
CA ALA A 131 17.05 -2.28 11.15
C ALA A 131 18.07 -1.30 11.68
N CYS A 132 17.69 -0.03 11.76
CA CYS A 132 18.59 1.00 12.26
C CYS A 132 18.17 1.46 13.66
N GLY A 133 16.86 1.58 13.87
CA GLY A 133 16.35 2.01 15.16
C GLY A 133 15.75 3.40 15.11
N TYR A 134 14.73 3.58 14.28
CA TYR A 134 14.07 4.87 14.14
C TYR A 134 12.70 4.85 14.80
N ARG A 135 12.50 5.75 15.75
CA ARG A 135 11.22 5.84 16.46
C ARG A 135 10.70 7.27 16.45
N GLY A 136 9.52 7.46 15.88
CA GLY A 136 8.93 8.80 15.82
C GLY A 136 7.43 8.75 15.57
N MET A 137 6.90 9.85 15.05
CA MET A 137 5.47 9.93 14.76
C MET A 137 5.22 10.13 13.27
N LEU A 138 4.56 9.17 12.65
CA LEU A 138 4.26 9.24 11.22
C LEU A 138 3.34 10.42 10.91
N ASP A 139 3.69 11.17 9.87
CA ASP A 139 2.90 12.33 9.47
C ASP A 139 1.40 12.05 9.61
N THR A 140 0.75 12.75 10.53
CA THR A 140 -0.67 12.57 10.77
C THR A 140 -1.48 12.89 9.51
N HIS A 141 -1.78 11.86 8.73
CA HIS A 141 -2.56 12.04 7.51
C HIS A 141 -3.84 12.83 7.77
N HIS A 142 -4.63 13.02 6.73
CA HIS A 142 -5.88 13.77 6.84
C HIS A 142 -7.03 12.85 7.23
N LYS A 143 -7.36 11.92 6.34
CA LYS A 143 -8.43 10.98 6.58
C LYS A 143 -7.90 9.64 7.09
N LEU A 144 -6.97 9.07 6.34
CA LEU A 144 -6.37 7.79 6.73
C LEU A 144 -6.18 7.71 8.24
N CYS A 145 -5.58 8.74 8.81
CA CYS A 145 -5.34 8.80 10.24
C CYS A 145 -6.56 8.30 11.01
N THR A 146 -7.73 8.76 10.62
CA THR A 146 -8.97 8.37 11.28
C THR A 146 -9.24 6.88 11.10
N PHE A 147 -9.00 6.38 9.89
CA PHE A 147 -9.22 4.97 9.57
C PHE A 147 -8.25 4.10 10.36
N ILE A 148 -6.96 4.31 10.13
CA ILE A 148 -5.92 3.54 10.81
C ILE A 148 -6.20 3.45 12.30
N LEU A 149 -6.50 4.59 12.91
CA LEU A 149 -6.79 4.64 14.35
C LEU A 149 -7.94 3.71 14.70
N LYS A 150 -9.11 3.97 14.10
CA LYS A 150 -10.28 3.15 14.36
C LYS A 150 -9.98 1.67 14.17
N ASN A 151 -9.33 1.34 13.05
CA ASN A 151 -8.98 -0.04 12.75
C ASN A 151 -7.48 -0.27 12.93
N PRO A 152 -7.11 -0.89 14.06
CA PRO A 152 -5.71 -1.19 14.38
C PRO A 152 -5.12 -2.26 13.47
N PRO A 153 -3.80 -2.44 13.55
CA PRO A 153 -3.09 -3.44 12.75
C PRO A 153 -3.40 -4.87 13.18
N GLU A 154 -3.39 -5.79 12.22
CA GLU A 154 -3.68 -7.19 12.51
C GLU A 154 -2.48 -7.88 13.16
N ASN A 155 -2.71 -8.54 14.28
CA ASN A 155 -1.65 -9.24 15.00
C ASN A 155 -1.46 -10.65 14.46
N SER A 156 -1.51 -10.79 13.14
CA SER A 156 -1.36 -12.09 12.49
C SER A 156 -0.26 -12.91 13.18
N ASP A 157 0.86 -12.26 13.48
CA ASP A 157 1.98 -12.93 14.14
C ASP A 157 2.16 -12.39 15.55
ZN ZN B . 15.45 2.40 9.91
N GLY A 1 9.88 -33.07 -11.07
CA GLY A 1 9.91 -31.62 -10.93
C GLY A 1 10.56 -30.93 -12.11
N SER A 2 10.07 -29.75 -12.46
CA SER A 2 10.61 -28.99 -13.57
C SER A 2 10.90 -27.55 -13.17
N SER A 3 11.52 -26.80 -14.08
CA SER A 3 11.87 -25.41 -13.81
C SER A 3 10.62 -24.57 -13.61
N GLY A 4 10.34 -24.20 -12.36
CA GLY A 4 9.18 -23.39 -12.05
C GLY A 4 9.50 -22.22 -11.15
N SER A 5 9.58 -21.03 -11.72
CA SER A 5 9.88 -19.83 -10.96
C SER A 5 9.01 -18.66 -11.42
N SER A 6 8.50 -17.90 -10.45
CA SER A 6 7.65 -16.76 -10.74
C SER A 6 8.28 -15.46 -10.24
N GLY A 7 8.95 -14.76 -11.15
CA GLY A 7 9.60 -13.51 -10.79
C GLY A 7 8.86 -12.29 -11.31
N MET A 8 9.19 -11.88 -12.53
CA MET A 8 8.56 -10.73 -13.14
C MET A 8 8.24 -9.66 -12.09
N SER A 9 9.10 -9.55 -11.10
CA SER A 9 8.91 -8.57 -10.03
C SER A 9 9.83 -7.37 -10.23
N VAL A 10 9.49 -6.25 -9.59
CA VAL A 10 10.27 -5.03 -9.70
C VAL A 10 10.73 -4.55 -8.32
N ASN A 11 11.85 -3.84 -8.29
CA ASN A 11 12.40 -3.31 -7.04
C ASN A 11 11.29 -2.75 -6.16
N VAL A 12 11.31 -3.12 -4.89
CA VAL A 12 10.31 -2.65 -3.93
C VAL A 12 10.00 -1.18 -4.16
N ASN A 13 11.02 -0.41 -4.52
CA ASN A 13 10.84 1.03 -4.77
C ASN A 13 11.21 1.37 -6.21
N ARG A 14 10.44 2.28 -6.80
CA ARG A 14 10.68 2.70 -8.18
C ARG A 14 11.94 3.57 -8.27
N SER A 15 12.14 4.42 -7.26
CA SER A 15 13.30 5.30 -7.23
C SER A 15 14.59 4.50 -7.32
N VAL A 16 14.62 3.34 -6.66
CA VAL A 16 15.79 2.48 -6.67
C VAL A 16 15.64 1.36 -7.68
N SER A 17 16.53 1.36 -8.68
CA SER A 17 16.48 0.33 -9.73
C SER A 17 17.76 -0.50 -9.71
N ASP A 18 18.21 -0.86 -8.51
CA ASP A 18 19.41 -1.67 -8.36
C ASP A 18 19.07 -3.15 -8.17
N GLN A 19 19.84 -4.01 -8.83
CA GLN A 19 19.61 -5.45 -8.74
C GLN A 19 19.84 -5.95 -7.32
N PHE A 20 20.84 -5.38 -6.65
CA PHE A 20 21.16 -5.77 -5.27
C PHE A 20 19.88 -5.95 -4.45
N TYR A 21 19.00 -4.96 -4.51
CA TYR A 21 17.75 -5.00 -3.77
C TYR A 21 17.16 -6.41 -3.78
N ARG A 22 17.24 -7.09 -2.63
CA ARG A 22 16.72 -8.44 -2.50
C ARG A 22 15.20 -8.45 -2.58
N TYR A 23 14.57 -7.87 -1.57
CA TYR A 23 13.11 -7.80 -1.51
C TYR A 23 12.55 -7.17 -2.77
N LYS A 24 11.42 -7.70 -3.24
CA LYS A 24 10.78 -7.19 -4.44
C LYS A 24 9.26 -7.35 -4.36
N MET A 25 8.55 -6.76 -5.30
CA MET A 25 7.09 -6.84 -5.33
C MET A 25 6.58 -6.84 -6.77
N PRO A 26 5.54 -7.65 -7.03
CA PRO A 26 4.93 -7.76 -8.36
C PRO A 26 4.19 -6.50 -8.76
N ARG A 27 4.31 -6.12 -10.03
CA ARG A 27 3.64 -4.93 -10.54
C ARG A 27 2.14 -5.03 -10.37
N LEU A 28 1.58 -4.15 -9.55
CA LEU A 28 0.14 -4.14 -9.29
C LEU A 28 -0.65 -4.02 -10.60
N ILE A 29 -1.79 -4.69 -10.65
CA ILE A 29 -2.63 -4.66 -11.84
C ILE A 29 -3.91 -3.87 -11.59
N ALA A 30 -4.33 -3.09 -12.59
CA ALA A 30 -5.55 -2.29 -12.48
C ALA A 30 -6.48 -2.54 -13.65
N LYS A 31 -7.69 -2.99 -13.35
CA LYS A 31 -8.68 -3.27 -14.39
C LYS A 31 -9.68 -2.12 -14.50
N VAL A 32 -10.11 -1.83 -15.73
CA VAL A 32 -11.06 -0.76 -15.98
C VAL A 32 -12.15 -1.21 -16.95
N GLU A 33 -13.31 -0.57 -16.87
CA GLU A 33 -14.43 -0.90 -17.75
C GLU A 33 -15.21 0.35 -18.12
N GLY A 34 -15.81 0.33 -19.31
CA GLY A 34 -16.58 1.48 -19.77
C GLY A 34 -15.84 2.79 -19.61
N LYS A 35 -16.53 3.89 -19.85
CA LYS A 35 -15.93 5.21 -19.74
C LYS A 35 -16.98 6.25 -19.35
N GLY A 36 -16.95 6.68 -18.10
CA GLY A 36 -17.90 7.67 -17.63
C GLY A 36 -19.23 7.06 -17.24
N ASN A 37 -19.61 5.98 -17.93
CA ASN A 37 -20.86 5.30 -17.66
C ASN A 37 -20.69 4.24 -16.59
N GLY A 38 -19.82 4.52 -15.61
CA GLY A 38 -19.58 3.56 -14.55
C GLY A 38 -18.16 3.03 -14.56
N ILE A 39 -17.23 3.85 -15.01
CA ILE A 39 -15.82 3.46 -15.08
C ILE A 39 -15.19 3.43 -13.69
N LYS A 40 -14.63 2.29 -13.31
CA LYS A 40 -14.00 2.13 -12.01
C LYS A 40 -12.73 1.30 -12.12
N THR A 41 -11.77 1.58 -11.25
CA THR A 41 -10.51 0.85 -11.25
C THR A 41 -10.49 -0.22 -10.15
N VAL A 42 -10.29 -1.46 -10.56
CA VAL A 42 -10.24 -2.57 -9.60
C VAL A 42 -8.83 -3.14 -9.49
N ILE A 43 -8.17 -2.85 -8.38
CA ILE A 43 -6.82 -3.34 -8.14
C ILE A 43 -6.81 -4.84 -7.87
N VAL A 44 -6.85 -5.62 -8.95
CA VAL A 44 -6.84 -7.07 -8.82
C VAL A 44 -5.66 -7.56 -7.99
N ASN A 45 -4.45 -7.18 -8.41
CA ASN A 45 -3.25 -7.57 -7.70
C ASN A 45 -3.01 -6.67 -6.48
N MET A 46 -4.07 -6.41 -5.74
CA MET A 46 -3.98 -5.57 -4.56
C MET A 46 -3.46 -6.36 -3.36
N VAL A 47 -4.14 -7.46 -3.04
CA VAL A 47 -3.74 -8.31 -1.92
C VAL A 47 -2.37 -8.92 -2.16
N ASP A 48 -2.08 -9.25 -3.41
CA ASP A 48 -0.79 -9.84 -3.77
C ASP A 48 0.36 -8.95 -3.33
N VAL A 49 0.50 -7.79 -3.98
CA VAL A 49 1.56 -6.84 -3.65
C VAL A 49 1.63 -6.59 -2.15
N ALA A 50 0.47 -6.40 -1.53
CA ALA A 50 0.40 -6.16 -0.10
C ALA A 50 1.09 -7.27 0.68
N LYS A 51 0.72 -8.51 0.39
CA LYS A 51 1.31 -9.66 1.08
C LYS A 51 2.83 -9.58 1.05
N ALA A 52 3.38 -9.24 -0.10
CA ALA A 52 4.83 -9.12 -0.26
C ALA A 52 5.42 -8.13 0.74
N LEU A 53 4.66 -7.06 1.01
CA LEU A 53 5.10 -6.04 1.95
C LEU A 53 4.72 -6.40 3.37
N ASN A 54 4.42 -7.68 3.60
CA ASN A 54 4.04 -8.16 4.92
C ASN A 54 3.05 -7.21 5.58
N ARG A 55 2.21 -6.58 4.76
CA ARG A 55 1.20 -5.64 5.27
C ARG A 55 -0.12 -5.83 4.53
N PRO A 56 -1.23 -5.52 5.23
CA PRO A 56 -2.58 -5.63 4.67
C PRO A 56 -2.84 -4.60 3.58
N PRO A 57 -3.62 -5.00 2.56
CA PRO A 57 -3.98 -4.12 1.45
C PRO A 57 -4.92 -3.00 1.86
N THR A 58 -5.45 -3.10 3.07
CA THR A 58 -6.38 -2.09 3.60
C THR A 58 -5.67 -0.76 3.81
N TYR A 59 -4.35 -0.82 4.03
CA TYR A 59 -3.57 0.39 4.25
C TYR A 59 -3.45 1.20 2.96
N PRO A 60 -2.89 0.56 1.91
CA PRO A 60 -2.70 1.20 0.61
C PRO A 60 -4.03 1.45 -0.12
N THR A 61 -4.84 0.42 -0.22
CA THR A 61 -6.14 0.52 -0.88
C THR A 61 -6.85 1.81 -0.49
N LYS A 62 -6.98 2.03 0.82
CA LYS A 62 -7.64 3.24 1.32
C LYS A 62 -6.87 4.49 0.92
N TYR A 63 -5.55 4.40 0.93
CA TYR A 63 -4.70 5.52 0.56
C TYR A 63 -5.08 6.07 -0.82
N PHE A 64 -5.08 5.19 -1.81
CA PHE A 64 -5.42 5.58 -3.17
C PHE A 64 -6.63 6.52 -3.18
N GLY A 65 -7.72 6.07 -2.56
CA GLY A 65 -8.92 6.88 -2.52
C GLY A 65 -8.66 8.28 -1.98
N CYS A 66 -7.74 8.38 -1.03
CA CYS A 66 -7.41 9.67 -0.44
C CYS A 66 -6.88 10.64 -1.49
N GLU A 67 -5.74 10.28 -2.09
CA GLU A 67 -5.13 11.12 -3.11
C GLU A 67 -6.10 11.37 -4.27
N LEU A 68 -6.80 10.31 -4.68
CA LEU A 68 -7.75 10.41 -5.77
C LEU A 68 -9.01 11.18 -5.34
N GLY A 69 -9.29 11.13 -4.04
CA GLY A 69 -10.46 11.83 -3.52
C GLY A 69 -11.76 11.15 -3.91
N ALA A 70 -11.74 9.83 -3.98
CA ALA A 70 -12.92 9.07 -4.35
C ALA A 70 -13.27 8.03 -3.29
N GLN A 71 -14.35 7.30 -3.50
CA GLN A 71 -14.79 6.27 -2.56
C GLN A 71 -14.23 4.91 -2.94
N THR A 72 -14.06 4.04 -1.96
CA THR A 72 -13.53 2.71 -2.19
C THR A 72 -14.44 1.64 -1.58
N GLN A 73 -14.35 0.42 -2.11
CA GLN A 73 -15.16 -0.69 -1.62
C GLN A 73 -14.28 -1.79 -1.06
N PHE A 74 -14.56 -2.19 0.18
CA PHE A 74 -13.80 -3.25 0.84
C PHE A 74 -14.65 -4.50 1.02
N ASP A 75 -14.28 -5.56 0.32
CA ASP A 75 -15.00 -6.83 0.39
C ASP A 75 -14.06 -7.98 0.70
N VAL A 76 -13.76 -8.19 1.98
CA VAL A 76 -12.87 -9.26 2.40
C VAL A 76 -13.41 -10.62 1.98
N LYS A 77 -14.73 -10.77 2.05
CA LYS A 77 -15.38 -12.02 1.68
C LYS A 77 -14.74 -12.62 0.42
N ASN A 78 -14.59 -11.79 -0.60
CA ASN A 78 -13.99 -12.23 -1.86
C ASN A 78 -12.65 -11.54 -2.10
N ASP A 79 -12.06 -11.02 -1.02
CA ASP A 79 -10.77 -10.34 -1.11
C ASP A 79 -10.71 -9.48 -2.37
N ARG A 80 -11.80 -8.77 -2.66
CA ARG A 80 -11.86 -7.91 -3.83
C ARG A 80 -11.93 -6.44 -3.43
N TYR A 81 -11.05 -5.63 -4.02
CA TYR A 81 -11.00 -4.20 -3.71
C TYR A 81 -11.30 -3.37 -4.96
N ILE A 82 -12.14 -2.36 -4.80
CA ILE A 82 -12.50 -1.49 -5.92
C ILE A 82 -12.26 -0.02 -5.56
N VAL A 83 -11.75 0.73 -6.53
CA VAL A 83 -11.47 2.15 -6.32
C VAL A 83 -12.28 3.01 -7.29
N ASN A 84 -13.29 3.70 -6.76
CA ASN A 84 -14.14 4.56 -7.56
C ASN A 84 -13.30 5.51 -8.40
N GLY A 85 -13.68 5.68 -9.66
CA GLY A 85 -12.95 6.57 -10.55
C GLY A 85 -12.07 5.82 -11.54
N SER A 86 -11.72 6.48 -12.64
CA SER A 86 -10.89 5.86 -13.66
C SER A 86 -9.41 6.15 -13.41
N HIS A 87 -8.61 5.10 -13.28
CA HIS A 87 -7.19 5.25 -13.04
C HIS A 87 -6.40 4.12 -13.70
N GLU A 88 -5.22 4.45 -14.22
CA GLU A 88 -4.38 3.45 -14.88
C GLU A 88 -3.34 2.89 -13.91
N ALA A 89 -3.08 1.59 -14.03
CA ALA A 89 -2.10 0.93 -13.17
C ALA A 89 -0.88 1.81 -12.95
N ASN A 90 -0.31 2.31 -14.03
CA ASN A 90 0.87 3.16 -13.96
C ASN A 90 0.69 4.23 -12.88
N LYS A 91 -0.42 4.96 -12.95
CA LYS A 91 -0.70 6.01 -11.99
C LYS A 91 -0.75 5.45 -10.57
N LEU A 92 -1.50 4.38 -10.39
CA LEU A 92 -1.63 3.73 -9.08
C LEU A 92 -0.26 3.46 -8.48
N GLN A 93 0.58 2.74 -9.23
CA GLN A 93 1.91 2.40 -8.76
C GLN A 93 2.73 3.66 -8.48
N ASP A 94 2.49 4.70 -9.27
CA ASP A 94 3.19 5.97 -9.11
C ASP A 94 2.85 6.61 -7.76
N MET A 95 1.56 6.65 -7.44
CA MET A 95 1.11 7.23 -6.19
C MET A 95 1.43 6.33 -5.01
N LEU A 96 0.99 5.08 -5.09
CA LEU A 96 1.23 4.11 -4.03
C LEU A 96 2.67 4.21 -3.53
N ASP A 97 3.61 4.40 -4.45
CA ASP A 97 5.01 4.52 -4.10
C ASP A 97 5.20 5.36 -2.84
N GLY A 98 4.49 6.50 -2.80
CA GLY A 98 4.59 7.38 -1.65
C GLY A 98 4.30 6.67 -0.34
N PHE A 99 3.20 5.91 -0.31
CA PHE A 99 2.81 5.18 0.89
C PHE A 99 3.90 4.18 1.30
N ILE A 100 4.45 3.48 0.32
CA ILE A 100 5.50 2.50 0.57
C ILE A 100 6.83 3.18 0.87
N LYS A 101 6.86 4.50 0.71
CA LYS A 101 8.07 5.28 0.96
C LYS A 101 8.09 5.81 2.39
N LYS A 102 6.91 5.98 2.97
CA LYS A 102 6.79 6.48 4.34
C LYS A 102 6.41 5.35 5.29
N PHE A 103 5.33 4.66 4.96
CA PHE A 103 4.85 3.56 5.80
C PHE A 103 5.86 2.42 5.82
N VAL A 104 6.14 1.85 4.65
CA VAL A 104 7.09 0.75 4.54
C VAL A 104 8.52 1.24 4.74
N LEU A 105 9.06 1.91 3.74
CA LEU A 105 10.41 2.43 3.80
C LEU A 105 10.58 3.39 4.98
N CYS A 106 11.80 3.47 5.51
CA CYS A 106 12.08 4.35 6.63
C CYS A 106 12.61 5.70 6.15
N PRO A 107 12.09 6.79 6.76
CA PRO A 107 12.49 8.15 6.41
C PRO A 107 13.92 8.46 6.85
N GLU A 108 14.61 7.46 7.38
CA GLU A 108 15.98 7.63 7.84
C GLU A 108 16.92 6.68 7.10
N CYS A 109 16.57 5.40 7.05
CA CYS A 109 17.37 4.40 6.38
C CYS A 109 16.68 3.90 5.12
N GLU A 110 15.37 4.15 5.03
CA GLU A 110 14.59 3.71 3.88
C GLU A 110 14.58 2.19 3.76
N ASN A 111 14.34 1.52 4.88
CA ASN A 111 14.30 0.06 4.90
C ASN A 111 12.87 -0.45 4.98
N PRO A 112 12.56 -1.47 4.16
CA PRO A 112 11.23 -2.07 4.12
C PRO A 112 10.91 -2.87 5.38
N GLU A 113 11.87 -2.90 6.31
CA GLU A 113 11.70 -3.64 7.55
C GLU A 113 11.46 -2.67 8.71
N THR A 114 10.20 -2.29 8.91
CA THR A 114 9.84 -1.38 9.98
C THR A 114 8.63 -1.89 10.76
N ASP A 115 8.23 -1.15 11.79
CA ASP A 115 7.08 -1.52 12.60
C ASP A 115 6.16 -0.33 12.81
N LEU A 116 4.88 -0.62 13.08
CA LEU A 116 3.89 0.43 13.30
C LEU A 116 3.22 0.27 14.66
N HIS A 117 2.87 1.39 15.27
CA HIS A 117 2.22 1.37 16.58
C HIS A 117 0.95 2.21 16.56
N VAL A 118 -0.11 1.68 17.17
CA VAL A 118 -1.39 2.38 17.22
C VAL A 118 -1.72 2.82 18.65
N ASN A 119 -2.33 4.00 18.77
CA ASN A 119 -2.69 4.53 20.08
C ASN A 119 -4.14 5.01 20.08
N PRO A 120 -5.02 4.25 20.76
CA PRO A 120 -6.44 4.58 20.85
C PRO A 120 -6.70 5.81 21.72
N LYS A 121 -6.00 5.88 22.85
CA LYS A 121 -6.14 7.01 23.77
C LYS A 121 -5.66 8.30 23.13
N LYS A 122 -4.35 8.37 22.87
CA LYS A 122 -3.75 9.55 22.26
C LYS A 122 -4.26 9.74 20.83
N GLN A 123 -4.90 8.70 20.29
CA GLN A 123 -5.43 8.75 18.93
C GLN A 123 -4.36 9.20 17.95
N THR A 124 -3.16 8.64 18.07
CA THR A 124 -2.06 9.00 17.19
C THR A 124 -1.29 7.75 16.76
N ILE A 125 -0.67 7.82 15.59
CA ILE A 125 0.11 6.70 15.06
C ILE A 125 1.61 6.98 15.15
N GLY A 126 2.37 5.93 15.46
CA GLY A 126 3.81 6.08 15.58
C GLY A 126 4.57 4.90 14.99
N ASN A 127 5.74 5.17 14.44
CA ASN A 127 6.56 4.13 13.84
C ASN A 127 7.90 3.99 14.58
N SER A 128 8.44 2.78 14.56
CA SER A 128 9.71 2.50 15.24
C SER A 128 10.60 1.61 14.39
N CYS A 129 11.70 2.17 13.90
CA CYS A 129 12.64 1.43 13.08
C CYS A 129 13.83 0.93 13.90
N LYS A 130 14.43 -0.17 13.46
CA LYS A 130 15.58 -0.74 14.16
C LYS A 130 16.87 -0.53 13.35
N ALA A 131 16.75 -0.66 12.04
CA ALA A 131 17.90 -0.49 11.15
C ALA A 131 18.76 0.68 11.61
N CYS A 132 18.14 1.86 11.71
CA CYS A 132 18.86 3.06 12.14
C CYS A 132 18.45 3.47 13.54
N GLY A 133 17.18 3.26 13.87
CA GLY A 133 16.69 3.61 15.19
C GLY A 133 15.90 4.90 15.19
N TYR A 134 14.85 4.95 14.37
CA TYR A 134 14.01 6.14 14.28
C TYR A 134 12.70 5.95 15.01
N ARG A 135 12.41 6.82 15.97
CA ARG A 135 11.19 6.74 16.75
C ARG A 135 10.46 8.08 16.76
N GLY A 136 9.24 8.09 16.22
CA GLY A 136 8.45 9.32 16.18
C GLY A 136 7.00 9.06 15.90
N MET A 137 6.29 10.09 15.44
CA MET A 137 4.87 9.98 15.12
C MET A 137 4.63 10.16 13.63
N LEU A 138 3.94 9.21 13.02
CA LEU A 138 3.64 9.26 11.60
C LEU A 138 2.64 10.38 11.30
N ASP A 139 2.90 11.14 10.24
CA ASP A 139 2.03 12.23 9.84
C ASP A 139 1.00 11.76 8.82
N THR A 140 -0.01 11.03 9.28
CA THR A 140 -1.05 10.52 8.41
C THR A 140 -2.28 11.41 8.44
N HIS A 141 -2.66 11.94 7.28
CA HIS A 141 -3.84 12.80 7.19
C HIS A 141 -5.01 12.22 7.96
N HIS A 142 -5.61 13.04 8.82
CA HIS A 142 -6.75 12.60 9.63
C HIS A 142 -7.66 11.68 8.82
N LYS A 143 -7.96 12.09 7.59
CA LYS A 143 -8.83 11.31 6.72
C LYS A 143 -8.54 9.82 6.86
N LEU A 144 -7.26 9.47 6.85
CA LEU A 144 -6.85 8.08 6.99
C LEU A 144 -6.55 7.72 8.45
N CYS A 145 -5.79 8.59 9.11
CA CYS A 145 -5.45 8.37 10.51
C CYS A 145 -6.63 7.82 11.29
N THR A 146 -7.76 8.52 11.20
CA THR A 146 -8.97 8.11 11.91
C THR A 146 -9.29 6.65 11.63
N PHE A 147 -9.29 6.27 10.36
CA PHE A 147 -9.58 4.90 9.96
C PHE A 147 -8.62 3.92 10.65
N ILE A 148 -7.33 4.16 10.48
CA ILE A 148 -6.31 3.31 11.08
C ILE A 148 -6.58 3.07 12.56
N LEU A 149 -6.84 4.15 13.29
CA LEU A 149 -7.13 4.06 14.72
C LEU A 149 -8.31 3.14 14.98
N LYS A 150 -9.42 3.40 14.30
CA LYS A 150 -10.63 2.59 14.46
C LYS A 150 -10.30 1.10 14.31
N ASN A 151 -9.61 0.76 13.23
CA ASN A 151 -9.23 -0.63 12.98
C ASN A 151 -7.71 -0.80 13.02
N PRO A 152 -7.21 -1.30 14.16
CA PRO A 152 -5.77 -1.52 14.35
C PRO A 152 -5.24 -2.67 13.49
N PRO A 153 -3.91 -2.80 13.45
CA PRO A 153 -3.25 -3.85 12.67
C PRO A 153 -3.47 -5.24 13.25
N GLU A 154 -4.02 -6.15 12.45
CA GLU A 154 -4.29 -7.51 12.89
C GLU A 154 -3.39 -8.50 12.15
N ASN A 155 -2.13 -8.14 11.98
CA ASN A 155 -1.18 -9.01 11.29
C ASN A 155 -0.58 -10.04 12.24
N SER A 156 -0.56 -11.29 11.81
CA SER A 156 -0.01 -12.37 12.63
C SER A 156 1.26 -11.93 13.33
N ASP A 157 2.20 -11.39 12.55
CA ASP A 157 3.47 -10.93 13.10
C ASP A 157 3.58 -9.41 13.00
ZN ZN B . 15.41 3.49 9.85
N GLY A 1 -0.60 -26.17 -23.10
CA GLY A 1 -0.56 -25.11 -22.12
C GLY A 1 0.84 -24.58 -21.88
N SER A 2 1.14 -23.43 -22.46
CA SER A 2 2.47 -22.83 -22.32
C SER A 2 2.40 -21.57 -21.46
N SER A 3 3.01 -21.64 -20.28
CA SER A 3 3.01 -20.52 -19.35
C SER A 3 4.38 -19.84 -19.32
N GLY A 4 4.45 -18.64 -19.90
CA GLY A 4 5.70 -17.91 -19.93
C GLY A 4 5.74 -16.77 -18.94
N SER A 5 6.11 -15.58 -19.42
CA SER A 5 6.19 -14.41 -18.56
C SER A 5 4.96 -13.52 -18.75
N SER A 6 4.60 -12.79 -17.69
CA SER A 6 3.44 -11.90 -17.74
C SER A 6 3.78 -10.54 -17.15
N GLY A 7 4.15 -10.53 -15.88
CA GLY A 7 4.49 -9.28 -15.22
C GLY A 7 5.48 -9.48 -14.08
N MET A 8 6.75 -9.66 -14.42
CA MET A 8 7.79 -9.85 -13.42
C MET A 8 7.78 -8.73 -12.39
N SER A 9 8.09 -9.06 -11.14
CA SER A 9 8.11 -8.07 -10.07
C SER A 9 9.24 -7.08 -10.28
N VAL A 10 9.27 -6.04 -9.45
CA VAL A 10 10.29 -5.01 -9.54
C VAL A 10 10.79 -4.60 -8.15
N ASN A 11 11.95 -3.95 -8.12
CA ASN A 11 12.53 -3.51 -6.85
C ASN A 11 11.50 -2.78 -6.00
N VAL A 12 11.40 -3.17 -4.73
CA VAL A 12 10.47 -2.54 -3.81
C VAL A 12 10.31 -1.06 -4.10
N ASN A 13 11.42 -0.40 -4.41
CA ASN A 13 11.41 1.02 -4.70
C ASN A 13 12.25 1.33 -5.94
N ARG A 14 12.08 2.53 -6.49
CA ARG A 14 12.82 2.94 -7.68
C ARG A 14 14.05 3.76 -7.29
N SER A 15 13.91 4.59 -6.26
CA SER A 15 15.01 5.43 -5.80
C SER A 15 15.94 4.64 -4.89
N VAL A 16 16.22 3.39 -5.26
CA VAL A 16 17.10 2.53 -4.49
C VAL A 16 18.51 2.51 -5.09
N SER A 17 19.51 2.60 -4.22
CA SER A 17 20.90 2.59 -4.67
C SER A 17 21.34 1.17 -5.02
N ASP A 18 20.99 0.22 -4.16
CA ASP A 18 21.35 -1.17 -4.38
C ASP A 18 21.10 -1.58 -5.83
N GLN A 19 21.60 -2.76 -6.21
CA GLN A 19 21.43 -3.26 -7.55
C GLN A 19 20.70 -4.60 -7.56
N PHE A 20 20.86 -5.36 -6.48
CA PHE A 20 20.23 -6.66 -6.35
C PHE A 20 19.18 -6.65 -5.25
N TYR A 21 18.34 -5.62 -5.24
CA TYR A 21 17.29 -5.49 -4.23
C TYR A 21 16.70 -6.85 -3.90
N ARG A 22 17.23 -7.48 -2.86
CA ARG A 22 16.74 -8.79 -2.43
C ARG A 22 15.22 -8.83 -2.44
N TYR A 23 14.60 -8.04 -1.58
CA TYR A 23 13.14 -7.99 -1.50
C TYR A 23 12.54 -7.41 -2.78
N LYS A 24 11.58 -8.13 -3.34
CA LYS A 24 10.92 -7.70 -4.57
C LYS A 24 9.41 -7.64 -4.38
N MET A 25 8.72 -7.03 -5.33
CA MET A 25 7.26 -6.90 -5.28
C MET A 25 6.66 -6.86 -6.67
N PRO A 26 5.57 -7.61 -6.87
CA PRO A 26 4.87 -7.67 -8.16
C PRO A 26 4.16 -6.36 -8.50
N ARG A 27 4.49 -5.81 -9.67
CA ARG A 27 3.88 -4.56 -10.11
C ARG A 27 2.36 -4.66 -10.10
N LEU A 28 1.73 -3.97 -9.15
CA LEU A 28 0.28 -3.98 -9.04
C LEU A 28 -0.38 -3.87 -10.41
N ILE A 29 -1.58 -4.42 -10.53
CA ILE A 29 -2.32 -4.38 -11.78
C ILE A 29 -3.67 -3.68 -11.59
N ALA A 30 -4.12 -2.99 -12.65
CA ALA A 30 -5.40 -2.29 -12.60
C ALA A 30 -6.25 -2.64 -13.81
N LYS A 31 -7.54 -2.84 -13.56
CA LYS A 31 -8.48 -3.19 -14.64
C LYS A 31 -9.58 -2.14 -14.76
N VAL A 32 -9.84 -1.70 -15.99
CA VAL A 32 -10.87 -0.71 -16.24
C VAL A 32 -11.75 -1.11 -17.43
N GLU A 33 -12.99 -0.64 -17.41
CA GLU A 33 -13.93 -0.95 -18.49
C GLU A 33 -14.64 0.32 -18.97
N GLY A 34 -15.05 0.30 -20.24
CA GLY A 34 -15.73 1.46 -20.80
C GLY A 34 -15.16 2.77 -20.31
N LYS A 35 -15.96 3.83 -20.37
CA LYS A 35 -15.53 5.15 -19.93
C LYS A 35 -16.72 6.08 -19.76
N GLY A 36 -17.05 6.39 -18.51
CA GLY A 36 -18.17 7.28 -18.23
C GLY A 36 -19.45 6.52 -17.94
N ASN A 37 -19.52 5.28 -18.41
CA ASN A 37 -20.70 4.45 -18.20
C ASN A 37 -20.43 3.40 -17.13
N GLY A 38 -19.67 3.77 -16.10
CA GLY A 38 -19.35 2.85 -15.03
C GLY A 38 -17.88 2.52 -14.96
N ILE A 39 -17.04 3.48 -15.34
CA ILE A 39 -15.60 3.28 -15.33
C ILE A 39 -15.06 3.28 -13.91
N LYS A 40 -14.37 2.21 -13.54
CA LYS A 40 -13.80 2.08 -12.20
C LYS A 40 -12.48 1.32 -12.24
N THR A 41 -11.58 1.66 -11.32
CA THR A 41 -10.28 1.01 -11.24
C THR A 41 -10.27 -0.10 -10.19
N VAL A 42 -10.14 -1.34 -10.64
CA VAL A 42 -10.10 -2.47 -9.73
C VAL A 42 -8.69 -3.04 -9.59
N ILE A 43 -8.11 -2.85 -8.41
CA ILE A 43 -6.75 -3.34 -8.15
C ILE A 43 -6.74 -4.85 -7.95
N VAL A 44 -6.77 -5.58 -9.06
CA VAL A 44 -6.76 -7.05 -9.01
C VAL A 44 -5.58 -7.56 -8.19
N ASN A 45 -4.42 -6.94 -8.38
CA ASN A 45 -3.21 -7.34 -7.67
C ASN A 45 -3.03 -6.49 -6.41
N MET A 46 -4.11 -6.33 -5.66
CA MET A 46 -4.07 -5.55 -4.42
C MET A 46 -3.63 -6.41 -3.25
N VAL A 47 -4.25 -7.58 -3.13
CA VAL A 47 -3.92 -8.50 -2.05
C VAL A 47 -2.49 -9.03 -2.18
N ASP A 48 -2.11 -9.37 -3.40
CA ASP A 48 -0.76 -9.89 -3.66
C ASP A 48 0.30 -8.92 -3.14
N VAL A 49 0.39 -7.77 -3.78
CA VAL A 49 1.37 -6.75 -3.39
C VAL A 49 1.38 -6.56 -1.88
N ALA A 50 0.19 -6.52 -1.27
CA ALA A 50 0.07 -6.34 0.16
C ALA A 50 0.92 -7.36 0.92
N LYS A 51 0.63 -8.65 0.70
CA LYS A 51 1.36 -9.72 1.35
C LYS A 51 2.87 -9.47 1.30
N ALA A 52 3.36 -9.14 0.11
CA ALA A 52 4.78 -8.87 -0.08
C ALA A 52 5.25 -7.75 0.85
N LEU A 53 4.39 -6.77 1.07
CA LEU A 53 4.73 -5.65 1.95
C LEU A 53 4.40 -5.98 3.40
N ASN A 54 4.27 -7.26 3.70
CA ASN A 54 3.98 -7.71 5.06
C ASN A 54 2.90 -6.84 5.69
N ARG A 55 2.01 -6.30 4.87
CA ARG A 55 0.95 -5.43 5.35
C ARG A 55 -0.36 -5.71 4.61
N PRO A 56 -1.48 -5.47 5.28
CA PRO A 56 -2.82 -5.69 4.70
C PRO A 56 -3.15 -4.68 3.60
N PRO A 57 -3.98 -5.10 2.64
CA PRO A 57 -4.39 -4.24 1.52
C PRO A 57 -5.31 -3.12 1.96
N THR A 58 -5.76 -3.17 3.21
CA THR A 58 -6.65 -2.15 3.76
C THR A 58 -5.91 -0.84 3.97
N TYR A 59 -4.60 -0.94 4.21
CA TYR A 59 -3.78 0.25 4.43
C TYR A 59 -3.62 1.05 3.15
N PRO A 60 -3.11 0.39 2.10
CA PRO A 60 -2.89 1.03 0.80
C PRO A 60 -4.19 1.34 0.08
N THR A 61 -5.06 0.33 -0.02
CA THR A 61 -6.35 0.50 -0.70
C THR A 61 -7.04 1.79 -0.24
N LYS A 62 -7.13 1.98 1.07
CA LYS A 62 -7.77 3.17 1.63
C LYS A 62 -7.03 4.43 1.19
N TYR A 63 -5.70 4.35 1.16
CA TYR A 63 -4.87 5.49 0.77
C TYR A 63 -5.27 5.99 -0.63
N PHE A 64 -5.26 5.08 -1.59
CA PHE A 64 -5.60 5.42 -2.96
C PHE A 64 -6.81 6.35 -3.01
N GLY A 65 -7.83 6.02 -2.23
CA GLY A 65 -9.03 6.84 -2.19
C GLY A 65 -8.76 8.24 -1.67
N CYS A 66 -7.89 8.34 -0.67
CA CYS A 66 -7.54 9.63 -0.09
C CYS A 66 -6.96 10.56 -1.15
N GLU A 67 -5.83 10.17 -1.71
CA GLU A 67 -5.17 10.98 -2.73
C GLU A 67 -6.07 11.16 -3.95
N LEU A 68 -6.72 10.08 -4.37
CA LEU A 68 -7.61 10.12 -5.52
C LEU A 68 -8.85 10.95 -5.23
N GLY A 69 -9.23 11.00 -3.94
CA GLY A 69 -10.40 11.76 -3.55
C GLY A 69 -11.70 11.12 -4.02
N ALA A 70 -11.76 9.80 -3.92
CA ALA A 70 -12.96 9.07 -4.34
C ALA A 70 -13.31 7.99 -3.33
N GLN A 71 -14.44 7.30 -3.56
CA GLN A 71 -14.89 6.25 -2.66
C GLN A 71 -14.29 4.91 -3.07
N THR A 72 -14.36 3.95 -2.16
CA THR A 72 -13.83 2.61 -2.42
C THR A 72 -14.77 1.53 -1.88
N GLN A 73 -14.61 0.31 -2.38
CA GLN A 73 -15.44 -0.81 -1.94
C GLN A 73 -14.58 -1.92 -1.35
N PHE A 74 -14.95 -2.37 -0.15
CA PHE A 74 -14.21 -3.42 0.52
C PHE A 74 -15.08 -4.67 0.69
N ASP A 75 -14.73 -5.73 -0.03
CA ASP A 75 -15.46 -6.98 0.03
C ASP A 75 -14.53 -8.16 0.30
N VAL A 76 -14.11 -8.29 1.56
CA VAL A 76 -13.22 -9.37 1.95
C VAL A 76 -13.79 -10.72 1.57
N LYS A 77 -15.12 -10.84 1.64
CA LYS A 77 -15.80 -12.08 1.30
C LYS A 77 -15.18 -12.72 0.06
N ASN A 78 -15.02 -11.92 -0.99
CA ASN A 78 -14.45 -12.40 -2.24
C ASN A 78 -13.09 -11.75 -2.50
N ASP A 79 -12.45 -11.30 -1.44
CA ASP A 79 -11.14 -10.66 -1.55
C ASP A 79 -11.07 -9.78 -2.80
N ARG A 80 -12.07 -8.93 -2.97
CA ARG A 80 -12.12 -8.03 -4.12
C ARG A 80 -12.13 -6.57 -3.68
N TYR A 81 -11.16 -5.81 -4.17
CA TYR A 81 -11.05 -4.40 -3.83
C TYR A 81 -11.25 -3.51 -5.05
N ILE A 82 -12.25 -2.63 -4.98
CA ILE A 82 -12.54 -1.73 -6.09
C ILE A 82 -12.31 -0.28 -5.69
N VAL A 83 -11.87 0.54 -6.65
CA VAL A 83 -11.62 1.95 -6.40
C VAL A 83 -12.36 2.83 -7.40
N ASN A 84 -13.37 3.55 -6.92
CA ASN A 84 -14.16 4.44 -7.78
C ASN A 84 -13.25 5.39 -8.54
N GLY A 85 -13.68 5.77 -9.75
CA GLY A 85 -12.90 6.68 -10.56
C GLY A 85 -12.01 5.96 -11.55
N SER A 86 -11.57 6.67 -12.58
CA SER A 86 -10.71 6.08 -13.60
C SER A 86 -9.24 6.40 -13.33
N HIS A 87 -8.43 5.35 -13.19
CA HIS A 87 -7.01 5.53 -12.93
C HIS A 87 -6.19 4.46 -13.65
N GLU A 88 -5.01 4.83 -14.10
CA GLU A 88 -4.13 3.91 -14.81
C GLU A 88 -3.10 3.29 -13.86
N ALA A 89 -2.87 1.99 -14.01
CA ALA A 89 -1.93 1.29 -13.16
C ALA A 89 -0.70 2.15 -12.86
N ASN A 90 -0.15 2.76 -13.90
CA ASN A 90 1.03 3.62 -13.74
C ASN A 90 0.79 4.66 -12.65
N LYS A 91 -0.39 5.27 -12.67
CA LYS A 91 -0.75 6.28 -11.68
C LYS A 91 -0.77 5.70 -10.28
N LEU A 92 -1.48 4.58 -10.12
CA LEU A 92 -1.60 3.92 -8.83
C LEU A 92 -0.21 3.62 -8.25
N GLN A 93 0.67 3.09 -9.09
CA GLN A 93 2.02 2.75 -8.66
C GLN A 93 2.75 3.99 -8.15
N ASP A 94 2.60 5.11 -8.86
CA ASP A 94 3.24 6.35 -8.48
C ASP A 94 2.72 6.84 -7.13
N MET A 95 1.40 6.89 -6.99
CA MET A 95 0.77 7.33 -5.76
C MET A 95 1.15 6.42 -4.60
N LEU A 96 0.87 5.13 -4.76
CA LEU A 96 1.18 4.14 -3.72
C LEU A 96 2.63 4.26 -3.28
N ASP A 97 3.53 4.49 -4.24
CA ASP A 97 4.94 4.62 -3.94
C ASP A 97 5.16 5.44 -2.67
N GLY A 98 4.50 6.60 -2.60
CA GLY A 98 4.64 7.44 -1.43
C GLY A 98 4.32 6.72 -0.14
N PHE A 99 3.19 6.04 -0.11
CA PHE A 99 2.77 5.30 1.08
C PHE A 99 3.81 4.25 1.47
N ILE A 100 4.32 3.53 0.47
CA ILE A 100 5.34 2.51 0.71
C ILE A 100 6.70 3.14 1.01
N LYS A 101 6.86 4.40 0.61
CA LYS A 101 8.11 5.12 0.84
C LYS A 101 8.18 5.64 2.27
N LYS A 102 7.03 5.68 2.94
CA LYS A 102 6.98 6.16 4.32
C LYS A 102 6.58 5.04 5.27
N PHE A 103 5.47 4.37 4.98
CA PHE A 103 4.99 3.27 5.80
C PHE A 103 5.97 2.10 5.77
N VAL A 104 6.03 1.43 4.63
CA VAL A 104 6.93 0.29 4.47
C VAL A 104 8.38 0.69 4.67
N LEU A 105 8.94 1.39 3.69
CA LEU A 105 10.32 1.84 3.76
C LEU A 105 10.50 2.88 4.86
N CYS A 106 11.74 3.04 5.32
CA CYS A 106 12.04 4.01 6.38
C CYS A 106 12.53 5.32 5.78
N PRO A 107 12.02 6.44 6.33
CA PRO A 107 12.39 7.78 5.88
C PRO A 107 13.83 8.15 6.23
N GLU A 108 14.55 7.18 6.80
CA GLU A 108 15.94 7.40 7.19
C GLU A 108 16.87 6.43 6.46
N CYS A 109 16.51 5.15 6.49
CA CYS A 109 17.31 4.12 5.84
C CYS A 109 16.57 3.53 4.64
N GLU A 110 15.26 3.75 4.60
CA GLU A 110 14.43 3.23 3.51
C GLU A 110 14.46 1.71 3.48
N ASN A 111 14.33 1.10 4.65
CA ASN A 111 14.34 -0.35 4.76
C ASN A 111 12.94 -0.89 5.00
N PRO A 112 12.59 -1.98 4.30
CA PRO A 112 11.27 -2.62 4.41
C PRO A 112 11.08 -3.31 5.76
N GLU A 113 12.09 -3.20 6.63
CA GLU A 113 12.03 -3.81 7.95
C GLU A 113 11.70 -2.77 9.02
N THR A 114 10.42 -2.52 9.23
CA THR A 114 9.97 -1.55 10.22
C THR A 114 8.72 -2.03 10.93
N ASP A 115 8.28 -1.27 11.93
CA ASP A 115 7.10 -1.61 12.70
C ASP A 115 6.20 -0.39 12.89
N LEU A 116 4.89 -0.63 12.96
CA LEU A 116 3.93 0.45 13.14
C LEU A 116 3.16 0.28 14.44
N HIS A 117 3.01 1.37 15.18
CA HIS A 117 2.29 1.34 16.46
C HIS A 117 1.07 2.26 16.42
N VAL A 118 0.05 1.91 17.18
CA VAL A 118 -1.18 2.71 17.23
C VAL A 118 -1.41 3.26 18.63
N ASN A 119 -1.99 4.46 18.69
CA ASN A 119 -2.27 5.11 19.97
C ASN A 119 -3.69 5.65 20.01
N PRO A 120 -4.56 5.01 20.80
CA PRO A 120 -5.96 5.40 20.95
C PRO A 120 -6.11 6.73 21.68
N LYS A 121 -5.21 6.98 22.62
CA LYS A 121 -5.24 8.21 23.41
C LYS A 121 -4.74 9.40 22.58
N LYS A 122 -3.53 9.28 22.06
CA LYS A 122 -2.94 10.34 21.25
C LYS A 122 -3.58 10.38 19.87
N GLN A 123 -4.28 9.31 19.51
CA GLN A 123 -4.94 9.23 18.21
C GLN A 123 -3.95 9.52 17.08
N THR A 124 -2.76 8.97 17.19
CA THR A 124 -1.73 9.18 16.17
C THR A 124 -1.04 7.86 15.81
N ILE A 125 -0.37 7.86 14.66
CA ILE A 125 0.33 6.67 14.20
C ILE A 125 1.84 6.82 14.33
N GLY A 126 2.44 6.01 15.19
CA GLY A 126 3.87 6.07 15.40
C GLY A 126 4.60 4.89 14.79
N ASN A 127 5.92 5.00 14.71
CA ASN A 127 6.73 3.92 14.14
C ASN A 127 8.11 3.86 14.82
N SER A 128 8.76 2.72 14.71
CA SER A 128 10.07 2.52 15.31
C SER A 128 10.95 1.62 14.44
N CYS A 129 12.00 2.21 13.86
CA CYS A 129 12.91 1.46 13.01
C CYS A 129 14.15 1.01 13.79
N LYS A 130 14.68 -0.14 13.42
CA LYS A 130 15.87 -0.68 14.08
C LYS A 130 17.09 -0.57 13.18
N ALA A 131 16.87 -0.73 11.88
CA ALA A 131 17.95 -0.65 10.90
C ALA A 131 18.89 0.52 11.22
N CYS A 132 18.33 1.73 11.23
CA CYS A 132 19.12 2.92 11.51
C CYS A 132 18.82 3.45 12.91
N GLY A 133 17.54 3.48 13.26
CA GLY A 133 17.15 3.96 14.58
C GLY A 133 16.26 5.19 14.51
N TYR A 134 15.17 5.09 13.76
CA TYR A 134 14.24 6.21 13.61
C TYR A 134 12.99 6.00 14.46
N ARG A 135 12.72 6.95 15.34
CA ARG A 135 11.55 6.88 16.21
C ARG A 135 10.84 8.21 16.27
N GLY A 136 9.58 8.22 15.85
CA GLY A 136 8.80 9.45 15.87
C GLY A 136 7.35 9.23 15.47
N MET A 137 6.59 10.30 15.39
CA MET A 137 5.18 10.22 15.02
C MET A 137 4.99 10.56 13.54
N LEU A 138 4.44 9.61 12.78
CA LEU A 138 4.21 9.81 11.36
C LEU A 138 3.21 10.93 11.11
N ASP A 139 3.51 11.80 10.16
CA ASP A 139 2.63 12.91 9.83
C ASP A 139 1.65 12.53 8.73
N THR A 140 0.48 12.06 9.12
CA THR A 140 -0.55 11.65 8.16
C THR A 140 -1.86 12.41 8.41
N HIS A 141 -2.36 13.06 7.36
CA HIS A 141 -3.60 13.82 7.46
C HIS A 141 -4.63 13.06 8.28
N HIS A 142 -5.65 13.77 8.76
CA HIS A 142 -6.71 13.16 9.55
C HIS A 142 -7.79 12.56 8.66
N LYS A 143 -7.37 12.04 7.50
CA LYS A 143 -8.30 11.44 6.56
C LYS A 143 -8.31 9.92 6.70
N LEU A 144 -7.15 9.30 6.53
CA LEU A 144 -7.03 7.85 6.65
C LEU A 144 -6.65 7.45 8.08
N CYS A 145 -5.56 8.02 8.57
CA CYS A 145 -5.09 7.72 9.92
C CYS A 145 -6.27 7.54 10.88
N THR A 146 -7.35 8.24 10.60
CA THR A 146 -8.55 8.16 11.43
C THR A 146 -9.11 6.75 11.47
N PHE A 147 -9.29 6.15 10.29
CA PHE A 147 -9.82 4.80 10.19
C PHE A 147 -8.90 3.81 10.91
N ILE A 148 -7.61 3.85 10.57
CA ILE A 148 -6.64 2.96 11.19
C ILE A 148 -6.81 2.90 12.69
N LEU A 149 -6.99 4.06 13.31
CA LEU A 149 -7.17 4.15 14.76
C LEU A 149 -8.41 3.36 15.19
N LYS A 150 -9.47 3.46 14.41
CA LYS A 150 -10.71 2.76 14.72
C LYS A 150 -10.52 1.25 14.63
N ASN A 151 -9.84 0.80 13.58
CA ASN A 151 -9.58 -0.62 13.38
C ASN A 151 -8.08 -0.91 13.36
N PRO A 152 -7.58 -1.48 14.46
CA PRO A 152 -6.16 -1.82 14.61
C PRO A 152 -5.75 -2.97 13.70
N PRO A 153 -4.43 -3.11 13.48
CA PRO A 153 -3.88 -4.17 12.63
C PRO A 153 -4.03 -5.55 13.26
N GLU A 154 -4.12 -6.58 12.41
CA GLU A 154 -4.27 -7.95 12.89
C GLU A 154 -3.03 -8.39 13.65
N ASN A 155 -3.25 -8.97 14.83
CA ASN A 155 -2.15 -9.45 15.66
C ASN A 155 -2.26 -10.95 15.91
N SER A 156 -1.71 -11.74 15.00
CA SER A 156 -1.75 -13.19 15.12
C SER A 156 -0.34 -13.77 15.22
N ASP A 157 -0.17 -14.75 16.10
CA ASP A 157 1.13 -15.39 16.29
C ASP A 157 1.04 -16.89 16.06
ZN ZN B . 15.49 3.41 9.53
N GLY A 1 4.05 -27.94 -26.09
CA GLY A 1 4.72 -28.16 -24.82
C GLY A 1 4.24 -27.22 -23.73
N SER A 2 5.18 -26.62 -23.02
CA SER A 2 4.85 -25.69 -21.94
C SER A 2 5.64 -24.39 -22.07
N SER A 3 5.28 -23.40 -21.27
CA SER A 3 5.95 -22.11 -21.31
C SER A 3 6.23 -21.61 -19.89
N GLY A 4 7.40 -21.00 -19.71
CA GLY A 4 7.77 -20.48 -18.41
C GLY A 4 6.97 -19.26 -18.01
N SER A 5 6.22 -19.38 -16.92
CA SER A 5 5.39 -18.27 -16.45
C SER A 5 6.17 -16.96 -16.47
N SER A 6 5.49 -15.89 -16.87
CA SER A 6 6.11 -14.57 -16.95
C SER A 6 5.84 -13.76 -15.68
N GLY A 7 6.72 -13.91 -14.69
CA GLY A 7 6.55 -13.19 -13.45
C GLY A 7 7.56 -12.07 -13.29
N MET A 8 7.34 -10.96 -14.00
CA MET A 8 8.25 -9.82 -13.93
C MET A 8 8.02 -9.02 -12.65
N SER A 9 9.08 -8.78 -11.91
CA SER A 9 9.00 -8.02 -10.66
C SER A 9 9.88 -6.79 -10.71
N VAL A 10 9.54 -5.79 -9.90
CA VAL A 10 10.31 -4.54 -9.85
C VAL A 10 10.92 -4.33 -8.47
N ASN A 11 11.84 -3.38 -8.37
CA ASN A 11 12.50 -3.07 -7.10
C ASN A 11 11.49 -2.54 -6.09
N VAL A 12 11.59 -3.02 -4.85
CA VAL A 12 10.69 -2.59 -3.79
C VAL A 12 10.36 -1.11 -3.91
N ASN A 13 11.40 -0.29 -4.12
CA ASN A 13 11.23 1.15 -4.26
C ASN A 13 11.41 1.58 -5.71
N ARG A 14 10.74 2.67 -6.08
CA ARG A 14 10.83 3.19 -7.43
C ARG A 14 11.93 4.25 -7.54
N SER A 15 12.93 4.15 -6.68
CA SER A 15 14.03 5.10 -6.67
C SER A 15 15.36 4.40 -6.98
N VAL A 16 15.40 3.09 -6.71
CA VAL A 16 16.60 2.31 -6.96
C VAL A 16 16.48 1.51 -8.25
N SER A 17 17.44 1.71 -9.15
CA SER A 17 17.44 1.00 -10.43
C SER A 17 18.38 -0.20 -10.39
N ASP A 18 19.31 -0.20 -9.44
CA ASP A 18 20.25 -1.29 -9.30
C ASP A 18 19.55 -2.64 -9.41
N GLN A 19 20.30 -3.68 -9.75
CA GLN A 19 19.75 -5.02 -9.89
C GLN A 19 20.28 -5.95 -8.80
N PHE A 20 20.60 -5.37 -7.64
CA PHE A 20 21.11 -6.14 -6.52
C PHE A 20 20.05 -6.30 -5.43
N TYR A 21 19.06 -5.43 -5.46
CA TYR A 21 17.97 -5.48 -4.49
C TYR A 21 17.38 -6.88 -4.39
N ARG A 22 17.64 -7.55 -3.28
CA ARG A 22 17.14 -8.91 -3.06
C ARG A 22 15.62 -8.92 -3.04
N TYR A 23 15.04 -8.14 -2.12
CA TYR A 23 13.59 -8.07 -1.99
C TYR A 23 12.95 -7.60 -3.30
N LYS A 24 11.84 -8.22 -3.67
CA LYS A 24 11.13 -7.86 -4.89
C LYS A 24 9.62 -7.93 -4.68
N MET A 25 8.87 -7.28 -5.57
CA MET A 25 7.42 -7.27 -5.49
C MET A 25 6.79 -7.11 -6.86
N PRO A 26 5.64 -7.76 -7.07
CA PRO A 26 4.92 -7.72 -8.34
C PRO A 26 4.31 -6.34 -8.62
N ARG A 27 4.24 -5.96 -9.88
CA ARG A 27 3.68 -4.68 -10.28
C ARG A 27 2.16 -4.70 -10.20
N LEU A 28 1.61 -4.05 -9.18
CA LEU A 28 0.17 -4.00 -9.00
C LEU A 28 -0.55 -3.78 -10.32
N ILE A 29 -1.75 -4.32 -10.45
CA ILE A 29 -2.53 -4.18 -11.66
C ILE A 29 -3.84 -3.43 -11.40
N ALA A 30 -4.41 -2.86 -12.44
CA ALA A 30 -5.67 -2.11 -12.33
C ALA A 30 -6.63 -2.48 -13.44
N LYS A 31 -7.85 -2.85 -13.07
CA LYS A 31 -8.86 -3.23 -14.03
C LYS A 31 -9.92 -2.13 -14.17
N VAL A 32 -10.18 -1.73 -15.41
CA VAL A 32 -11.17 -0.69 -15.69
C VAL A 32 -12.17 -1.14 -16.73
N GLU A 33 -13.43 -0.77 -16.55
CA GLU A 33 -14.49 -1.14 -17.48
C GLU A 33 -15.28 0.09 -17.92
N GLY A 34 -15.80 0.05 -19.14
CA GLY A 34 -16.57 1.16 -19.67
C GLY A 34 -15.84 2.48 -19.54
N LYS A 35 -16.58 3.59 -19.66
CA LYS A 35 -16.00 4.91 -19.56
C LYS A 35 -17.06 5.95 -19.22
N GLY A 36 -17.03 6.42 -17.98
CA GLY A 36 -17.99 7.41 -17.54
C GLY A 36 -19.32 6.80 -17.12
N ASN A 37 -19.69 5.71 -17.78
CA ASN A 37 -20.94 5.03 -17.47
C ASN A 37 -20.73 3.96 -16.40
N GLY A 38 -19.84 4.26 -15.45
CA GLY A 38 -19.56 3.32 -14.38
C GLY A 38 -18.13 2.82 -14.40
N ILE A 39 -17.23 3.68 -14.86
CA ILE A 39 -15.81 3.33 -14.92
C ILE A 39 -15.18 3.31 -13.54
N LYS A 40 -14.59 2.17 -13.18
CA LYS A 40 -13.95 2.03 -11.88
C LYS A 40 -12.67 1.20 -11.99
N THR A 41 -11.72 1.47 -11.11
CA THR A 41 -10.44 0.77 -11.12
C THR A 41 -10.40 -0.30 -10.03
N VAL A 42 -10.12 -1.54 -10.42
CA VAL A 42 -10.05 -2.65 -9.49
C VAL A 42 -8.61 -3.14 -9.32
N ILE A 43 -7.99 -2.78 -8.20
CA ILE A 43 -6.62 -3.18 -7.93
C ILE A 43 -6.53 -4.69 -7.68
N VAL A 44 -6.41 -5.45 -8.77
CA VAL A 44 -6.31 -6.90 -8.68
C VAL A 44 -5.21 -7.32 -7.71
N ASN A 45 -3.98 -6.91 -8.01
CA ASN A 45 -2.84 -7.24 -7.17
C ASN A 45 -2.78 -6.32 -5.95
N MET A 46 -3.90 -6.22 -5.24
CA MET A 46 -3.98 -5.38 -4.05
C MET A 46 -3.63 -6.18 -2.80
N VAL A 47 -3.79 -7.50 -2.87
CA VAL A 47 -3.50 -8.37 -1.74
C VAL A 47 -2.10 -8.98 -1.87
N ASP A 48 -1.76 -9.38 -3.09
CA ASP A 48 -0.45 -9.98 -3.34
C ASP A 48 0.67 -8.99 -3.07
N VAL A 49 0.56 -7.80 -3.66
CA VAL A 49 1.56 -6.76 -3.46
C VAL A 49 1.69 -6.38 -2.00
N ALA A 50 0.55 -6.18 -1.35
CA ALA A 50 0.54 -5.81 0.07
C ALA A 50 1.21 -6.87 0.92
N LYS A 51 0.85 -8.13 0.69
CA LYS A 51 1.44 -9.23 1.43
C LYS A 51 2.96 -9.21 1.37
N ALA A 52 3.49 -8.79 0.22
CA ALA A 52 4.93 -8.70 0.02
C ALA A 52 5.57 -7.71 1.01
N LEU A 53 4.78 -6.72 1.41
CA LEU A 53 5.28 -5.70 2.35
C LEU A 53 4.93 -6.08 3.78
N ASN A 54 4.32 -7.26 3.95
CA ASN A 54 3.93 -7.73 5.27
C ASN A 54 2.90 -6.81 5.90
N ARG A 55 2.13 -6.11 5.07
CA ARG A 55 1.10 -5.20 5.54
C ARG A 55 -0.22 -5.45 4.84
N PRO A 56 -1.33 -5.17 5.54
CA PRO A 56 -2.68 -5.36 5.01
C PRO A 56 -3.01 -4.37 3.90
N PRO A 57 -3.83 -4.82 2.93
CA PRO A 57 -4.24 -3.99 1.79
C PRO A 57 -5.19 -2.88 2.22
N THR A 58 -5.82 -3.04 3.36
CA THR A 58 -6.75 -2.05 3.88
C THR A 58 -6.06 -0.73 4.15
N TYR A 59 -4.75 -0.79 4.36
CA TYR A 59 -3.97 0.42 4.63
C TYR A 59 -3.81 1.26 3.37
N PRO A 60 -3.20 0.67 2.33
CA PRO A 60 -2.96 1.35 1.05
C PRO A 60 -4.26 1.58 0.28
N THR A 61 -5.04 0.51 0.11
CA THR A 61 -6.30 0.59 -0.62
C THR A 61 -7.01 1.91 -0.33
N LYS A 62 -7.27 2.18 0.94
CA LYS A 62 -7.94 3.41 1.35
C LYS A 62 -7.17 4.63 0.89
N TYR A 63 -5.85 4.53 0.92
CA TYR A 63 -4.98 5.63 0.50
C TYR A 63 -5.36 6.11 -0.90
N PHE A 64 -5.23 5.22 -1.88
CA PHE A 64 -5.55 5.55 -3.26
C PHE A 64 -6.81 6.41 -3.34
N GLY A 65 -7.92 5.85 -2.85
CA GLY A 65 -9.17 6.58 -2.87
C GLY A 65 -9.10 7.89 -2.13
N CYS A 66 -8.40 7.90 -1.01
CA CYS A 66 -8.25 9.10 -0.20
C CYS A 66 -7.64 10.24 -1.01
N GLU A 67 -6.55 9.92 -1.72
CA GLU A 67 -5.87 10.91 -2.54
C GLU A 67 -6.72 11.30 -3.75
N LEU A 68 -7.36 10.31 -4.35
CA LEU A 68 -8.20 10.56 -5.53
C LEU A 68 -9.52 11.20 -5.12
N GLY A 69 -9.88 11.05 -3.84
CA GLY A 69 -11.12 11.64 -3.35
C GLY A 69 -12.34 10.97 -3.93
N ALA A 70 -12.20 9.71 -4.33
CA ALA A 70 -13.30 8.96 -4.91
C ALA A 70 -13.78 7.87 -3.96
N GLN A 71 -14.85 7.18 -4.34
CA GLN A 71 -15.42 6.12 -3.52
C GLN A 71 -14.57 4.85 -3.62
N THR A 72 -14.75 3.95 -2.65
CA THR A 72 -14.00 2.70 -2.62
C THR A 72 -14.83 1.58 -2.02
N GLN A 73 -14.49 0.34 -2.37
CA GLN A 73 -15.22 -0.82 -1.87
C GLN A 73 -14.26 -1.81 -1.22
N PHE A 74 -14.65 -2.32 -0.04
CA PHE A 74 -13.83 -3.27 0.68
C PHE A 74 -14.57 -4.59 0.87
N ASP A 75 -13.93 -5.68 0.46
CA ASP A 75 -14.53 -7.01 0.58
C ASP A 75 -13.46 -8.06 0.87
N VAL A 76 -13.42 -8.52 2.12
CA VAL A 76 -12.45 -9.53 2.52
C VAL A 76 -12.86 -10.92 2.04
N LYS A 77 -14.17 -11.16 1.98
CA LYS A 77 -14.69 -12.45 1.54
C LYS A 77 -14.07 -12.85 0.20
N ASN A 78 -14.11 -11.94 -0.77
CA ASN A 78 -13.56 -12.20 -2.09
C ASN A 78 -12.26 -11.43 -2.30
N ASP A 79 -11.80 -10.75 -1.25
CA ASP A 79 -10.57 -9.97 -1.31
C ASP A 79 -10.57 -9.06 -2.53
N ARG A 80 -11.72 -8.46 -2.82
CA ARG A 80 -11.86 -7.56 -3.96
C ARG A 80 -11.85 -6.11 -3.50
N TYR A 81 -10.90 -5.33 -4.03
CA TYR A 81 -10.77 -3.92 -3.68
C TYR A 81 -10.98 -3.04 -4.90
N ILE A 82 -12.02 -2.22 -4.87
CA ILE A 82 -12.33 -1.32 -5.97
C ILE A 82 -12.13 0.14 -5.57
N VAL A 83 -11.75 0.97 -6.54
CA VAL A 83 -11.52 2.38 -6.28
C VAL A 83 -12.16 3.24 -7.36
N ASN A 84 -13.34 3.77 -7.08
CA ASN A 84 -14.06 4.61 -8.03
C ASN A 84 -13.09 5.53 -8.77
N GLY A 85 -13.40 5.81 -10.03
CA GLY A 85 -12.56 6.68 -10.83
C GLY A 85 -11.64 5.90 -11.75
N SER A 86 -11.41 6.43 -12.95
CA SER A 86 -10.55 5.78 -13.93
C SER A 86 -9.08 6.03 -13.61
N HIS A 87 -8.35 4.94 -13.33
CA HIS A 87 -6.93 5.04 -13.00
C HIS A 87 -6.17 3.84 -13.57
N GLU A 88 -4.98 4.11 -14.10
CA GLU A 88 -4.15 3.05 -14.68
C GLU A 88 -3.05 2.65 -13.70
N ALA A 89 -2.74 1.35 -13.70
CA ALA A 89 -1.70 0.82 -12.81
C ALA A 89 -0.50 1.77 -12.74
N ASN A 90 -0.13 2.32 -13.89
CA ASN A 90 1.00 3.24 -13.97
C ASN A 90 0.81 4.42 -13.01
N LYS A 91 -0.41 4.94 -12.96
CA LYS A 91 -0.73 6.06 -12.09
C LYS A 91 -0.73 5.63 -10.62
N LEU A 92 -1.39 4.52 -10.34
CA LEU A 92 -1.47 4.00 -8.98
C LEU A 92 -0.08 3.74 -8.41
N GLN A 93 0.67 2.87 -9.08
CA GLN A 93 2.02 2.53 -8.64
C GLN A 93 2.82 3.80 -8.33
N ASP A 94 2.56 4.86 -9.08
CA ASP A 94 3.25 6.13 -8.88
C ASP A 94 2.85 6.76 -7.54
N MET A 95 1.59 6.59 -7.17
CA MET A 95 1.07 7.14 -5.92
C MET A 95 1.48 6.27 -4.75
N LEU A 96 1.19 4.98 -4.84
CA LEU A 96 1.53 4.04 -3.78
C LEU A 96 2.92 4.31 -3.23
N ASP A 97 3.78 4.90 -4.06
CA ASP A 97 5.15 5.21 -3.66
C ASP A 97 5.16 5.95 -2.33
N GLY A 98 4.41 7.04 -2.26
CA GLY A 98 4.35 7.82 -1.04
C GLY A 98 4.17 6.96 0.20
N PHE A 99 3.24 6.01 0.12
CA PHE A 99 2.97 5.12 1.24
C PHE A 99 4.19 4.27 1.57
N ILE A 100 4.58 3.44 0.62
CA ILE A 100 5.74 2.57 0.80
C ILE A 100 6.99 3.37 1.14
N LYS A 101 6.98 4.65 0.77
CA LYS A 101 8.11 5.53 1.02
C LYS A 101 8.30 5.75 2.52
N LYS A 102 7.22 5.60 3.27
CA LYS A 102 7.26 5.78 4.72
C LYS A 102 6.55 4.64 5.43
N PHE A 103 5.30 4.40 5.06
CA PHE A 103 4.51 3.33 5.66
C PHE A 103 5.28 2.02 5.66
N VAL A 104 6.33 1.95 4.84
CA VAL A 104 7.15 0.75 4.75
C VAL A 104 8.63 1.08 4.88
N LEU A 105 9.10 1.99 4.02
CA LEU A 105 10.51 2.40 4.04
C LEU A 105 10.81 3.20 5.30
N CYS A 106 12.06 3.16 5.73
CA CYS A 106 12.49 3.89 6.92
C CYS A 106 13.17 5.20 6.55
N PRO A 107 12.79 6.29 7.22
CA PRO A 107 13.35 7.62 6.97
C PRO A 107 14.80 7.73 7.42
N GLU A 108 15.36 6.62 7.85
CA GLU A 108 16.75 6.59 8.31
C GLU A 108 17.57 5.57 7.51
N CYS A 109 17.03 4.37 7.39
CA CYS A 109 17.71 3.30 6.66
C CYS A 109 16.85 2.80 5.51
N GLU A 110 15.82 3.57 5.16
CA GLU A 110 14.92 3.21 4.08
C GLU A 110 14.75 1.70 3.99
N ASN A 111 14.53 1.07 5.13
CA ASN A 111 14.35 -0.38 5.19
C ASN A 111 12.89 -0.76 4.94
N PRO A 112 12.68 -1.68 3.99
CA PRO A 112 11.34 -2.15 3.64
C PRO A 112 10.70 -2.99 4.74
N GLU A 113 11.43 -3.17 5.84
CA GLU A 113 10.94 -3.95 6.96
C GLU A 113 10.90 -3.11 8.24
N THR A 114 9.73 -2.54 8.52
CA THR A 114 9.55 -1.72 9.71
C THR A 114 8.30 -2.12 10.49
N ASP A 115 8.06 -1.44 11.61
CA ASP A 115 6.90 -1.73 12.43
C ASP A 115 6.04 -0.48 12.61
N LEU A 116 4.74 -0.69 12.81
CA LEU A 116 3.82 0.43 13.00
C LEU A 116 3.06 0.29 14.32
N HIS A 117 2.81 1.42 14.97
CA HIS A 117 2.09 1.42 16.25
C HIS A 117 0.87 2.32 16.17
N VAL A 118 -0.19 1.92 16.87
CA VAL A 118 -1.43 2.69 16.88
C VAL A 118 -1.85 3.04 18.30
N ASN A 119 -2.43 4.22 18.48
CA ASN A 119 -2.88 4.67 19.79
C ASN A 119 -4.27 5.28 19.71
N PRO A 120 -5.27 4.56 20.24
CA PRO A 120 -6.66 5.01 20.24
C PRO A 120 -6.88 6.19 21.19
N LYS A 121 -6.06 6.28 22.22
CA LYS A 121 -6.17 7.36 23.20
C LYS A 121 -5.56 8.64 22.65
N LYS A 122 -4.29 8.58 22.26
CA LYS A 122 -3.59 9.74 21.71
C LYS A 122 -4.02 10.01 20.28
N GLN A 123 -4.75 9.05 19.70
CA GLN A 123 -5.23 9.19 18.33
C GLN A 123 -4.08 9.57 17.38
N THR A 124 -2.95 8.89 17.54
CA THR A 124 -1.78 9.16 16.71
C THR A 124 -1.05 7.87 16.34
N ILE A 125 -0.44 7.86 15.17
CA ILE A 125 0.29 6.68 14.70
C ILE A 125 1.79 6.86 14.87
N GLY A 126 2.48 5.78 15.21
CA GLY A 126 3.92 5.85 15.40
C GLY A 126 4.63 4.61 14.86
N ASN A 127 5.62 4.83 13.99
CA ASN A 127 6.38 3.73 13.41
C ASN A 127 7.69 3.53 14.15
N SER A 128 8.11 2.27 14.25
CA SER A 128 9.36 1.93 14.93
C SER A 128 10.18 0.94 14.11
N CYS A 129 11.32 1.39 13.61
CA CYS A 129 12.20 0.54 12.81
C CYS A 129 13.16 -0.25 13.70
N LYS A 130 13.67 -1.36 13.18
CA LYS A 130 14.60 -2.20 13.92
C LYS A 130 15.97 -2.21 13.26
N ALA A 131 15.98 -2.21 11.93
CA ALA A 131 17.23 -2.21 11.18
C ALA A 131 18.22 -1.19 11.73
N CYS A 132 17.72 0.01 12.02
CA CYS A 132 18.56 1.08 12.56
C CYS A 132 18.11 1.47 13.96
N GLY A 133 16.80 1.47 14.17
CA GLY A 133 16.26 1.83 15.48
C GLY A 133 15.71 3.23 15.50
N TYR A 134 14.95 3.61 14.48
CA TYR A 134 14.37 4.93 14.39
C TYR A 134 12.91 4.92 14.82
N ARG A 135 12.53 5.88 15.65
CA ARG A 135 11.16 5.99 16.13
C ARG A 135 10.61 7.38 15.91
N GLY A 136 9.52 7.47 15.14
CA GLY A 136 8.91 8.76 14.85
C GLY A 136 7.40 8.66 14.71
N MET A 137 6.72 9.78 14.96
CA MET A 137 5.26 9.81 14.86
C MET A 137 4.83 10.14 13.44
N LEU A 138 3.90 9.36 12.91
CA LEU A 138 3.39 9.58 11.56
C LEU A 138 2.13 10.45 11.57
N ASP A 139 2.06 11.36 10.61
CA ASP A 139 0.92 12.27 10.52
C ASP A 139 0.29 12.19 9.12
N THR A 140 -0.74 11.37 8.99
CA THR A 140 -1.43 11.21 7.71
C THR A 140 -2.81 11.87 7.74
N HIS A 141 -3.23 12.39 6.60
CA HIS A 141 -4.53 13.04 6.49
C HIS A 141 -5.55 12.37 7.40
N HIS A 142 -6.20 13.16 8.26
CA HIS A 142 -7.21 12.63 9.18
C HIS A 142 -8.13 11.65 8.46
N LYS A 143 -8.42 11.94 7.19
CA LYS A 143 -9.30 11.09 6.40
C LYS A 143 -8.93 9.62 6.56
N LEU A 144 -7.63 9.32 6.44
CA LEU A 144 -7.15 7.96 6.58
C LEU A 144 -6.71 7.67 8.01
N CYS A 145 -5.85 8.54 8.55
CA CYS A 145 -5.35 8.38 9.90
C CYS A 145 -6.46 7.93 10.84
N THR A 146 -7.68 8.40 10.59
CA THR A 146 -8.82 8.05 11.41
C THR A 146 -9.16 6.57 11.28
N PHE A 147 -9.29 6.11 10.04
CA PHE A 147 -9.61 4.71 9.78
C PHE A 147 -8.60 3.78 10.46
N ILE A 148 -7.33 4.12 10.35
CA ILE A 148 -6.27 3.32 10.97
C ILE A 148 -6.52 3.13 12.46
N LEU A 149 -6.89 4.21 13.13
CA LEU A 149 -7.16 4.16 14.57
C LEU A 149 -8.35 3.26 14.86
N LYS A 150 -9.52 3.64 14.35
CA LYS A 150 -10.74 2.86 14.56
C LYS A 150 -10.48 1.37 14.36
N ASN A 151 -9.77 1.04 13.29
CA ASN A 151 -9.45 -0.36 12.99
C ASN A 151 -7.95 -0.60 13.08
N PRO A 152 -7.51 -1.20 14.21
CA PRO A 152 -6.09 -1.50 14.44
C PRO A 152 -5.58 -2.61 13.53
N PRO A 153 -4.25 -2.81 13.53
CA PRO A 153 -3.60 -3.84 12.70
C PRO A 153 -3.91 -5.24 13.19
N GLU A 154 -4.22 -6.13 12.25
CA GLU A 154 -4.53 -7.52 12.59
C GLU A 154 -3.31 -8.41 12.40
N ASN A 155 -2.97 -9.18 13.43
CA ASN A 155 -1.83 -10.07 13.37
C ASN A 155 -2.03 -11.15 12.31
N SER A 156 -1.44 -10.94 11.13
CA SER A 156 -1.56 -11.89 10.04
C SER A 156 -0.18 -12.27 9.49
N ASP A 157 0.74 -12.57 10.39
CA ASP A 157 2.09 -12.95 10.00
C ASP A 157 2.30 -14.45 10.18
ZN ZN B . 15.59 2.31 10.10
N GLY A 1 1.75 -28.06 -8.20
CA GLY A 1 2.74 -28.38 -7.20
C GLY A 1 3.21 -27.16 -6.44
N SER A 2 4.43 -26.71 -6.75
CA SER A 2 5.01 -25.54 -6.07
C SER A 2 5.02 -24.33 -7.01
N SER A 3 4.01 -23.49 -6.88
CA SER A 3 3.89 -22.29 -7.72
C SER A 3 5.25 -21.60 -7.85
N GLY A 4 5.43 -20.89 -8.96
CA GLY A 4 6.68 -20.18 -9.18
C GLY A 4 6.56 -18.69 -8.97
N SER A 5 6.65 -17.92 -10.05
CA SER A 5 6.54 -16.47 -9.97
C SER A 5 5.33 -15.96 -10.75
N SER A 6 4.32 -15.50 -10.02
CA SER A 6 3.11 -15.00 -10.64
C SER A 6 3.43 -14.15 -11.87
N GLY A 7 4.34 -13.20 -11.69
CA GLY A 7 4.73 -12.33 -12.79
C GLY A 7 5.95 -11.50 -12.47
N MET A 8 6.33 -10.62 -13.39
CA MET A 8 7.49 -9.75 -13.20
C MET A 8 7.35 -8.94 -11.92
N SER A 9 8.48 -8.54 -11.35
CA SER A 9 8.49 -7.76 -10.12
C SER A 9 9.57 -6.69 -10.16
N VAL A 10 9.21 -5.48 -9.75
CA VAL A 10 10.15 -4.36 -9.74
C VAL A 10 10.67 -4.09 -8.33
N ASN A 11 11.89 -3.56 -8.25
CA ASN A 11 12.50 -3.26 -6.96
C ASN A 11 11.53 -2.50 -6.06
N VAL A 12 11.44 -2.94 -4.80
CA VAL A 12 10.55 -2.31 -3.84
C VAL A 12 10.46 -0.81 -4.07
N ASN A 13 11.61 -0.18 -4.33
CA ASN A 13 11.65 1.25 -4.57
C ASN A 13 12.36 1.56 -5.89
N ARG A 14 11.74 2.44 -6.69
CA ARG A 14 12.30 2.81 -7.98
C ARG A 14 13.36 3.90 -7.82
N SER A 15 14.09 3.85 -6.71
CA SER A 15 15.12 4.84 -6.44
C SER A 15 16.50 4.18 -6.38
N VAL A 16 16.52 2.91 -5.99
CA VAL A 16 17.77 2.16 -5.90
C VAL A 16 18.21 1.65 -7.27
N SER A 17 19.51 1.63 -7.51
CA SER A 17 20.06 1.17 -8.78
C SER A 17 21.07 0.04 -8.55
N ASP A 18 20.76 -0.83 -7.60
CA ASP A 18 21.63 -1.96 -7.28
C ASP A 18 20.91 -3.29 -7.50
N GLN A 19 21.62 -4.25 -8.08
CA GLN A 19 21.04 -5.56 -8.34
C GLN A 19 21.19 -6.47 -7.12
N PHE A 20 20.92 -5.93 -5.94
CA PHE A 20 21.03 -6.70 -4.71
C PHE A 20 19.70 -6.70 -3.95
N TYR A 21 18.99 -5.58 -4.01
CA TYR A 21 17.72 -5.45 -3.33
C TYR A 21 16.95 -6.78 -3.34
N ARG A 22 17.07 -7.53 -2.26
CA ARG A 22 16.40 -8.82 -2.14
C ARG A 22 14.89 -8.64 -2.23
N TYR A 23 14.30 -8.05 -1.21
CA TYR A 23 12.85 -7.83 -1.17
C TYR A 23 12.36 -7.25 -2.49
N LYS A 24 11.22 -7.73 -2.96
CA LYS A 24 10.64 -7.25 -4.20
C LYS A 24 9.11 -7.19 -4.11
N MET A 25 8.48 -6.65 -5.14
CA MET A 25 7.03 -6.53 -5.18
C MET A 25 6.51 -6.60 -6.62
N PRO A 26 5.47 -7.41 -6.83
CA PRO A 26 4.86 -7.57 -8.16
C PRO A 26 4.10 -6.32 -8.60
N ARG A 27 4.31 -5.92 -9.85
CA ARG A 27 3.65 -4.74 -10.40
C ARG A 27 2.14 -4.85 -10.26
N LEU A 28 1.58 -4.07 -9.34
CA LEU A 28 0.13 -4.09 -9.12
C LEU A 28 -0.63 -4.02 -10.44
N ILE A 29 -1.79 -4.66 -10.47
CA ILE A 29 -2.61 -4.68 -11.68
C ILE A 29 -3.89 -3.88 -11.47
N ALA A 30 -4.30 -3.15 -12.51
CA ALA A 30 -5.51 -2.33 -12.44
C ALA A 30 -6.50 -2.74 -13.53
N LYS A 31 -7.72 -3.08 -13.11
CA LYS A 31 -8.75 -3.48 -14.05
C LYS A 31 -9.74 -2.34 -14.29
N VAL A 32 -10.03 -2.08 -15.56
CA VAL A 32 -10.96 -1.01 -15.93
C VAL A 32 -11.92 -1.48 -17.02
N GLU A 33 -13.19 -1.11 -16.88
CA GLU A 33 -14.21 -1.49 -17.85
C GLU A 33 -15.13 -0.31 -18.16
N GLY A 34 -15.40 -0.10 -19.44
CA GLY A 34 -16.27 0.99 -19.85
C GLY A 34 -15.63 2.35 -19.63
N LYS A 35 -16.19 3.38 -20.25
CA LYS A 35 -15.68 4.74 -20.12
C LYS A 35 -16.80 5.71 -19.77
N GLY A 36 -16.85 6.14 -18.51
CA GLY A 36 -17.87 7.06 -18.08
C GLY A 36 -19.17 6.37 -17.71
N ASN A 37 -19.45 5.25 -18.37
CA ASN A 37 -20.66 4.49 -18.11
C ASN A 37 -20.45 3.51 -16.95
N GLY A 38 -19.67 3.93 -15.97
CA GLY A 38 -19.41 3.08 -14.82
C GLY A 38 -17.98 2.61 -14.76
N ILE A 39 -17.06 3.43 -15.26
CA ILE A 39 -15.65 3.10 -15.27
C ILE A 39 -15.05 3.19 -13.86
N LYS A 40 -14.33 2.16 -13.47
CA LYS A 40 -13.70 2.12 -12.14
C LYS A 40 -12.37 1.38 -12.20
N THR A 41 -11.53 1.60 -11.19
CA THR A 41 -10.23 0.96 -11.11
C THR A 41 -10.20 -0.10 -10.01
N VAL A 42 -10.15 -1.36 -10.43
CA VAL A 42 -10.11 -2.47 -9.48
C VAL A 42 -8.71 -3.05 -9.36
N ILE A 43 -8.06 -2.79 -8.24
CA ILE A 43 -6.70 -3.29 -8.01
C ILE A 43 -6.72 -4.80 -7.72
N VAL A 44 -6.81 -5.59 -8.78
CA VAL A 44 -6.82 -7.04 -8.64
C VAL A 44 -5.64 -7.53 -7.81
N ASN A 45 -4.45 -7.08 -8.19
CA ASN A 45 -3.23 -7.46 -7.48
C ASN A 45 -2.98 -6.56 -6.27
N MET A 46 -4.02 -6.35 -5.48
CA MET A 46 -3.92 -5.50 -4.29
C MET A 46 -3.41 -6.30 -3.09
N VAL A 47 -4.00 -7.47 -2.88
CA VAL A 47 -3.61 -8.33 -1.76
C VAL A 47 -2.19 -8.87 -1.97
N ASP A 48 -1.86 -9.17 -3.21
CA ASP A 48 -0.53 -9.69 -3.54
C ASP A 48 0.56 -8.72 -3.08
N VAL A 49 0.65 -7.58 -3.74
CA VAL A 49 1.64 -6.57 -3.39
C VAL A 49 1.66 -6.30 -1.89
N ALA A 50 0.48 -6.25 -1.29
CA ALA A 50 0.35 -6.01 0.14
C ALA A 50 1.00 -7.13 0.95
N LYS A 51 0.82 -8.36 0.49
CA LYS A 51 1.38 -9.52 1.17
C LYS A 51 2.90 -9.45 1.19
N ALA A 52 3.48 -9.04 0.07
CA ALA A 52 4.93 -8.91 -0.03
C ALA A 52 5.48 -7.87 0.94
N LEU A 53 4.71 -6.80 1.14
CA LEU A 53 5.12 -5.74 2.05
C LEU A 53 4.76 -6.07 3.49
N ASN A 54 4.45 -7.35 3.73
CA ASN A 54 4.09 -7.81 5.06
C ASN A 54 3.07 -6.87 5.71
N ARG A 55 2.23 -6.26 4.88
CA ARG A 55 1.21 -5.34 5.36
C ARG A 55 -0.11 -5.56 4.64
N PRO A 56 -1.23 -5.27 5.32
CA PRO A 56 -2.56 -5.42 4.77
C PRO A 56 -2.86 -4.40 3.68
N PRO A 57 -3.65 -4.82 2.66
CA PRO A 57 -4.02 -3.95 1.54
C PRO A 57 -4.97 -2.84 1.96
N THR A 58 -5.37 -2.85 3.23
CA THR A 58 -6.28 -1.84 3.75
C THR A 58 -5.57 -0.51 3.93
N TYR A 59 -4.28 -0.56 4.24
CA TYR A 59 -3.49 0.65 4.45
C TYR A 59 -3.32 1.42 3.15
N PRO A 60 -2.79 0.74 2.13
CA PRO A 60 -2.57 1.33 0.80
C PRO A 60 -3.87 1.62 0.07
N THR A 61 -4.74 0.62 -0.02
CA THR A 61 -6.01 0.77 -0.70
C THR A 61 -6.73 2.04 -0.25
N LYS A 62 -6.82 2.23 1.06
CA LYS A 62 -7.47 3.42 1.62
C LYS A 62 -6.81 4.69 1.10
N TYR A 63 -5.51 4.62 0.84
CA TYR A 63 -4.76 5.78 0.36
C TYR A 63 -5.26 6.20 -1.02
N PHE A 64 -5.24 5.27 -1.97
CA PHE A 64 -5.69 5.55 -3.32
C PHE A 64 -6.95 6.41 -3.32
N GLY A 65 -8.00 5.90 -2.66
CA GLY A 65 -9.25 6.63 -2.60
C GLY A 65 -9.06 8.06 -2.12
N CYS A 66 -8.25 8.23 -1.08
CA CYS A 66 -7.97 9.55 -0.52
C CYS A 66 -7.41 10.48 -1.59
N GLU A 67 -6.30 10.08 -2.19
CA GLU A 67 -5.65 10.88 -3.22
C GLU A 67 -6.60 11.12 -4.40
N LEU A 68 -7.34 10.08 -4.79
CA LEU A 68 -8.28 10.18 -5.89
C LEU A 68 -9.52 10.97 -5.49
N GLY A 69 -9.81 10.99 -4.19
CA GLY A 69 -10.96 11.71 -3.69
C GLY A 69 -12.27 11.04 -4.05
N ALA A 70 -12.27 9.71 -4.07
CA ALA A 70 -13.47 8.95 -4.41
C ALA A 70 -13.76 7.89 -3.35
N GLN A 71 -14.82 7.12 -3.57
CA GLN A 71 -15.20 6.07 -2.65
C GLN A 71 -14.61 4.73 -3.06
N THR A 72 -14.33 3.88 -2.08
CA THR A 72 -13.75 2.57 -2.35
C THR A 72 -14.65 1.45 -1.83
N GLN A 73 -14.38 0.22 -2.26
CA GLN A 73 -15.17 -0.93 -1.84
C GLN A 73 -14.27 -2.02 -1.25
N PHE A 74 -14.50 -2.34 0.02
CA PHE A 74 -13.71 -3.37 0.70
C PHE A 74 -14.53 -4.63 0.91
N ASP A 75 -14.08 -5.74 0.34
CA ASP A 75 -14.77 -7.02 0.47
C ASP A 75 -13.81 -8.12 0.87
N VAL A 76 -13.55 -8.23 2.17
CA VAL A 76 -12.64 -9.25 2.68
C VAL A 76 -13.10 -10.65 2.29
N LYS A 77 -14.42 -10.84 2.22
CA LYS A 77 -14.99 -12.13 1.85
C LYS A 77 -14.40 -12.63 0.55
N ASN A 78 -14.38 -11.77 -0.46
CA ASN A 78 -13.83 -12.13 -1.76
C ASN A 78 -12.50 -11.43 -2.01
N ASP A 79 -11.89 -10.94 -0.93
CA ASP A 79 -10.61 -10.26 -1.02
C ASP A 79 -10.54 -9.37 -2.28
N ARG A 80 -11.67 -8.75 -2.61
CA ARG A 80 -11.74 -7.89 -3.78
C ARG A 80 -11.76 -6.43 -3.37
N TYR A 81 -10.88 -5.63 -3.96
CA TYR A 81 -10.79 -4.21 -3.65
C TYR A 81 -11.01 -3.37 -4.90
N ILE A 82 -12.00 -2.47 -4.84
CA ILE A 82 -12.32 -1.61 -5.96
C ILE A 82 -12.10 -0.14 -5.61
N VAL A 83 -11.87 0.68 -6.62
CA VAL A 83 -11.65 2.11 -6.42
C VAL A 83 -12.40 2.94 -7.45
N ASN A 84 -13.38 3.70 -6.99
CA ASN A 84 -14.18 4.54 -7.88
C ASN A 84 -13.30 5.50 -8.66
N GLY A 85 -13.63 5.70 -9.94
CA GLY A 85 -12.86 6.60 -10.77
C GLY A 85 -11.93 5.85 -11.71
N SER A 86 -11.61 6.47 -12.84
CA SER A 86 -10.74 5.85 -13.84
C SER A 86 -9.28 6.17 -13.54
N HIS A 87 -8.47 5.11 -13.37
CA HIS A 87 -7.06 5.28 -13.08
C HIS A 87 -6.25 4.12 -13.67
N GLU A 88 -5.23 4.46 -14.45
CA GLU A 88 -4.38 3.45 -15.07
C GLU A 88 -3.36 2.91 -14.07
N ALA A 89 -3.11 1.61 -14.14
CA ALA A 89 -2.15 0.96 -13.24
C ALA A 89 -0.93 1.85 -13.02
N ASN A 90 -0.34 2.32 -14.11
CA ASN A 90 0.83 3.18 -14.03
C ASN A 90 0.67 4.24 -12.96
N LYS A 91 -0.43 4.99 -13.03
CA LYS A 91 -0.72 6.03 -12.06
C LYS A 91 -0.74 5.47 -10.63
N LEU A 92 -1.57 4.45 -10.42
CA LEU A 92 -1.68 3.82 -9.12
C LEU A 92 -0.30 3.58 -8.50
N GLN A 93 0.54 2.87 -9.24
CA GLN A 93 1.89 2.57 -8.77
C GLN A 93 2.64 3.85 -8.42
N ASP A 94 2.38 4.91 -9.18
CA ASP A 94 3.03 6.20 -8.94
C ASP A 94 2.61 6.78 -7.60
N MET A 95 1.30 6.80 -7.35
CA MET A 95 0.77 7.35 -6.11
C MET A 95 1.16 6.46 -4.93
N LEU A 96 0.82 5.18 -5.01
CA LEU A 96 1.14 4.24 -3.95
C LEU A 96 2.54 4.47 -3.40
N ASP A 97 3.49 4.66 -4.30
CA ASP A 97 4.88 4.90 -3.92
C ASP A 97 4.95 5.71 -2.62
N GLY A 98 4.42 6.92 -2.66
CA GLY A 98 4.43 7.77 -1.48
C GLY A 98 4.20 6.99 -0.21
N PHE A 99 3.12 6.22 -0.17
CA PHE A 99 2.79 5.42 1.01
C PHE A 99 3.96 4.54 1.42
N ILE A 100 4.37 3.67 0.50
CA ILE A 100 5.49 2.76 0.76
C ILE A 100 6.76 3.53 1.07
N LYS A 101 6.83 4.77 0.58
CA LYS A 101 7.99 5.62 0.80
C LYS A 101 8.25 5.82 2.30
N LYS A 102 7.19 5.71 3.10
CA LYS A 102 7.31 5.88 4.53
C LYS A 102 6.55 4.78 5.27
N PHE A 103 5.25 4.68 5.00
CA PHE A 103 4.40 3.67 5.63
C PHE A 103 5.07 2.29 5.59
N VAL A 104 6.03 2.14 4.66
CA VAL A 104 6.74 0.88 4.52
C VAL A 104 8.24 1.07 4.73
N LEU A 105 8.84 1.97 3.94
CA LEU A 105 10.27 2.25 4.05
C LEU A 105 10.58 3.05 5.31
N CYS A 106 11.84 3.04 5.71
CA CYS A 106 12.27 3.76 6.91
C CYS A 106 12.91 5.09 6.54
N PRO A 107 12.51 6.16 7.25
CA PRO A 107 13.04 7.50 7.01
C PRO A 107 14.49 7.64 7.43
N GLU A 108 15.11 6.53 7.82
CA GLU A 108 16.50 6.52 8.25
C GLU A 108 17.31 5.50 7.46
N CYS A 109 16.80 4.28 7.41
CA CYS A 109 17.47 3.20 6.68
C CYS A 109 16.65 2.76 5.48
N GLU A 110 15.58 3.48 5.19
CA GLU A 110 14.70 3.17 4.07
C GLU A 110 14.54 1.66 3.91
N ASN A 111 14.26 0.99 5.03
CA ASN A 111 14.08 -0.46 5.02
C ASN A 111 12.60 -0.82 5.01
N PRO A 112 12.22 -1.75 4.11
CA PRO A 112 10.84 -2.21 3.98
C PRO A 112 10.38 -3.03 5.18
N GLU A 113 11.25 -3.16 6.18
CA GLU A 113 10.93 -3.92 7.38
C GLU A 113 10.79 -2.99 8.58
N THR A 114 9.57 -2.51 8.81
CA THR A 114 9.29 -1.62 9.93
C THR A 114 7.96 -1.96 10.59
N ASP A 115 7.74 -1.43 11.79
CA ASP A 115 6.52 -1.67 12.53
C ASP A 115 5.70 -0.39 12.67
N LEU A 116 4.39 -0.52 12.55
CA LEU A 116 3.50 0.64 12.67
C LEU A 116 2.57 0.48 13.87
N HIS A 117 2.65 1.42 14.80
CA HIS A 117 1.80 1.38 15.99
C HIS A 117 0.79 2.53 15.97
N VAL A 118 -0.40 2.28 16.51
CA VAL A 118 -1.45 3.28 16.55
C VAL A 118 -1.92 3.52 17.97
N ASN A 119 -2.11 4.78 18.33
CA ASN A 119 -2.56 5.15 19.67
C ASN A 119 -3.99 5.69 19.64
N PRO A 120 -4.94 4.88 20.12
CA PRO A 120 -6.35 5.25 20.15
C PRO A 120 -6.64 6.35 21.18
N LYS A 121 -5.66 6.63 22.02
CA LYS A 121 -5.79 7.65 23.04
C LYS A 121 -5.23 8.99 22.56
N LYS A 122 -3.95 9.02 22.24
CA LYS A 122 -3.30 10.22 21.76
C LYS A 122 -3.58 10.44 20.28
N GLN A 123 -4.53 9.68 19.74
CA GLN A 123 -4.88 9.78 18.33
C GLN A 123 -3.65 10.01 17.47
N THR A 124 -2.58 9.26 17.75
CA THR A 124 -1.34 9.39 17.01
C THR A 124 -0.88 8.03 16.48
N ILE A 125 0.17 8.04 15.66
CA ILE A 125 0.71 6.81 15.11
C ILE A 125 2.24 6.82 15.12
N GLY A 126 2.82 5.90 15.88
CA GLY A 126 4.26 5.82 15.97
C GLY A 126 4.81 4.55 15.34
N ASN A 127 5.94 4.67 14.65
CA ASN A 127 6.57 3.52 14.01
C ASN A 127 7.91 3.19 14.66
N SER A 128 8.25 1.90 14.68
CA SER A 128 9.50 1.46 15.28
C SER A 128 10.24 0.51 14.34
N CYS A 129 11.46 0.88 13.98
CA CYS A 129 12.28 0.07 13.08
C CYS A 129 13.38 -0.65 13.85
N LYS A 130 13.90 -1.72 13.27
CA LYS A 130 14.96 -2.49 13.91
C LYS A 130 16.25 -2.41 13.09
N ALA A 131 16.11 -2.42 11.77
CA ALA A 131 17.25 -2.35 10.88
C ALA A 131 18.28 -1.33 11.38
N CYS A 132 17.79 -0.15 11.75
CA CYS A 132 18.67 0.91 12.26
C CYS A 132 18.29 1.28 13.69
N GLY A 133 17.00 1.30 13.97
CA GLY A 133 16.53 1.65 15.30
C GLY A 133 15.92 3.03 15.36
N TYR A 134 15.06 3.33 14.39
CA TYR A 134 14.40 4.63 14.33
C TYR A 134 13.01 4.56 14.97
N ARG A 135 12.77 5.43 15.94
CA ARG A 135 11.49 5.46 16.62
C ARG A 135 10.97 6.90 16.72
N GLY A 136 9.83 7.14 16.09
CA GLY A 136 9.24 8.48 16.11
C GLY A 136 7.72 8.45 16.01
N MET A 137 7.14 9.55 15.56
CA MET A 137 5.69 9.65 15.42
C MET A 137 5.31 10.09 14.01
N LEU A 138 4.60 9.23 13.29
CA LEU A 138 4.18 9.54 11.93
C LEU A 138 3.15 10.66 11.92
N ASP A 139 3.38 11.66 11.08
CA ASP A 139 2.47 12.79 10.97
C ASP A 139 1.03 12.31 10.75
N THR A 140 0.28 12.20 11.84
CA THR A 140 -1.11 11.76 11.76
C THR A 140 -1.77 12.23 10.47
N HIS A 141 -2.09 11.29 9.60
CA HIS A 141 -2.73 11.61 8.32
C HIS A 141 -3.97 12.47 8.54
N HIS A 142 -4.69 12.73 7.46
CA HIS A 142 -5.90 13.55 7.54
C HIS A 142 -7.14 12.67 7.74
N LYS A 143 -7.45 11.85 6.73
CA LYS A 143 -8.60 10.96 6.80
C LYS A 143 -8.19 9.56 7.22
N LEU A 144 -7.28 8.97 6.46
CA LEU A 144 -6.79 7.62 6.76
C LEU A 144 -6.66 7.41 8.26
N CYS A 145 -6.03 8.37 8.94
CA CYS A 145 -5.84 8.29 10.38
C CYS A 145 -7.10 7.75 11.06
N THR A 146 -8.25 8.29 10.70
CA THR A 146 -9.51 7.87 11.28
C THR A 146 -9.69 6.36 11.16
N PHE A 147 -9.45 5.83 9.97
CA PHE A 147 -9.58 4.40 9.73
C PHE A 147 -8.56 3.61 10.56
N ILE A 148 -7.30 4.00 10.45
CA ILE A 148 -6.23 3.34 11.19
C ILE A 148 -6.56 3.26 12.68
N LEU A 149 -7.03 4.37 13.23
CA LEU A 149 -7.38 4.43 14.65
C LEU A 149 -8.55 3.49 14.96
N LYS A 150 -9.64 3.66 14.22
CA LYS A 150 -10.82 2.82 14.42
C LYS A 150 -10.45 1.34 14.41
N ASN A 151 -9.64 0.94 13.43
CA ASN A 151 -9.22 -0.45 13.31
C ASN A 151 -7.69 -0.55 13.30
N PRO A 152 -7.12 -0.94 14.44
CA PRO A 152 -5.66 -1.09 14.57
C PRO A 152 -5.12 -2.27 13.77
N PRO A 153 -3.78 -2.35 13.68
CA PRO A 153 -3.11 -3.42 12.94
C PRO A 153 -3.24 -4.77 13.65
N GLU A 154 -3.15 -5.85 12.87
CA GLU A 154 -3.26 -7.20 13.41
C GLU A 154 -2.03 -7.55 14.25
N ASN A 155 -2.21 -8.45 15.21
CA ASN A 155 -1.12 -8.86 16.07
C ASN A 155 -0.89 -10.37 15.97
N SER A 156 -0.92 -10.89 14.75
CA SER A 156 -0.74 -12.32 14.52
C SER A 156 0.69 -12.73 14.86
N ASP A 157 0.82 -13.66 15.81
CA ASP A 157 2.14 -14.15 16.23
C ASP A 157 2.72 -15.09 15.19
ZN ZN B . 15.32 2.12 10.16
N GLY A 1 12.30 -33.48 -17.11
CA GLY A 1 12.53 -32.34 -17.98
C GLY A 1 13.10 -31.15 -17.24
N SER A 2 12.36 -30.03 -17.24
CA SER A 2 12.81 -28.82 -16.56
C SER A 2 11.64 -28.12 -15.88
N SER A 3 11.84 -27.75 -14.62
CA SER A 3 10.81 -27.07 -13.84
C SER A 3 11.40 -26.44 -12.59
N GLY A 4 11.16 -25.14 -12.43
CA GLY A 4 11.67 -24.44 -11.26
C GLY A 4 10.87 -23.19 -10.94
N SER A 5 11.56 -22.07 -10.79
CA SER A 5 10.90 -20.81 -10.47
C SER A 5 11.19 -19.76 -11.54
N SER A 6 10.26 -18.82 -11.71
CA SER A 6 10.41 -17.77 -12.71
C SER A 6 9.47 -16.61 -12.41
N GLY A 7 9.98 -15.39 -12.54
CA GLY A 7 9.17 -14.21 -12.29
C GLY A 7 9.95 -12.92 -12.46
N MET A 8 9.27 -11.89 -12.95
CA MET A 8 9.91 -10.60 -13.16
C MET A 8 9.23 -9.51 -12.33
N SER A 9 9.98 -8.89 -11.43
CA SER A 9 9.46 -7.84 -10.57
C SER A 9 10.37 -6.62 -10.59
N VAL A 10 9.88 -5.52 -10.03
CA VAL A 10 10.65 -4.28 -9.98
C VAL A 10 11.08 -3.96 -8.55
N ASN A 11 11.97 -2.99 -8.41
CA ASN A 11 12.47 -2.59 -7.10
C ASN A 11 11.34 -2.15 -6.20
N VAL A 12 11.41 -2.53 -4.92
CA VAL A 12 10.39 -2.17 -3.95
C VAL A 12 9.90 -0.74 -4.17
N ASN A 13 10.83 0.14 -4.51
CA ASN A 13 10.50 1.55 -4.75
C ASN A 13 10.85 1.96 -6.18
N ARG A 14 10.27 3.06 -6.64
CA ARG A 14 10.54 3.56 -7.99
C ARG A 14 11.71 4.52 -7.98
N SER A 15 11.75 5.41 -6.99
CA SER A 15 12.82 6.39 -6.87
C SER A 15 13.93 5.88 -5.95
N VAL A 16 14.34 4.64 -6.16
CA VAL A 16 15.38 4.03 -5.35
C VAL A 16 16.74 4.08 -6.07
N SER A 17 17.76 4.53 -5.35
CA SER A 17 19.10 4.64 -5.91
C SER A 17 19.69 3.26 -6.18
N ASP A 18 19.47 2.33 -5.25
CA ASP A 18 19.98 0.98 -5.40
C ASP A 18 19.37 0.29 -6.62
N GLN A 19 20.22 -0.12 -7.55
CA GLN A 19 19.77 -0.78 -8.76
C GLN A 19 19.43 -2.25 -8.48
N PHE A 20 20.26 -2.90 -7.69
CA PHE A 20 20.05 -4.30 -7.33
C PHE A 20 19.26 -4.43 -6.04
N TYR A 21 18.27 -3.57 -5.87
CA TYR A 21 17.44 -3.57 -4.67
C TYR A 21 17.22 -5.00 -4.17
N ARG A 22 17.65 -5.27 -2.94
CA ARG A 22 17.50 -6.59 -2.35
C ARG A 22 16.07 -7.08 -2.48
N TYR A 23 15.16 -6.44 -1.76
CA TYR A 23 13.75 -6.81 -1.78
C TYR A 23 13.11 -6.42 -3.11
N LYS A 24 12.04 -7.13 -3.48
CA LYS A 24 11.34 -6.87 -4.73
C LYS A 24 9.84 -7.09 -4.56
N MET A 25 9.06 -6.49 -5.45
CA MET A 25 7.60 -6.63 -5.41
C MET A 25 7.01 -6.69 -6.81
N PRO A 26 5.95 -7.48 -6.98
CA PRO A 26 5.28 -7.63 -8.27
C PRO A 26 4.52 -6.38 -8.68
N ARG A 27 4.58 -6.06 -9.97
CA ARG A 27 3.90 -4.87 -10.50
C ARG A 27 2.39 -5.01 -10.34
N LEU A 28 1.79 -4.11 -9.57
CA LEU A 28 0.35 -4.13 -9.35
C LEU A 28 -0.41 -4.01 -10.66
N ILE A 29 -1.57 -4.65 -10.73
CA ILE A 29 -2.39 -4.62 -11.93
C ILE A 29 -3.72 -3.93 -11.68
N ALA A 30 -4.22 -3.20 -12.67
CA ALA A 30 -5.49 -2.50 -12.55
C ALA A 30 -6.42 -2.86 -13.69
N LYS A 31 -7.68 -3.16 -13.35
CA LYS A 31 -8.67 -3.52 -14.35
C LYS A 31 -9.74 -2.43 -14.48
N VAL A 32 -10.06 -2.08 -15.72
CA VAL A 32 -11.06 -1.06 -15.98
C VAL A 32 -12.03 -1.50 -17.07
N GLU A 33 -13.30 -1.14 -16.90
CA GLU A 33 -14.33 -1.51 -17.87
C GLU A 33 -15.35 -0.38 -18.03
N GLY A 34 -15.73 -0.11 -19.28
CA GLY A 34 -16.69 0.94 -19.55
C GLY A 34 -16.05 2.32 -19.55
N LYS A 35 -16.74 3.28 -20.16
CA LYS A 35 -16.23 4.65 -20.23
C LYS A 35 -17.31 5.65 -19.83
N GLY A 36 -17.26 6.09 -18.57
CA GLY A 36 -18.24 7.04 -18.07
C GLY A 36 -19.54 6.37 -17.68
N ASN A 37 -19.88 5.28 -18.34
CA ASN A 37 -21.11 4.56 -18.05
C ASN A 37 -20.91 3.57 -16.90
N GLY A 38 -20.02 3.92 -15.98
CA GLY A 38 -19.74 3.06 -14.84
C GLY A 38 -18.31 2.57 -14.82
N ILE A 39 -17.40 3.40 -15.33
CA ILE A 39 -15.99 3.03 -15.38
C ILE A 39 -15.37 3.08 -13.98
N LYS A 40 -14.65 2.02 -13.61
CA LYS A 40 -14.00 1.95 -12.31
C LYS A 40 -12.68 1.19 -12.40
N THR A 41 -11.82 1.39 -11.40
CA THR A 41 -10.53 0.72 -11.37
C THR A 41 -10.49 -0.36 -10.28
N VAL A 42 -10.42 -1.62 -10.71
CA VAL A 42 -10.37 -2.73 -9.77
C VAL A 42 -8.95 -3.27 -9.63
N ILE A 43 -8.33 -2.99 -8.48
CA ILE A 43 -6.97 -3.45 -8.22
C ILE A 43 -6.94 -4.95 -7.93
N VAL A 44 -6.64 -5.74 -8.96
CA VAL A 44 -6.59 -7.19 -8.82
C VAL A 44 -5.40 -7.60 -7.95
N ASN A 45 -4.24 -6.99 -8.20
CA ASN A 45 -3.04 -7.30 -7.43
C ASN A 45 -2.95 -6.42 -6.18
N MET A 46 -4.08 -6.29 -5.48
CA MET A 46 -4.13 -5.49 -4.27
C MET A 46 -3.66 -6.30 -3.07
N VAL A 47 -4.30 -7.45 -2.84
CA VAL A 47 -3.95 -8.32 -1.72
C VAL A 47 -2.58 -8.95 -1.93
N ASP A 48 -2.28 -9.29 -3.18
CA ASP A 48 -0.99 -9.90 -3.51
C ASP A 48 0.17 -8.98 -3.11
N VAL A 49 0.30 -7.87 -3.83
CA VAL A 49 1.37 -6.92 -3.55
C VAL A 49 1.50 -6.65 -2.05
N ALA A 50 0.35 -6.48 -1.39
CA ALA A 50 0.35 -6.22 0.04
C ALA A 50 1.11 -7.30 0.80
N LYS A 51 0.80 -8.56 0.51
CA LYS A 51 1.45 -9.69 1.16
C LYS A 51 2.97 -9.50 1.19
N ALA A 52 3.51 -8.99 0.08
CA ALA A 52 4.95 -8.76 -0.02
C ALA A 52 5.42 -7.74 1.02
N LEU A 53 4.62 -6.70 1.21
CA LEU A 53 4.95 -5.65 2.17
C LEU A 53 4.51 -6.05 3.59
N ASN A 54 4.23 -7.34 3.77
CA ASN A 54 3.80 -7.85 5.07
C ASN A 54 2.75 -6.93 5.70
N ARG A 55 1.94 -6.31 4.85
CA ARG A 55 0.89 -5.40 5.32
C ARG A 55 -0.40 -5.61 4.54
N PRO A 56 -1.54 -5.34 5.20
CA PRO A 56 -2.86 -5.49 4.58
C PRO A 56 -3.12 -4.44 3.50
N PRO A 57 -3.93 -4.80 2.50
CA PRO A 57 -4.28 -3.91 1.39
C PRO A 57 -5.18 -2.76 1.84
N THR A 58 -5.66 -2.84 3.08
CA THR A 58 -6.53 -1.80 3.62
C THR A 58 -5.77 -0.50 3.82
N TYR A 59 -4.48 -0.60 4.09
CA TYR A 59 -3.63 0.58 4.30
C TYR A 59 -3.45 1.35 3.00
N PRO A 60 -2.94 0.66 1.98
CA PRO A 60 -2.70 1.25 0.66
C PRO A 60 -3.99 1.59 -0.07
N THR A 61 -4.90 0.61 -0.14
CA THR A 61 -6.18 0.81 -0.82
C THR A 61 -6.83 2.12 -0.40
N LYS A 62 -6.92 2.34 0.91
CA LYS A 62 -7.52 3.55 1.44
C LYS A 62 -6.81 4.79 0.91
N TYR A 63 -5.49 4.68 0.73
CA TYR A 63 -4.69 5.80 0.24
C TYR A 63 -5.21 6.27 -1.12
N PHE A 64 -5.20 5.37 -2.10
CA PHE A 64 -5.66 5.69 -3.44
C PHE A 64 -6.91 6.58 -3.39
N GLY A 65 -7.91 6.13 -2.63
CA GLY A 65 -9.14 6.89 -2.51
C GLY A 65 -8.90 8.30 -2.03
N CYS A 66 -8.00 8.46 -1.07
CA CYS A 66 -7.69 9.77 -0.52
C CYS A 66 -7.16 10.70 -1.61
N GLU A 67 -6.02 10.33 -2.18
CA GLU A 67 -5.40 11.13 -3.24
C GLU A 67 -6.39 11.38 -4.39
N LEU A 68 -7.04 10.32 -4.82
CA LEU A 68 -8.02 10.41 -5.91
C LEU A 68 -9.25 11.19 -5.47
N GLY A 69 -9.52 11.18 -4.17
CA GLY A 69 -10.67 11.89 -3.65
C GLY A 69 -11.98 11.26 -4.06
N ALA A 70 -12.03 9.93 -4.07
CA ALA A 70 -13.23 9.21 -4.44
C ALA A 70 -13.59 8.16 -3.38
N GLN A 71 -14.62 7.37 -3.67
CA GLN A 71 -15.06 6.33 -2.74
C GLN A 71 -14.46 4.98 -3.13
N THR A 72 -14.48 4.04 -2.18
CA THR A 72 -13.94 2.71 -2.41
C THR A 72 -14.86 1.64 -1.85
N GLN A 73 -14.67 0.40 -2.29
CA GLN A 73 -15.48 -0.72 -1.82
C GLN A 73 -14.61 -1.83 -1.25
N PHE A 74 -14.80 -2.12 0.03
CA PHE A 74 -14.02 -3.17 0.70
C PHE A 74 -14.86 -4.42 0.89
N ASP A 75 -14.53 -5.47 0.15
CA ASP A 75 -15.26 -6.74 0.25
C ASP A 75 -14.31 -7.88 0.58
N VAL A 76 -14.05 -8.07 1.87
CA VAL A 76 -13.16 -9.13 2.32
C VAL A 76 -13.71 -10.51 1.96
N LYS A 77 -15.04 -10.63 1.96
CA LYS A 77 -15.70 -11.88 1.62
C LYS A 77 -15.06 -12.52 0.40
N ASN A 78 -14.91 -11.73 -0.66
CA ASN A 78 -14.32 -12.21 -1.90
C ASN A 78 -12.95 -11.58 -2.14
N ASP A 79 -12.35 -11.05 -1.07
CA ASP A 79 -11.05 -10.40 -1.17
C ASP A 79 -10.94 -9.57 -2.44
N ARG A 80 -11.96 -8.76 -2.69
CA ARG A 80 -11.98 -7.91 -3.87
C ARG A 80 -12.03 -6.43 -3.48
N TYR A 81 -11.15 -5.64 -4.07
CA TYR A 81 -11.09 -4.21 -3.78
C TYR A 81 -11.32 -3.39 -5.05
N ILE A 82 -12.25 -2.44 -4.97
CA ILE A 82 -12.57 -1.59 -6.11
C ILE A 82 -12.39 -0.12 -5.76
N VAL A 83 -11.88 0.66 -6.70
CA VAL A 83 -11.66 2.08 -6.50
C VAL A 83 -12.41 2.92 -7.54
N ASN A 84 -13.45 3.61 -7.07
CA ASN A 84 -14.25 4.45 -7.97
C ASN A 84 -13.36 5.36 -8.80
N GLY A 85 -13.69 5.46 -10.09
CA GLY A 85 -12.91 6.31 -10.98
C GLY A 85 -12.01 5.50 -11.90
N SER A 86 -11.66 6.08 -13.04
CA SER A 86 -10.80 5.41 -14.02
C SER A 86 -9.34 5.78 -13.78
N HIS A 87 -8.51 4.76 -13.56
CA HIS A 87 -7.09 4.98 -13.32
C HIS A 87 -6.26 3.84 -13.93
N GLU A 88 -5.09 4.19 -14.45
CA GLU A 88 -4.21 3.20 -15.05
C GLU A 88 -3.15 2.72 -14.06
N ALA A 89 -2.89 1.42 -14.06
CA ALA A 89 -1.90 0.84 -13.15
C ALA A 89 -0.67 1.74 -13.04
N ASN A 90 -0.14 2.16 -14.18
CA ASN A 90 1.04 3.02 -14.22
C ASN A 90 0.95 4.09 -13.14
N LYS A 91 -0.19 4.78 -13.08
CA LYS A 91 -0.41 5.84 -12.11
C LYS A 91 -0.44 5.27 -10.69
N LEU A 92 -1.38 4.35 -10.44
CA LEU A 92 -1.51 3.73 -9.13
C LEU A 92 -0.14 3.46 -8.52
N GLN A 93 0.75 2.87 -9.31
CA GLN A 93 2.09 2.54 -8.85
C GLN A 93 2.84 3.81 -8.45
N ASP A 94 2.68 4.87 -9.24
CA ASP A 94 3.35 6.14 -8.96
C ASP A 94 2.87 6.73 -7.63
N MET A 95 1.57 6.69 -7.41
CA MET A 95 0.98 7.22 -6.18
C MET A 95 1.31 6.31 -4.99
N LEU A 96 0.89 5.06 -5.08
CA LEU A 96 1.14 4.10 -4.02
C LEU A 96 2.53 4.28 -3.43
N ASP A 97 3.47 4.68 -4.27
CA ASP A 97 4.85 4.90 -3.83
C ASP A 97 4.88 5.75 -2.56
N GLY A 98 4.13 6.85 -2.57
CA GLY A 98 4.08 7.72 -1.41
C GLY A 98 3.88 6.97 -0.12
N PHE A 99 2.94 6.03 -0.13
CA PHE A 99 2.65 5.24 1.06
C PHE A 99 3.87 4.43 1.50
N ILE A 100 4.35 3.56 0.62
CA ILE A 100 5.51 2.74 0.91
C ILE A 100 6.74 3.60 1.22
N LYS A 101 6.76 4.80 0.67
CA LYS A 101 7.86 5.73 0.89
C LYS A 101 8.14 5.90 2.38
N LYS A 102 7.09 5.74 3.20
CA LYS A 102 7.22 5.88 4.64
C LYS A 102 6.53 4.72 5.36
N PHE A 103 5.22 4.60 5.14
CA PHE A 103 4.44 3.54 5.76
C PHE A 103 5.19 2.21 5.73
N VAL A 104 6.13 2.10 4.79
CA VAL A 104 6.92 0.88 4.65
C VAL A 104 8.40 1.16 4.86
N LEU A 105 8.98 1.94 3.96
CA LEU A 105 10.40 2.29 4.04
C LEU A 105 10.70 3.04 5.35
N CYS A 106 11.98 3.21 5.64
CA CYS A 106 12.39 3.91 6.85
C CYS A 106 13.03 5.25 6.51
N PRO A 107 12.63 6.30 7.24
CA PRO A 107 13.15 7.66 7.04
C PRO A 107 14.60 7.80 7.47
N GLU A 108 15.22 6.67 7.84
CA GLU A 108 16.60 6.67 8.27
C GLU A 108 17.42 5.65 7.49
N CYS A 109 16.94 4.41 7.45
CA CYS A 109 17.61 3.34 6.74
C CYS A 109 16.78 2.86 5.55
N GLU A 110 15.80 3.67 5.17
CA GLU A 110 14.92 3.33 4.04
C GLU A 110 14.61 1.84 4.03
N ASN A 111 14.66 1.22 5.21
CA ASN A 111 14.37 -0.21 5.34
C ASN A 111 12.90 -0.50 5.14
N PRO A 112 12.59 -1.38 4.18
CA PRO A 112 11.21 -1.76 3.86
C PRO A 112 10.56 -2.58 4.98
N GLU A 113 11.32 -2.81 6.05
CA GLU A 113 10.82 -3.59 7.18
C GLU A 113 10.80 -2.74 8.45
N THR A 114 9.63 -2.19 8.76
CA THR A 114 9.48 -1.35 9.95
C THR A 114 8.25 -1.76 10.75
N ASP A 115 8.13 -1.23 11.96
CA ASP A 115 7.00 -1.54 12.83
C ASP A 115 6.03 -0.36 12.88
N LEU A 116 4.78 -0.65 13.19
CA LEU A 116 3.74 0.39 13.27
C LEU A 116 2.97 0.27 14.59
N HIS A 117 2.97 1.35 15.36
CA HIS A 117 2.26 1.38 16.64
C HIS A 117 1.05 2.29 16.57
N VAL A 118 -0.08 1.82 17.07
CA VAL A 118 -1.31 2.60 17.07
C VAL A 118 -1.83 2.82 18.48
N ASN A 119 -2.21 4.06 18.78
CA ASN A 119 -2.72 4.41 20.10
C ASN A 119 -4.08 5.08 20.00
N PRO A 120 -5.13 4.36 20.43
CA PRO A 120 -6.50 4.86 20.40
C PRO A 120 -6.73 5.98 21.40
N LYS A 121 -6.02 5.93 22.51
CA LYS A 121 -6.14 6.94 23.56
C LYS A 121 -5.45 8.24 23.14
N LYS A 122 -4.17 8.14 22.77
CA LYS A 122 -3.41 9.30 22.35
C LYS A 122 -3.80 9.73 20.95
N GLN A 123 -4.49 8.84 20.24
CA GLN A 123 -4.93 9.14 18.87
C GLN A 123 -3.75 9.57 18.01
N THR A 124 -2.65 8.83 18.09
CA THR A 124 -1.46 9.14 17.32
C THR A 124 -0.75 7.87 16.85
N ILE A 125 -0.23 7.90 15.64
CA ILE A 125 0.47 6.75 15.08
C ILE A 125 1.98 6.91 15.22
N GLY A 126 2.64 5.84 15.67
CA GLY A 126 4.08 5.88 15.84
C GLY A 126 4.78 4.67 15.24
N ASN A 127 5.65 4.91 14.27
CA ASN A 127 6.38 3.84 13.62
C ASN A 127 7.77 3.66 14.22
N SER A 128 8.14 2.42 14.49
CA SER A 128 9.44 2.12 15.08
C SER A 128 10.23 1.16 14.19
N CYS A 129 11.52 1.41 14.04
CA CYS A 129 12.38 0.57 13.23
C CYS A 129 13.49 -0.06 14.06
N LYS A 130 13.99 -1.21 13.61
CA LYS A 130 15.05 -1.92 14.32
C LYS A 130 16.37 -1.82 13.56
N ALA A 131 16.30 -2.01 12.25
CA ALA A 131 17.48 -1.96 11.40
C ALA A 131 18.42 -0.84 11.86
N CYS A 132 17.87 0.36 12.01
CA CYS A 132 18.65 1.51 12.43
C CYS A 132 18.27 1.94 13.85
N GLY A 133 16.98 1.90 14.14
CA GLY A 133 16.50 2.29 15.46
C GLY A 133 15.84 3.65 15.46
N TYR A 134 14.88 3.84 14.55
CA TYR A 134 14.17 5.12 14.45
C TYR A 134 12.77 5.01 15.05
N ARG A 135 12.37 6.05 15.76
CA ARG A 135 11.04 6.07 16.39
C ARG A 135 10.49 7.49 16.42
N GLY A 136 9.17 7.62 16.27
CA GLY A 136 8.53 8.93 16.29
C GLY A 136 7.03 8.83 16.10
N MET A 137 6.46 9.84 15.45
CA MET A 137 5.02 9.88 15.21
C MET A 137 4.72 10.18 13.75
N LEU A 138 4.10 9.24 13.06
CA LEU A 138 3.75 9.40 11.65
C LEU A 138 2.69 10.49 11.48
N ASP A 139 2.81 11.25 10.41
CA ASP A 139 1.86 12.33 10.13
C ASP A 139 0.79 11.85 9.14
N THR A 140 0.38 10.60 9.30
CA THR A 140 -0.65 10.02 8.42
C THR A 140 -1.89 10.91 8.37
N HIS A 141 -2.15 11.48 7.20
CA HIS A 141 -3.30 12.35 7.01
C HIS A 141 -4.47 11.88 7.86
N HIS A 142 -5.03 12.80 8.65
CA HIS A 142 -6.16 12.48 9.52
C HIS A 142 -7.13 11.52 8.82
N LYS A 143 -7.44 11.82 7.57
CA LYS A 143 -8.35 10.98 6.79
C LYS A 143 -8.10 9.50 7.07
N LEU A 144 -6.88 9.05 6.80
CA LEU A 144 -6.51 7.66 7.03
C LEU A 144 -6.29 7.38 8.51
N CYS A 145 -5.46 8.20 9.14
CA CYS A 145 -5.17 8.04 10.56
C CYS A 145 -6.41 7.60 11.32
N THR A 146 -7.52 8.32 11.12
CA THR A 146 -8.77 8.01 11.80
C THR A 146 -9.12 6.53 11.65
N PHE A 147 -9.10 6.04 10.41
CA PHE A 147 -9.40 4.64 10.14
C PHE A 147 -8.40 3.72 10.84
N ILE A 148 -7.12 4.05 10.74
CA ILE A 148 -6.08 3.26 11.37
C ILE A 148 -6.31 3.12 12.87
N LEU A 149 -6.53 4.24 13.54
CA LEU A 149 -6.78 4.24 14.98
C LEU A 149 -8.07 3.50 15.32
N LYS A 150 -9.12 3.78 14.55
CA LYS A 150 -10.41 3.14 14.76
C LYS A 150 -10.29 1.62 14.66
N ASN A 151 -9.57 1.15 13.64
CA ASN A 151 -9.37 -0.28 13.45
C ASN A 151 -7.89 -0.62 13.36
N PRO A 152 -7.34 -1.15 14.46
CA PRO A 152 -5.92 -1.54 14.53
C PRO A 152 -5.60 -2.75 13.66
N PRO A 153 -4.31 -3.03 13.50
CA PRO A 153 -3.84 -4.17 12.70
C PRO A 153 -4.15 -5.51 13.36
N GLU A 154 -3.89 -6.60 12.63
CA GLU A 154 -4.14 -7.94 13.15
C GLU A 154 -5.35 -7.94 14.09
N ASN A 155 -6.40 -7.24 13.69
CA ASN A 155 -7.61 -7.16 14.50
C ASN A 155 -8.73 -8.01 13.88
N SER A 156 -9.55 -8.60 14.75
CA SER A 156 -10.66 -9.44 14.29
C SER A 156 -11.85 -9.33 15.24
N ASP A 157 -12.99 -9.84 14.80
CA ASP A 157 -14.20 -9.80 15.61
C ASP A 157 -14.18 -10.90 16.67
ZN ZN B . 15.44 2.45 10.17
N GLY A 1 -0.45 -24.59 -26.00
CA GLY A 1 0.29 -23.36 -26.05
C GLY A 1 -0.46 -22.19 -25.43
N SER A 2 -1.13 -22.45 -24.32
CA SER A 2 -1.89 -21.42 -23.63
C SER A 2 -1.04 -20.68 -22.61
N SER A 3 -0.39 -19.61 -23.07
CA SER A 3 0.47 -18.81 -22.19
C SER A 3 0.04 -17.35 -22.19
N GLY A 4 -0.45 -16.89 -21.05
CA GLY A 4 -0.89 -15.50 -20.93
C GLY A 4 -0.76 -14.98 -19.52
N SER A 5 0.46 -14.61 -19.14
CA SER A 5 0.72 -14.08 -17.81
C SER A 5 2.13 -13.51 -17.71
N SER A 6 2.26 -12.33 -17.11
CA SER A 6 3.55 -11.68 -16.95
C SER A 6 4.04 -11.78 -15.51
N GLY A 7 5.22 -12.37 -15.33
CA GLY A 7 5.79 -12.53 -14.01
C GLY A 7 7.02 -11.68 -13.80
N MET A 8 6.83 -10.45 -13.30
CA MET A 8 7.93 -9.54 -13.06
C MET A 8 7.69 -8.69 -11.82
N SER A 9 8.60 -8.79 -10.85
CA SER A 9 8.47 -8.03 -9.61
C SER A 9 9.49 -6.90 -9.56
N VAL A 10 9.02 -5.70 -9.22
CA VAL A 10 9.88 -4.53 -9.14
C VAL A 10 10.38 -4.32 -7.71
N ASN A 11 11.37 -3.45 -7.55
CA ASN A 11 11.93 -3.16 -6.24
C ASN A 11 10.88 -2.55 -5.32
N VAL A 12 10.94 -2.92 -4.04
CA VAL A 12 10.00 -2.41 -3.05
C VAL A 12 9.60 -0.97 -3.35
N ASN A 13 10.54 -0.21 -3.90
CA ASN A 13 10.29 1.18 -4.25
C ASN A 13 10.66 1.47 -5.70
N ARG A 14 9.75 2.10 -6.43
CA ARG A 14 9.98 2.43 -7.83
C ARG A 14 10.78 3.74 -7.96
N SER A 15 11.76 3.90 -7.07
CA SER A 15 12.59 5.10 -7.08
C SER A 15 14.08 4.74 -7.11
N VAL A 16 14.40 3.57 -6.57
CA VAL A 16 15.77 3.09 -6.53
C VAL A 16 16.18 2.47 -7.86
N SER A 17 15.23 1.80 -8.51
CA SER A 17 15.49 1.14 -9.79
C SER A 17 16.93 0.64 -9.86
N ASP A 18 17.34 -0.09 -8.83
CA ASP A 18 18.70 -0.62 -8.78
C ASP A 18 18.67 -2.15 -8.75
N GLN A 19 19.65 -2.77 -9.40
CA GLN A 19 19.74 -4.23 -9.45
C GLN A 19 20.46 -4.76 -8.22
N PHE A 20 20.10 -4.24 -7.06
CA PHE A 20 20.71 -4.67 -5.80
C PHE A 20 19.65 -5.01 -4.76
N TYR A 21 18.58 -4.22 -4.74
CA TYR A 21 17.49 -4.45 -3.80
C TYR A 21 17.07 -5.91 -3.79
N ARG A 22 17.24 -6.56 -2.64
CA ARG A 22 16.87 -7.97 -2.50
C ARG A 22 15.36 -8.14 -2.54
N TYR A 23 14.69 -7.69 -1.49
CA TYR A 23 13.23 -7.80 -1.40
C TYR A 23 12.56 -7.13 -2.60
N LYS A 24 11.69 -7.87 -3.29
CA LYS A 24 10.99 -7.35 -4.44
C LYS A 24 9.50 -7.67 -4.36
N MET A 25 8.69 -6.86 -5.05
CA MET A 25 7.24 -7.06 -5.05
C MET A 25 6.69 -6.97 -6.47
N PRO A 26 5.57 -7.67 -6.72
CA PRO A 26 4.92 -7.69 -8.03
C PRO A 26 4.27 -6.35 -8.36
N ARG A 27 4.29 -5.99 -9.65
CA ARG A 27 3.71 -4.73 -10.10
C ARG A 27 2.19 -4.79 -10.04
N LEU A 28 1.60 -4.08 -9.09
CA LEU A 28 0.15 -4.06 -8.94
C LEU A 28 -0.54 -3.91 -10.28
N ILE A 29 -1.69 -4.56 -10.43
CA ILE A 29 -2.46 -4.49 -11.67
C ILE A 29 -3.79 -3.79 -11.46
N ALA A 30 -4.21 -3.02 -12.47
CA ALA A 30 -5.48 -2.30 -12.39
C ALA A 30 -6.37 -2.65 -13.58
N LYS A 31 -7.61 -3.05 -13.28
CA LYS A 31 -8.56 -3.41 -14.32
C LYS A 31 -9.56 -2.28 -14.55
N VAL A 32 -9.83 -1.99 -15.82
CA VAL A 32 -10.77 -0.93 -16.17
C VAL A 32 -11.70 -1.38 -17.30
N GLU A 33 -12.98 -1.03 -17.18
CA GLU A 33 -13.96 -1.39 -18.19
C GLU A 33 -14.74 -0.16 -18.66
N GLY A 34 -15.22 -0.21 -19.90
CA GLY A 34 -15.98 0.90 -20.45
C GLY A 34 -15.27 2.23 -20.27
N LYS A 35 -15.95 3.30 -20.63
CA LYS A 35 -15.37 4.65 -20.51
C LYS A 35 -16.46 5.68 -20.28
N GLY A 36 -16.57 6.17 -19.04
CA GLY A 36 -17.56 7.16 -18.71
C GLY A 36 -18.91 6.55 -18.39
N ASN A 37 -19.17 5.37 -18.95
CA ASN A 37 -20.43 4.68 -18.73
C ASN A 37 -20.30 3.68 -17.58
N GLY A 38 -19.53 4.05 -16.56
CA GLY A 38 -19.33 3.18 -15.42
C GLY A 38 -17.90 2.69 -15.30
N ILE A 39 -16.96 3.53 -15.72
CA ILE A 39 -15.55 3.18 -15.66
C ILE A 39 -15.04 3.21 -14.22
N LYS A 40 -14.49 2.09 -13.75
CA LYS A 40 -13.96 2.00 -12.40
C LYS A 40 -12.67 1.17 -12.38
N THR A 41 -11.74 1.57 -11.53
CA THR A 41 -10.47 0.87 -11.40
C THR A 41 -10.54 -0.22 -10.33
N VAL A 42 -10.06 -1.41 -10.68
CA VAL A 42 -10.06 -2.54 -9.76
C VAL A 42 -8.66 -3.11 -9.59
N ILE A 43 -8.07 -2.86 -8.43
CA ILE A 43 -6.73 -3.35 -8.13
C ILE A 43 -6.74 -4.86 -7.84
N VAL A 44 -6.80 -5.65 -8.90
CA VAL A 44 -6.82 -7.11 -8.77
C VAL A 44 -5.63 -7.59 -7.94
N ASN A 45 -4.44 -7.14 -8.30
CA ASN A 45 -3.23 -7.54 -7.60
C ASN A 45 -3.00 -6.66 -6.37
N MET A 46 -4.07 -6.40 -5.63
CA MET A 46 -3.99 -5.57 -4.43
C MET A 46 -3.56 -6.40 -3.22
N VAL A 47 -4.20 -7.56 -3.06
CA VAL A 47 -3.88 -8.45 -1.94
C VAL A 47 -2.46 -8.98 -2.05
N ASP A 48 -2.02 -9.24 -3.28
CA ASP A 48 -0.68 -9.76 -3.53
C ASP A 48 0.38 -8.73 -3.12
N VAL A 49 0.46 -7.64 -3.88
CA VAL A 49 1.43 -6.59 -3.60
C VAL A 49 1.45 -6.25 -2.12
N ALA A 50 0.30 -6.38 -1.46
CA ALA A 50 0.19 -6.09 -0.04
C ALA A 50 0.86 -7.17 0.80
N LYS A 51 0.65 -8.43 0.42
CA LYS A 51 1.23 -9.55 1.13
C LYS A 51 2.75 -9.48 1.12
N ALA A 52 3.31 -9.03 0.01
CA ALA A 52 4.75 -8.91 -0.13
C ALA A 52 5.31 -7.87 0.84
N LEU A 53 4.58 -6.78 1.01
CA LEU A 53 4.99 -5.71 1.91
C LEU A 53 4.68 -6.06 3.36
N ASN A 54 4.27 -7.31 3.59
CA ASN A 54 3.95 -7.79 4.93
C ASN A 54 2.91 -6.88 5.58
N ARG A 55 2.05 -6.28 4.76
CA ARG A 55 1.02 -5.39 5.26
C ARG A 55 -0.31 -5.62 4.54
N PRO A 56 -1.43 -5.36 5.23
CA PRO A 56 -2.77 -5.53 4.67
C PRO A 56 -3.08 -4.52 3.58
N PRO A 57 -3.81 -4.97 2.54
CA PRO A 57 -4.19 -4.10 1.42
C PRO A 57 -5.23 -3.06 1.82
N THR A 58 -5.71 -3.14 3.06
CA THR A 58 -6.70 -2.21 3.57
C THR A 58 -6.09 -0.82 3.77
N TYR A 59 -4.79 -0.79 4.06
CA TYR A 59 -4.08 0.46 4.29
C TYR A 59 -3.96 1.26 2.99
N PRO A 60 -3.39 0.61 1.96
CA PRO A 60 -3.21 1.23 0.65
C PRO A 60 -4.52 1.47 -0.08
N THR A 61 -5.33 0.42 -0.19
CA THR A 61 -6.62 0.50 -0.88
C THR A 61 -7.33 1.81 -0.53
N LYS A 62 -7.49 2.07 0.76
CA LYS A 62 -8.15 3.28 1.22
C LYS A 62 -7.32 4.51 0.88
N TYR A 63 -6.00 4.37 0.88
CA TYR A 63 -5.11 5.46 0.56
C TYR A 63 -5.44 6.07 -0.80
N PHE A 64 -5.40 5.23 -1.84
CA PHE A 64 -5.69 5.69 -3.19
C PHE A 64 -6.92 6.61 -3.21
N GLY A 65 -7.98 6.18 -2.53
CA GLY A 65 -9.19 6.98 -2.48
C GLY A 65 -8.93 8.42 -2.11
N CYS A 66 -8.00 8.62 -1.17
CA CYS A 66 -7.65 9.96 -0.73
C CYS A 66 -7.12 10.80 -1.89
N GLU A 67 -5.96 10.42 -2.40
CA GLU A 67 -5.34 11.14 -3.52
C GLU A 67 -6.31 11.26 -4.70
N LEU A 68 -6.95 10.15 -5.05
CA LEU A 68 -7.90 10.13 -6.16
C LEU A 68 -9.16 10.91 -5.80
N GLY A 69 -9.47 10.97 -4.50
CA GLY A 69 -10.65 11.69 -4.06
C GLY A 69 -11.94 10.99 -4.46
N ALA A 70 -11.95 9.67 -4.37
CA ALA A 70 -13.13 8.89 -4.72
C ALA A 70 -13.47 7.87 -3.64
N GLN A 71 -14.53 7.12 -3.85
CA GLN A 71 -14.96 6.11 -2.89
C GLN A 71 -14.42 4.73 -3.26
N THR A 72 -14.20 3.90 -2.25
CA THR A 72 -13.68 2.55 -2.49
C THR A 72 -14.61 1.50 -1.89
N GLN A 73 -14.50 0.28 -2.39
CA GLN A 73 -15.34 -0.82 -1.91
C GLN A 73 -14.48 -1.94 -1.32
N PHE A 74 -14.83 -2.35 -0.10
CA PHE A 74 -14.09 -3.41 0.59
C PHE A 74 -14.91 -4.69 0.64
N ASP A 75 -14.42 -5.74 -0.02
CA ASP A 75 -15.10 -7.02 -0.04
C ASP A 75 -14.16 -8.15 0.37
N VAL A 76 -13.93 -8.29 1.67
CA VAL A 76 -13.05 -9.33 2.19
C VAL A 76 -13.53 -10.71 1.76
N LYS A 77 -14.84 -10.87 1.61
CA LYS A 77 -15.42 -12.14 1.19
C LYS A 77 -14.78 -12.64 -0.09
N ASN A 78 -14.73 -11.77 -1.10
CA ASN A 78 -14.14 -12.12 -2.38
C ASN A 78 -12.79 -11.45 -2.57
N ASP A 79 -12.22 -10.96 -1.47
CA ASP A 79 -10.93 -10.29 -1.50
C ASP A 79 -10.82 -9.39 -2.74
N ARG A 80 -11.90 -8.69 -3.04
CA ARG A 80 -11.92 -7.79 -4.20
C ARG A 80 -11.99 -6.34 -3.75
N TYR A 81 -11.09 -5.52 -4.28
CA TYR A 81 -11.03 -4.11 -3.93
C TYR A 81 -11.27 -3.24 -5.16
N ILE A 82 -12.28 -2.37 -5.07
CA ILE A 82 -12.62 -1.48 -6.18
C ILE A 82 -12.45 -0.02 -5.78
N VAL A 83 -12.16 0.83 -6.76
CA VAL A 83 -11.97 2.25 -6.51
C VAL A 83 -12.66 3.10 -7.58
N ASN A 84 -13.70 3.82 -7.17
CA ASN A 84 -14.45 4.66 -8.09
C ASN A 84 -13.50 5.55 -8.90
N GLY A 85 -13.82 5.73 -10.18
CA GLY A 85 -12.99 6.56 -11.04
C GLY A 85 -12.02 5.74 -11.87
N SER A 86 -11.68 6.26 -13.05
CA SER A 86 -10.76 5.57 -13.94
C SER A 86 -9.31 5.90 -13.59
N HIS A 87 -8.51 4.86 -13.37
CA HIS A 87 -7.10 5.04 -13.03
C HIS A 87 -6.26 3.90 -13.61
N GLU A 88 -5.14 4.27 -14.23
CA GLU A 88 -4.25 3.29 -14.83
C GLU A 88 -3.21 2.81 -13.82
N ALA A 89 -2.93 1.51 -13.83
CA ALA A 89 -1.96 0.92 -12.93
C ALA A 89 -0.78 1.86 -12.71
N ASN A 90 -0.19 2.34 -13.80
CA ASN A 90 0.95 3.24 -13.72
C ASN A 90 0.69 4.36 -12.71
N LYS A 91 -0.48 4.97 -12.81
CA LYS A 91 -0.86 6.05 -11.91
C LYS A 91 -0.88 5.57 -10.46
N LEU A 92 -1.51 4.42 -10.23
CA LEU A 92 -1.60 3.86 -8.89
C LEU A 92 -0.22 3.59 -8.33
N GLN A 93 0.61 2.88 -9.09
CA GLN A 93 1.97 2.57 -8.65
C GLN A 93 2.73 3.82 -8.28
N ASP A 94 2.58 4.87 -9.08
CA ASP A 94 3.25 6.14 -8.84
C ASP A 94 2.83 6.73 -7.50
N MET A 95 1.51 6.86 -7.31
CA MET A 95 0.98 7.41 -6.07
C MET A 95 1.36 6.54 -4.87
N LEU A 96 1.01 5.26 -4.93
CA LEU A 96 1.31 4.32 -3.86
C LEU A 96 2.77 4.48 -3.41
N ASP A 97 3.68 4.58 -4.36
CA ASP A 97 5.09 4.73 -4.06
C ASP A 97 5.29 5.57 -2.80
N GLY A 98 4.52 6.66 -2.70
CA GLY A 98 4.63 7.53 -1.55
C GLY A 98 4.34 6.81 -0.25
N PHE A 99 3.21 6.10 -0.20
CA PHE A 99 2.82 5.38 1.00
C PHE A 99 3.82 4.27 1.32
N ILE A 100 4.29 3.59 0.28
CA ILE A 100 5.26 2.51 0.46
C ILE A 100 6.65 3.06 0.71
N LYS A 101 6.76 4.39 0.80
CA LYS A 101 8.04 5.04 1.05
C LYS A 101 8.05 5.68 2.43
N LYS A 102 6.88 5.98 2.96
CA LYS A 102 6.76 6.60 4.29
C LYS A 102 6.29 5.57 5.31
N PHE A 103 5.30 4.77 4.94
CA PHE A 103 4.75 3.75 5.82
C PHE A 103 5.67 2.52 5.87
N VAL A 104 5.72 1.79 4.77
CA VAL A 104 6.56 0.60 4.68
C VAL A 104 8.02 0.94 4.92
N LEU A 105 8.62 1.65 3.98
CA LEU A 105 10.01 2.05 4.09
C LEU A 105 10.21 3.08 5.19
N CYS A 106 11.45 3.23 5.64
CA CYS A 106 11.77 4.19 6.70
C CYS A 106 12.21 5.53 6.10
N PRO A 107 11.70 6.63 6.67
CA PRO A 107 12.02 7.99 6.21
C PRO A 107 13.45 8.37 6.53
N GLU A 108 14.22 7.43 7.06
CA GLU A 108 15.61 7.67 7.40
C GLU A 108 16.54 6.72 6.65
N CYS A 109 16.23 5.43 6.71
CA CYS A 109 17.04 4.42 6.02
C CYS A 109 16.28 3.82 4.86
N GLU A 110 14.97 4.03 4.84
CA GLU A 110 14.11 3.51 3.77
C GLU A 110 14.18 1.98 3.72
N ASN A 111 14.00 1.35 4.87
CA ASN A 111 14.03 -0.10 4.97
C ASN A 111 12.64 -0.67 5.22
N PRO A 112 12.29 -1.74 4.48
CA PRO A 112 10.99 -2.39 4.61
C PRO A 112 10.84 -3.14 5.93
N GLU A 113 11.87 -3.06 6.77
CA GLU A 113 11.85 -3.73 8.06
C GLU A 113 11.56 -2.73 9.18
N THR A 114 10.27 -2.57 9.48
CA THR A 114 9.85 -1.64 10.54
C THR A 114 8.57 -2.12 11.20
N ASP A 115 8.12 -1.39 12.21
CA ASP A 115 6.90 -1.73 12.93
C ASP A 115 5.98 -0.52 13.06
N LEU A 116 4.69 -0.78 13.26
CA LEU A 116 3.71 0.30 13.40
C LEU A 116 2.94 0.16 14.72
N HIS A 117 3.06 1.16 15.57
CA HIS A 117 2.37 1.15 16.86
C HIS A 117 1.21 2.14 16.87
N VAL A 118 0.05 1.68 17.32
CA VAL A 118 -1.14 2.53 17.38
C VAL A 118 -1.42 2.99 18.80
N ASN A 119 -1.76 4.27 18.95
CA ASN A 119 -2.05 4.83 20.27
C ASN A 119 -3.46 5.39 20.31
N PRO A 120 -4.35 4.69 21.02
CA PRO A 120 -5.76 5.09 21.16
C PRO A 120 -5.92 6.34 22.03
N LYS A 121 -5.04 6.48 23.02
CA LYS A 121 -5.08 7.63 23.91
C LYS A 121 -4.59 8.89 23.20
N LYS A 122 -3.34 8.86 22.76
CA LYS A 122 -2.74 10.00 22.07
C LYS A 122 -3.32 10.14 20.66
N GLN A 123 -3.98 9.09 20.19
CA GLN A 123 -4.59 9.10 18.87
C GLN A 123 -3.57 9.48 17.80
N THR A 124 -2.38 8.87 17.89
CA THR A 124 -1.32 9.13 16.94
C THR A 124 -0.55 7.85 16.59
N ILE A 125 -0.09 7.77 15.36
CA ILE A 125 0.65 6.60 14.90
C ILE A 125 2.16 6.82 15.05
N GLY A 126 2.81 5.95 15.82
CA GLY A 126 4.25 6.07 16.03
C GLY A 126 4.99 4.81 15.64
N ASN A 127 5.88 4.92 14.67
CA ASN A 127 6.66 3.79 14.20
C ASN A 127 8.06 3.81 14.80
N SER A 128 8.66 2.63 14.93
CA SER A 128 10.00 2.51 15.49
C SER A 128 10.89 1.65 14.61
N CYS A 129 11.84 2.28 13.92
CA CYS A 129 12.75 1.56 13.05
C CYS A 129 13.93 0.99 13.83
N LYS A 130 14.60 0.00 13.25
CA LYS A 130 15.74 -0.64 13.88
C LYS A 130 17.00 -0.43 13.05
N ALA A 131 16.87 -0.57 11.74
CA ALA A 131 18.01 -0.40 10.84
C ALA A 131 18.87 0.78 11.25
N CYS A 132 18.27 1.98 11.26
CA CYS A 132 18.98 3.19 11.63
C CYS A 132 18.64 3.60 13.07
N GLY A 133 17.36 3.48 13.42
CA GLY A 133 16.92 3.85 14.75
C GLY A 133 16.05 5.08 14.77
N TYR A 134 15.01 5.07 13.96
CA TYR A 134 14.09 6.21 13.87
C TYR A 134 12.83 5.96 14.70
N ARG A 135 12.58 6.82 15.67
CA ARG A 135 11.41 6.69 16.53
C ARG A 135 10.70 8.04 16.68
N GLY A 136 9.47 8.11 16.22
CA GLY A 136 8.70 9.34 16.31
C GLY A 136 7.26 9.17 15.88
N MET A 137 6.54 10.28 15.76
CA MET A 137 5.14 10.24 15.35
C MET A 137 5.01 10.47 13.84
N LEU A 138 4.47 9.48 13.15
CA LEU A 138 4.29 9.57 11.70
C LEU A 138 3.31 10.69 11.34
N ASP A 139 3.73 11.56 10.44
CA ASP A 139 2.89 12.68 10.01
C ASP A 139 1.98 12.26 8.86
N THR A 140 0.85 11.66 9.21
CA THR A 140 -0.11 11.20 8.21
C THR A 140 -1.42 11.99 8.31
N HIS A 141 -1.88 12.50 7.18
CA HIS A 141 -3.12 13.27 7.14
C HIS A 141 -4.19 12.64 8.02
N HIS A 142 -5.16 13.44 8.44
CA HIS A 142 -6.24 12.96 9.29
C HIS A 142 -7.38 12.40 8.45
N LYS A 143 -7.04 11.82 7.31
CA LYS A 143 -8.04 11.23 6.42
C LYS A 143 -8.14 9.73 6.63
N LEU A 144 -7.02 9.03 6.44
CA LEU A 144 -6.99 7.58 6.61
C LEU A 144 -6.58 7.21 8.03
N CYS A 145 -5.46 7.76 8.49
CA CYS A 145 -4.95 7.49 9.82
C CYS A 145 -6.10 7.31 10.81
N THR A 146 -7.16 8.09 10.62
CA THR A 146 -8.33 8.03 11.49
C THR A 146 -8.89 6.61 11.55
N PHE A 147 -9.16 6.03 10.39
CA PHE A 147 -9.70 4.68 10.31
C PHE A 147 -8.75 3.68 10.97
N ILE A 148 -7.46 3.86 10.76
CA ILE A 148 -6.46 2.98 11.34
C ILE A 148 -6.58 2.93 12.86
N LEU A 149 -6.70 4.11 13.47
CA LEU A 149 -6.83 4.20 14.92
C LEU A 149 -8.02 3.39 15.42
N LYS A 150 -9.17 3.58 14.78
CA LYS A 150 -10.38 2.87 15.15
C LYS A 150 -10.18 1.36 15.04
N ASN A 151 -9.62 0.92 13.93
CA ASN A 151 -9.38 -0.51 13.70
C ASN A 151 -7.88 -0.78 13.53
N PRO A 152 -7.25 -1.31 14.59
CA PRO A 152 -5.82 -1.62 14.58
C PRO A 152 -5.49 -2.81 13.67
N PRO A 153 -4.20 -2.99 13.38
CA PRO A 153 -3.73 -4.08 12.52
C PRO A 153 -3.87 -5.44 13.18
N GLU A 154 -4.05 -6.48 12.37
CA GLU A 154 -4.21 -7.84 12.88
C GLU A 154 -2.84 -8.51 13.03
N ASN A 155 -1.79 -7.71 13.10
CA ASN A 155 -0.43 -8.22 13.25
C ASN A 155 0.36 -7.39 14.25
N SER A 156 0.86 -8.05 15.30
CA SER A 156 1.62 -7.36 16.33
C SER A 156 2.90 -8.14 16.65
N ASP A 157 4.03 -7.44 16.62
CA ASP A 157 5.32 -8.06 16.92
C ASP A 157 5.78 -7.72 18.32
ZN ZN B . 15.37 3.69 9.68
N GLY A 1 8.55 -28.37 -26.31
CA GLY A 1 8.45 -27.01 -26.82
C GLY A 1 9.44 -26.07 -26.16
N SER A 2 8.92 -25.01 -25.55
CA SER A 2 9.77 -24.02 -24.88
C SER A 2 9.45 -23.97 -23.39
N SER A 3 10.49 -24.13 -22.57
CA SER A 3 10.32 -24.09 -21.11
C SER A 3 11.33 -23.14 -20.48
N GLY A 4 10.92 -22.52 -19.36
CA GLY A 4 11.79 -21.59 -18.68
C GLY A 4 11.19 -21.08 -17.38
N SER A 5 11.12 -19.76 -17.24
CA SER A 5 10.57 -19.15 -16.04
C SER A 5 10.14 -17.71 -16.32
N SER A 6 9.46 -17.11 -15.34
CA SER A 6 8.99 -15.74 -15.48
C SER A 6 8.66 -15.14 -14.11
N GLY A 7 9.01 -13.86 -13.93
CA GLY A 7 8.75 -13.19 -12.67
C GLY A 7 8.70 -11.68 -12.82
N MET A 8 7.56 -11.17 -13.23
CA MET A 8 7.38 -9.72 -13.42
C MET A 8 7.33 -9.01 -12.06
N SER A 9 8.21 -8.03 -11.89
CA SER A 9 8.27 -7.27 -10.64
C SER A 9 9.15 -6.05 -10.79
N VAL A 10 8.84 -4.99 -10.04
CA VAL A 10 9.60 -3.76 -10.09
C VAL A 10 10.14 -3.39 -8.71
N ASN A 11 11.18 -2.56 -8.68
CA ASN A 11 11.78 -2.12 -7.43
C ASN A 11 10.72 -1.78 -6.40
N VAL A 12 10.98 -2.09 -5.14
CA VAL A 12 10.05 -1.80 -4.06
C VAL A 12 9.54 -0.36 -4.13
N ASN A 13 10.42 0.53 -4.59
CA ASN A 13 10.06 1.94 -4.71
C ASN A 13 10.23 2.42 -6.15
N ARG A 14 9.40 3.39 -6.54
CA ARG A 14 9.46 3.94 -7.89
C ARG A 14 10.48 5.07 -7.97
N SER A 15 11.04 5.44 -6.82
CA SER A 15 12.03 6.51 -6.77
C SER A 15 13.26 6.08 -5.97
N VAL A 16 13.61 4.80 -6.10
CA VAL A 16 14.76 4.26 -5.39
C VAL A 16 16.07 4.67 -6.06
N SER A 17 17.07 5.00 -5.27
CA SER A 17 18.37 5.40 -5.79
C SER A 17 19.28 4.20 -6.00
N ASP A 18 19.22 3.26 -5.06
CA ASP A 18 20.04 2.04 -5.14
C ASP A 18 19.46 1.06 -6.15
N GLN A 19 20.29 0.66 -7.10
CA GLN A 19 19.87 -0.28 -8.14
C GLN A 19 20.00 -1.72 -7.66
N PHE A 20 20.81 -1.92 -6.62
CA PHE A 20 21.04 -3.24 -6.07
C PHE A 20 19.93 -3.62 -5.09
N TYR A 21 18.74 -3.11 -5.33
CA TYR A 21 17.59 -3.38 -4.46
C TYR A 21 17.22 -4.87 -4.50
N ARG A 22 17.82 -5.64 -3.60
CA ARG A 22 17.55 -7.07 -3.53
C ARG A 22 16.06 -7.34 -3.46
N TYR A 23 15.40 -6.76 -2.46
CA TYR A 23 13.97 -6.95 -2.28
C TYR A 23 13.19 -6.46 -3.50
N LYS A 24 12.21 -7.25 -3.91
CA LYS A 24 11.39 -6.91 -5.07
C LYS A 24 9.92 -7.19 -4.80
N MET A 25 9.05 -6.41 -5.44
CA MET A 25 7.61 -6.57 -5.26
C MET A 25 6.91 -6.69 -6.61
N PRO A 26 5.81 -7.46 -6.63
CA PRO A 26 5.02 -7.67 -7.85
C PRO A 26 4.28 -6.41 -8.29
N ARG A 27 4.42 -6.06 -9.58
CA ARG A 27 3.75 -4.89 -10.11
C ARG A 27 2.25 -4.98 -9.94
N LEU A 28 1.68 -4.02 -9.21
CA LEU A 28 0.24 -3.99 -8.97
C LEU A 28 -0.53 -3.83 -10.28
N ILE A 29 -1.64 -4.56 -10.40
CA ILE A 29 -2.47 -4.50 -11.59
C ILE A 29 -3.76 -3.74 -11.33
N ALA A 30 -4.37 -3.23 -12.40
CA ALA A 30 -5.62 -2.49 -12.28
C ALA A 30 -6.58 -2.84 -13.41
N LYS A 31 -7.78 -3.28 -13.05
CA LYS A 31 -8.79 -3.65 -14.04
C LYS A 31 -9.82 -2.54 -14.21
N VAL A 32 -10.08 -2.18 -15.46
CA VAL A 32 -11.05 -1.12 -15.77
C VAL A 32 -11.99 -1.54 -16.89
N GLU A 33 -13.21 -1.04 -16.84
CA GLU A 33 -14.21 -1.36 -17.86
C GLU A 33 -14.95 -0.11 -18.32
N GLY A 34 -15.51 -0.17 -19.52
CA GLY A 34 -16.23 0.97 -20.07
C GLY A 34 -15.49 2.27 -19.87
N LYS A 35 -16.18 3.39 -20.08
CA LYS A 35 -15.59 4.71 -19.92
C LYS A 35 -16.65 5.74 -19.57
N GLY A 36 -16.67 6.17 -18.31
CA GLY A 36 -17.64 7.15 -17.87
C GLY A 36 -18.99 6.55 -17.58
N ASN A 37 -19.38 5.55 -18.36
CA ASN A 37 -20.67 4.88 -18.18
C ASN A 37 -20.56 3.80 -17.12
N GLY A 38 -19.77 4.05 -16.08
CA GLY A 38 -19.60 3.09 -15.02
C GLY A 38 -18.18 2.57 -14.92
N ILE A 39 -17.22 3.40 -15.32
CA ILE A 39 -15.81 3.02 -15.28
C ILE A 39 -15.29 3.04 -13.84
N LYS A 40 -14.63 1.95 -13.45
CA LYS A 40 -14.06 1.85 -12.11
C LYS A 40 -12.72 1.14 -12.14
N THR A 41 -11.85 1.50 -11.20
CA THR A 41 -10.52 0.90 -11.12
C THR A 41 -10.47 -0.16 -10.01
N VAL A 42 -10.29 -1.42 -10.43
CA VAL A 42 -10.21 -2.53 -9.48
C VAL A 42 -8.78 -3.07 -9.36
N ILE A 43 -8.19 -2.88 -8.20
CA ILE A 43 -6.83 -3.34 -7.95
C ILE A 43 -6.80 -4.84 -7.63
N VAL A 44 -6.88 -5.66 -8.66
CA VAL A 44 -6.86 -7.11 -8.49
C VAL A 44 -5.66 -7.55 -7.65
N ASN A 45 -4.48 -7.14 -8.09
CA ASN A 45 -3.25 -7.49 -7.39
C ASN A 45 -3.05 -6.60 -6.16
N MET A 46 -4.13 -6.37 -5.42
CA MET A 46 -4.07 -5.54 -4.23
C MET A 46 -3.59 -6.34 -3.03
N VAL A 47 -4.23 -7.49 -2.78
CA VAL A 47 -3.88 -8.34 -1.67
C VAL A 47 -2.47 -8.90 -1.83
N ASP A 48 -2.08 -9.15 -3.08
CA ASP A 48 -0.76 -9.68 -3.38
C ASP A 48 0.33 -8.66 -3.02
N VAL A 49 0.40 -7.58 -3.77
CA VAL A 49 1.38 -6.54 -3.53
C VAL A 49 1.46 -6.19 -2.05
N ALA A 50 0.32 -6.23 -1.37
CA ALA A 50 0.25 -5.92 0.05
C ALA A 50 0.89 -7.03 0.88
N LYS A 51 0.50 -8.27 0.59
CA LYS A 51 1.02 -9.42 1.31
C LYS A 51 2.55 -9.43 1.30
N ALA A 52 3.13 -8.89 0.22
CA ALA A 52 4.58 -8.83 0.07
C ALA A 52 5.19 -7.88 1.10
N LEU A 53 4.51 -6.75 1.32
CA LEU A 53 4.99 -5.74 2.26
C LEU A 53 4.59 -6.12 3.70
N ASN A 54 4.13 -7.35 3.87
CA ASN A 54 3.72 -7.83 5.19
C ASN A 54 2.70 -6.88 5.81
N ARG A 55 1.90 -6.25 4.97
CA ARG A 55 0.88 -5.32 5.44
C ARG A 55 -0.43 -5.50 4.67
N PRO A 56 -1.56 -5.20 5.34
CA PRO A 56 -2.89 -5.33 4.74
C PRO A 56 -3.13 -4.29 3.64
N PRO A 57 -3.99 -4.64 2.67
CA PRO A 57 -4.33 -3.75 1.56
C PRO A 57 -5.17 -2.57 2.00
N THR A 58 -5.69 -2.63 3.22
CA THR A 58 -6.52 -1.56 3.76
C THR A 58 -5.74 -0.27 3.87
N TYR A 59 -4.43 -0.39 4.07
CA TYR A 59 -3.57 0.78 4.20
C TYR A 59 -3.39 1.48 2.86
N PRO A 60 -2.88 0.74 1.86
CA PRO A 60 -2.66 1.27 0.51
C PRO A 60 -3.97 1.53 -0.23
N THR A 61 -4.84 0.53 -0.26
CA THR A 61 -6.12 0.65 -0.94
C THR A 61 -6.82 1.95 -0.56
N LYS A 62 -6.87 2.25 0.73
CA LYS A 62 -7.50 3.46 1.22
C LYS A 62 -6.73 4.69 0.76
N TYR A 63 -5.41 4.59 0.72
CA TYR A 63 -4.57 5.70 0.29
C TYR A 63 -5.02 6.26 -1.05
N PHE A 64 -4.99 5.41 -2.07
CA PHE A 64 -5.40 5.82 -3.41
C PHE A 64 -6.63 6.72 -3.35
N GLY A 65 -7.72 6.19 -2.79
CA GLY A 65 -8.94 6.96 -2.68
C GLY A 65 -8.69 8.39 -2.22
N CYS A 66 -7.82 8.54 -1.24
CA CYS A 66 -7.50 9.86 -0.71
C CYS A 66 -6.97 10.78 -1.81
N GLU A 67 -5.80 10.44 -2.35
CA GLU A 67 -5.19 11.23 -3.40
C GLU A 67 -6.17 11.44 -4.57
N LEU A 68 -6.84 10.36 -4.96
CA LEU A 68 -7.80 10.41 -6.05
C LEU A 68 -9.06 11.18 -5.64
N GLY A 69 -9.33 11.20 -4.34
CA GLY A 69 -10.50 11.90 -3.83
C GLY A 69 -11.80 11.24 -4.27
N ALA A 70 -11.81 9.91 -4.31
CA ALA A 70 -12.99 9.17 -4.71
C ALA A 70 -13.40 8.16 -3.65
N GLN A 71 -14.41 7.36 -3.95
CA GLN A 71 -14.90 6.35 -3.01
C GLN A 71 -14.28 4.99 -3.32
N THR A 72 -14.32 4.09 -2.34
CA THR A 72 -13.77 2.75 -2.51
C THR A 72 -14.69 1.69 -1.91
N GLN A 73 -14.50 0.45 -2.32
CA GLN A 73 -15.32 -0.65 -1.82
C GLN A 73 -14.44 -1.80 -1.32
N PHE A 74 -14.67 -2.19 -0.07
CA PHE A 74 -13.90 -3.29 0.53
C PHE A 74 -14.78 -4.50 0.78
N ASP A 75 -14.38 -5.63 0.22
CA ASP A 75 -15.13 -6.87 0.38
C ASP A 75 -14.22 -8.01 0.82
N VAL A 76 -13.83 -7.99 2.08
CA VAL A 76 -12.95 -9.02 2.62
C VAL A 76 -13.43 -10.42 2.23
N LYS A 77 -14.74 -10.62 2.29
CA LYS A 77 -15.33 -11.91 1.93
C LYS A 77 -14.77 -12.42 0.61
N ASN A 78 -14.81 -11.57 -0.41
CA ASN A 78 -14.31 -11.93 -1.73
C ASN A 78 -12.90 -11.36 -1.95
N ASP A 79 -12.31 -10.83 -0.89
CA ASP A 79 -10.97 -10.25 -0.97
C ASP A 79 -10.83 -9.38 -2.20
N ARG A 80 -11.91 -8.70 -2.57
CA ARG A 80 -11.91 -7.82 -3.74
C ARG A 80 -11.90 -6.35 -3.31
N TYR A 81 -10.98 -5.58 -3.88
CA TYR A 81 -10.86 -4.17 -3.56
C TYR A 81 -11.11 -3.32 -4.80
N ILE A 82 -12.17 -2.51 -4.74
CA ILE A 82 -12.51 -1.64 -5.85
C ILE A 82 -12.25 -0.16 -5.52
N VAL A 83 -12.04 0.64 -6.55
CA VAL A 83 -11.78 2.07 -6.36
C VAL A 83 -12.56 2.91 -7.36
N ASN A 84 -13.60 3.58 -6.88
CA ASN A 84 -14.43 4.42 -7.72
C ASN A 84 -13.57 5.37 -8.55
N GLY A 85 -13.97 5.58 -9.80
CA GLY A 85 -13.23 6.47 -10.67
C GLY A 85 -12.30 5.72 -11.61
N SER A 86 -11.89 6.39 -12.69
CA SER A 86 -11.00 5.77 -13.68
C SER A 86 -9.54 6.10 -13.36
N HIS A 87 -8.72 5.06 -13.29
CA HIS A 87 -7.30 5.23 -13.00
C HIS A 87 -6.46 4.18 -13.72
N GLU A 88 -5.24 4.56 -14.09
CA GLU A 88 -4.35 3.65 -14.80
C GLU A 88 -3.34 3.02 -13.84
N ALA A 89 -2.98 1.77 -14.11
CA ALA A 89 -2.03 1.05 -13.27
C ALA A 89 -0.77 1.87 -13.04
N ASN A 90 -0.27 2.50 -14.11
CA ASN A 90 0.93 3.31 -14.03
C ASN A 90 0.83 4.32 -12.89
N LYS A 91 -0.33 4.94 -12.75
CA LYS A 91 -0.56 5.92 -11.69
C LYS A 91 -0.51 5.26 -10.32
N LEU A 92 -1.35 4.25 -10.12
CA LEU A 92 -1.40 3.53 -8.85
C LEU A 92 0.00 3.24 -8.34
N GLN A 93 0.87 2.77 -9.23
CA GLN A 93 2.24 2.45 -8.85
C GLN A 93 2.98 3.70 -8.39
N ASP A 94 2.58 4.85 -8.92
CA ASP A 94 3.21 6.11 -8.56
C ASP A 94 2.63 6.66 -7.26
N MET A 95 1.31 6.80 -7.22
CA MET A 95 0.63 7.30 -6.03
C MET A 95 0.93 6.43 -4.82
N LEU A 96 1.14 5.14 -5.06
CA LEU A 96 1.43 4.20 -3.98
C LEU A 96 2.79 4.50 -3.36
N ASP A 97 3.78 4.74 -4.21
CA ASP A 97 5.14 5.04 -3.74
C ASP A 97 5.10 5.83 -2.43
N GLY A 98 4.49 7.01 -2.48
CA GLY A 98 4.39 7.84 -1.28
C GLY A 98 4.19 7.02 -0.02
N PHE A 99 3.19 6.15 -0.04
CA PHE A 99 2.88 5.30 1.11
C PHE A 99 4.09 4.45 1.49
N ILE A 100 4.43 3.51 0.62
CA ILE A 100 5.57 2.62 0.87
C ILE A 100 6.83 3.42 1.18
N LYS A 101 6.84 4.69 0.76
CA LYS A 101 7.98 5.56 1.00
C LYS A 101 8.24 5.73 2.49
N LYS A 102 7.18 5.62 3.29
CA LYS A 102 7.29 5.75 4.74
C LYS A 102 6.58 4.61 5.45
N PHE A 103 5.27 4.53 5.26
CA PHE A 103 4.48 3.48 5.88
C PHE A 103 5.20 2.14 5.81
N VAL A 104 6.09 2.00 4.84
CA VAL A 104 6.85 0.77 4.66
C VAL A 104 8.34 1.00 4.89
N LEU A 105 8.96 1.76 3.99
CA LEU A 105 10.38 2.05 4.09
C LEU A 105 10.69 2.83 5.37
N CYS A 106 11.96 3.17 5.56
CA CYS A 106 12.38 3.91 6.75
C CYS A 106 13.04 5.24 6.36
N PRO A 107 12.67 6.31 7.07
CA PRO A 107 13.22 7.65 6.82
C PRO A 107 14.70 7.76 7.21
N GLU A 108 15.28 6.63 7.61
CA GLU A 108 16.68 6.60 8.01
C GLU A 108 17.48 5.64 7.13
N CYS A 109 17.13 4.35 7.21
CA CYS A 109 17.81 3.33 6.43
C CYS A 109 17.09 3.09 5.10
N GLU A 110 15.81 3.42 5.07
CA GLU A 110 15.02 3.24 3.85
C GLU A 110 14.73 1.76 3.60
N ASN A 111 14.60 0.99 4.67
CA ASN A 111 14.34 -0.44 4.57
C ASN A 111 12.85 -0.73 4.76
N PRO A 112 12.31 -1.61 3.92
CA PRO A 112 10.89 -1.99 3.97
C PRO A 112 10.58 -2.84 5.21
N GLU A 113 11.60 -3.11 6.01
CA GLU A 113 11.43 -3.91 7.21
C GLU A 113 11.26 -3.01 8.44
N THR A 114 10.03 -2.58 8.67
CA THR A 114 9.73 -1.71 9.81
C THR A 114 8.42 -2.11 10.48
N ASP A 115 8.06 -1.40 11.54
CA ASP A 115 6.83 -1.68 12.28
C ASP A 115 6.03 -0.40 12.51
N LEU A 116 4.73 -0.56 12.76
CA LEU A 116 3.86 0.58 13.00
C LEU A 116 3.07 0.40 14.29
N HIS A 117 2.95 1.48 15.06
CA HIS A 117 2.21 1.44 16.33
C HIS A 117 1.07 2.46 16.32
N VAL A 118 -0.06 2.07 16.90
CA VAL A 118 -1.23 2.94 16.97
C VAL A 118 -1.69 3.14 18.41
N ASN A 119 -2.24 4.31 18.70
CA ASN A 119 -2.72 4.61 20.04
C ASN A 119 -4.12 5.21 19.98
N PRO A 120 -5.11 4.41 20.40
CA PRO A 120 -6.52 4.83 20.41
C PRO A 120 -6.79 5.90 21.47
N LYS A 121 -5.81 6.15 22.30
CA LYS A 121 -5.94 7.15 23.37
C LYS A 121 -5.29 8.47 22.97
N LYS A 122 -4.08 8.39 22.42
CA LYS A 122 -3.36 9.58 21.99
C LYS A 122 -3.73 9.95 20.55
N GLN A 123 -4.34 9.01 19.84
CA GLN A 123 -4.74 9.24 18.46
C GLN A 123 -3.54 9.61 17.59
N THR A 124 -2.47 8.83 17.70
CA THR A 124 -1.26 9.08 16.94
C THR A 124 -0.62 7.77 16.48
N ILE A 125 -0.02 7.80 15.29
CA ILE A 125 0.63 6.61 14.75
C ILE A 125 2.14 6.77 14.75
N GLY A 126 2.82 5.96 15.55
CA GLY A 126 4.27 6.02 15.63
C GLY A 126 4.94 4.82 14.99
N ASN A 127 5.98 5.08 14.21
CA ASN A 127 6.72 4.01 13.54
C ASN A 127 7.99 3.66 14.30
N SER A 128 8.42 2.41 14.18
CA SER A 128 9.62 1.94 14.86
C SER A 128 10.42 0.98 13.97
N CYS A 129 11.60 1.42 13.56
CA CYS A 129 12.46 0.62 12.70
C CYS A 129 13.46 -0.18 13.53
N LYS A 130 13.88 -1.33 13.00
CA LYS A 130 14.84 -2.19 13.69
C LYS A 130 16.17 -2.24 12.94
N ALA A 131 16.09 -2.23 11.61
CA ALA A 131 17.28 -2.28 10.77
C ALA A 131 18.36 -1.33 11.29
N CYS A 132 18.00 -0.06 11.43
CA CYS A 132 18.94 0.95 11.93
C CYS A 132 18.64 1.30 13.38
N GLY A 133 17.36 1.51 13.68
CA GLY A 133 16.97 1.86 15.04
C GLY A 133 16.40 3.26 15.13
N TYR A 134 15.34 3.52 14.37
CA TYR A 134 14.71 4.84 14.37
C TYR A 134 13.28 4.75 14.89
N ARG A 135 12.85 5.80 15.59
CA ARG A 135 11.50 5.85 16.14
C ARG A 135 11.00 7.28 16.24
N GLY A 136 9.68 7.46 16.26
CA GLY A 136 9.10 8.79 16.35
C GLY A 136 7.60 8.77 16.15
N MET A 137 7.08 9.80 15.47
CA MET A 137 5.65 9.90 15.22
C MET A 137 5.39 10.21 13.75
N LEU A 138 4.34 9.62 13.20
CA LEU A 138 3.97 9.84 11.80
C LEU A 138 2.82 10.82 11.69
N ASP A 139 2.97 11.81 10.81
CA ASP A 139 1.94 12.81 10.61
C ASP A 139 0.58 12.16 10.41
N THR A 140 -0.35 12.43 11.33
CA THR A 140 -1.69 11.86 11.27
C THR A 140 -2.34 12.17 9.93
N HIS A 141 -2.60 11.12 9.15
CA HIS A 141 -3.22 11.28 7.84
C HIS A 141 -4.54 12.05 7.95
N HIS A 142 -5.23 12.19 6.83
CA HIS A 142 -6.50 12.90 6.81
C HIS A 142 -7.66 11.98 7.16
N LYS A 143 -8.02 11.09 6.24
CA LYS A 143 -9.11 10.14 6.45
C LYS A 143 -8.58 8.84 7.05
N LEU A 144 -7.57 8.26 6.40
CA LEU A 144 -6.98 7.02 6.87
C LEU A 144 -6.91 6.98 8.40
N CYS A 145 -6.30 8.00 8.98
CA CYS A 145 -6.16 8.09 10.43
C CYS A 145 -7.41 7.57 11.12
N THR A 146 -8.57 7.99 10.63
CA THR A 146 -9.85 7.57 11.19
C THR A 146 -10.00 6.05 11.15
N PHE A 147 -9.76 5.47 9.98
CA PHE A 147 -9.87 4.03 9.79
C PHE A 147 -8.83 3.30 10.64
N ILE A 148 -7.58 3.75 10.55
CA ILE A 148 -6.49 3.13 11.32
C ILE A 148 -6.83 3.08 12.80
N LEU A 149 -7.24 4.21 13.36
CA LEU A 149 -7.60 4.28 14.77
C LEU A 149 -8.75 3.35 15.10
N LYS A 150 -9.89 3.57 14.43
CA LYS A 150 -11.07 2.75 14.64
C LYS A 150 -10.71 1.26 14.71
N ASN A 151 -9.90 0.82 13.74
CA ASN A 151 -9.47 -0.58 13.70
C ASN A 151 -7.95 -0.68 13.58
N PRO A 152 -7.30 -1.07 14.68
CA PRO A 152 -5.85 -1.22 14.73
C PRO A 152 -5.35 -2.40 13.89
N PRO A 153 -4.03 -2.47 13.70
CA PRO A 153 -3.40 -3.55 12.93
C PRO A 153 -3.48 -4.91 13.63
N GLU A 154 -4.00 -5.90 12.91
CA GLU A 154 -4.14 -7.24 13.47
C GLU A 154 -3.13 -8.20 12.84
N ASN A 155 -2.67 -9.17 13.63
CA ASN A 155 -1.70 -10.14 13.15
C ASN A 155 -2.02 -10.57 11.71
N SER A 156 -1.24 -10.05 10.77
CA SER A 156 -1.43 -10.38 9.36
C SER A 156 -0.86 -11.75 9.03
N ASP A 157 0.35 -12.01 9.50
CA ASP A 157 1.00 -13.29 9.26
C ASP A 157 0.63 -14.31 10.34
ZN ZN B . 15.66 2.38 9.76
N GLY A 1 10.57 -11.10 -26.21
CA GLY A 1 9.61 -12.19 -26.19
C GLY A 1 8.26 -11.77 -25.64
N SER A 2 7.20 -12.22 -26.29
CA SER A 2 5.84 -11.88 -25.87
C SER A 2 4.97 -13.13 -25.78
N SER A 3 5.51 -14.18 -25.18
CA SER A 3 4.79 -15.44 -25.05
C SER A 3 3.79 -15.37 -23.90
N GLY A 4 4.24 -14.86 -22.76
CA GLY A 4 3.38 -14.74 -21.60
C GLY A 4 3.75 -13.57 -20.72
N SER A 5 4.01 -12.41 -21.33
CA SER A 5 4.39 -11.22 -20.59
C SER A 5 3.21 -10.69 -19.78
N SER A 6 3.32 -10.82 -18.46
CA SER A 6 2.27 -10.36 -17.56
C SER A 6 2.79 -9.29 -16.60
N GLY A 7 4.11 -9.23 -16.46
CA GLY A 7 4.72 -8.25 -15.57
C GLY A 7 5.74 -8.87 -14.64
N MET A 8 7.00 -8.47 -14.80
CA MET A 8 8.08 -8.99 -13.97
C MET A 8 8.10 -8.30 -12.60
N SER A 9 8.75 -8.93 -11.63
CA SER A 9 8.84 -8.36 -10.29
C SER A 9 9.98 -7.35 -10.20
N VAL A 10 9.64 -6.13 -9.78
CA VAL A 10 10.64 -5.08 -9.65
C VAL A 10 11.17 -5.00 -8.21
N ASN A 11 12.01 -3.99 -7.96
CA ASN A 11 12.58 -3.81 -6.64
C ASN A 11 11.62 -3.08 -5.72
N VAL A 12 11.64 -3.43 -4.43
CA VAL A 12 10.77 -2.81 -3.44
C VAL A 12 10.60 -1.31 -3.72
N ASN A 13 11.69 -0.67 -4.12
CA ASN A 13 11.66 0.76 -4.42
C ASN A 13 11.89 1.01 -5.91
N ARG A 14 11.35 2.12 -6.42
CA ARG A 14 11.50 2.47 -7.82
C ARG A 14 12.86 3.11 -8.08
N SER A 15 13.24 4.05 -7.21
CA SER A 15 14.52 4.73 -7.35
C SER A 15 15.63 3.76 -7.70
N VAL A 16 15.62 2.60 -7.03
CA VAL A 16 16.63 1.58 -7.28
C VAL A 16 16.27 0.71 -8.48
N SER A 17 17.24 0.52 -9.37
CA SER A 17 17.03 -0.28 -10.57
C SER A 17 18.19 -1.24 -10.80
N ASP A 18 18.59 -1.93 -9.73
CA ASP A 18 19.70 -2.88 -9.82
C ASP A 18 19.21 -4.30 -9.55
N GLN A 19 20.02 -5.29 -9.95
CA GLN A 19 19.66 -6.68 -9.76
C GLN A 19 20.31 -7.24 -8.50
N PHE A 20 20.26 -6.46 -7.41
CA PHE A 20 20.84 -6.87 -6.15
C PHE A 20 19.79 -6.92 -5.05
N TYR A 21 18.88 -5.95 -5.08
CA TYR A 21 17.81 -5.89 -4.08
C TYR A 21 17.17 -7.25 -3.88
N ARG A 22 17.40 -7.85 -2.72
CA ARG A 22 16.84 -9.15 -2.39
C ARG A 22 15.31 -9.11 -2.43
N TYR A 23 14.72 -8.35 -1.51
CA TYR A 23 13.28 -8.24 -1.44
C TYR A 23 12.71 -7.68 -2.75
N LYS A 24 11.68 -8.36 -3.27
CA LYS A 24 11.05 -7.93 -4.51
C LYS A 24 9.53 -7.96 -4.37
N MET A 25 8.85 -7.18 -5.22
CA MET A 25 7.40 -7.11 -5.20
C MET A 25 6.83 -7.03 -6.60
N PRO A 26 5.78 -7.82 -6.87
CA PRO A 26 5.13 -7.87 -8.18
C PRO A 26 4.36 -6.58 -8.49
N ARG A 27 4.67 -5.97 -9.62
CA ARG A 27 4.01 -4.73 -10.02
C ARG A 27 2.49 -4.87 -9.91
N LEU A 28 1.88 -3.96 -9.16
CA LEU A 28 0.43 -3.98 -8.96
C LEU A 28 -0.30 -3.93 -10.30
N ILE A 29 -1.47 -4.53 -10.35
CA ILE A 29 -2.27 -4.56 -11.57
C ILE A 29 -3.64 -3.93 -11.34
N ALA A 30 -4.11 -3.19 -12.35
CA ALA A 30 -5.41 -2.54 -12.26
C ALA A 30 -6.27 -2.87 -13.47
N LYS A 31 -7.59 -2.98 -13.25
CA LYS A 31 -8.52 -3.30 -14.32
C LYS A 31 -9.55 -2.17 -14.49
N VAL A 32 -9.90 -1.90 -15.73
CA VAL A 32 -10.87 -0.85 -16.05
C VAL A 32 -11.87 -1.32 -17.10
N GLU A 33 -13.12 -0.90 -16.95
CA GLU A 33 -14.17 -1.27 -17.89
C GLU A 33 -15.08 -0.09 -18.17
N GLY A 34 -15.70 -0.10 -19.36
CA GLY A 34 -16.59 0.97 -19.74
C GLY A 34 -15.93 2.34 -19.63
N LYS A 35 -16.57 3.35 -20.23
CA LYS A 35 -16.04 4.71 -20.20
C LYS A 35 -17.12 5.71 -19.79
N GLY A 36 -17.06 6.14 -18.54
CA GLY A 36 -18.04 7.09 -18.04
C GLY A 36 -19.33 6.43 -17.60
N ASN A 37 -19.66 5.31 -18.23
CA ASN A 37 -20.87 4.57 -17.89
C ASN A 37 -20.61 3.59 -16.75
N GLY A 38 -19.74 3.98 -15.83
CA GLY A 38 -19.43 3.12 -14.70
C GLY A 38 -17.97 2.70 -14.69
N ILE A 39 -17.10 3.55 -15.20
CA ILE A 39 -15.67 3.25 -15.26
C ILE A 39 -15.05 3.33 -13.87
N LYS A 40 -14.51 2.20 -13.41
CA LYS A 40 -13.87 2.15 -12.10
C LYS A 40 -12.62 1.26 -12.14
N THR A 41 -11.60 1.66 -11.39
CA THR A 41 -10.36 0.91 -11.34
C THR A 41 -10.42 -0.21 -10.29
N VAL A 42 -10.05 -1.42 -10.70
CA VAL A 42 -10.07 -2.56 -9.80
C VAL A 42 -8.67 -3.13 -9.60
N ILE A 43 -8.14 -2.97 -8.39
CA ILE A 43 -6.80 -3.47 -8.07
C ILE A 43 -6.83 -4.96 -7.78
N VAL A 44 -6.61 -5.76 -8.82
CA VAL A 44 -6.60 -7.22 -8.69
C VAL A 44 -5.40 -7.68 -7.87
N ASN A 45 -4.24 -7.09 -8.13
CA ASN A 45 -3.02 -7.44 -7.42
C ASN A 45 -2.85 -6.58 -6.17
N MET A 46 -3.96 -6.31 -5.49
CA MET A 46 -3.93 -5.49 -4.27
C MET A 46 -3.47 -6.32 -3.08
N VAL A 47 -4.13 -7.46 -2.87
CA VAL A 47 -3.78 -8.34 -1.75
C VAL A 47 -2.40 -8.94 -1.94
N ASP A 48 -2.08 -9.33 -3.18
CA ASP A 48 -0.78 -9.92 -3.49
C ASP A 48 0.35 -8.99 -3.08
N VAL A 49 0.47 -7.87 -3.78
CA VAL A 49 1.52 -6.89 -3.49
C VAL A 49 1.65 -6.66 -1.99
N ALA A 50 0.51 -6.40 -1.34
CA ALA A 50 0.49 -6.17 0.10
C ALA A 50 1.28 -7.24 0.85
N LYS A 51 0.94 -8.49 0.60
CA LYS A 51 1.61 -9.61 1.25
C LYS A 51 3.13 -9.43 1.21
N ALA A 52 3.64 -9.01 0.05
CA ALA A 52 5.06 -8.80 -0.13
C ALA A 52 5.59 -7.75 0.84
N LEU A 53 4.79 -6.70 1.07
CA LEU A 53 5.17 -5.63 1.97
C LEU A 53 4.83 -5.98 3.42
N ASN A 54 4.44 -7.23 3.63
CA ASN A 54 4.08 -7.70 4.97
C ASN A 54 3.03 -6.79 5.60
N ARG A 55 2.24 -6.13 4.76
CA ARG A 55 1.21 -5.23 5.23
C ARG A 55 -0.12 -5.50 4.53
N PRO A 56 -1.23 -5.24 5.23
CA PRO A 56 -2.57 -5.45 4.70
C PRO A 56 -2.92 -4.46 3.58
N PRO A 57 -3.80 -4.89 2.66
CA PRO A 57 -4.22 -4.07 1.53
C PRO A 57 -5.11 -2.90 1.96
N THR A 58 -5.64 -3.00 3.17
CA THR A 58 -6.52 -1.95 3.71
C THR A 58 -5.76 -0.65 3.88
N TYR A 59 -4.45 -0.75 4.09
CA TYR A 59 -3.61 0.43 4.28
C TYR A 59 -3.47 1.21 2.97
N PRO A 60 -2.96 0.53 1.93
CA PRO A 60 -2.76 1.15 0.62
C PRO A 60 -4.08 1.42 -0.10
N THR A 61 -4.93 0.41 -0.17
CA THR A 61 -6.23 0.55 -0.82
C THR A 61 -6.93 1.82 -0.39
N LYS A 62 -6.92 2.09 0.92
CA LYS A 62 -7.55 3.28 1.46
C LYS A 62 -6.85 4.54 0.97
N TYR A 63 -5.52 4.52 1.00
CA TYR A 63 -4.73 5.67 0.56
C TYR A 63 -5.22 6.18 -0.78
N PHE A 64 -5.31 5.28 -1.76
CA PHE A 64 -5.76 5.64 -3.10
C PHE A 64 -7.02 6.49 -3.04
N GLY A 65 -8.02 5.99 -2.32
CA GLY A 65 -9.28 6.71 -2.20
C GLY A 65 -9.10 8.05 -1.52
N CYS A 66 -8.18 8.12 -0.57
CA CYS A 66 -7.91 9.35 0.16
C CYS A 66 -7.33 10.42 -0.75
N GLU A 67 -6.27 10.06 -1.47
CA GLU A 67 -5.62 10.99 -2.38
C GLU A 67 -6.57 11.42 -3.49
N LEU A 68 -7.21 10.45 -4.13
CA LEU A 68 -8.15 10.72 -5.21
C LEU A 68 -9.44 11.31 -4.67
N GLY A 69 -9.76 10.99 -3.43
CA GLY A 69 -10.97 11.49 -2.81
C GLY A 69 -12.22 10.85 -3.36
N ALA A 70 -12.11 9.57 -3.73
CA ALA A 70 -13.25 8.83 -4.28
C ALA A 70 -13.67 7.72 -3.34
N GLN A 71 -14.75 7.02 -3.70
CA GLN A 71 -15.26 5.93 -2.89
C GLN A 71 -14.56 4.62 -3.24
N THR A 72 -14.54 3.69 -2.29
CA THR A 72 -13.89 2.39 -2.50
C THR A 72 -14.75 1.26 -1.95
N GLN A 73 -14.55 0.07 -2.47
CA GLN A 73 -15.30 -1.10 -2.04
C GLN A 73 -14.38 -2.14 -1.39
N PHE A 74 -14.74 -2.59 -0.19
CA PHE A 74 -13.95 -3.57 0.53
C PHE A 74 -14.73 -4.87 0.70
N ASP A 75 -14.31 -5.90 -0.02
CA ASP A 75 -14.97 -7.20 0.06
C ASP A 75 -13.96 -8.31 0.35
N VAL A 76 -13.64 -8.50 1.62
CA VAL A 76 -12.69 -9.53 2.04
C VAL A 76 -13.16 -10.91 1.62
N LYS A 77 -14.47 -11.12 1.65
CA LYS A 77 -15.05 -12.40 1.28
C LYS A 77 -14.39 -12.94 0.02
N ASN A 78 -14.32 -12.11 -1.02
CA ASN A 78 -13.72 -12.51 -2.29
C ASN A 78 -12.39 -11.77 -2.51
N ASP A 79 -11.83 -11.25 -1.43
CA ASP A 79 -10.57 -10.54 -1.50
C ASP A 79 -10.52 -9.64 -2.74
N ARG A 80 -11.62 -8.94 -2.99
CA ARG A 80 -11.71 -8.05 -4.15
C ARG A 80 -11.82 -6.59 -3.71
N TYR A 81 -10.96 -5.74 -4.27
CA TYR A 81 -10.95 -4.33 -3.93
C TYR A 81 -11.20 -3.47 -5.16
N ILE A 82 -12.16 -2.56 -5.06
CA ILE A 82 -12.49 -1.67 -6.16
C ILE A 82 -12.32 -0.20 -5.77
N VAL A 83 -11.93 0.62 -6.73
CA VAL A 83 -11.74 2.05 -6.49
C VAL A 83 -12.49 2.88 -7.51
N ASN A 84 -13.48 3.65 -7.05
CA ASN A 84 -14.26 4.50 -7.93
C ASN A 84 -13.37 5.45 -8.73
N GLY A 85 -13.63 5.55 -10.02
CA GLY A 85 -12.83 6.42 -10.86
C GLY A 85 -11.83 5.65 -11.71
N SER A 86 -11.51 6.20 -12.89
CA SER A 86 -10.57 5.55 -13.79
C SER A 86 -9.13 5.96 -13.45
N HIS A 87 -8.27 4.96 -13.26
CA HIS A 87 -6.87 5.22 -12.94
C HIS A 87 -5.97 4.12 -13.49
N GLU A 88 -5.06 4.50 -14.38
CA GLU A 88 -4.15 3.54 -14.99
C GLU A 88 -3.12 3.04 -13.97
N ALA A 89 -2.86 1.74 -13.99
CA ALA A 89 -1.91 1.13 -13.07
C ALA A 89 -0.69 2.01 -12.89
N ASN A 90 -0.13 2.49 -14.00
CA ASN A 90 1.05 3.34 -13.96
C ASN A 90 0.89 4.43 -12.91
N LYS A 91 -0.25 5.11 -12.92
CA LYS A 91 -0.52 6.16 -11.95
C LYS A 91 -0.64 5.60 -10.54
N LEU A 92 -1.46 4.57 -10.39
CA LEU A 92 -1.66 3.94 -9.09
C LEU A 92 -0.34 3.72 -8.37
N GLN A 93 0.62 3.12 -9.07
CA GLN A 93 1.94 2.85 -8.51
C GLN A 93 2.62 4.16 -8.10
N ASP A 94 2.48 5.18 -8.93
CA ASP A 94 3.09 6.47 -8.65
C ASP A 94 2.60 7.03 -7.32
N MET A 95 1.30 6.92 -7.08
CA MET A 95 0.70 7.41 -5.85
C MET A 95 1.07 6.51 -4.67
N LEU A 96 0.79 5.21 -4.81
CA LEU A 96 1.10 4.25 -3.76
C LEU A 96 2.47 4.50 -3.17
N ASP A 97 3.44 4.79 -4.03
CA ASP A 97 4.80 5.07 -3.58
C ASP A 97 4.81 5.83 -2.26
N GLY A 98 4.16 7.00 -2.26
CA GLY A 98 4.11 7.80 -1.05
C GLY A 98 3.83 6.98 0.19
N PHE A 99 2.94 6.00 0.06
CA PHE A 99 2.58 5.14 1.19
C PHE A 99 3.75 4.23 1.55
N ILE A 100 4.23 3.46 0.58
CA ILE A 100 5.34 2.55 0.81
C ILE A 100 6.63 3.31 1.13
N LYS A 101 6.60 4.62 0.87
CA LYS A 101 7.76 5.47 1.13
C LYS A 101 7.93 5.72 2.63
N LYS A 102 6.84 5.54 3.38
CA LYS A 102 6.87 5.75 4.83
C LYS A 102 6.16 4.61 5.55
N PHE A 103 4.88 4.44 5.24
CA PHE A 103 4.07 3.40 5.86
C PHE A 103 4.79 2.05 5.79
N VAL A 104 5.74 1.94 4.87
CA VAL A 104 6.51 0.71 4.70
C VAL A 104 7.99 0.96 4.89
N LEU A 105 8.61 1.60 3.91
CA LEU A 105 10.05 1.91 3.98
C LEU A 105 10.38 2.71 5.23
N CYS A 106 11.66 2.83 5.53
CA CYS A 106 12.11 3.57 6.70
C CYS A 106 12.71 4.92 6.29
N PRO A 107 12.30 5.98 7.00
CA PRO A 107 12.79 7.34 6.74
C PRO A 107 14.25 7.52 7.10
N GLU A 108 14.91 6.42 7.48
CA GLU A 108 16.31 6.46 7.86
C GLU A 108 17.11 5.40 7.11
N CYS A 109 16.64 4.15 7.17
CA CYS A 109 17.30 3.06 6.50
C CYS A 109 16.46 2.52 5.35
N GLU A 110 15.49 3.33 4.92
CA GLU A 110 14.60 2.94 3.83
C GLU A 110 14.38 1.43 3.81
N ASN A 111 14.27 0.85 5.00
CA ASN A 111 14.06 -0.59 5.13
C ASN A 111 12.58 -0.94 4.96
N PRO A 112 12.31 -1.87 4.03
CA PRO A 112 10.94 -2.31 3.73
C PRO A 112 10.34 -3.13 4.87
N GLU A 113 11.11 -3.31 5.94
CA GLU A 113 10.66 -4.07 7.10
C GLU A 113 10.63 -3.20 8.35
N THR A 114 9.46 -2.62 8.64
CA THR A 114 9.29 -1.77 9.80
C THR A 114 8.04 -2.13 10.59
N ASP A 115 7.87 -1.53 11.75
CA ASP A 115 6.72 -1.78 12.60
C ASP A 115 5.87 -0.52 12.77
N LEU A 116 4.56 -0.71 12.89
CA LEU A 116 3.64 0.41 13.06
C LEU A 116 2.83 0.26 14.34
N HIS A 117 2.74 1.35 15.10
CA HIS A 117 1.98 1.34 16.35
C HIS A 117 0.75 2.23 16.26
N VAL A 118 -0.35 1.79 16.85
CA VAL A 118 -1.60 2.54 16.81
C VAL A 118 -2.00 2.97 18.22
N ASN A 119 -2.28 4.27 18.38
CA ASN A 119 -2.68 4.81 19.68
C ASN A 119 -4.06 5.47 19.58
N PRO A 120 -5.07 4.81 20.16
CA PRO A 120 -6.45 5.31 20.16
C PRO A 120 -6.61 6.54 21.05
N LYS A 121 -5.85 6.58 22.15
CA LYS A 121 -5.92 7.71 23.07
C LYS A 121 -5.26 8.95 22.48
N LYS A 122 -3.99 8.83 22.12
CA LYS A 122 -3.26 9.95 21.54
C LYS A 122 -3.70 10.19 20.10
N GLN A 123 -4.49 9.27 19.56
CA GLN A 123 -4.99 9.40 18.19
C GLN A 123 -3.86 9.78 17.23
N THR A 124 -2.76 9.04 17.30
CA THR A 124 -1.61 9.31 16.44
C THR A 124 -0.93 8.01 16.03
N ILE A 125 -0.33 8.02 14.84
CA ILE A 125 0.36 6.83 14.33
C ILE A 125 1.87 6.98 14.47
N GLY A 126 2.52 5.92 14.95
CA GLY A 126 3.96 5.95 15.11
C GLY A 126 4.66 4.81 14.40
N ASN A 127 5.88 5.06 13.93
CA ASN A 127 6.64 4.04 13.24
C ASN A 127 7.92 3.69 13.99
N SER A 128 8.11 2.40 14.26
CA SER A 128 9.28 1.94 14.99
C SER A 128 10.05 0.90 14.18
N CYS A 129 11.18 1.29 13.63
CA CYS A 129 12.01 0.40 12.84
C CYS A 129 13.04 -0.32 13.72
N LYS A 130 13.56 -1.44 13.21
CA LYS A 130 14.55 -2.22 13.93
C LYS A 130 15.90 -2.17 13.24
N ALA A 131 15.88 -2.29 11.91
CA ALA A 131 17.11 -2.26 11.13
C ALA A 131 18.08 -1.21 11.67
N CYS A 132 17.60 0.00 11.84
CA CYS A 132 18.42 1.09 12.36
C CYS A 132 17.99 1.49 13.76
N GLY A 133 16.68 1.48 14.00
CA GLY A 133 16.15 1.84 15.31
C GLY A 133 15.57 3.24 15.32
N TYR A 134 14.80 3.57 14.30
CA TYR A 134 14.18 4.89 14.19
C TYR A 134 12.78 4.87 14.80
N ARG A 135 12.53 5.80 15.73
CA ARG A 135 11.23 5.89 16.38
C ARG A 135 10.70 7.32 16.33
N GLY A 136 9.50 7.48 15.78
CA GLY A 136 8.89 8.79 15.68
C GLY A 136 7.40 8.74 15.46
N MET A 137 6.81 9.88 15.14
CA MET A 137 5.36 9.96 14.90
C MET A 137 5.08 10.32 13.44
N LEU A 138 4.41 9.41 12.74
CA LEU A 138 4.08 9.64 11.33
C LEU A 138 3.11 10.81 11.19
N ASP A 139 3.43 11.74 10.29
CA ASP A 139 2.59 12.90 10.05
C ASP A 139 1.70 12.68 8.84
N THR A 140 0.42 12.38 9.09
CA THR A 140 -0.53 12.15 8.02
C THR A 140 -1.86 12.86 8.30
N HIS A 141 -2.41 13.49 7.27
CA HIS A 141 -3.68 14.19 7.40
C HIS A 141 -4.68 13.38 8.21
N HIS A 142 -5.78 14.02 8.60
CA HIS A 142 -6.82 13.35 9.37
C HIS A 142 -7.80 12.63 8.46
N LYS A 143 -7.29 12.11 7.35
CA LYS A 143 -8.13 11.39 6.39
C LYS A 143 -8.02 9.89 6.59
N LEU A 144 -6.78 9.38 6.59
CA LEU A 144 -6.54 7.95 6.78
C LEU A 144 -6.25 7.64 8.24
N CYS A 145 -5.17 8.21 8.75
CA CYS A 145 -4.77 8.00 10.14
C CYS A 145 -5.98 7.85 11.04
N THR A 146 -7.05 8.58 10.71
CA THR A 146 -8.28 8.54 11.49
C THR A 146 -8.87 7.12 11.51
N PHE A 147 -9.02 6.55 10.32
CA PHE A 147 -9.58 5.20 10.19
C PHE A 147 -8.67 4.17 10.86
N ILE A 148 -7.37 4.27 10.59
CA ILE A 148 -6.40 3.35 11.16
C ILE A 148 -6.53 3.32 12.69
N LEU A 149 -6.71 4.48 13.29
CA LEU A 149 -6.85 4.58 14.74
C LEU A 149 -8.13 3.90 15.22
N LYS A 150 -9.25 4.31 14.65
CA LYS A 150 -10.54 3.74 15.02
C LYS A 150 -10.54 2.23 14.84
N ASN A 151 -9.97 1.77 13.74
CA ASN A 151 -9.89 0.34 13.44
C ASN A 151 -8.44 -0.11 13.28
N PRO A 152 -7.89 -0.73 14.33
CA PRO A 152 -6.52 -1.23 14.32
C PRO A 152 -6.33 -2.43 13.39
N PRO A 153 -5.07 -2.81 13.16
CA PRO A 153 -4.73 -3.94 12.29
C PRO A 153 -5.12 -5.28 12.89
N GLU A 154 -5.79 -6.10 12.09
CA GLU A 154 -6.22 -7.42 12.56
C GLU A 154 -6.75 -7.35 13.99
N ASN A 155 -7.22 -6.16 14.38
CA ASN A 155 -7.75 -5.96 15.72
C ASN A 155 -9.08 -5.21 15.67
N SER A 156 -9.77 -5.14 16.81
CA SER A 156 -11.04 -4.46 16.89
C SER A 156 -11.26 -3.86 18.28
N ASP A 157 -11.98 -2.75 18.34
CA ASP A 157 -12.26 -2.08 19.61
C ASP A 157 -13.36 -1.04 19.44
ZN ZN B . 15.30 2.12 9.93
N GLY A 1 0.27 -24.10 -20.54
CA GLY A 1 -1.12 -23.77 -20.80
C GLY A 1 -1.35 -22.28 -20.94
N SER A 2 -1.71 -21.64 -19.84
CA SER A 2 -1.96 -20.20 -19.84
C SER A 2 -1.98 -19.66 -18.42
N SER A 3 -1.03 -18.77 -18.12
CA SER A 3 -0.94 -18.17 -16.80
C SER A 3 -0.18 -16.84 -16.86
N GLY A 4 -0.86 -15.76 -16.46
CA GLY A 4 -0.24 -14.46 -16.47
C GLY A 4 1.06 -14.41 -15.68
N SER A 5 1.83 -13.35 -15.88
CA SER A 5 3.11 -13.20 -15.18
C SER A 5 2.89 -13.04 -13.68
N SER A 6 2.93 -14.16 -12.97
CA SER A 6 2.74 -14.14 -11.52
C SER A 6 4.07 -14.32 -10.80
N GLY A 7 5.12 -13.73 -11.35
CA GLY A 7 6.44 -13.83 -10.74
C GLY A 7 7.21 -12.53 -10.80
N MET A 8 7.54 -12.11 -12.02
CA MET A 8 8.28 -10.87 -12.22
C MET A 8 7.88 -9.82 -11.18
N SER A 9 8.87 -9.08 -10.67
CA SER A 9 8.62 -8.06 -9.68
C SER A 9 9.70 -6.98 -9.71
N VAL A 10 9.30 -5.74 -9.44
CA VAL A 10 10.24 -4.62 -9.44
C VAL A 10 10.77 -4.34 -8.04
N ASN A 11 11.82 -3.54 -7.95
CA ASN A 11 12.42 -3.20 -6.68
C ASN A 11 11.39 -2.54 -5.75
N VAL A 12 11.44 -2.89 -4.47
CA VAL A 12 10.52 -2.32 -3.49
C VAL A 12 10.28 -0.84 -3.75
N ASN A 13 11.35 -0.12 -4.04
CA ASN A 13 11.25 1.32 -4.31
C ASN A 13 10.97 1.57 -5.79
N ARG A 14 10.90 2.85 -6.15
CA ARG A 14 10.63 3.24 -7.53
C ARG A 14 11.76 4.11 -8.09
N SER A 15 12.51 4.73 -7.18
CA SER A 15 13.62 5.59 -7.58
C SER A 15 14.93 5.11 -6.99
N VAL A 16 15.20 3.81 -7.14
CA VAL A 16 16.42 3.21 -6.61
C VAL A 16 17.33 2.75 -7.75
N SER A 17 18.48 3.41 -7.87
CA SER A 17 19.44 3.06 -8.92
C SER A 17 20.53 2.13 -8.38
N ASP A 18 20.16 0.87 -8.15
CA ASP A 18 21.09 -0.12 -7.64
C ASP A 18 20.52 -1.53 -7.78
N GLN A 19 21.23 -2.38 -8.51
CA GLN A 19 20.79 -3.76 -8.71
C GLN A 19 21.21 -4.64 -7.55
N PHE A 20 20.97 -4.15 -6.34
CA PHE A 20 21.31 -4.90 -5.13
C PHE A 20 20.07 -5.22 -4.31
N TYR A 21 19.14 -4.27 -4.26
CA TYR A 21 17.91 -4.45 -3.51
C TYR A 21 17.39 -5.87 -3.64
N ARG A 22 17.55 -6.66 -2.59
CA ARG A 22 17.09 -8.05 -2.59
C ARG A 22 15.57 -8.12 -2.69
N TYR A 23 14.90 -7.78 -1.59
CA TYR A 23 13.44 -7.82 -1.56
C TYR A 23 12.85 -7.12 -2.78
N LYS A 24 11.69 -7.61 -3.23
CA LYS A 24 11.03 -7.03 -4.39
C LYS A 24 9.51 -7.23 -4.29
N MET A 25 8.77 -6.41 -5.03
CA MET A 25 7.31 -6.50 -5.04
C MET A 25 6.76 -6.47 -6.46
N PRO A 26 5.70 -7.24 -6.70
CA PRO A 26 5.06 -7.33 -8.01
C PRO A 26 4.33 -6.04 -8.39
N ARG A 27 4.18 -5.81 -9.69
CA ARG A 27 3.49 -4.62 -10.18
C ARG A 27 1.99 -4.76 -10.03
N LEU A 28 1.39 -3.87 -9.25
CA LEU A 28 -0.05 -3.89 -9.02
C LEU A 28 -0.81 -3.80 -10.34
N ILE A 29 -1.83 -4.65 -10.49
CA ILE A 29 -2.64 -4.66 -11.70
C ILE A 29 -3.96 -3.93 -11.49
N ALA A 30 -4.40 -3.22 -12.52
CA ALA A 30 -5.65 -2.47 -12.46
C ALA A 30 -6.58 -2.85 -13.61
N LYS A 31 -7.82 -3.19 -13.28
CA LYS A 31 -8.80 -3.57 -14.29
C LYS A 31 -9.86 -2.49 -14.45
N VAL A 32 -10.16 -2.15 -15.70
CA VAL A 32 -11.16 -1.12 -15.98
C VAL A 32 -12.10 -1.57 -17.09
N GLU A 33 -13.39 -1.32 -16.90
CA GLU A 33 -14.39 -1.70 -17.89
C GLU A 33 -15.41 -0.59 -18.08
N GLY A 34 -15.81 -0.36 -19.33
CA GLY A 34 -16.77 0.68 -19.64
C GLY A 34 -16.23 2.07 -19.39
N LYS A 35 -16.67 3.03 -20.21
CA LYS A 35 -16.22 4.41 -20.08
C LYS A 35 -17.39 5.34 -19.77
N GLY A 36 -17.42 5.85 -18.54
CA GLY A 36 -18.49 6.75 -18.14
C GLY A 36 -19.75 6.00 -17.74
N ASN A 37 -19.92 4.80 -18.29
CA ASN A 37 -21.10 3.99 -17.99
C ASN A 37 -20.81 2.98 -16.88
N GLY A 38 -20.00 3.41 -15.91
CA GLY A 38 -19.65 2.54 -14.80
C GLY A 38 -18.17 2.19 -14.78
N ILE A 39 -17.34 3.10 -15.25
CA ILE A 39 -15.91 2.88 -15.29
C ILE A 39 -15.30 2.96 -13.89
N LYS A 40 -14.64 1.88 -13.47
CA LYS A 40 -14.02 1.83 -12.16
C LYS A 40 -12.70 1.07 -12.22
N THR A 41 -11.78 1.41 -11.30
CA THR A 41 -10.48 0.75 -11.24
C THR A 41 -10.44 -0.30 -10.15
N VAL A 42 -10.29 -1.56 -10.54
CA VAL A 42 -10.23 -2.66 -9.58
C VAL A 42 -8.81 -3.19 -9.45
N ILE A 43 -8.22 -2.96 -8.27
CA ILE A 43 -6.85 -3.41 -8.01
C ILE A 43 -6.83 -4.90 -7.68
N VAL A 44 -6.88 -5.73 -8.71
CA VAL A 44 -6.85 -7.18 -8.53
C VAL A 44 -5.65 -7.61 -7.70
N ASN A 45 -4.46 -7.16 -8.10
CA ASN A 45 -3.24 -7.50 -7.38
C ASN A 45 -3.04 -6.61 -6.17
N MET A 46 -4.14 -6.35 -5.46
CA MET A 46 -4.08 -5.50 -4.27
C MET A 46 -3.56 -6.28 -3.07
N VAL A 47 -4.21 -7.39 -2.76
CA VAL A 47 -3.81 -8.23 -1.64
C VAL A 47 -2.39 -8.74 -1.82
N ASP A 48 -2.00 -8.99 -3.06
CA ASP A 48 -0.66 -9.48 -3.36
C ASP A 48 0.39 -8.46 -2.95
N VAL A 49 0.34 -7.28 -3.56
CA VAL A 49 1.30 -6.23 -3.26
C VAL A 49 1.37 -5.97 -1.76
N ALA A 50 0.22 -6.04 -1.09
CA ALA A 50 0.17 -5.82 0.35
C ALA A 50 0.84 -6.95 1.11
N LYS A 51 0.42 -8.18 0.83
CA LYS A 51 1.00 -9.35 1.50
C LYS A 51 2.52 -9.33 1.40
N ALA A 52 3.04 -8.89 0.26
CA ALA A 52 4.48 -8.83 0.06
C ALA A 52 5.13 -7.83 1.02
N LEU A 53 4.38 -6.81 1.39
CA LEU A 53 4.87 -5.78 2.31
C LEU A 53 4.48 -6.10 3.75
N ASN A 54 4.11 -7.35 3.99
CA ASN A 54 3.71 -7.79 5.33
C ASN A 54 2.69 -6.84 5.92
N ARG A 55 1.93 -6.16 5.05
CA ARG A 55 0.92 -5.21 5.50
C ARG A 55 -0.39 -5.43 4.73
N PRO A 56 -1.52 -5.11 5.38
CA PRO A 56 -2.85 -5.25 4.79
C PRO A 56 -3.10 -4.24 3.66
N PRO A 57 -3.91 -4.65 2.68
CA PRO A 57 -4.24 -3.80 1.53
C PRO A 57 -5.13 -2.63 1.92
N THR A 58 -5.66 -2.67 3.14
CA THR A 58 -6.53 -1.60 3.64
C THR A 58 -5.77 -0.28 3.76
N TYR A 59 -4.46 -0.37 3.95
CA TYR A 59 -3.63 0.82 4.09
C TYR A 59 -3.50 1.54 2.74
N PRO A 60 -2.98 0.82 1.74
CA PRO A 60 -2.78 1.35 0.40
C PRO A 60 -4.10 1.59 -0.33
N THR A 61 -4.95 0.57 -0.35
CA THR A 61 -6.25 0.68 -1.01
C THR A 61 -6.96 1.96 -0.63
N LYS A 62 -7.03 2.24 0.67
CA LYS A 62 -7.69 3.44 1.17
C LYS A 62 -6.94 4.70 0.71
N TYR A 63 -5.63 4.68 0.86
CA TYR A 63 -4.81 5.82 0.46
C TYR A 63 -5.23 6.35 -0.91
N PHE A 64 -5.17 5.48 -1.91
CA PHE A 64 -5.55 5.85 -3.27
C PHE A 64 -6.81 6.71 -3.27
N GLY A 65 -7.90 6.15 -2.76
CA GLY A 65 -9.15 6.88 -2.71
C GLY A 65 -8.97 8.32 -2.26
N CYS A 66 -8.21 8.52 -1.19
CA CYS A 66 -7.96 9.85 -0.67
C CYS A 66 -7.37 10.75 -1.74
N GLU A 67 -6.21 10.36 -2.27
CA GLU A 67 -5.54 11.14 -3.30
C GLU A 67 -6.48 11.37 -4.49
N LEU A 68 -7.19 10.33 -4.89
CA LEU A 68 -8.11 10.43 -6.01
C LEU A 68 -9.37 11.20 -5.62
N GLY A 69 -9.66 11.23 -4.32
CA GLY A 69 -10.83 11.95 -3.84
C GLY A 69 -12.12 11.25 -4.21
N ALA A 70 -12.07 9.93 -4.34
CA ALA A 70 -13.25 9.15 -4.69
C ALA A 70 -13.57 8.13 -3.60
N GLN A 71 -14.56 7.28 -3.86
CA GLN A 71 -14.97 6.26 -2.90
C GLN A 71 -14.31 4.92 -3.23
N THR A 72 -14.33 4.00 -2.27
CA THR A 72 -13.74 2.69 -2.44
C THR A 72 -14.63 1.60 -1.88
N GLN A 73 -14.47 0.37 -2.38
CA GLN A 73 -15.26 -0.75 -1.92
C GLN A 73 -14.37 -1.85 -1.35
N PHE A 74 -14.70 -2.31 -0.15
CA PHE A 74 -13.93 -3.35 0.51
C PHE A 74 -14.78 -4.61 0.72
N ASP A 75 -14.30 -5.73 0.18
CA ASP A 75 -15.02 -7.00 0.29
C ASP A 75 -14.06 -8.12 0.67
N VAL A 76 -13.76 -8.24 1.96
CA VAL A 76 -12.86 -9.28 2.44
C VAL A 76 -13.36 -10.67 2.04
N LYS A 77 -14.67 -10.86 2.11
CA LYS A 77 -15.28 -12.14 1.77
C LYS A 77 -14.64 -12.72 0.51
N ASN A 78 -14.52 -11.90 -0.52
CA ASN A 78 -13.93 -12.33 -1.78
C ASN A 78 -12.58 -11.65 -2.01
N ASP A 79 -12.00 -11.12 -0.94
CA ASP A 79 -10.72 -10.45 -1.02
C ASP A 79 -10.63 -9.60 -2.29
N ARG A 80 -11.71 -8.90 -2.59
CA ARG A 80 -11.75 -8.04 -3.78
C ARG A 80 -11.85 -6.58 -3.39
N TYR A 81 -10.97 -5.76 -3.95
CA TYR A 81 -10.96 -4.32 -3.66
C TYR A 81 -11.22 -3.50 -4.91
N ILE A 82 -12.06 -2.49 -4.79
CA ILE A 82 -12.39 -1.63 -5.92
C ILE A 82 -12.18 -0.16 -5.58
N VAL A 83 -11.74 0.61 -6.55
CA VAL A 83 -11.49 2.04 -6.36
C VAL A 83 -12.22 2.88 -7.40
N ASN A 84 -13.36 3.45 -7.01
CA ASN A 84 -14.15 4.26 -7.91
C ASN A 84 -13.26 5.18 -8.75
N GLY A 85 -13.66 5.42 -9.99
CA GLY A 85 -12.89 6.27 -10.86
C GLY A 85 -11.94 5.49 -11.75
N SER A 86 -11.57 6.08 -12.89
CA SER A 86 -10.67 5.42 -13.83
C SER A 86 -9.21 5.80 -13.53
N HIS A 87 -8.36 4.78 -13.41
CA HIS A 87 -6.95 5.00 -13.13
C HIS A 87 -6.11 3.85 -13.67
N GLU A 88 -4.98 4.18 -14.30
CA GLU A 88 -4.09 3.17 -14.85
C GLU A 88 -3.04 2.75 -13.84
N ALA A 89 -2.70 1.47 -13.84
CA ALA A 89 -1.71 0.93 -12.91
C ALA A 89 -0.49 1.85 -12.83
N ASN A 90 -0.01 2.28 -14.00
CA ASN A 90 1.15 3.16 -14.06
C ASN A 90 1.02 4.31 -13.08
N LYS A 91 -0.16 4.91 -13.04
CA LYS A 91 -0.42 6.03 -12.15
C LYS A 91 -0.50 5.56 -10.69
N LEU A 92 -1.29 4.53 -10.45
CA LEU A 92 -1.45 3.99 -9.10
C LEU A 92 -0.08 3.76 -8.46
N GLN A 93 0.76 2.97 -9.11
CA GLN A 93 2.09 2.68 -8.61
C GLN A 93 2.82 3.96 -8.22
N ASP A 94 2.65 5.00 -9.03
CA ASP A 94 3.30 6.28 -8.78
C ASP A 94 2.86 6.86 -7.43
N MET A 95 1.55 6.86 -7.20
CA MET A 95 1.01 7.38 -5.95
C MET A 95 1.38 6.48 -4.77
N LEU A 96 1.09 5.18 -4.91
CA LEU A 96 1.39 4.21 -3.87
C LEU A 96 2.80 4.44 -3.31
N ASP A 97 3.76 4.61 -4.21
CA ASP A 97 5.15 4.83 -3.80
C ASP A 97 5.21 5.66 -2.52
N GLY A 98 4.50 6.78 -2.52
CA GLY A 98 4.50 7.64 -1.35
C GLY A 98 4.23 6.89 -0.07
N PHE A 99 3.17 6.07 -0.07
CA PHE A 99 2.80 5.29 1.11
C PHE A 99 3.94 4.36 1.52
N ILE A 100 4.47 3.62 0.54
CA ILE A 100 5.56 2.69 0.80
C ILE A 100 6.85 3.44 1.11
N LYS A 101 6.87 4.73 0.83
CA LYS A 101 8.05 5.56 1.08
C LYS A 101 8.23 5.81 2.56
N LYS A 102 7.14 5.66 3.33
CA LYS A 102 7.19 5.86 4.77
C LYS A 102 6.51 4.71 5.50
N PHE A 103 5.20 4.58 5.31
CA PHE A 103 4.43 3.53 5.95
C PHE A 103 5.18 2.20 5.89
N VAL A 104 6.02 2.05 4.88
CA VAL A 104 6.80 0.82 4.70
C VAL A 104 8.29 1.09 4.88
N LEU A 105 8.88 1.78 3.91
CA LEU A 105 10.30 2.10 3.96
C LEU A 105 10.62 2.99 5.16
N CYS A 106 11.88 2.99 5.57
CA CYS A 106 12.31 3.79 6.70
C CYS A 106 12.91 5.12 6.24
N PRO A 107 12.50 6.22 6.89
CA PRO A 107 12.99 7.56 6.55
C PRO A 107 14.44 7.76 6.94
N GLU A 108 15.09 6.69 7.39
CA GLU A 108 16.48 6.75 7.79
C GLU A 108 17.32 5.72 7.04
N CYS A 109 16.82 4.49 6.98
CA CYS A 109 17.51 3.41 6.28
C CYS A 109 16.63 2.81 5.19
N GLU A 110 15.55 3.51 4.86
CA GLU A 110 14.63 3.06 3.83
C GLU A 110 14.49 1.53 3.86
N ASN A 111 14.46 0.98 5.06
CA ASN A 111 14.33 -0.47 5.23
C ASN A 111 12.87 -0.90 5.09
N PRO A 112 12.61 -1.82 4.15
CA PRO A 112 11.26 -2.35 3.92
C PRO A 112 10.76 -3.23 5.06
N GLU A 113 11.58 -3.35 6.10
CA GLU A 113 11.23 -4.17 7.26
C GLU A 113 11.10 -3.31 8.51
N THR A 114 9.95 -2.65 8.66
CA THR A 114 9.70 -1.79 9.80
C THR A 114 8.42 -2.19 10.53
N ASP A 115 8.15 -1.55 11.66
CA ASP A 115 6.96 -1.84 12.45
C ASP A 115 6.15 -0.58 12.70
N LEU A 116 4.85 -0.75 12.88
CA LEU A 116 3.96 0.38 13.13
C LEU A 116 3.25 0.23 14.47
N HIS A 117 3.07 1.35 15.18
CA HIS A 117 2.41 1.34 16.47
C HIS A 117 1.23 2.30 16.47
N VAL A 118 0.09 1.83 16.98
CA VAL A 118 -1.11 2.66 17.05
C VAL A 118 -1.44 3.05 18.48
N ASN A 119 -1.98 4.24 18.66
CA ASN A 119 -2.33 4.73 19.99
C ASN A 119 -3.79 5.19 20.03
N PRO A 120 -4.60 4.46 20.80
CA PRO A 120 -6.03 4.77 20.94
C PRO A 120 -6.27 6.05 21.73
N LYS A 121 -5.47 6.26 22.76
CA LYS A 121 -5.58 7.45 23.60
C LYS A 121 -4.93 8.65 22.94
N LYS A 122 -3.63 8.53 22.64
CA LYS A 122 -2.89 9.61 22.00
C LYS A 122 -3.43 9.88 20.60
N GLN A 123 -4.17 8.92 20.05
CA GLN A 123 -4.74 9.07 18.72
C GLN A 123 -3.66 9.43 17.70
N THR A 124 -2.46 8.92 17.91
CA THR A 124 -1.34 9.19 17.01
C THR A 124 -0.68 7.90 16.55
N ILE A 125 -0.09 7.94 15.37
CA ILE A 125 0.59 6.77 14.82
C ILE A 125 2.11 6.95 14.83
N GLY A 126 2.82 5.89 15.22
CA GLY A 126 4.26 5.96 15.28
C GLY A 126 4.92 4.66 14.86
N ASN A 127 5.90 4.75 13.96
CA ASN A 127 6.60 3.56 13.47
C ASN A 127 7.95 3.40 14.18
N SER A 128 8.38 2.16 14.32
CA SER A 128 9.65 1.87 14.99
C SER A 128 10.49 0.91 14.14
N CYS A 129 11.63 1.40 13.65
CA CYS A 129 12.52 0.60 12.83
C CYS A 129 13.59 -0.07 13.69
N LYS A 130 14.14 -1.17 13.19
CA LYS A 130 15.17 -1.91 13.91
C LYS A 130 16.52 -1.78 13.20
N ALA A 131 16.50 -1.94 11.88
CA ALA A 131 17.71 -1.84 11.08
C ALA A 131 18.61 -0.72 11.58
N CYS A 132 18.06 0.49 11.63
CA CYS A 132 18.81 1.66 12.08
C CYS A 132 18.40 2.05 13.51
N GLY A 133 17.13 1.85 13.81
CA GLY A 133 16.63 2.19 15.13
C GLY A 133 15.96 3.55 15.17
N TYR A 134 15.10 3.81 14.20
CA TYR A 134 14.39 5.09 14.11
C TYR A 134 12.99 4.97 14.69
N ARG A 135 12.64 5.91 15.57
CA ARG A 135 11.32 5.91 16.21
C ARG A 135 10.71 7.31 16.17
N GLY A 136 9.58 7.44 15.48
CA GLY A 136 8.91 8.73 15.39
C GLY A 136 7.41 8.58 15.22
N MET A 137 6.74 9.70 14.97
CA MET A 137 5.28 9.70 14.78
C MET A 137 4.91 10.13 13.36
N LEU A 138 4.28 9.21 12.63
CA LEU A 138 3.87 9.50 11.26
C LEU A 138 2.82 10.59 11.22
N ASP A 139 2.90 11.45 10.20
CA ASP A 139 1.94 12.55 10.05
C ASP A 139 0.52 12.06 10.27
N THR A 140 -0.04 12.39 11.43
CA THR A 140 -1.40 11.99 11.77
C THR A 140 -2.39 12.48 10.72
N HIS A 141 -2.66 11.64 9.73
CA HIS A 141 -3.59 11.99 8.66
C HIS A 141 -4.95 12.38 9.23
N HIS A 142 -5.92 12.58 8.35
CA HIS A 142 -7.27 12.96 8.76
C HIS A 142 -8.30 11.93 8.29
N LYS A 143 -8.02 11.32 7.13
CA LYS A 143 -8.92 10.33 6.57
C LYS A 143 -8.44 8.91 6.89
N LEU A 144 -7.13 8.72 6.83
CA LEU A 144 -6.54 7.41 7.12
C LEU A 144 -6.49 7.17 8.62
N CYS A 145 -5.64 7.92 9.31
CA CYS A 145 -5.49 7.78 10.76
C CYS A 145 -6.82 7.40 11.40
N THR A 146 -7.86 8.18 11.10
CA THR A 146 -9.18 7.93 11.66
C THR A 146 -9.60 6.49 11.44
N PHE A 147 -9.44 6.01 10.21
CA PHE A 147 -9.81 4.64 9.86
C PHE A 147 -8.92 3.64 10.58
N ILE A 148 -7.63 3.95 10.65
CA ILE A 148 -6.66 3.07 11.31
C ILE A 148 -7.02 2.89 12.78
N LEU A 149 -7.23 4.00 13.48
CA LEU A 149 -7.57 3.96 14.90
C LEU A 149 -8.82 3.13 15.13
N LYS A 150 -9.91 3.50 14.46
CA LYS A 150 -11.17 2.78 14.59
C LYS A 150 -10.96 1.28 14.46
N ASN A 151 -10.15 0.88 13.48
CA ASN A 151 -9.87 -0.53 13.25
C ASN A 151 -8.37 -0.77 13.18
N PRO A 152 -7.80 -1.29 14.28
CA PRO A 152 -6.36 -1.59 14.36
C PRO A 152 -5.96 -2.76 13.48
N PRO A 153 -4.64 -2.97 13.34
CA PRO A 153 -4.09 -4.06 12.52
C PRO A 153 -4.34 -5.43 13.15
N GLU A 154 -4.93 -6.33 12.37
CA GLU A 154 -5.21 -7.68 12.85
C GLU A 154 -4.00 -8.59 12.69
N ASN A 155 -4.06 -9.75 13.34
CA ASN A 155 -2.95 -10.71 13.27
C ASN A 155 -2.96 -11.45 11.93
N SER A 156 -1.79 -11.48 11.28
CA SER A 156 -1.65 -12.14 9.99
C SER A 156 -2.06 -13.61 10.09
N ASP A 157 -3.14 -13.97 9.39
CA ASP A 157 -3.63 -15.35 9.40
C ASP A 157 -3.05 -16.14 8.24
ZN ZN B . 15.58 2.57 9.85
N GLY A 1 7.71 -29.11 -17.27
CA GLY A 1 8.82 -29.05 -18.19
C GLY A 1 9.69 -27.82 -17.99
N SER A 2 10.10 -27.21 -19.09
CA SER A 2 10.95 -26.02 -19.03
C SER A 2 10.12 -24.79 -18.71
N SER A 3 8.97 -24.66 -19.35
CA SER A 3 8.08 -23.53 -19.14
C SER A 3 7.92 -23.25 -17.65
N GLY A 4 7.46 -22.03 -17.33
CA GLY A 4 7.26 -21.66 -15.94
C GLY A 4 7.75 -20.26 -15.65
N SER A 5 8.18 -20.04 -14.41
CA SER A 5 8.67 -18.72 -14.00
C SER A 5 7.80 -17.61 -14.56
N SER A 6 6.48 -17.83 -14.54
CA SER A 6 5.54 -16.84 -15.05
C SER A 6 5.31 -15.73 -14.03
N GLY A 7 5.96 -14.58 -14.26
CA GLY A 7 5.81 -13.46 -13.35
C GLY A 7 7.11 -12.70 -13.18
N MET A 8 6.99 -11.39 -12.95
CA MET A 8 8.16 -10.54 -12.76
C MET A 8 7.90 -9.48 -11.69
N SER A 9 8.88 -9.27 -10.82
CA SER A 9 8.74 -8.28 -9.76
C SER A 9 9.76 -7.16 -9.92
N VAL A 10 9.36 -5.94 -9.57
CA VAL A 10 10.23 -4.78 -9.68
C VAL A 10 10.77 -4.37 -8.31
N ASN A 11 11.73 -3.45 -8.32
CA ASN A 11 12.33 -2.96 -7.08
C ASN A 11 11.26 -2.45 -6.12
N VAL A 12 11.20 -3.05 -4.94
CA VAL A 12 10.22 -2.65 -3.93
C VAL A 12 10.00 -1.14 -3.95
N ASN A 13 11.08 -0.38 -4.09
CA ASN A 13 11.01 1.06 -4.12
C ASN A 13 11.17 1.59 -5.54
N ARG A 14 10.16 2.31 -6.02
CA ARG A 14 10.19 2.87 -7.37
C ARG A 14 11.39 3.80 -7.55
N SER A 15 11.57 4.73 -6.61
CA SER A 15 12.67 5.67 -6.67
C SER A 15 13.96 4.98 -7.10
N VAL A 16 14.10 3.71 -6.71
CA VAL A 16 15.28 2.93 -7.05
C VAL A 16 14.98 1.95 -8.18
N SER A 17 15.86 1.94 -9.18
CA SER A 17 15.69 1.05 -10.33
C SER A 17 16.95 0.23 -10.57
N ASP A 18 17.51 -0.32 -9.50
CA ASP A 18 18.71 -1.13 -9.59
C ASP A 18 18.40 -2.61 -9.35
N GLN A 19 19.31 -3.48 -9.77
CA GLN A 19 19.13 -4.92 -9.60
C GLN A 19 19.85 -5.42 -8.35
N PHE A 20 19.93 -4.56 -7.34
CA PHE A 20 20.60 -4.91 -6.09
C PHE A 20 19.58 -5.15 -4.98
N TYR A 21 18.56 -4.31 -4.94
CA TYR A 21 17.51 -4.43 -3.92
C TYR A 21 17.23 -5.89 -3.60
N ARG A 22 17.41 -6.25 -2.33
CA ARG A 22 17.18 -7.63 -1.89
C ARG A 22 15.71 -8.01 -2.07
N TYR A 23 14.83 -7.34 -1.32
CA TYR A 23 13.40 -7.61 -1.40
C TYR A 23 12.83 -7.15 -2.73
N LYS A 24 11.64 -7.67 -3.07
CA LYS A 24 10.98 -7.31 -4.31
C LYS A 24 9.47 -7.30 -4.14
N MET A 25 8.77 -6.63 -5.06
CA MET A 25 7.32 -6.54 -5.01
C MET A 25 6.72 -6.58 -6.41
N PRO A 26 5.68 -7.42 -6.59
CA PRO A 26 5.00 -7.57 -7.87
C PRO A 26 4.20 -6.32 -8.25
N ARG A 27 4.40 -5.85 -9.48
CA ARG A 27 3.70 -4.67 -9.97
C ARG A 27 2.20 -4.83 -9.79
N LEU A 28 1.57 -3.83 -9.17
CA LEU A 28 0.13 -3.85 -8.92
C LEU A 28 -0.64 -3.80 -10.24
N ILE A 29 -1.75 -4.52 -10.30
CA ILE A 29 -2.57 -4.56 -11.49
C ILE A 29 -3.97 -4.00 -11.22
N ALA A 30 -4.55 -3.36 -12.22
CA ALA A 30 -5.89 -2.79 -12.09
C ALA A 30 -6.80 -3.23 -13.23
N LYS A 31 -8.10 -3.25 -12.96
CA LYS A 31 -9.07 -3.66 -13.97
C LYS A 31 -10.09 -2.55 -14.22
N VAL A 32 -10.29 -2.19 -15.48
CA VAL A 32 -11.23 -1.14 -15.85
C VAL A 32 -12.11 -1.59 -17.01
N GLU A 33 -13.40 -1.32 -16.91
CA GLU A 33 -14.35 -1.68 -17.95
C GLU A 33 -15.10 -0.46 -18.47
N GLY A 34 -15.39 -0.45 -19.77
CA GLY A 34 -16.09 0.66 -20.37
C GLY A 34 -15.58 2.00 -19.88
N LYS A 35 -16.41 3.04 -20.00
CA LYS A 35 -16.03 4.38 -19.56
C LYS A 35 -17.25 5.26 -19.41
N GLY A 36 -17.56 5.62 -18.17
CA GLY A 36 -18.71 6.47 -17.90
C GLY A 36 -19.95 5.67 -17.54
N ASN A 37 -19.98 4.41 -17.94
CA ASN A 37 -21.10 3.53 -17.65
C ASN A 37 -20.77 2.55 -16.55
N GLY A 38 -19.98 2.99 -15.58
CA GLY A 38 -19.60 2.12 -14.48
C GLY A 38 -18.09 1.87 -14.44
N ILE A 39 -17.32 2.85 -14.88
CA ILE A 39 -15.87 2.73 -14.90
C ILE A 39 -15.30 2.82 -13.49
N LYS A 40 -14.60 1.77 -13.06
CA LYS A 40 -14.00 1.73 -11.74
C LYS A 40 -12.67 0.98 -11.77
N THR A 41 -11.69 1.48 -11.03
CA THR A 41 -10.37 0.86 -10.97
C THR A 41 -10.33 -0.22 -9.90
N VAL A 42 -10.36 -1.48 -10.33
CA VAL A 42 -10.32 -2.60 -9.41
C VAL A 42 -8.91 -3.18 -9.31
N ILE A 43 -8.24 -2.90 -8.19
CA ILE A 43 -6.88 -3.39 -7.97
C ILE A 43 -6.88 -4.88 -7.65
N VAL A 44 -6.78 -5.70 -8.69
CA VAL A 44 -6.76 -7.15 -8.52
C VAL A 44 -5.57 -7.59 -7.68
N ASN A 45 -4.38 -7.15 -8.08
CA ASN A 45 -3.15 -7.49 -7.37
C ASN A 45 -2.97 -6.59 -6.15
N MET A 46 -4.05 -6.31 -5.45
CA MET A 46 -4.00 -5.46 -4.26
C MET A 46 -3.52 -6.25 -3.06
N VAL A 47 -3.98 -7.49 -2.95
CA VAL A 47 -3.60 -8.35 -1.83
C VAL A 47 -2.17 -8.85 -1.99
N ASP A 48 -1.86 -9.39 -3.17
CA ASP A 48 -0.52 -9.89 -3.44
C ASP A 48 0.54 -8.89 -3.02
N VAL A 49 0.51 -7.70 -3.62
CA VAL A 49 1.47 -6.65 -3.31
C VAL A 49 1.58 -6.44 -1.80
N ALA A 50 0.43 -6.28 -1.15
CA ALA A 50 0.39 -6.07 0.29
C ALA A 50 1.30 -7.06 1.02
N LYS A 51 1.00 -8.35 0.87
CA LYS A 51 1.78 -9.39 1.51
C LYS A 51 3.27 -9.10 1.39
N ALA A 52 3.71 -8.77 0.18
CA ALA A 52 5.12 -8.46 -0.07
C ALA A 52 5.59 -7.34 0.84
N LEU A 53 4.73 -6.36 1.09
CA LEU A 53 5.07 -5.23 1.94
C LEU A 53 4.77 -5.54 3.40
N ASN A 54 4.62 -6.83 3.71
CA ASN A 54 4.34 -7.26 5.08
C ASN A 54 3.24 -6.41 5.70
N ARG A 55 2.35 -5.90 4.85
CA ARG A 55 1.24 -5.06 5.33
C ARG A 55 -0.03 -5.37 4.55
N PRO A 56 -1.18 -5.18 5.21
CA PRO A 56 -2.49 -5.43 4.59
C PRO A 56 -2.84 -4.41 3.51
N PRO A 57 -3.64 -4.84 2.53
CA PRO A 57 -4.06 -3.98 1.42
C PRO A 57 -5.02 -2.88 1.87
N THR A 58 -5.59 -3.04 3.05
CA THR A 58 -6.53 -2.06 3.59
C THR A 58 -5.84 -0.72 3.84
N TYR A 59 -4.54 -0.77 4.11
CA TYR A 59 -3.76 0.44 4.36
C TYR A 59 -3.58 1.25 3.08
N PRO A 60 -2.97 0.63 2.06
CA PRO A 60 -2.73 1.27 0.77
C PRO A 60 -4.02 1.50 -0.02
N THR A 61 -4.82 0.44 -0.16
CA THR A 61 -6.08 0.53 -0.88
C THR A 61 -6.80 1.84 -0.58
N LYS A 62 -7.01 2.12 0.70
CA LYS A 62 -7.68 3.34 1.12
C LYS A 62 -6.90 4.58 0.68
N TYR A 63 -5.58 4.55 0.91
CA TYR A 63 -4.72 5.67 0.54
C TYR A 63 -5.15 6.26 -0.80
N PHE A 64 -5.20 5.42 -1.82
CA PHE A 64 -5.60 5.85 -3.15
C PHE A 64 -6.83 6.76 -3.09
N GLY A 65 -7.89 6.25 -2.47
CA GLY A 65 -9.11 7.03 -2.36
C GLY A 65 -8.85 8.47 -1.95
N CYS A 66 -7.99 8.66 -0.97
CA CYS A 66 -7.65 10.00 -0.49
C CYS A 66 -7.15 10.87 -1.63
N GLU A 67 -5.99 10.53 -2.18
CA GLU A 67 -5.40 11.29 -3.27
C GLU A 67 -6.42 11.51 -4.38
N LEU A 68 -7.09 10.42 -4.79
CA LEU A 68 -8.09 10.50 -5.85
C LEU A 68 -9.33 11.27 -5.37
N GLY A 69 -9.53 11.30 -4.06
CA GLY A 69 -10.68 11.99 -3.51
C GLY A 69 -11.99 11.31 -3.84
N ALA A 70 -11.98 9.98 -3.85
CA ALA A 70 -13.17 9.21 -4.15
C ALA A 70 -13.45 8.16 -3.07
N GLN A 71 -14.48 7.36 -3.27
CA GLN A 71 -14.84 6.32 -2.32
C GLN A 71 -14.25 4.97 -2.72
N THR A 72 -14.12 4.07 -1.76
CA THR A 72 -13.57 2.75 -2.01
C THR A 72 -14.47 1.66 -1.44
N GLN A 73 -14.29 0.43 -1.92
CA GLN A 73 -15.08 -0.69 -1.45
C GLN A 73 -14.19 -1.78 -0.88
N PHE A 74 -14.51 -2.23 0.33
CA PHE A 74 -13.73 -3.27 1.00
C PHE A 74 -14.58 -4.52 1.23
N ASP A 75 -14.15 -5.64 0.66
CA ASP A 75 -14.87 -6.91 0.80
C ASP A 75 -13.92 -8.02 1.20
N VAL A 76 -13.45 -7.99 2.43
CA VAL A 76 -12.53 -9.00 2.93
C VAL A 76 -13.04 -10.41 2.61
N LYS A 77 -14.35 -10.58 2.68
CA LYS A 77 -14.96 -11.88 2.39
C LYS A 77 -14.49 -12.42 1.05
N ASN A 78 -14.56 -11.59 0.03
CA ASN A 78 -14.13 -12.00 -1.31
C ASN A 78 -12.75 -11.41 -1.65
N ASP A 79 -12.10 -10.86 -0.63
CA ASP A 79 -10.78 -10.27 -0.81
C ASP A 79 -10.73 -9.42 -2.07
N ARG A 80 -11.80 -8.67 -2.32
CA ARG A 80 -11.88 -7.82 -3.50
C ARG A 80 -11.86 -6.35 -3.11
N TYR A 81 -10.93 -5.60 -3.71
CA TYR A 81 -10.80 -4.18 -3.42
C TYR A 81 -11.04 -3.34 -4.67
N ILE A 82 -11.96 -2.39 -4.56
CA ILE A 82 -12.28 -1.52 -5.69
C ILE A 82 -11.99 -0.06 -5.36
N VAL A 83 -11.80 0.75 -6.39
CA VAL A 83 -11.51 2.17 -6.22
C VAL A 83 -12.26 3.02 -7.24
N ASN A 84 -13.29 3.73 -6.78
CA ASN A 84 -14.08 4.57 -7.65
C ASN A 84 -13.19 5.41 -8.56
N GLY A 85 -13.63 5.63 -9.79
CA GLY A 85 -12.85 6.41 -10.74
C GLY A 85 -11.99 5.55 -11.65
N SER A 86 -11.46 6.17 -12.70
CA SER A 86 -10.62 5.44 -13.65
C SER A 86 -9.15 5.81 -13.48
N HIS A 87 -8.32 4.81 -13.24
CA HIS A 87 -6.89 5.04 -13.05
C HIS A 87 -6.08 3.85 -13.58
N GLU A 88 -4.99 4.15 -14.29
CA GLU A 88 -4.14 3.11 -14.85
C GLU A 88 -3.08 2.68 -13.84
N ALA A 89 -2.79 1.38 -13.81
CA ALA A 89 -1.80 0.84 -12.90
C ALA A 89 -0.57 1.74 -12.83
N ASN A 90 -0.05 2.11 -14.00
CA ASN A 90 1.13 2.97 -14.06
C ASN A 90 1.02 4.13 -13.08
N LYS A 91 -0.10 4.84 -13.13
CA LYS A 91 -0.33 5.97 -12.23
C LYS A 91 -0.40 5.50 -10.77
N LEU A 92 -1.28 4.54 -10.50
CA LEU A 92 -1.44 4.02 -9.16
C LEU A 92 -0.09 3.86 -8.47
N GLN A 93 0.82 3.14 -9.11
CA GLN A 93 2.15 2.93 -8.56
C GLN A 93 2.84 4.26 -8.26
N ASP A 94 2.62 5.23 -9.14
CA ASP A 94 3.23 6.55 -8.98
C ASP A 94 2.82 7.18 -7.64
N MET A 95 1.54 7.06 -7.32
CA MET A 95 1.02 7.62 -6.08
C MET A 95 1.38 6.72 -4.89
N LEU A 96 1.06 5.44 -5.00
CA LEU A 96 1.35 4.48 -3.94
C LEU A 96 2.82 4.58 -3.51
N ASP A 97 3.69 4.83 -4.48
CA ASP A 97 5.12 4.94 -4.20
C ASP A 97 5.37 5.74 -2.92
N GLY A 98 4.64 6.84 -2.77
CA GLY A 98 4.80 7.67 -1.59
C GLY A 98 4.50 6.92 -0.31
N PHE A 99 3.41 6.17 -0.30
CA PHE A 99 3.02 5.40 0.88
C PHE A 99 4.09 4.37 1.22
N ILE A 100 4.60 3.69 0.20
CA ILE A 100 5.63 2.67 0.41
C ILE A 100 6.98 3.31 0.75
N LYS A 101 7.03 4.64 0.65
CA LYS A 101 8.26 5.37 0.94
C LYS A 101 8.31 5.77 2.42
N LYS A 102 7.15 5.93 3.02
CA LYS A 102 7.05 6.30 4.43
C LYS A 102 6.64 5.11 5.28
N PHE A 103 5.54 4.48 4.92
CA PHE A 103 5.04 3.31 5.65
C PHE A 103 6.02 2.15 5.55
N VAL A 104 6.07 1.53 4.37
CA VAL A 104 6.94 0.40 4.12
C VAL A 104 8.40 0.78 4.35
N LEU A 105 8.94 1.59 3.45
CA LEU A 105 10.33 2.04 3.55
C LEU A 105 10.53 2.92 4.79
N CYS A 106 11.77 2.97 5.27
CA CYS A 106 12.10 3.76 6.44
C CYS A 106 12.60 5.15 6.04
N PRO A 107 12.09 6.18 6.72
CA PRO A 107 12.48 7.58 6.44
C PRO A 107 13.91 7.87 6.87
N GLU A 108 14.63 6.84 7.30
CA GLU A 108 16.01 6.99 7.73
C GLU A 108 16.92 6.01 6.99
N CYS A 109 16.48 4.76 6.89
CA CYS A 109 17.25 3.73 6.22
C CYS A 109 16.45 3.12 5.07
N GLU A 110 15.37 3.79 4.69
CA GLU A 110 14.52 3.31 3.60
C GLU A 110 14.52 1.78 3.54
N ASN A 111 14.27 1.15 4.69
CA ASN A 111 14.24 -0.30 4.77
C ASN A 111 12.81 -0.82 4.67
N PRO A 112 12.60 -1.85 3.83
CA PRO A 112 11.28 -2.45 3.64
C PRO A 112 10.82 -3.24 4.86
N GLU A 113 11.62 -3.20 5.91
CA GLU A 113 11.30 -3.92 7.15
C GLU A 113 11.01 -2.93 8.29
N THR A 114 9.76 -2.51 8.39
CA THR A 114 9.36 -1.57 9.44
C THR A 114 8.06 -2.01 10.11
N ASP A 115 7.88 -1.59 11.35
CA ASP A 115 6.67 -1.95 12.10
C ASP A 115 5.79 -0.71 12.33
N LEU A 116 4.50 -0.93 12.45
CA LEU A 116 3.54 0.15 12.67
C LEU A 116 2.84 -0.01 14.02
N HIS A 117 2.75 1.09 14.77
CA HIS A 117 2.10 1.07 16.08
C HIS A 117 1.04 2.17 16.17
N VAL A 118 -0.16 1.79 16.60
CA VAL A 118 -1.25 2.74 16.73
C VAL A 118 -1.67 2.91 18.19
N ASN A 119 -2.09 4.12 18.54
CA ASN A 119 -2.50 4.42 19.90
C ASN A 119 -3.93 4.98 19.93
N PRO A 120 -4.88 4.17 20.40
CA PRO A 120 -6.28 4.56 20.49
C PRO A 120 -6.52 5.62 21.56
N LYS A 121 -5.57 5.74 22.48
CA LYS A 121 -5.68 6.70 23.57
C LYS A 121 -5.35 8.11 23.07
N LYS A 122 -4.08 8.34 22.73
CA LYS A 122 -3.64 9.64 22.24
C LYS A 122 -4.10 9.87 20.81
N GLN A 123 -4.58 8.80 20.17
CA GLN A 123 -5.06 8.89 18.79
C GLN A 123 -3.94 9.32 17.86
N THR A 124 -2.79 8.66 17.97
CA THR A 124 -1.64 8.97 17.13
C THR A 124 -0.99 7.71 16.59
N ILE A 125 -0.34 7.83 15.44
CA ILE A 125 0.33 6.69 14.82
C ILE A 125 1.85 6.86 14.85
N GLY A 126 2.55 5.75 15.03
CA GLY A 126 4.00 5.79 15.09
C GLY A 126 4.63 4.46 14.70
N ASN A 127 5.61 4.51 13.80
CA ASN A 127 6.30 3.31 13.35
C ASN A 127 7.61 3.12 14.10
N SER A 128 8.08 1.87 14.15
CA SER A 128 9.33 1.56 14.84
C SER A 128 10.20 0.64 13.98
N CYS A 129 11.27 1.20 13.42
CA CYS A 129 12.18 0.43 12.58
C CYS A 129 13.28 -0.21 13.42
N LYS A 130 13.84 -1.31 12.92
CA LYS A 130 14.90 -2.02 13.62
C LYS A 130 16.24 -1.84 12.91
N ALA A 131 16.20 -1.79 11.58
CA ALA A 131 17.41 -1.61 10.80
C ALA A 131 18.29 -0.52 11.38
N CYS A 132 17.77 0.70 11.44
CA CYS A 132 18.52 1.83 11.97
C CYS A 132 18.06 2.17 13.39
N GLY A 133 16.76 2.02 13.63
CA GLY A 133 16.21 2.30 14.94
C GLY A 133 15.44 3.61 14.97
N TYR A 134 14.61 3.82 13.96
CA TYR A 134 13.81 5.05 13.87
C TYR A 134 12.48 4.88 14.58
N ARG A 135 12.21 5.75 15.55
CA ARG A 135 10.98 5.70 16.31
C ARG A 135 10.36 7.09 16.43
N GLY A 136 9.17 7.25 15.86
CA GLY A 136 8.49 8.53 15.91
C GLY A 136 7.00 8.42 15.60
N MET A 137 6.35 9.56 15.41
CA MET A 137 4.92 9.58 15.11
C MET A 137 4.69 10.01 13.66
N LEU A 138 4.05 9.13 12.89
CA LEU A 138 3.76 9.42 11.49
C LEU A 138 2.78 10.59 11.37
N ASP A 139 3.08 11.51 10.47
CA ASP A 139 2.23 12.68 10.25
C ASP A 139 0.76 12.27 10.23
N THR A 140 -0.02 12.82 11.16
CA THR A 140 -1.44 12.51 11.26
C THR A 140 -2.15 12.84 9.95
N HIS A 141 -2.39 11.81 9.14
CA HIS A 141 -3.08 11.99 7.86
C HIS A 141 -4.41 12.70 8.05
N HIS A 142 -5.18 12.81 6.97
CA HIS A 142 -6.48 13.46 7.02
C HIS A 142 -7.59 12.46 7.30
N LYS A 143 -7.81 11.55 6.35
CA LYS A 143 -8.84 10.53 6.49
C LYS A 143 -8.25 9.23 7.03
N LEU A 144 -7.24 8.72 6.33
CA LEU A 144 -6.59 7.47 6.74
C LEU A 144 -6.53 7.36 8.26
N CYS A 145 -5.77 8.25 8.89
CA CYS A 145 -5.63 8.24 10.34
C CYS A 145 -6.93 7.81 11.01
N THR A 146 -8.03 8.49 10.66
CA THR A 146 -9.33 8.18 11.22
C THR A 146 -9.68 6.71 11.02
N PHE A 147 -9.47 6.22 9.80
CA PHE A 147 -9.77 4.83 9.48
C PHE A 147 -8.87 3.88 10.27
N ILE A 148 -7.59 4.21 10.35
CA ILE A 148 -6.63 3.40 11.08
C ILE A 148 -7.02 3.26 12.54
N LEU A 149 -7.24 4.38 13.21
CA LEU A 149 -7.63 4.39 14.62
C LEU A 149 -8.85 3.51 14.84
N LYS A 150 -9.89 3.71 14.04
CA LYS A 150 -11.11 2.93 14.16
C LYS A 150 -10.80 1.44 14.12
N ASN A 151 -9.96 1.03 13.18
CA ASN A 151 -9.58 -0.37 13.04
C ASN A 151 -8.07 -0.52 12.97
N PRO A 152 -7.46 -0.90 14.10
CA PRO A 152 -6.01 -1.09 14.20
C PRO A 152 -5.54 -2.31 13.42
N PRO A 153 -4.21 -2.45 13.28
CA PRO A 153 -3.60 -3.58 12.56
C PRO A 153 -3.75 -4.89 13.31
N GLU A 154 -4.00 -5.96 12.57
CA GLU A 154 -4.17 -7.28 13.17
C GLU A 154 -3.03 -8.22 12.75
N ASN A 155 -2.72 -9.18 13.61
CA ASN A 155 -1.66 -10.14 13.34
C ASN A 155 -2.13 -11.56 13.58
N SER A 156 -1.79 -12.46 12.65
CA SER A 156 -2.18 -13.86 12.77
C SER A 156 -1.13 -14.77 12.14
N ASP A 157 -0.68 -15.75 12.91
CA ASP A 157 0.33 -16.70 12.44
C ASP A 157 0.07 -17.09 10.99
ZN ZN B . 15.25 2.62 9.75
N GLY A 1 14.84 -29.49 -9.88
CA GLY A 1 15.76 -28.55 -10.50
C GLY A 1 16.24 -27.48 -9.54
N SER A 2 15.35 -26.53 -9.24
CA SER A 2 15.69 -25.44 -8.33
C SER A 2 14.47 -25.03 -7.50
N SER A 3 14.70 -24.16 -6.52
CA SER A 3 13.63 -23.68 -5.66
C SER A 3 13.54 -22.16 -5.69
N GLY A 4 12.33 -21.64 -5.50
CA GLY A 4 12.13 -20.20 -5.51
C GLY A 4 11.61 -19.70 -6.85
N SER A 5 10.29 -19.66 -6.99
CA SER A 5 9.66 -19.21 -8.23
C SER A 5 9.40 -17.71 -8.18
N SER A 6 10.18 -16.95 -8.94
CA SER A 6 10.04 -15.49 -8.97
C SER A 6 10.52 -14.94 -10.31
N GLY A 7 9.67 -14.14 -10.95
CA GLY A 7 10.03 -13.55 -12.23
C GLY A 7 9.59 -12.11 -12.35
N MET A 8 8.52 -11.87 -13.10
CA MET A 8 8.00 -10.52 -13.29
C MET A 8 7.92 -9.77 -11.97
N SER A 9 8.84 -8.84 -11.77
CA SER A 9 8.88 -8.06 -10.53
C SER A 9 9.78 -6.84 -10.69
N VAL A 10 9.50 -5.80 -9.91
CA VAL A 10 10.28 -4.57 -9.97
C VAL A 10 10.91 -4.26 -8.61
N ASN A 11 11.57 -3.12 -8.52
CA ASN A 11 12.23 -2.71 -7.28
C ASN A 11 11.19 -2.28 -6.24
N VAL A 12 11.56 -2.39 -4.97
CA VAL A 12 10.67 -2.01 -3.88
C VAL A 12 10.51 -0.50 -3.78
N ASN A 13 11.52 0.22 -4.27
CA ASN A 13 11.49 1.68 -4.23
C ASN A 13 11.24 2.25 -5.63
N ARG A 14 11.46 1.42 -6.65
CA ARG A 14 11.26 1.84 -8.02
C ARG A 14 12.11 3.06 -8.36
N SER A 15 13.23 3.20 -7.66
CA SER A 15 14.14 4.32 -7.88
C SER A 15 15.56 3.83 -8.16
N VAL A 16 15.89 2.66 -7.61
CA VAL A 16 17.21 2.09 -7.79
C VAL A 16 17.32 1.37 -9.13
N SER A 17 18.41 1.61 -9.84
CA SER A 17 18.63 1.00 -11.15
C SER A 17 19.69 -0.10 -11.06
N ASP A 18 19.57 -0.94 -10.04
CA ASP A 18 20.51 -2.04 -9.85
C ASP A 18 19.79 -3.38 -9.78
N GLN A 19 20.55 -4.46 -9.69
CA GLN A 19 19.98 -5.80 -9.62
C GLN A 19 20.32 -6.48 -8.30
N PHE A 20 20.96 -5.73 -7.40
CA PHE A 20 21.35 -6.26 -6.10
C PHE A 20 20.18 -6.23 -5.12
N TYR A 21 19.29 -5.26 -5.32
CA TYR A 21 18.12 -5.12 -4.46
C TYR A 21 17.41 -6.46 -4.26
N ARG A 22 17.80 -7.18 -3.22
CA ARG A 22 17.21 -8.48 -2.92
C ARG A 22 15.68 -8.39 -2.90
N TYR A 23 15.16 -7.67 -1.91
CA TYR A 23 13.72 -7.50 -1.76
C TYR A 23 13.10 -6.91 -3.03
N LYS A 24 12.03 -7.53 -3.50
CA LYS A 24 11.35 -7.07 -4.70
C LYS A 24 9.83 -7.08 -4.50
N MET A 25 9.12 -6.47 -5.43
CA MET A 25 7.67 -6.40 -5.36
C MET A 25 7.06 -6.41 -6.76
N PRO A 26 5.98 -7.20 -6.93
CA PRO A 26 5.28 -7.31 -8.22
C PRO A 26 4.52 -6.04 -8.58
N ARG A 27 4.24 -5.88 -9.87
CA ARG A 27 3.51 -4.70 -10.35
C ARG A 27 2.00 -4.87 -10.16
N LEU A 28 1.43 -4.05 -9.29
CA LEU A 28 0.00 -4.12 -9.02
C LEU A 28 -0.80 -4.01 -10.31
N ILE A 29 -1.92 -4.74 -10.38
CA ILE A 29 -2.77 -4.73 -11.55
C ILE A 29 -4.04 -3.93 -11.30
N ALA A 30 -4.66 -3.44 -12.38
CA ALA A 30 -5.88 -2.67 -12.27
C ALA A 30 -6.86 -3.02 -13.38
N LYS A 31 -8.11 -3.32 -13.00
CA LYS A 31 -9.13 -3.68 -13.97
C LYS A 31 -10.12 -2.53 -14.17
N VAL A 32 -10.46 -2.27 -15.42
CA VAL A 32 -11.40 -1.20 -15.75
C VAL A 32 -12.40 -1.65 -16.81
N GLU A 33 -13.67 -1.32 -16.61
CA GLU A 33 -14.72 -1.69 -17.54
C GLU A 33 -15.68 -0.53 -17.76
N GLY A 34 -16.09 -0.33 -19.01
CA GLY A 34 -17.01 0.74 -19.33
C GLY A 34 -16.37 2.11 -19.23
N LYS A 35 -16.93 3.08 -19.94
CA LYS A 35 -16.40 4.44 -19.94
C LYS A 35 -17.49 5.44 -19.60
N GLY A 36 -17.44 5.97 -18.37
CA GLY A 36 -18.43 6.94 -17.93
C GLY A 36 -19.73 6.29 -17.51
N ASN A 37 -19.97 5.07 -18.00
CA ASN A 37 -21.19 4.35 -17.67
C ASN A 37 -20.95 3.40 -16.50
N GLY A 38 -20.14 3.83 -15.55
CA GLY A 38 -19.83 3.00 -14.40
C GLY A 38 -18.41 2.48 -14.41
N ILE A 39 -17.49 3.27 -14.94
CA ILE A 39 -16.10 2.89 -15.01
C ILE A 39 -15.45 2.92 -13.63
N LYS A 40 -14.62 1.92 -13.35
CA LYS A 40 -13.93 1.82 -12.07
C LYS A 40 -12.57 1.15 -12.23
N THR A 41 -11.74 1.24 -11.19
CA THR A 41 -10.42 0.65 -11.21
C THR A 41 -10.25 -0.36 -10.08
N VAL A 42 -10.42 -1.64 -10.39
CA VAL A 42 -10.28 -2.69 -9.39
C VAL A 42 -8.84 -3.16 -9.28
N ILE A 43 -8.27 -3.01 -8.09
CA ILE A 43 -6.89 -3.42 -7.85
C ILE A 43 -6.80 -4.91 -7.55
N VAL A 44 -6.98 -5.74 -8.57
CA VAL A 44 -6.92 -7.18 -8.42
C VAL A 44 -5.72 -7.59 -7.57
N ASN A 45 -4.52 -7.27 -8.04
CA ASN A 45 -3.30 -7.60 -7.33
C ASN A 45 -3.08 -6.66 -6.15
N MET A 46 -4.14 -6.44 -5.38
CA MET A 46 -4.05 -5.56 -4.21
C MET A 46 -3.51 -6.30 -3.00
N VAL A 47 -4.11 -7.43 -2.68
CA VAL A 47 -3.68 -8.24 -1.54
C VAL A 47 -2.28 -8.80 -1.77
N ASP A 48 -2.02 -9.25 -3.00
CA ASP A 48 -0.73 -9.81 -3.36
C ASP A 48 0.40 -8.84 -3.01
N VAL A 49 0.43 -7.70 -3.69
CA VAL A 49 1.45 -6.70 -3.45
C VAL A 49 1.61 -6.41 -1.97
N ALA A 50 0.49 -6.22 -1.28
CA ALA A 50 0.50 -5.95 0.15
C ALA A 50 1.24 -7.04 0.91
N LYS A 51 0.72 -8.26 0.85
CA LYS A 51 1.33 -9.38 1.53
C LYS A 51 2.85 -9.33 1.44
N ALA A 52 3.35 -8.97 0.26
CA ALA A 52 4.78 -8.87 0.03
C ALA A 52 5.43 -7.89 1.01
N LEU A 53 4.76 -6.77 1.25
CA LEU A 53 5.26 -5.75 2.16
C LEU A 53 4.91 -6.09 3.60
N ASN A 54 4.42 -7.30 3.82
CA ASN A 54 4.03 -7.75 5.15
C ASN A 54 3.00 -6.81 5.76
N ARG A 55 2.24 -6.14 4.91
CA ARG A 55 1.21 -5.21 5.37
C ARG A 55 -0.11 -5.45 4.64
N PRO A 56 -1.22 -5.14 5.31
CA PRO A 56 -2.56 -5.31 4.75
C PRO A 56 -2.85 -4.33 3.62
N PRO A 57 -3.65 -4.76 2.63
CA PRO A 57 -4.02 -3.93 1.48
C PRO A 57 -4.96 -2.79 1.88
N THR A 58 -5.38 -2.78 3.14
CA THR A 58 -6.28 -1.75 3.64
C THR A 58 -5.56 -0.41 3.78
N TYR A 59 -4.27 -0.48 4.09
CA TYR A 59 -3.46 0.73 4.27
C TYR A 59 -3.33 1.48 2.95
N PRO A 60 -2.83 0.78 1.92
CA PRO A 60 -2.63 1.35 0.59
C PRO A 60 -3.95 1.65 -0.12
N THR A 61 -4.83 0.65 -0.15
CA THR A 61 -6.13 0.80 -0.80
C THR A 61 -6.76 2.14 -0.46
N LYS A 62 -6.80 2.47 0.83
CA LYS A 62 -7.38 3.73 1.28
C LYS A 62 -6.55 4.92 0.77
N TYR A 63 -5.24 4.74 0.70
CA TYR A 63 -4.34 5.79 0.24
C TYR A 63 -4.71 6.22 -1.18
N PHE A 64 -5.01 5.25 -2.04
CA PHE A 64 -5.37 5.54 -3.42
C PHE A 64 -6.62 6.42 -3.48
N GLY A 65 -7.60 6.11 -2.64
CA GLY A 65 -8.83 6.88 -2.62
C GLY A 65 -8.62 8.29 -2.11
N CYS A 66 -8.33 8.41 -0.81
CA CYS A 66 -8.11 9.71 -0.19
C CYS A 66 -7.35 10.63 -1.14
N GLU A 67 -6.35 10.07 -1.82
CA GLU A 67 -5.53 10.85 -2.75
C GLU A 67 -6.34 11.24 -3.99
N LEU A 68 -7.09 10.27 -4.51
CA LEU A 68 -7.91 10.50 -5.70
C LEU A 68 -9.16 11.32 -5.35
N GLY A 69 -9.48 11.37 -4.06
CA GLY A 69 -10.64 12.12 -3.62
C GLY A 69 -11.94 11.43 -3.98
N ALA A 70 -11.92 10.10 -4.02
CA ALA A 70 -13.10 9.32 -4.36
C ALA A 70 -13.40 8.29 -3.27
N GLN A 71 -14.40 7.45 -3.53
CA GLN A 71 -14.80 6.42 -2.58
C GLN A 71 -14.19 5.07 -2.95
N THR A 72 -14.18 4.14 -1.99
CA THR A 72 -13.63 2.82 -2.22
C THR A 72 -14.50 1.74 -1.59
N GLN A 73 -14.29 0.50 -2.01
CA GLN A 73 -15.07 -0.62 -1.48
C GLN A 73 -14.15 -1.65 -0.81
N PHE A 74 -14.51 -2.05 0.40
CA PHE A 74 -13.72 -3.02 1.15
C PHE A 74 -14.50 -4.31 1.37
N ASP A 75 -13.97 -5.41 0.86
CA ASP A 75 -14.62 -6.71 1.00
C ASP A 75 -13.63 -7.77 1.47
N VAL A 76 -13.38 -7.81 2.77
CA VAL A 76 -12.45 -8.77 3.36
C VAL A 76 -12.87 -10.20 3.02
N LYS A 77 -14.17 -10.44 2.99
CA LYS A 77 -14.70 -11.76 2.68
C LYS A 77 -14.07 -12.32 1.41
N ASN A 78 -14.06 -11.52 0.36
CA ASN A 78 -13.49 -11.93 -0.92
C ASN A 78 -12.15 -11.24 -1.16
N ASP A 79 -11.68 -10.51 -0.16
CA ASP A 79 -10.42 -9.79 -0.26
C ASP A 79 -10.35 -8.98 -1.56
N ARG A 80 -11.50 -8.47 -1.99
CA ARG A 80 -11.58 -7.68 -3.21
C ARG A 80 -11.69 -6.19 -2.88
N TYR A 81 -10.78 -5.40 -3.45
CA TYR A 81 -10.77 -3.96 -3.21
C TYR A 81 -11.01 -3.20 -4.52
N ILE A 82 -11.99 -2.32 -4.51
CA ILE A 82 -12.31 -1.52 -5.68
C ILE A 82 -12.10 -0.03 -5.41
N VAL A 83 -11.87 0.73 -6.49
CA VAL A 83 -11.66 2.17 -6.37
C VAL A 83 -12.52 2.93 -7.36
N ASN A 84 -13.50 3.68 -6.84
CA ASN A 84 -14.40 4.46 -7.68
C ASN A 84 -13.62 5.48 -8.50
N GLY A 85 -13.70 5.34 -9.83
CA GLY A 85 -13.00 6.26 -10.72
C GLY A 85 -12.08 5.54 -11.68
N SER A 86 -11.93 6.10 -12.87
CA SER A 86 -11.08 5.50 -13.89
C SER A 86 -9.62 5.89 -13.67
N HIS A 87 -8.78 4.87 -13.40
CA HIS A 87 -7.36 5.10 -13.17
C HIS A 87 -6.54 3.94 -13.69
N GLU A 88 -5.42 4.25 -14.36
CA GLU A 88 -4.55 3.22 -14.91
C GLU A 88 -3.51 2.78 -13.89
N ALA A 89 -3.08 1.53 -13.98
CA ALA A 89 -2.09 0.98 -13.06
C ALA A 89 -0.91 1.94 -12.90
N ASN A 90 -0.34 2.37 -14.02
CA ASN A 90 0.79 3.28 -13.99
C ASN A 90 0.55 4.43 -13.02
N LYS A 91 -0.67 4.96 -13.03
CA LYS A 91 -1.03 6.07 -12.16
C LYS A 91 -0.99 5.63 -10.70
N LEU A 92 -1.54 4.45 -10.42
CA LEU A 92 -1.56 3.92 -9.06
C LEU A 92 -0.15 3.62 -8.56
N GLN A 93 0.54 2.71 -9.26
CA GLN A 93 1.90 2.34 -8.88
C GLN A 93 2.73 3.58 -8.55
N ASP A 94 2.51 4.66 -9.30
CA ASP A 94 3.24 5.90 -9.07
C ASP A 94 2.86 6.51 -7.73
N MET A 95 1.57 6.62 -7.47
CA MET A 95 1.08 7.19 -6.22
C MET A 95 1.47 6.31 -5.03
N LEU A 96 1.12 5.03 -5.10
CA LEU A 96 1.43 4.09 -4.03
C LEU A 96 2.81 4.38 -3.43
N ASP A 97 3.79 4.57 -4.29
CA ASP A 97 5.15 4.86 -3.85
C ASP A 97 5.14 5.70 -2.58
N GLY A 98 4.49 6.86 -2.64
CA GLY A 98 4.42 7.74 -1.49
C GLY A 98 4.19 6.97 -0.20
N PHE A 99 3.17 6.13 -0.19
CA PHE A 99 2.85 5.34 0.99
C PHE A 99 4.04 4.52 1.44
N ILE A 100 4.50 3.62 0.57
CA ILE A 100 5.64 2.77 0.87
C ILE A 100 6.89 3.60 1.16
N LYS A 101 6.89 4.84 0.67
CA LYS A 101 8.02 5.74 0.88
C LYS A 101 8.25 6.00 2.36
N LYS A 102 7.18 5.92 3.15
CA LYS A 102 7.27 6.14 4.59
C LYS A 102 6.57 5.03 5.35
N PHE A 103 5.29 4.81 5.03
CA PHE A 103 4.52 3.78 5.69
C PHE A 103 5.26 2.44 5.70
N VAL A 104 6.25 2.32 4.82
CA VAL A 104 7.05 1.10 4.73
C VAL A 104 8.52 1.40 4.96
N LEU A 105 9.14 2.08 4.01
CA LEU A 105 10.56 2.42 4.11
C LEU A 105 10.86 3.13 5.43
N CYS A 106 12.14 3.29 5.74
CA CYS A 106 12.55 3.95 6.96
C CYS A 106 13.16 5.32 6.67
N PRO A 107 12.74 6.33 7.44
CA PRO A 107 13.23 7.70 7.29
C PRO A 107 14.69 7.84 7.72
N GLU A 108 15.32 6.73 8.04
CA GLU A 108 16.72 6.73 8.48
C GLU A 108 17.54 5.72 7.68
N CYS A 109 17.04 4.50 7.58
CA CYS A 109 17.73 3.44 6.84
C CYS A 109 16.91 3.00 5.63
N GLU A 110 15.93 3.83 5.26
CA GLU A 110 15.07 3.53 4.11
C GLU A 110 14.82 2.03 4.00
N ASN A 111 14.78 1.35 5.15
CA ASN A 111 14.54 -0.09 5.18
C ASN A 111 13.07 -0.41 4.93
N PRO A 112 12.82 -1.28 3.95
CA PRO A 112 11.46 -1.69 3.59
C PRO A 112 10.81 -2.56 4.66
N GLU A 113 11.58 -2.88 5.70
CA GLU A 113 11.07 -3.70 6.79
C GLU A 113 11.03 -2.91 8.10
N THR A 114 9.86 -2.34 8.39
CA THR A 114 9.68 -1.55 9.61
C THR A 114 8.44 -1.99 10.37
N ASP A 115 8.18 -1.34 11.50
CA ASP A 115 7.03 -1.68 12.33
C ASP A 115 6.18 -0.43 12.59
N LEU A 116 4.88 -0.64 12.83
CA LEU A 116 3.97 0.46 13.09
C LEU A 116 3.22 0.24 14.41
N HIS A 117 2.84 1.34 15.05
CA HIS A 117 2.13 1.28 16.32
C HIS A 117 0.87 2.13 16.27
N VAL A 118 -0.20 1.64 16.90
CA VAL A 118 -1.47 2.35 16.93
C VAL A 118 -1.91 2.63 18.36
N ASN A 119 -2.56 3.77 18.56
CA ASN A 119 -3.04 4.16 19.88
C ASN A 119 -4.44 4.76 19.80
N PRO A 120 -5.44 4.00 20.27
CA PRO A 120 -6.84 4.43 20.27
C PRO A 120 -7.10 5.56 21.27
N LYS A 121 -6.35 5.55 22.36
CA LYS A 121 -6.49 6.58 23.39
C LYS A 121 -5.94 7.92 22.91
N LYS A 122 -4.66 7.92 22.54
CA LYS A 122 -4.00 9.14 22.07
C LYS A 122 -4.46 9.48 20.65
N GLN A 123 -5.14 8.53 20.01
CA GLN A 123 -5.63 8.73 18.65
C GLN A 123 -4.51 9.20 17.73
N THR A 124 -3.37 8.52 17.80
CA THR A 124 -2.22 8.86 16.98
C THR A 124 -1.52 7.61 16.46
N ILE A 125 -0.85 7.75 15.32
CA ILE A 125 -0.13 6.63 14.72
C ILE A 125 1.38 6.76 14.92
N GLY A 126 2.06 5.63 15.01
CA GLY A 126 3.50 5.65 15.19
C GLY A 126 4.21 4.63 14.33
N ASN A 127 5.52 4.78 14.19
CA ASN A 127 6.32 3.86 13.39
C ASN A 127 7.71 3.66 13.98
N SER A 128 8.11 2.40 14.13
CA SER A 128 9.42 2.08 14.70
C SER A 128 10.17 1.11 13.81
N CYS A 129 11.49 1.26 13.75
CA CYS A 129 12.34 0.40 12.93
C CYS A 129 13.34 -0.35 13.80
N LYS A 130 13.88 -1.44 13.26
CA LYS A 130 14.86 -2.25 13.97
C LYS A 130 16.23 -2.16 13.31
N ALA A 131 16.24 -2.14 11.98
CA ALA A 131 17.48 -2.05 11.23
C ALA A 131 18.42 -1.02 11.84
N CYS A 132 17.92 0.20 12.00
CA CYS A 132 18.72 1.28 12.57
C CYS A 132 18.27 1.59 14.01
N GLY A 133 16.96 1.60 14.22
CA GLY A 133 16.43 1.88 15.55
C GLY A 133 15.72 3.21 15.61
N TYR A 134 14.94 3.52 14.58
CA TYR A 134 14.21 4.77 14.52
C TYR A 134 12.82 4.62 15.14
N ARG A 135 12.50 5.50 16.08
CA ARG A 135 11.20 5.46 16.74
C ARG A 135 10.59 6.87 16.82
N GLY A 136 9.39 7.01 16.25
CA GLY A 136 8.72 8.29 16.26
C GLY A 136 7.23 8.17 16.02
N MET A 137 6.59 9.30 15.73
CA MET A 137 5.15 9.30 15.48
C MET A 137 4.85 9.80 14.07
N LEU A 138 4.15 8.97 13.30
CA LEU A 138 3.79 9.32 11.93
C LEU A 138 2.81 10.50 11.91
N ASP A 139 3.00 11.38 10.94
CA ASP A 139 2.13 12.56 10.80
C ASP A 139 0.93 12.23 9.92
N THR A 140 0.59 10.96 9.82
CA THR A 140 -0.54 10.52 9.01
C THR A 140 -1.69 11.51 9.09
N HIS A 141 -2.20 11.93 7.93
CA HIS A 141 -3.31 12.88 7.88
C HIS A 141 -4.57 12.27 8.50
N HIS A 142 -5.48 13.14 8.93
CA HIS A 142 -6.73 12.69 9.54
C HIS A 142 -7.51 11.79 8.58
N LYS A 143 -7.46 12.12 7.30
CA LYS A 143 -8.16 11.35 6.28
C LYS A 143 -7.95 9.86 6.50
N LEU A 144 -6.71 9.42 6.40
CA LEU A 144 -6.38 8.00 6.58
C LEU A 144 -6.25 7.67 8.06
N CYS A 145 -5.44 8.44 8.77
CA CYS A 145 -5.22 8.23 10.20
C CYS A 145 -6.51 7.79 10.88
N THR A 146 -7.57 8.58 10.70
CA THR A 146 -8.86 8.26 11.30
C THR A 146 -9.28 6.83 11.01
N PHE A 147 -9.25 6.47 9.72
CA PHE A 147 -9.63 5.13 9.30
C PHE A 147 -8.78 4.07 10.01
N ILE A 148 -7.46 4.21 9.90
CA ILE A 148 -6.54 3.27 10.53
C ILE A 148 -6.94 3.00 11.98
N LEU A 149 -7.10 4.08 12.75
CA LEU A 149 -7.48 3.96 14.15
C LEU A 149 -8.77 3.15 14.30
N LYS A 150 -9.80 3.57 13.57
CA LYS A 150 -11.09 2.88 13.62
C LYS A 150 -10.91 1.36 13.63
N ASN A 151 -10.08 0.87 12.70
CA ASN A 151 -9.83 -0.57 12.60
C ASN A 151 -8.32 -0.85 12.69
N PRO A 152 -7.88 -1.34 13.86
CA PRO A 152 -6.47 -1.66 14.09
C PRO A 152 -6.02 -2.89 13.30
N PRO A 153 -4.70 -3.11 13.27
CA PRO A 153 -4.10 -4.24 12.55
C PRO A 153 -4.42 -5.59 13.22
N GLU A 154 -4.63 -6.61 12.40
CA GLU A 154 -4.94 -7.94 12.90
C GLU A 154 -3.70 -8.60 13.50
N ASN A 155 -3.92 -9.49 14.46
CA ASN A 155 -2.81 -10.18 15.12
C ASN A 155 -2.30 -11.33 14.25
N SER A 156 -1.03 -11.25 13.86
CA SER A 156 -0.42 -12.28 13.03
C SER A 156 -0.89 -13.67 13.45
N ASP A 157 -0.73 -13.98 14.73
CA ASP A 157 -1.13 -15.27 15.26
C ASP A 157 -1.01 -15.30 16.78
ZN ZN B . 15.66 2.31 10.23
N GLY A 1 6.22 -15.76 -24.95
CA GLY A 1 5.30 -15.23 -23.96
C GLY A 1 3.95 -15.91 -24.00
N SER A 2 3.41 -16.22 -22.82
CA SER A 2 2.12 -16.88 -22.72
C SER A 2 1.26 -16.25 -21.61
N SER A 3 0.01 -15.95 -21.94
CA SER A 3 -0.90 -15.34 -20.99
C SER A 3 -1.04 -16.21 -19.73
N GLY A 4 -1.12 -15.56 -18.58
CA GLY A 4 -1.25 -16.27 -17.33
C GLY A 4 -0.26 -15.80 -16.28
N SER A 5 0.98 -15.55 -16.70
CA SER A 5 2.01 -15.10 -15.79
C SER A 5 2.27 -13.61 -15.97
N SER A 6 2.18 -12.86 -14.86
CA SER A 6 2.40 -11.42 -14.89
C SER A 6 3.81 -11.09 -15.34
N GLY A 7 4.06 -9.82 -15.61
CA GLY A 7 5.37 -9.39 -16.06
C GLY A 7 6.48 -9.89 -15.15
N MET A 8 6.94 -9.03 -14.24
CA MET A 8 8.00 -9.40 -13.31
C MET A 8 8.06 -8.42 -12.14
N SER A 9 8.34 -8.94 -10.95
CA SER A 9 8.43 -8.11 -9.75
C SER A 9 9.54 -7.07 -9.88
N VAL A 10 9.23 -5.84 -9.53
CA VAL A 10 10.20 -4.75 -9.61
C VAL A 10 10.74 -4.41 -8.22
N ASN A 11 11.94 -3.82 -8.20
CA ASN A 11 12.57 -3.43 -6.94
C ASN A 11 11.57 -2.75 -6.01
N VAL A 12 11.75 -2.94 -4.71
CA VAL A 12 10.87 -2.34 -3.72
C VAL A 12 10.66 -0.85 -3.99
N ASN A 13 11.73 -0.18 -4.40
CA ASN A 13 11.67 1.24 -4.70
C ASN A 13 12.07 1.51 -6.14
N ARG A 14 11.18 2.16 -6.89
CA ARG A 14 11.45 2.49 -8.29
C ARG A 14 12.71 3.32 -8.42
N SER A 15 13.04 4.07 -7.38
CA SER A 15 14.22 4.92 -7.38
C SER A 15 15.48 4.10 -7.67
N VAL A 16 15.55 2.91 -7.07
CA VAL A 16 16.69 2.02 -7.26
C VAL A 16 16.46 1.08 -8.43
N SER A 17 17.55 0.67 -9.08
CA SER A 17 17.47 -0.24 -10.22
C SER A 17 18.31 -1.48 -9.98
N ASP A 18 19.42 -1.32 -9.26
CA ASP A 18 20.31 -2.44 -8.96
C ASP A 18 19.51 -3.71 -8.69
N GLN A 19 19.56 -4.64 -9.65
CA GLN A 19 18.84 -5.91 -9.52
C GLN A 19 19.21 -6.61 -8.22
N PHE A 20 20.43 -6.39 -7.75
CA PHE A 20 20.91 -7.00 -6.51
C PHE A 20 19.83 -6.97 -5.44
N TYR A 21 19.08 -5.87 -5.40
CA TYR A 21 18.02 -5.70 -4.41
C TYR A 21 17.33 -7.04 -4.12
N ARG A 22 17.68 -7.64 -2.99
CA ARG A 22 17.11 -8.91 -2.59
C ARG A 22 15.57 -8.85 -2.60
N TYR A 23 15.01 -8.12 -1.64
CA TYR A 23 13.57 -7.97 -1.54
C TYR A 23 12.98 -7.46 -2.85
N LYS A 24 11.83 -8.00 -3.22
CA LYS A 24 11.15 -7.59 -4.45
C LYS A 24 9.63 -7.55 -4.25
N MET A 25 8.93 -7.00 -5.23
CA MET A 25 7.48 -6.90 -5.17
C MET A 25 6.86 -6.95 -6.56
N PRO A 26 5.79 -7.72 -6.70
CA PRO A 26 5.09 -7.89 -7.98
C PRO A 26 4.34 -6.62 -8.40
N ARG A 27 4.60 -6.15 -9.62
CA ARG A 27 3.96 -4.95 -10.12
C ARG A 27 2.44 -5.03 -9.96
N LEU A 28 1.87 -4.03 -9.28
CA LEU A 28 0.44 -3.99 -9.05
C LEU A 28 -0.33 -3.93 -10.37
N ILE A 29 -1.54 -4.46 -10.37
CA ILE A 29 -2.38 -4.46 -11.56
C ILE A 29 -3.66 -3.66 -11.34
N ALA A 30 -4.23 -3.16 -12.43
CA ALA A 30 -5.46 -2.38 -12.35
C ALA A 30 -6.36 -2.66 -13.55
N LYS A 31 -7.55 -3.19 -13.29
CA LYS A 31 -8.51 -3.50 -14.34
C LYS A 31 -9.57 -2.42 -14.45
N VAL A 32 -10.02 -2.14 -15.67
CA VAL A 32 -11.04 -1.14 -15.91
C VAL A 32 -12.07 -1.62 -16.93
N GLU A 33 -13.32 -1.18 -16.75
CA GLU A 33 -14.39 -1.57 -17.65
C GLU A 33 -15.18 -0.35 -18.11
N GLY A 34 -15.64 -0.40 -19.37
CA GLY A 34 -16.41 0.71 -19.91
C GLY A 34 -15.70 2.05 -19.74
N LYS A 35 -16.35 3.12 -20.17
CA LYS A 35 -15.78 4.46 -20.07
C LYS A 35 -16.87 5.50 -19.85
N GLY A 36 -16.94 6.04 -18.65
CA GLY A 36 -17.93 7.05 -18.33
C GLY A 36 -19.27 6.43 -17.94
N ASN A 37 -19.63 5.34 -18.61
CA ASN A 37 -20.89 4.67 -18.33
C ASN A 37 -20.73 3.66 -17.20
N GLY A 38 -19.91 4.01 -16.21
CA GLY A 38 -19.68 3.13 -15.08
C GLY A 38 -18.25 2.64 -15.01
N ILE A 39 -17.32 3.47 -15.45
CA ILE A 39 -15.91 3.11 -15.43
C ILE A 39 -15.36 3.12 -14.02
N LYS A 40 -14.78 1.99 -13.60
CA LYS A 40 -14.22 1.87 -12.27
C LYS A 40 -12.94 1.03 -12.29
N THR A 41 -11.95 1.44 -11.53
CA THR A 41 -10.67 0.72 -11.46
C THR A 41 -10.70 -0.35 -10.39
N VAL A 42 -10.11 -1.51 -10.69
CA VAL A 42 -10.08 -2.62 -9.75
C VAL A 42 -8.65 -3.13 -9.56
N ILE A 43 -8.08 -2.83 -8.40
CA ILE A 43 -6.71 -3.25 -8.09
C ILE A 43 -6.67 -4.75 -7.78
N VAL A 44 -6.74 -5.56 -8.83
CA VAL A 44 -6.70 -7.01 -8.67
C VAL A 44 -5.51 -7.44 -7.82
N ASN A 45 -4.32 -7.04 -8.25
CA ASN A 45 -3.09 -7.39 -7.52
C ASN A 45 -2.91 -6.47 -6.31
N MET A 46 -3.99 -6.23 -5.58
CA MET A 46 -3.95 -5.38 -4.39
C MET A 46 -3.52 -6.19 -3.17
N VAL A 47 -4.07 -7.39 -3.03
CA VAL A 47 -3.75 -8.25 -1.90
C VAL A 47 -2.36 -8.86 -2.06
N ASP A 48 -2.04 -9.28 -3.28
CA ASP A 48 -0.73 -9.88 -3.56
C ASP A 48 0.39 -8.98 -3.07
N VAL A 49 0.44 -7.76 -3.61
CA VAL A 49 1.48 -6.80 -3.23
C VAL A 49 1.44 -6.51 -1.73
N ALA A 50 0.23 -6.40 -1.18
CA ALA A 50 0.06 -6.14 0.25
C ALA A 50 0.81 -7.17 1.09
N LYS A 51 0.55 -8.44 0.82
CA LYS A 51 1.20 -9.51 1.56
C LYS A 51 2.72 -9.40 1.48
N ALA A 52 3.22 -9.07 0.28
CA ALA A 52 4.65 -8.92 0.08
C ALA A 52 5.24 -7.86 1.00
N LEU A 53 4.46 -6.81 1.25
CA LEU A 53 4.90 -5.72 2.12
C LEU A 53 4.59 -6.03 3.57
N ASN A 54 4.28 -7.29 3.85
CA ASN A 54 3.96 -7.72 5.21
C ASN A 54 2.89 -6.82 5.83
N ARG A 55 2.03 -6.26 4.98
CA ARG A 55 0.96 -5.39 5.44
C ARG A 55 -0.33 -5.64 4.65
N PRO A 56 -1.47 -5.39 5.29
CA PRO A 56 -2.79 -5.58 4.68
C PRO A 56 -3.07 -4.56 3.58
N PRO A 57 -3.83 -4.98 2.56
CA PRO A 57 -4.18 -4.12 1.43
C PRO A 57 -5.15 -3.00 1.83
N THR A 58 -5.67 -3.09 3.05
CA THR A 58 -6.61 -2.09 3.56
C THR A 58 -5.91 -0.76 3.80
N TYR A 59 -4.62 -0.82 4.11
CA TYR A 59 -3.84 0.39 4.37
C TYR A 59 -3.64 1.20 3.09
N PRO A 60 -3.10 0.55 2.05
CA PRO A 60 -2.85 1.19 0.76
C PRO A 60 -4.14 1.51 0.02
N THR A 61 -4.99 0.49 -0.13
CA THR A 61 -6.26 0.66 -0.83
C THR A 61 -6.97 1.92 -0.38
N LYS A 62 -7.05 2.13 0.93
CA LYS A 62 -7.70 3.32 1.48
C LYS A 62 -6.98 4.59 1.05
N TYR A 63 -5.66 4.52 0.98
CA TYR A 63 -4.85 5.67 0.58
C TYR A 63 -5.30 6.20 -0.77
N PHE A 64 -5.30 5.32 -1.77
CA PHE A 64 -5.70 5.70 -3.12
C PHE A 64 -6.97 6.55 -3.09
N GLY A 65 -8.01 6.02 -2.45
CA GLY A 65 -9.27 6.74 -2.36
C GLY A 65 -9.11 8.13 -1.77
N CYS A 66 -8.25 8.24 -0.76
CA CYS A 66 -8.00 9.52 -0.11
C CYS A 66 -7.39 10.52 -1.08
N GLU A 67 -6.27 10.15 -1.69
CA GLU A 67 -5.59 11.01 -2.64
C GLU A 67 -6.49 11.33 -3.83
N LEU A 68 -7.13 10.31 -4.37
CA LEU A 68 -8.02 10.48 -5.51
C LEU A 68 -9.32 11.16 -5.09
N GLY A 69 -9.68 11.01 -3.82
CA GLY A 69 -10.89 11.63 -3.31
C GLY A 69 -12.15 10.95 -3.82
N ALA A 70 -12.09 9.63 -3.95
CA ALA A 70 -13.23 8.85 -4.42
C ALA A 70 -13.60 7.75 -3.43
N GLN A 71 -14.68 7.04 -3.72
CA GLN A 71 -15.15 5.96 -2.86
C GLN A 71 -14.50 4.64 -3.24
N THR A 72 -14.39 3.75 -2.26
CA THR A 72 -13.78 2.44 -2.49
C THR A 72 -14.65 1.31 -1.92
N GLN A 73 -14.53 0.13 -2.49
CA GLN A 73 -15.30 -1.02 -2.04
C GLN A 73 -14.39 -2.08 -1.42
N PHE A 74 -14.80 -2.59 -0.26
CA PHE A 74 -14.01 -3.61 0.44
C PHE A 74 -14.81 -4.90 0.59
N ASP A 75 -14.35 -5.97 -0.05
CA ASP A 75 -15.02 -7.25 0.02
C ASP A 75 -14.03 -8.37 0.38
N VAL A 76 -13.74 -8.49 1.67
CA VAL A 76 -12.81 -9.52 2.13
C VAL A 76 -13.24 -10.91 1.68
N LYS A 77 -14.55 -11.12 1.58
CA LYS A 77 -15.09 -12.40 1.14
C LYS A 77 -14.41 -12.87 -0.14
N ASN A 78 -14.40 -12.00 -1.15
CA ASN A 78 -13.79 -12.34 -2.43
C ASN A 78 -12.47 -11.57 -2.61
N ASP A 79 -11.96 -11.03 -1.52
CA ASP A 79 -10.70 -10.27 -1.55
C ASP A 79 -10.66 -9.37 -2.78
N ARG A 80 -11.79 -8.74 -3.10
CA ARG A 80 -11.88 -7.85 -4.25
C ARG A 80 -11.93 -6.40 -3.80
N TYR A 81 -11.05 -5.58 -4.36
CA TYR A 81 -10.99 -4.17 -4.02
C TYR A 81 -11.24 -3.29 -5.24
N ILE A 82 -12.22 -2.41 -5.14
CA ILE A 82 -12.56 -1.52 -6.24
C ILE A 82 -12.40 -0.06 -5.84
N VAL A 83 -11.96 0.76 -6.78
CA VAL A 83 -11.76 2.18 -6.52
C VAL A 83 -12.48 3.04 -7.56
N ASN A 84 -13.57 3.67 -7.14
CA ASN A 84 -14.36 4.52 -8.03
C ASN A 84 -13.44 5.44 -8.85
N GLY A 85 -13.74 5.56 -10.14
CA GLY A 85 -12.94 6.41 -11.01
C GLY A 85 -11.98 5.62 -11.85
N SER A 86 -11.62 6.17 -13.01
CA SER A 86 -10.70 5.51 -13.93
C SER A 86 -9.26 5.86 -13.60
N HIS A 87 -8.45 4.84 -13.32
CA HIS A 87 -7.05 5.03 -12.99
C HIS A 87 -6.18 3.96 -13.64
N GLU A 88 -5.00 4.37 -14.12
CA GLU A 88 -4.08 3.45 -14.76
C GLU A 88 -3.05 2.93 -13.77
N ALA A 89 -2.74 1.64 -13.88
CA ALA A 89 -1.77 1.01 -12.99
C ALA A 89 -0.58 1.94 -12.73
N ASN A 90 -0.11 2.60 -13.78
CA ASN A 90 1.01 3.53 -13.66
C ASN A 90 0.77 4.54 -12.55
N LYS A 91 -0.39 5.20 -12.61
CA LYS A 91 -0.74 6.20 -11.61
C LYS A 91 -0.74 5.60 -10.20
N LEU A 92 -1.52 4.53 -10.03
CA LEU A 92 -1.60 3.85 -8.74
C LEU A 92 -0.21 3.58 -8.17
N GLN A 93 0.68 3.08 -9.02
CA GLN A 93 2.05 2.78 -8.60
C GLN A 93 2.77 4.05 -8.18
N ASP A 94 2.57 5.12 -8.94
CA ASP A 94 3.21 6.40 -8.64
C ASP A 94 2.74 6.94 -7.30
N MET A 95 1.42 6.95 -7.09
CA MET A 95 0.85 7.45 -5.85
C MET A 95 1.22 6.54 -4.68
N LEU A 96 0.98 5.25 -4.83
CA LEU A 96 1.28 4.28 -3.79
C LEU A 96 2.69 4.50 -3.23
N ASP A 97 3.61 4.91 -4.10
CA ASP A 97 4.98 5.16 -3.70
C ASP A 97 5.03 5.92 -2.38
N GLY A 98 4.37 7.07 -2.33
CA GLY A 98 4.35 7.85 -1.11
C GLY A 98 4.11 7.02 0.12
N PHE A 99 3.17 6.09 0.04
CA PHE A 99 2.83 5.22 1.16
C PHE A 99 4.01 4.31 1.51
N ILE A 100 4.43 3.51 0.54
CA ILE A 100 5.54 2.59 0.75
C ILE A 100 6.82 3.35 1.07
N LYS A 101 6.85 4.63 0.72
CA LYS A 101 8.02 5.46 0.97
C LYS A 101 8.19 5.72 2.47
N LYS A 102 7.09 5.61 3.21
CA LYS A 102 7.11 5.82 4.66
C LYS A 102 6.41 4.69 5.38
N PHE A 103 5.12 4.52 5.10
CA PHE A 103 4.33 3.47 5.72
C PHE A 103 5.06 2.13 5.68
N VAL A 104 6.03 2.03 4.77
CA VAL A 104 6.81 0.80 4.63
C VAL A 104 8.29 1.06 4.85
N LEU A 105 8.93 1.68 3.87
CA LEU A 105 10.35 1.99 3.96
C LEU A 105 10.64 2.92 5.13
N CYS A 106 11.90 3.02 5.50
CA CYS A 106 12.31 3.89 6.61
C CYS A 106 12.97 5.16 6.10
N PRO A 107 12.59 6.30 6.69
CA PRO A 107 13.13 7.61 6.31
C PRO A 107 14.58 7.78 6.72
N GLU A 108 15.16 6.72 7.26
CA GLU A 108 16.56 6.75 7.69
C GLU A 108 17.39 5.75 6.90
N CYS A 109 16.95 4.49 6.89
CA CYS A 109 17.66 3.44 6.17
C CYS A 109 16.93 3.07 4.89
N GLU A 110 15.62 3.31 4.88
CA GLU A 110 14.79 3.00 3.71
C GLU A 110 14.64 1.49 3.55
N ASN A 111 14.40 0.80 4.65
CA ASN A 111 14.25 -0.65 4.63
C ASN A 111 12.77 -1.03 4.75
N PRO A 112 12.34 -1.99 3.92
CA PRO A 112 10.95 -2.47 3.91
C PRO A 112 10.61 -3.26 5.17
N GLU A 113 11.57 -3.38 6.07
CA GLU A 113 11.37 -4.10 7.32
C GLU A 113 11.21 -3.15 8.50
N THR A 114 9.97 -2.78 8.79
CA THR A 114 9.67 -1.87 9.88
C THR A 114 8.41 -2.28 10.62
N ASP A 115 8.06 -1.53 11.66
CA ASP A 115 6.87 -1.81 12.45
C ASP A 115 5.99 -0.57 12.59
N LEU A 116 4.70 -0.79 12.83
CA LEU A 116 3.76 0.32 12.98
C LEU A 116 2.96 0.18 14.28
N HIS A 117 2.97 1.22 15.09
CA HIS A 117 2.25 1.22 16.36
C HIS A 117 1.03 2.13 16.29
N VAL A 118 0.02 1.81 17.07
CA VAL A 118 -1.20 2.61 17.12
C VAL A 118 -1.54 3.05 18.53
N ASN A 119 -1.96 4.30 18.67
CA ASN A 119 -2.31 4.85 19.99
C ASN A 119 -3.73 5.41 19.98
N PRO A 120 -4.64 4.73 20.69
CA PRO A 120 -6.04 5.15 20.78
C PRO A 120 -6.21 6.43 21.58
N LYS A 121 -5.37 6.61 22.60
CA LYS A 121 -5.42 7.79 23.44
C LYS A 121 -4.82 9.00 22.74
N LYS A 122 -3.55 8.88 22.37
CA LYS A 122 -2.85 9.96 21.68
C LYS A 122 -3.42 10.17 20.27
N GLN A 123 -4.12 9.16 19.76
CA GLN A 123 -4.72 9.23 18.44
C GLN A 123 -3.66 9.57 17.39
N THR A 124 -2.52 8.91 17.48
CA THR A 124 -1.43 9.15 16.54
C THR A 124 -0.76 7.84 16.14
N ILE A 125 -0.13 7.84 14.96
CA ILE A 125 0.54 6.65 14.46
C ILE A 125 2.06 6.80 14.54
N GLY A 126 2.70 5.91 15.28
CA GLY A 126 4.14 5.96 15.43
C GLY A 126 4.84 4.80 14.76
N ASN A 127 5.96 5.07 14.11
CA ASN A 127 6.72 4.04 13.41
C ASN A 127 8.01 3.73 14.16
N SER A 128 8.33 2.44 14.28
CA SER A 128 9.54 2.02 14.96
C SER A 128 10.38 1.11 14.07
N CYS A 129 11.58 1.57 13.72
CA CYS A 129 12.47 0.80 12.87
C CYS A 129 13.57 0.14 13.70
N LYS A 130 14.05 -1.01 13.22
CA LYS A 130 15.11 -1.74 13.90
C LYS A 130 16.43 -1.68 13.14
N ALA A 131 16.33 -1.74 11.82
CA ALA A 131 17.51 -1.68 10.96
C ALA A 131 18.51 -0.66 11.48
N CYS A 132 18.09 0.60 11.53
CA CYS A 132 18.94 1.69 12.00
C CYS A 132 18.58 2.09 13.43
N GLY A 133 17.28 2.15 13.70
CA GLY A 133 16.81 2.53 15.02
C GLY A 133 16.13 3.89 15.03
N TYR A 134 15.13 4.04 14.18
CA TYR A 134 14.39 5.30 14.10
C TYR A 134 12.98 5.15 14.66
N ARG A 135 12.57 6.12 15.47
CA ARG A 135 11.25 6.09 16.08
C ARG A 135 10.66 7.49 16.17
N GLY A 136 9.34 7.60 16.00
CA GLY A 136 8.69 8.89 16.07
C GLY A 136 7.23 8.81 15.64
N MET A 137 6.57 9.97 15.60
CA MET A 137 5.16 10.03 15.20
C MET A 137 5.04 10.35 13.71
N LEU A 138 4.42 9.44 12.97
CA LEU A 138 4.23 9.63 11.53
C LEU A 138 3.33 10.83 11.25
N ASP A 139 3.79 11.72 10.38
CA ASP A 139 3.02 12.91 10.02
C ASP A 139 2.03 12.60 8.90
N THR A 140 1.00 11.83 9.23
CA THR A 140 -0.02 11.46 8.25
C THR A 140 -1.28 12.30 8.41
N HIS A 141 -1.82 12.77 7.29
CA HIS A 141 -3.03 13.59 7.31
C HIS A 141 -4.10 12.95 8.18
N HIS A 142 -5.07 13.77 8.60
CA HIS A 142 -6.16 13.28 9.45
C HIS A 142 -7.30 12.72 8.59
N LYS A 143 -6.97 12.32 7.37
CA LYS A 143 -7.96 11.77 6.45
C LYS A 143 -8.04 10.25 6.61
N LEU A 144 -6.93 9.57 6.40
CA LEU A 144 -6.87 8.12 6.51
C LEU A 144 -6.49 7.69 7.92
N CYS A 145 -5.37 8.22 8.41
CA CYS A 145 -4.89 7.90 9.75
C CYS A 145 -6.06 7.69 10.71
N THR A 146 -7.14 8.42 10.48
CA THR A 146 -8.32 8.32 11.32
C THR A 146 -8.85 6.89 11.36
N PHE A 147 -9.15 6.34 10.19
CA PHE A 147 -9.66 4.98 10.09
C PHE A 147 -8.75 4.01 10.82
N ILE A 148 -7.46 4.07 10.52
CA ILE A 148 -6.49 3.18 11.16
C ILE A 148 -6.69 3.14 12.68
N LEU A 149 -6.80 4.31 13.28
CA LEU A 149 -6.99 4.41 14.72
C LEU A 149 -8.26 3.69 15.15
N LYS A 150 -9.33 3.86 14.37
CA LYS A 150 -10.60 3.21 14.67
C LYS A 150 -10.46 1.69 14.68
N ASN A 151 -9.73 1.18 13.69
CA ASN A 151 -9.51 -0.26 13.58
C ASN A 151 -8.03 -0.59 13.45
N PRO A 152 -7.42 -1.06 14.56
CA PRO A 152 -6.00 -1.42 14.58
C PRO A 152 -5.70 -2.66 13.75
N PRO A 153 -4.41 -2.90 13.50
CA PRO A 153 -3.95 -4.06 12.71
C PRO A 153 -4.15 -5.37 13.46
N GLU A 154 -3.98 -6.48 12.74
CA GLU A 154 -4.15 -7.80 13.33
C GLU A 154 -3.21 -7.99 14.52
N ASN A 155 -3.57 -8.89 15.42
CA ASN A 155 -2.75 -9.17 16.60
C ASN A 155 -1.89 -10.41 16.39
N SER A 156 -1.32 -10.54 15.20
CA SER A 156 -0.48 -11.67 14.87
C SER A 156 0.48 -11.99 16.01
N ASP A 157 1.20 -10.97 16.47
CA ASP A 157 2.16 -11.13 17.56
C ASP A 157 1.68 -10.40 18.81
ZN ZN B . 15.62 2.71 9.74
N GLY A 1 1.53 -26.06 -20.23
CA GLY A 1 1.68 -24.65 -19.95
C GLY A 1 2.38 -24.39 -18.64
N SER A 2 2.54 -23.12 -18.29
CA SER A 2 3.21 -22.73 -17.05
C SER A 2 2.20 -22.61 -15.91
N SER A 3 2.71 -22.47 -14.69
CA SER A 3 1.86 -22.35 -13.52
C SER A 3 0.76 -21.32 -13.75
N GLY A 4 1.17 -20.08 -14.03
CA GLY A 4 0.20 -19.02 -14.26
C GLY A 4 0.75 -17.95 -15.20
N SER A 5 0.13 -16.78 -15.16
CA SER A 5 0.54 -15.67 -16.02
C SER A 5 2.00 -15.32 -15.77
N SER A 6 2.79 -15.28 -16.85
CA SER A 6 4.20 -14.96 -16.75
C SER A 6 4.40 -13.52 -16.31
N GLY A 7 5.64 -13.19 -15.95
CA GLY A 7 5.94 -11.83 -15.50
C GLY A 7 7.02 -11.82 -14.42
N MET A 8 7.47 -10.61 -14.08
CA MET A 8 8.51 -10.46 -13.06
C MET A 8 8.05 -9.51 -11.96
N SER A 9 8.85 -9.39 -10.91
CA SER A 9 8.52 -8.52 -9.78
C SER A 9 9.55 -7.40 -9.64
N VAL A 10 9.06 -6.18 -9.45
CA VAL A 10 9.93 -5.02 -9.30
C VAL A 10 10.23 -4.75 -7.83
N ASN A 11 11.41 -4.19 -7.56
CA ASN A 11 11.82 -3.88 -6.20
C ASN A 11 10.64 -3.34 -5.39
N VAL A 12 10.76 -3.41 -4.07
CA VAL A 12 9.70 -2.93 -3.19
C VAL A 12 9.30 -1.50 -3.54
N ASN A 13 10.26 -0.74 -4.05
CA ASN A 13 10.01 0.65 -4.42
C ASN A 13 10.66 0.98 -5.75
N ARG A 14 9.98 1.80 -6.56
CA ARG A 14 10.50 2.19 -7.87
C ARG A 14 11.30 3.48 -7.77
N SER A 15 11.93 3.69 -6.62
CA SER A 15 12.72 4.89 -6.39
C SER A 15 14.22 4.55 -6.36
N VAL A 16 14.53 3.38 -5.81
CA VAL A 16 15.92 2.93 -5.71
C VAL A 16 16.51 2.69 -7.11
N SER A 17 15.67 2.28 -8.04
CA SER A 17 16.11 2.01 -9.40
C SER A 17 17.49 1.36 -9.41
N ASP A 18 17.65 0.32 -8.58
CA ASP A 18 18.93 -0.38 -8.49
C ASP A 18 18.70 -1.88 -8.32
N GLN A 19 19.60 -2.68 -8.89
CA GLN A 19 19.50 -4.13 -8.80
C GLN A 19 20.17 -4.64 -7.52
N PHE A 20 19.93 -3.95 -6.42
CA PHE A 20 20.50 -4.33 -5.13
C PHE A 20 19.41 -4.71 -4.14
N TYR A 21 18.30 -3.98 -4.19
CA TYR A 21 17.18 -4.23 -3.29
C TYR A 21 16.85 -5.72 -3.22
N ARG A 22 17.09 -6.32 -2.06
CA ARG A 22 16.81 -7.74 -1.87
C ARG A 22 15.33 -8.04 -2.05
N TYR A 23 14.52 -7.59 -1.09
CA TYR A 23 13.08 -7.81 -1.15
C TYR A 23 12.48 -7.19 -2.40
N LYS A 24 11.61 -7.94 -3.07
CA LYS A 24 10.96 -7.46 -4.28
C LYS A 24 9.45 -7.58 -4.17
N MET A 25 8.73 -7.05 -5.16
CA MET A 25 7.28 -7.10 -5.16
C MET A 25 6.74 -7.01 -6.59
N PRO A 26 5.71 -7.82 -6.89
CA PRO A 26 5.09 -7.85 -8.21
C PRO A 26 4.30 -6.58 -8.51
N ARG A 27 4.46 -6.07 -9.73
CA ARG A 27 3.77 -4.86 -10.14
C ARG A 27 2.27 -5.00 -9.95
N LEU A 28 1.64 -3.96 -9.43
CA LEU A 28 0.19 -3.97 -9.20
C LEU A 28 -0.56 -3.85 -10.51
N ILE A 29 -1.73 -4.49 -10.57
CA ILE A 29 -2.56 -4.46 -11.78
C ILE A 29 -3.89 -3.76 -11.51
N ALA A 30 -4.36 -2.99 -12.48
CA ALA A 30 -5.62 -2.27 -12.35
C ALA A 30 -6.61 -2.71 -13.43
N LYS A 31 -7.87 -2.85 -13.03
CA LYS A 31 -8.92 -3.27 -13.95
C LYS A 31 -9.92 -2.14 -14.17
N VAL A 32 -10.14 -1.79 -15.44
CA VAL A 32 -11.07 -0.73 -15.79
C VAL A 32 -11.96 -1.14 -16.96
N GLU A 33 -13.23 -0.79 -16.89
CA GLU A 33 -14.18 -1.11 -17.94
C GLU A 33 -15.12 0.06 -18.23
N GLY A 34 -15.54 0.18 -19.48
CA GLY A 34 -16.43 1.26 -19.86
C GLY A 34 -15.87 2.63 -19.50
N LYS A 35 -16.48 3.68 -20.03
CA LYS A 35 -16.05 5.04 -19.76
C LYS A 35 -17.23 5.93 -19.37
N GLY A 36 -17.29 6.29 -18.09
CA GLY A 36 -18.38 7.12 -17.61
C GLY A 36 -19.65 6.34 -17.34
N ASN A 37 -19.76 5.17 -17.95
CA ASN A 37 -20.93 4.32 -17.77
C ASN A 37 -20.65 3.22 -16.75
N GLY A 38 -19.88 3.55 -15.72
CA GLY A 38 -19.55 2.59 -14.70
C GLY A 38 -18.06 2.28 -14.64
N ILE A 39 -17.24 3.27 -14.98
CA ILE A 39 -15.80 3.10 -14.97
C ILE A 39 -15.26 3.07 -13.55
N LYS A 40 -14.62 1.95 -13.18
CA LYS A 40 -14.05 1.80 -11.85
C LYS A 40 -12.72 1.07 -11.91
N THR A 41 -11.78 1.49 -11.08
CA THR A 41 -10.45 0.88 -11.03
C THR A 41 -10.38 -0.19 -9.94
N VAL A 42 -10.38 -1.45 -10.35
CA VAL A 42 -10.32 -2.56 -9.40
C VAL A 42 -8.89 -3.10 -9.31
N ILE A 43 -8.24 -2.85 -8.18
CA ILE A 43 -6.88 -3.32 -7.96
C ILE A 43 -6.85 -4.82 -7.68
N VAL A 44 -6.80 -5.61 -8.74
CA VAL A 44 -6.76 -7.07 -8.61
C VAL A 44 -5.54 -7.51 -7.80
N ASN A 45 -4.37 -7.06 -8.23
CA ASN A 45 -3.12 -7.42 -7.56
C ASN A 45 -2.90 -6.54 -6.33
N MET A 46 -3.98 -6.29 -5.59
CA MET A 46 -3.90 -5.47 -4.38
C MET A 46 -3.45 -6.29 -3.19
N VAL A 47 -4.06 -7.46 -3.02
CA VAL A 47 -3.72 -8.35 -1.91
C VAL A 47 -2.29 -8.86 -2.03
N ASP A 48 -1.95 -9.35 -3.21
CA ASP A 48 -0.61 -9.86 -3.45
C ASP A 48 0.46 -8.87 -2.99
N VAL A 49 0.56 -7.76 -3.70
CA VAL A 49 1.54 -6.72 -3.36
C VAL A 49 1.57 -6.47 -1.86
N ALA A 50 0.40 -6.43 -1.24
CA ALA A 50 0.29 -6.21 0.19
C ALA A 50 1.15 -7.20 0.97
N LYS A 51 0.92 -8.49 0.73
CA LYS A 51 1.67 -9.54 1.41
C LYS A 51 3.17 -9.28 1.31
N ALA A 52 3.63 -8.91 0.11
CA ALA A 52 5.04 -8.64 -0.11
C ALA A 52 5.55 -7.57 0.84
N LEU A 53 4.70 -6.59 1.13
CA LEU A 53 5.07 -5.50 2.04
C LEU A 53 4.72 -5.86 3.48
N ASN A 54 4.50 -7.14 3.74
CA ASN A 54 4.16 -7.61 5.07
C ASN A 54 3.07 -6.74 5.69
N ARG A 55 2.26 -6.11 4.84
CA ARG A 55 1.18 -5.25 5.31
C ARG A 55 -0.12 -5.54 4.56
N PRO A 56 -1.25 -5.32 5.24
CA PRO A 56 -2.58 -5.56 4.65
C PRO A 56 -2.92 -4.55 3.55
N PRO A 57 -3.73 -4.99 2.59
CA PRO A 57 -4.16 -4.15 1.46
C PRO A 57 -5.09 -3.03 1.90
N THR A 58 -5.64 -3.15 3.12
CA THR A 58 -6.55 -2.14 3.65
C THR A 58 -5.84 -0.82 3.88
N TYR A 59 -4.52 -0.88 4.06
CA TYR A 59 -3.72 0.32 4.29
C TYR A 59 -3.66 1.18 3.03
N PRO A 60 -3.13 0.60 1.95
CA PRO A 60 -2.99 1.29 0.67
C PRO A 60 -4.34 1.54 0.00
N THR A 61 -5.15 0.49 -0.11
CA THR A 61 -6.46 0.60 -0.72
C THR A 61 -7.15 1.90 -0.34
N LYS A 62 -7.10 2.23 0.96
CA LYS A 62 -7.71 3.45 1.46
C LYS A 62 -6.91 4.69 1.03
N TYR A 63 -5.60 4.53 0.96
CA TYR A 63 -4.72 5.64 0.58
C TYR A 63 -5.10 6.16 -0.80
N PHE A 64 -5.17 5.26 -1.78
CA PHE A 64 -5.53 5.63 -3.14
C PHE A 64 -6.75 6.54 -3.16
N GLY A 65 -7.85 6.05 -2.60
CA GLY A 65 -9.07 6.82 -2.56
C GLY A 65 -8.86 8.22 -2.03
N CYS A 66 -8.05 8.33 -0.98
CA CYS A 66 -7.77 9.63 -0.37
C CYS A 66 -7.18 10.59 -1.40
N GLU A 67 -6.03 10.22 -1.96
CA GLU A 67 -5.37 11.06 -2.96
C GLU A 67 -6.29 11.34 -4.14
N LEU A 68 -7.01 10.30 -4.58
CA LEU A 68 -7.92 10.44 -5.71
C LEU A 68 -9.19 11.18 -5.28
N GLY A 69 -9.47 11.17 -3.99
CA GLY A 69 -10.65 11.84 -3.48
C GLY A 69 -11.94 11.19 -3.93
N ALA A 70 -11.90 9.87 -4.10
CA ALA A 70 -13.07 9.12 -4.53
C ALA A 70 -13.47 8.07 -3.51
N GLN A 71 -14.50 7.29 -3.82
CA GLN A 71 -14.98 6.24 -2.93
C GLN A 71 -14.31 4.91 -3.23
N THR A 72 -14.43 3.96 -2.31
CA THR A 72 -13.83 2.65 -2.48
C THR A 72 -14.74 1.55 -1.95
N GLN A 73 -14.43 0.30 -2.29
CA GLN A 73 -15.22 -0.84 -1.85
C GLN A 73 -14.34 -1.94 -1.30
N PHE A 74 -14.82 -2.63 -0.27
CA PHE A 74 -14.07 -3.72 0.34
C PHE A 74 -14.93 -4.98 0.44
N ASP A 75 -14.46 -6.05 -0.19
CA ASP A 75 -15.18 -7.33 -0.17
C ASP A 75 -14.25 -8.46 0.22
N VAL A 76 -14.02 -8.61 1.51
CA VAL A 76 -13.14 -9.67 2.01
C VAL A 76 -13.60 -11.04 1.51
N LYS A 77 -14.91 -11.23 1.41
CA LYS A 77 -15.46 -12.49 0.94
C LYS A 77 -14.75 -12.96 -0.32
N ASN A 78 -14.62 -12.05 -1.29
CA ASN A 78 -13.95 -12.38 -2.55
C ASN A 78 -12.58 -11.73 -2.63
N ASP A 79 -12.20 -11.03 -1.56
CA ASP A 79 -10.91 -10.36 -1.51
C ASP A 79 -10.75 -9.39 -2.69
N ARG A 80 -11.86 -8.80 -3.11
CA ARG A 80 -11.84 -7.86 -4.22
C ARG A 80 -11.90 -6.42 -3.72
N TYR A 81 -10.94 -5.61 -4.15
CA TYR A 81 -10.88 -4.21 -3.74
C TYR A 81 -11.07 -3.29 -4.94
N ILE A 82 -12.20 -2.57 -4.96
CA ILE A 82 -12.49 -1.65 -6.05
C ILE A 82 -12.22 -0.21 -5.64
N VAL A 83 -11.94 0.64 -6.62
CA VAL A 83 -11.67 2.05 -6.35
C VAL A 83 -12.42 2.95 -7.33
N ASN A 84 -13.56 3.49 -6.88
CA ASN A 84 -14.37 4.36 -7.73
C ASN A 84 -13.49 5.36 -8.47
N GLY A 85 -13.66 5.41 -9.80
CA GLY A 85 -12.88 6.33 -10.61
C GLY A 85 -11.99 5.60 -11.61
N SER A 86 -11.55 6.33 -12.63
CA SER A 86 -10.68 5.75 -13.65
C SER A 86 -9.22 6.06 -13.38
N HIS A 87 -8.41 5.02 -13.22
CA HIS A 87 -6.99 5.19 -12.95
C HIS A 87 -6.18 4.05 -13.57
N GLU A 88 -5.10 4.40 -14.24
CA GLU A 88 -4.25 3.40 -14.88
C GLU A 88 -3.21 2.87 -13.90
N ALA A 89 -2.92 1.58 -13.98
CA ALA A 89 -1.95 0.94 -13.10
C ALA A 89 -0.73 1.83 -12.91
N ASN A 90 -0.15 2.29 -14.02
CA ASN A 90 1.02 3.15 -13.96
C ASN A 90 0.85 4.25 -12.93
N LYS A 91 -0.32 4.87 -12.92
CA LYS A 91 -0.63 5.94 -11.98
C LYS A 91 -0.68 5.41 -10.55
N LEU A 92 -1.49 4.38 -10.34
CA LEU A 92 -1.62 3.78 -9.01
C LEU A 92 -0.25 3.51 -8.40
N GLN A 93 0.62 2.90 -9.17
CA GLN A 93 1.97 2.59 -8.70
C GLN A 93 2.77 3.86 -8.43
N ASP A 94 2.44 4.92 -9.16
CA ASP A 94 3.12 6.20 -9.00
C ASP A 94 2.73 6.87 -7.69
N MET A 95 1.43 6.83 -7.38
CA MET A 95 0.93 7.43 -6.15
C MET A 95 1.27 6.56 -4.93
N LEU A 96 0.89 5.30 -4.99
CA LEU A 96 1.15 4.37 -3.89
C LEU A 96 2.59 4.51 -3.41
N ASP A 97 3.53 4.56 -4.35
CA ASP A 97 4.94 4.70 -4.01
C ASP A 97 5.12 5.55 -2.77
N GLY A 98 4.45 6.70 -2.73
CA GLY A 98 4.55 7.59 -1.58
C GLY A 98 4.26 6.88 -0.27
N PHE A 99 3.18 6.10 -0.26
CA PHE A 99 2.79 5.37 0.94
C PHE A 99 3.85 4.33 1.32
N ILE A 100 4.43 3.70 0.31
CA ILE A 100 5.45 2.69 0.53
C ILE A 100 6.83 3.33 0.74
N LYS A 101 6.85 4.65 0.72
CA LYS A 101 8.10 5.40 0.90
C LYS A 101 8.14 6.06 2.28
N LYS A 102 7.01 6.04 2.98
CA LYS A 102 6.91 6.64 4.30
C LYS A 102 6.51 5.61 5.34
N PHE A 103 5.53 4.78 5.00
CA PHE A 103 5.05 3.75 5.91
C PHE A 103 5.98 2.54 5.90
N VAL A 104 6.28 2.03 4.71
CA VAL A 104 7.16 0.88 4.56
C VAL A 104 8.62 1.29 4.72
N LEU A 105 9.16 1.93 3.70
CA LEU A 105 10.55 2.38 3.72
C LEU A 105 10.79 3.37 4.85
N CYS A 106 11.87 3.18 5.59
CA CYS A 106 12.22 4.06 6.69
C CYS A 106 12.81 5.37 6.19
N PRO A 107 12.34 6.49 6.75
CA PRO A 107 12.82 7.82 6.38
C PRO A 107 14.25 8.08 6.83
N GLU A 108 14.88 7.06 7.40
CA GLU A 108 16.26 7.17 7.87
C GLU A 108 17.16 6.17 7.16
N CYS A 109 16.71 4.92 7.09
CA CYS A 109 17.47 3.86 6.45
C CYS A 109 16.71 3.28 5.26
N GLU A 110 15.44 3.64 5.15
CA GLU A 110 14.59 3.15 4.07
C GLU A 110 14.52 1.63 4.08
N ASN A 111 14.34 1.06 5.27
CA ASN A 111 14.26 -0.39 5.42
C ASN A 111 12.80 -0.84 5.50
N PRO A 112 12.41 -1.76 4.60
CA PRO A 112 11.06 -2.29 4.54
C PRO A 112 10.74 -3.19 5.73
N GLU A 113 11.76 -3.46 6.55
CA GLU A 113 11.58 -4.31 7.73
C GLU A 113 11.24 -3.47 8.96
N THR A 114 10.27 -2.57 8.79
CA THR A 114 9.83 -1.71 9.89
C THR A 114 8.46 -2.12 10.39
N ASP A 115 7.97 -1.42 11.42
CA ASP A 115 6.67 -1.71 12.00
C ASP A 115 5.98 -0.44 12.47
N LEU A 116 4.67 -0.51 12.63
CA LEU A 116 3.89 0.65 13.07
C LEU A 116 3.19 0.35 14.40
N HIS A 117 2.92 1.40 15.16
CA HIS A 117 2.24 1.26 16.45
C HIS A 117 1.03 2.17 16.53
N VAL A 118 -0.14 1.57 16.75
CA VAL A 118 -1.38 2.33 16.85
C VAL A 118 -1.71 2.65 18.30
N ASN A 119 -2.29 3.84 18.52
CA ASN A 119 -2.66 4.26 19.87
C ASN A 119 -4.06 4.87 19.88
N PRO A 120 -5.02 4.12 20.45
CA PRO A 120 -6.41 4.56 20.54
C PRO A 120 -6.59 5.72 21.53
N LYS A 121 -5.63 5.89 22.41
CA LYS A 121 -5.67 6.95 23.41
C LYS A 121 -5.12 8.26 22.83
N LYS A 122 -3.84 8.24 22.49
CA LYS A 122 -3.18 9.42 21.93
C LYS A 122 -3.77 9.77 20.56
N GLN A 123 -4.35 8.77 19.90
CA GLN A 123 -4.95 8.98 18.59
C GLN A 123 -3.90 9.38 17.56
N THR A 124 -2.72 8.77 17.66
CA THR A 124 -1.63 9.06 16.75
C THR A 124 -0.86 7.80 16.37
N ILE A 125 -0.26 7.80 15.19
CA ILE A 125 0.50 6.65 14.72
C ILE A 125 1.99 6.85 14.95
N GLY A 126 2.64 5.83 15.50
CA GLY A 126 4.06 5.91 15.76
C GLY A 126 4.82 4.71 15.23
N ASN A 127 5.75 4.95 14.31
CA ASN A 127 6.55 3.88 13.72
C ASN A 127 7.82 3.66 14.52
N SER A 128 8.31 2.42 14.51
CA SER A 128 9.53 2.07 15.23
C SER A 128 10.43 1.18 14.37
N CYS A 129 11.56 1.74 13.95
CA CYS A 129 12.51 1.00 13.12
C CYS A 129 13.62 0.40 13.98
N LYS A 130 14.21 -0.69 13.50
CA LYS A 130 15.28 -1.36 14.22
C LYS A 130 16.61 -1.23 13.48
N ALA A 131 16.55 -1.36 12.15
CA ALA A 131 17.75 -1.24 11.33
C ALA A 131 18.63 -0.10 11.80
N CYS A 132 18.08 1.11 11.84
CA CYS A 132 18.82 2.28 12.27
C CYS A 132 18.45 2.66 13.70
N GLY A 133 17.19 2.45 14.06
CA GLY A 133 16.73 2.77 15.40
C GLY A 133 16.00 4.10 15.45
N TYR A 134 15.06 4.30 14.55
CA TYR A 134 14.30 5.54 14.50
C TYR A 134 12.88 5.33 15.02
N ARG A 135 12.44 6.23 15.91
CA ARG A 135 11.11 6.15 16.48
C ARG A 135 10.48 7.53 16.61
N GLY A 136 9.15 7.58 16.53
CA GLY A 136 8.46 8.85 16.64
C GLY A 136 7.05 8.79 16.10
N MET A 137 6.33 9.91 16.16
CA MET A 137 4.96 9.98 15.68
C MET A 137 4.92 10.39 14.21
N LEU A 138 4.42 9.50 13.36
CA LEU A 138 4.33 9.78 11.93
C LEU A 138 3.38 10.93 11.66
N ASP A 139 3.83 11.87 10.82
CA ASP A 139 3.01 13.03 10.48
C ASP A 139 2.18 12.76 9.24
N THR A 140 1.03 12.13 9.43
CA THR A 140 0.14 11.80 8.32
C THR A 140 -1.20 12.54 8.45
N HIS A 141 -1.79 12.87 7.31
CA HIS A 141 -3.06 13.58 7.29
C HIS A 141 -4.09 12.88 8.18
N HIS A 142 -5.04 13.65 8.70
CA HIS A 142 -6.08 13.10 9.56
C HIS A 142 -7.21 12.50 8.73
N LYS A 143 -6.93 12.22 7.47
CA LYS A 143 -7.93 11.65 6.57
C LYS A 143 -7.89 10.12 6.62
N LEU A 144 -6.70 9.56 6.50
CA LEU A 144 -6.53 8.10 6.54
C LEU A 144 -6.17 7.64 7.95
N CYS A 145 -5.10 8.19 8.49
CA CYS A 145 -4.65 7.83 9.83
C CYS A 145 -5.83 7.67 10.77
N THR A 146 -6.87 8.48 10.56
CA THR A 146 -8.07 8.43 11.40
C THR A 146 -8.70 7.04 11.36
N PHE A 147 -8.95 6.54 10.16
CA PHE A 147 -9.56 5.22 9.99
C PHE A 147 -8.80 4.16 10.79
N ILE A 148 -7.50 4.06 10.54
CA ILE A 148 -6.66 3.10 11.24
C ILE A 148 -6.97 3.08 12.74
N LEU A 149 -6.86 4.24 13.37
CA LEU A 149 -7.13 4.36 14.80
C LEU A 149 -8.45 3.69 15.16
N LYS A 150 -9.48 3.96 14.37
CA LYS A 150 -10.80 3.38 14.59
C LYS A 150 -10.76 1.87 14.47
N ASN A 151 -10.01 1.38 13.49
CA ASN A 151 -9.89 -0.06 13.27
C ASN A 151 -8.42 -0.47 13.13
N PRO A 152 -7.86 -1.00 14.22
CA PRO A 152 -6.46 -1.44 14.25
C PRO A 152 -6.22 -2.68 13.40
N PRO A 153 -4.95 -2.94 13.05
CA PRO A 153 -4.56 -4.09 12.23
C PRO A 153 -4.72 -5.40 12.98
N GLU A 154 -4.73 -6.51 12.24
CA GLU A 154 -4.88 -7.83 12.84
C GLU A 154 -5.75 -7.77 14.09
N ASN A 155 -6.91 -7.14 13.96
CA ASN A 155 -7.83 -7.00 15.09
C ASN A 155 -9.17 -7.67 14.76
N SER A 156 -9.77 -8.30 15.76
CA SER A 156 -11.06 -8.97 15.59
C SER A 156 -12.21 -8.00 15.84
N ASP A 157 -12.16 -7.30 16.97
CA ASP A 157 -13.21 -6.35 17.32
C ASP A 157 -13.19 -5.15 16.37
ZN ZN B . 15.42 3.06 10.00
N GLY A 1 14.74 -8.16 -29.43
CA GLY A 1 14.10 -9.22 -28.69
C GLY A 1 12.81 -8.78 -28.03
N SER A 2 12.90 -8.39 -26.76
CA SER A 2 11.73 -7.94 -26.02
C SER A 2 11.04 -6.79 -26.74
N SER A 3 9.81 -7.04 -27.20
CA SER A 3 9.04 -6.03 -27.91
C SER A 3 8.81 -4.81 -27.03
N GLY A 4 8.43 -5.05 -25.77
CA GLY A 4 8.19 -3.97 -24.85
C GLY A 4 8.76 -4.24 -23.47
N SER A 5 8.20 -5.22 -22.79
CA SER A 5 8.66 -5.57 -21.44
C SER A 5 8.26 -7.00 -21.08
N SER A 6 9.13 -7.69 -20.37
CA SER A 6 8.88 -9.08 -19.96
C SER A 6 8.36 -9.13 -18.53
N GLY A 7 7.30 -9.91 -18.32
CA GLY A 7 6.73 -10.04 -17.00
C GLY A 7 7.78 -10.19 -15.92
N MET A 8 7.99 -9.14 -15.15
CA MET A 8 8.98 -9.16 -14.08
C MET A 8 8.56 -8.25 -12.93
N SER A 9 9.39 -8.20 -11.89
CA SER A 9 9.10 -7.37 -10.73
C SER A 9 9.99 -6.13 -10.70
N VAL A 10 9.48 -5.04 -10.13
CA VAL A 10 10.23 -3.80 -10.05
C VAL A 10 10.70 -3.55 -8.62
N ASN A 11 11.70 -2.67 -8.49
CA ASN A 11 12.25 -2.34 -7.18
C ASN A 11 11.15 -1.87 -6.23
N VAL A 12 11.24 -2.31 -4.97
CA VAL A 12 10.25 -1.94 -3.97
C VAL A 12 9.81 -0.49 -4.14
N ASN A 13 10.77 0.39 -4.40
CA ASN A 13 10.47 1.81 -4.59
C ASN A 13 10.80 2.25 -6.01
N ARG A 14 10.03 3.18 -6.53
CA ARG A 14 10.23 3.69 -7.89
C ARG A 14 11.34 4.76 -7.90
N SER A 15 11.62 5.32 -6.73
CA SER A 15 12.64 6.36 -6.61
C SER A 15 13.82 5.86 -5.78
N VAL A 16 14.29 4.66 -6.08
CA VAL A 16 15.42 4.07 -5.37
C VAL A 16 16.71 4.21 -6.16
N SER A 17 17.76 4.65 -5.47
CA SER A 17 19.06 4.84 -6.11
C SER A 17 19.72 3.50 -6.41
N ASP A 18 19.66 2.58 -5.46
CA ASP A 18 20.24 1.26 -5.62
C ASP A 18 19.44 0.43 -6.62
N GLN A 19 19.87 0.44 -7.87
CA GLN A 19 19.20 -0.32 -8.92
C GLN A 19 19.23 -1.81 -8.62
N PHE A 20 20.15 -2.21 -7.75
CA PHE A 20 20.29 -3.62 -7.38
C PHE A 20 19.45 -3.95 -6.15
N TYR A 21 18.34 -3.23 -5.99
CA TYR A 21 17.46 -3.43 -4.85
C TYR A 21 17.28 -4.93 -4.56
N ARG A 22 17.73 -5.36 -3.39
CA ARG A 22 17.61 -6.75 -3.00
C ARG A 22 16.16 -7.20 -3.01
N TYR A 23 15.33 -6.53 -2.23
CA TYR A 23 13.91 -6.85 -2.14
C TYR A 23 13.16 -6.37 -3.37
N LYS A 24 12.34 -7.25 -3.95
CA LYS A 24 11.57 -6.92 -5.13
C LYS A 24 10.08 -7.16 -4.89
N MET A 25 9.25 -6.43 -5.62
CA MET A 25 7.80 -6.56 -5.49
C MET A 25 7.14 -6.71 -6.86
N PRO A 26 6.10 -7.55 -6.93
CA PRO A 26 5.36 -7.80 -8.17
C PRO A 26 4.54 -6.59 -8.60
N ARG A 27 4.93 -5.99 -9.71
CA ARG A 27 4.22 -4.82 -10.23
C ARG A 27 2.71 -4.98 -10.06
N LEU A 28 2.10 -4.02 -9.39
CA LEU A 28 0.65 -4.05 -9.15
C LEU A 28 -0.11 -3.93 -10.47
N ILE A 29 -1.33 -4.44 -10.48
CA ILE A 29 -2.17 -4.39 -11.67
C ILE A 29 -3.48 -3.64 -11.39
N ALA A 30 -4.03 -3.04 -12.45
CA ALA A 30 -5.28 -2.30 -12.32
C ALA A 30 -6.26 -2.68 -13.41
N LYS A 31 -7.42 -3.18 -13.02
CA LYS A 31 -8.45 -3.59 -13.97
C LYS A 31 -9.60 -2.58 -14.00
N VAL A 32 -10.08 -2.27 -15.20
CA VAL A 32 -11.18 -1.32 -15.35
C VAL A 32 -12.36 -1.97 -16.07
N GLU A 33 -13.57 -1.67 -15.60
CA GLU A 33 -14.78 -2.22 -16.19
C GLU A 33 -15.84 -1.15 -16.36
N GLY A 34 -16.49 -1.13 -17.53
CA GLY A 34 -17.52 -0.14 -17.78
C GLY A 34 -16.94 1.20 -18.19
N LYS A 35 -17.82 2.15 -18.48
CA LYS A 35 -17.40 3.49 -18.88
C LYS A 35 -17.94 4.54 -17.91
N GLY A 36 -17.75 5.81 -18.26
CA GLY A 36 -18.22 6.89 -17.41
C GLY A 36 -19.57 6.59 -16.79
N ASN A 37 -20.33 5.69 -17.42
CA ASN A 37 -21.65 5.32 -16.92
C ASN A 37 -21.53 4.32 -15.78
N GLY A 38 -20.52 4.50 -14.93
CA GLY A 38 -20.32 3.61 -13.80
C GLY A 38 -18.99 2.89 -13.87
N ILE A 39 -17.98 3.55 -14.43
CA ILE A 39 -16.65 2.96 -14.56
C ILE A 39 -15.96 2.88 -13.20
N LYS A 40 -15.54 1.67 -12.83
CA LYS A 40 -14.86 1.46 -11.57
C LYS A 40 -13.59 0.62 -11.76
N THR A 41 -12.56 0.93 -10.99
CA THR A 41 -11.30 0.20 -11.08
C THR A 41 -11.22 -0.89 -10.01
N VAL A 42 -10.46 -1.93 -10.29
CA VAL A 42 -10.30 -3.04 -9.36
C VAL A 42 -8.83 -3.49 -9.29
N ILE A 43 -8.18 -3.17 -8.18
CA ILE A 43 -6.78 -3.55 -7.99
C ILE A 43 -6.65 -5.03 -7.67
N VAL A 44 -6.50 -5.85 -8.71
CA VAL A 44 -6.37 -7.29 -8.53
C VAL A 44 -5.13 -7.62 -7.70
N ASN A 45 -4.01 -7.01 -8.05
CA ASN A 45 -2.75 -7.24 -7.34
C ASN A 45 -2.66 -6.36 -6.10
N MET A 46 -3.78 -6.20 -5.39
CA MET A 46 -3.82 -5.38 -4.19
C MET A 46 -3.37 -6.17 -2.97
N VAL A 47 -4.02 -7.30 -2.75
CA VAL A 47 -3.70 -8.15 -1.61
C VAL A 47 -2.32 -8.79 -1.77
N ASP A 48 -2.00 -9.18 -3.01
CA ASP A 48 -0.71 -9.80 -3.31
C ASP A 48 0.44 -8.88 -2.91
N VAL A 49 0.58 -7.76 -3.64
CA VAL A 49 1.63 -6.80 -3.36
C VAL A 49 1.73 -6.50 -1.88
N ALA A 50 0.58 -6.36 -1.22
CA ALA A 50 0.53 -6.07 0.20
C ALA A 50 1.29 -7.14 1.00
N LYS A 51 0.91 -8.40 0.80
CA LYS A 51 1.54 -9.50 1.50
C LYS A 51 3.06 -9.36 1.48
N ALA A 52 3.60 -8.98 0.34
CA ALA A 52 5.04 -8.81 0.19
C ALA A 52 5.57 -7.78 1.19
N LEU A 53 4.79 -6.74 1.43
CA LEU A 53 5.17 -5.68 2.36
C LEU A 53 4.73 -6.02 3.78
N ASN A 54 4.42 -7.29 4.01
CA ASN A 54 3.98 -7.74 5.32
C ASN A 54 2.95 -6.79 5.92
N ARG A 55 2.15 -6.17 5.04
CA ARG A 55 1.13 -5.23 5.48
C ARG A 55 -0.18 -5.47 4.74
N PRO A 56 -1.30 -5.15 5.39
CA PRO A 56 -2.64 -5.33 4.82
C PRO A 56 -2.91 -4.34 3.68
N PRO A 57 -3.65 -4.80 2.66
CA PRO A 57 -3.99 -3.98 1.50
C PRO A 57 -4.98 -2.87 1.84
N THR A 58 -5.45 -2.87 3.09
CA THR A 58 -6.39 -1.86 3.54
C THR A 58 -5.71 -0.51 3.74
N TYR A 59 -4.43 -0.55 4.09
CA TYR A 59 -3.67 0.68 4.31
C TYR A 59 -3.47 1.43 3.00
N PRO A 60 -2.93 0.74 1.99
CA PRO A 60 -2.67 1.32 0.68
C PRO A 60 -3.96 1.63 -0.09
N THR A 61 -4.84 0.63 -0.17
CA THR A 61 -6.11 0.79 -0.87
C THR A 61 -6.79 2.09 -0.48
N LYS A 62 -6.90 2.33 0.83
CA LYS A 62 -7.54 3.55 1.33
C LYS A 62 -6.80 4.79 0.83
N TYR A 63 -5.48 4.73 0.85
CA TYR A 63 -4.66 5.85 0.40
C TYR A 63 -5.12 6.35 -0.96
N PHE A 64 -5.06 5.47 -1.96
CA PHE A 64 -5.47 5.82 -3.31
C PHE A 64 -6.74 6.69 -3.29
N GLY A 65 -7.78 6.19 -2.63
CA GLY A 65 -9.03 6.92 -2.55
C GLY A 65 -8.84 8.31 -1.98
N CYS A 66 -7.98 8.43 -0.98
CA CYS A 66 -7.72 9.71 -0.34
C CYS A 66 -7.13 10.70 -1.34
N GLU A 67 -5.98 10.35 -1.92
CA GLU A 67 -5.31 11.20 -2.88
C GLU A 67 -6.21 11.48 -4.08
N LEU A 68 -6.86 10.43 -4.58
CA LEU A 68 -7.76 10.56 -5.73
C LEU A 68 -9.03 11.29 -5.34
N GLY A 69 -9.39 11.22 -4.06
CA GLY A 69 -10.59 11.87 -3.58
C GLY A 69 -11.86 11.25 -4.12
N ALA A 70 -11.87 9.93 -4.20
CA ALA A 70 -13.03 9.20 -4.71
C ALA A 70 -13.52 8.15 -3.71
N GLN A 71 -14.52 7.38 -4.11
CA GLN A 71 -15.07 6.34 -3.24
C GLN A 71 -14.31 5.03 -3.41
N THR A 72 -14.62 4.06 -2.57
CA THR A 72 -13.97 2.76 -2.62
C THR A 72 -14.87 1.67 -2.05
N GLN A 73 -14.53 0.41 -2.35
CA GLN A 73 -15.32 -0.73 -1.87
C GLN A 73 -14.40 -1.81 -1.32
N PHE A 74 -14.82 -2.42 -0.21
CA PHE A 74 -14.04 -3.48 0.41
C PHE A 74 -14.90 -4.73 0.64
N ASP A 75 -14.44 -5.85 0.12
CA ASP A 75 -15.16 -7.12 0.27
C ASP A 75 -14.22 -8.23 0.70
N VAL A 76 -13.95 -8.31 2.00
CA VAL A 76 -13.07 -9.33 2.55
C VAL A 76 -13.50 -10.72 2.10
N LYS A 77 -14.81 -10.92 1.97
CA LYS A 77 -15.35 -12.20 1.54
C LYS A 77 -14.65 -12.72 0.29
N ASN A 78 -14.57 -11.87 -0.73
CA ASN A 78 -13.93 -12.24 -1.98
C ASN A 78 -12.57 -11.55 -2.10
N ASP A 79 -12.12 -10.94 -1.01
CA ASP A 79 -10.83 -10.25 -1.00
C ASP A 79 -10.69 -9.34 -2.23
N ARG A 80 -11.81 -8.72 -2.63
CA ARG A 80 -11.81 -7.83 -3.77
C ARG A 80 -11.86 -6.37 -3.33
N TYR A 81 -10.94 -5.57 -3.87
CA TYR A 81 -10.87 -4.15 -3.53
C TYR A 81 -11.12 -3.28 -4.76
N ILE A 82 -12.20 -2.50 -4.73
CA ILE A 82 -12.55 -1.63 -5.83
C ILE A 82 -12.34 -0.16 -5.47
N VAL A 83 -11.87 0.62 -6.43
CA VAL A 83 -11.63 2.04 -6.20
C VAL A 83 -12.47 2.91 -7.14
N ASN A 84 -13.55 3.46 -6.62
CA ASN A 84 -14.44 4.30 -7.42
C ASN A 84 -13.65 5.12 -8.42
N GLY A 85 -14.15 5.17 -9.66
CA GLY A 85 -13.46 5.93 -10.69
C GLY A 85 -12.54 5.07 -11.53
N SER A 86 -12.03 5.64 -12.62
CA SER A 86 -11.13 4.92 -13.51
C SER A 86 -9.69 5.32 -13.27
N HIS A 87 -8.87 4.35 -12.85
CA HIS A 87 -7.47 4.61 -12.58
C HIS A 87 -6.59 3.49 -13.16
N GLU A 88 -5.48 3.89 -13.78
CA GLU A 88 -4.57 2.92 -14.39
C GLU A 88 -3.45 2.56 -13.41
N ALA A 89 -2.96 1.33 -13.53
CA ALA A 89 -1.88 0.85 -12.66
C ALA A 89 -0.71 1.82 -12.66
N ASN A 90 -0.27 2.21 -13.86
CA ASN A 90 0.85 3.12 -13.99
C ASN A 90 0.72 4.29 -13.02
N LYS A 91 -0.51 4.74 -12.79
CA LYS A 91 -0.77 5.84 -11.88
C LYS A 91 -0.78 5.36 -10.43
N LEU A 92 -1.51 4.28 -10.18
CA LEU A 92 -1.60 3.72 -8.83
C LEU A 92 -0.21 3.53 -8.23
N GLN A 93 0.67 2.87 -8.99
CA GLN A 93 2.03 2.62 -8.54
C GLN A 93 2.76 3.92 -8.22
N ASP A 94 2.56 4.92 -9.07
CA ASP A 94 3.19 6.23 -8.89
C ASP A 94 2.79 6.84 -7.55
N MET A 95 1.50 6.76 -7.24
CA MET A 95 0.99 7.31 -5.98
C MET A 95 1.41 6.45 -4.80
N LEU A 96 1.08 5.16 -4.86
CA LEU A 96 1.43 4.23 -3.79
C LEU A 96 2.80 4.55 -3.22
N ASP A 97 3.73 4.93 -4.08
CA ASP A 97 5.08 5.27 -3.66
C ASP A 97 5.06 6.09 -2.38
N GLY A 98 4.31 7.19 -2.39
CA GLY A 98 4.22 8.04 -1.22
C GLY A 98 4.00 7.26 0.05
N PHE A 99 3.13 6.25 -0.02
CA PHE A 99 2.84 5.42 1.14
C PHE A 99 4.06 4.59 1.55
N ILE A 100 4.52 3.75 0.63
CA ILE A 100 5.67 2.90 0.90
C ILE A 100 6.91 3.73 1.22
N LYS A 101 6.89 4.98 0.80
CA LYS A 101 8.01 5.90 1.05
C LYS A 101 8.24 6.07 2.54
N LYS A 102 7.18 5.91 3.33
CA LYS A 102 7.28 6.05 4.78
C LYS A 102 6.56 4.90 5.48
N PHE A 103 5.30 4.69 5.12
CA PHE A 103 4.50 3.61 5.72
C PHE A 103 5.23 2.28 5.65
N VAL A 104 6.27 2.22 4.80
CA VAL A 104 7.05 1.00 4.64
C VAL A 104 8.54 1.30 4.80
N LEU A 105 9.03 2.28 4.06
CA LEU A 105 10.43 2.67 4.12
C LEU A 105 10.73 3.47 5.38
N CYS A 106 11.93 3.30 5.91
CA CYS A 106 12.35 4.01 7.11
C CYS A 106 12.96 5.37 6.76
N PRO A 107 12.53 6.41 7.49
CA PRO A 107 13.03 7.78 7.26
C PRO A 107 14.48 7.94 7.70
N GLU A 108 15.10 6.83 8.09
CA GLU A 108 16.50 6.86 8.53
C GLU A 108 17.33 5.85 7.75
N CYS A 109 16.86 4.61 7.71
CA CYS A 109 17.56 3.54 7.00
C CYS A 109 16.70 2.99 5.87
N GLU A 110 15.67 3.75 5.49
CA GLU A 110 14.78 3.33 4.42
C GLU A 110 14.64 1.82 4.38
N ASN A 111 14.48 1.21 5.55
CA ASN A 111 14.34 -0.24 5.65
C ASN A 111 12.87 -0.64 5.56
N PRO A 112 12.52 -1.38 4.50
CA PRO A 112 11.15 -1.85 4.28
C PRO A 112 10.74 -2.92 5.28
N GLU A 113 11.64 -3.25 6.21
CA GLU A 113 11.36 -4.26 7.21
C GLU A 113 10.95 -3.61 8.54
N THR A 114 10.13 -2.56 8.44
CA THR A 114 9.66 -1.86 9.62
C THR A 114 8.20 -2.20 9.92
N ASP A 115 7.68 -1.64 11.01
CA ASP A 115 6.30 -1.88 11.42
C ASP A 115 5.65 -0.62 11.95
N LEU A 116 4.33 -0.53 11.82
CA LEU A 116 3.59 0.63 12.29
C LEU A 116 2.86 0.33 13.59
N HIS A 117 2.73 1.34 14.45
CA HIS A 117 2.03 1.16 15.72
C HIS A 117 0.87 2.15 15.84
N VAL A 118 -0.29 1.65 16.23
CA VAL A 118 -1.48 2.48 16.38
C VAL A 118 -1.92 2.53 17.85
N ASN A 119 -2.21 3.74 18.32
CA ASN A 119 -2.66 3.92 19.70
C ASN A 119 -4.06 4.51 19.74
N PRO A 120 -5.03 3.67 20.12
CA PRO A 120 -6.44 4.08 20.22
C PRO A 120 -6.69 5.04 21.38
N LYS A 121 -5.64 5.29 22.17
CA LYS A 121 -5.76 6.19 23.31
C LYS A 121 -5.14 7.55 22.99
N LYS A 122 -3.92 7.52 22.45
CA LYS A 122 -3.21 8.75 22.09
C LYS A 122 -3.60 9.22 20.69
N GLN A 123 -4.29 8.35 19.96
CA GLN A 123 -4.73 8.67 18.60
C GLN A 123 -3.57 9.19 17.77
N THR A 124 -2.49 8.43 17.72
CA THR A 124 -1.31 8.80 16.96
C THR A 124 -0.65 7.58 16.32
N ILE A 125 -0.15 7.75 15.10
CA ILE A 125 0.50 6.67 14.38
C ILE A 125 2.03 6.77 14.50
N GLY A 126 2.62 5.79 15.17
CA GLY A 126 4.07 5.78 15.35
C GLY A 126 4.71 4.55 14.76
N ASN A 127 5.83 4.75 14.06
CA ASN A 127 6.55 3.64 13.43
C ASN A 127 7.77 3.25 14.26
N SER A 128 8.03 1.95 14.33
CA SER A 128 9.16 1.45 15.10
C SER A 128 10.06 0.56 14.23
N CYS A 129 11.26 1.04 13.94
CA CYS A 129 12.20 0.29 13.12
C CYS A 129 13.19 -0.48 13.99
N LYS A 130 13.77 -1.54 13.43
CA LYS A 130 14.73 -2.37 14.14
C LYS A 130 16.10 -2.29 13.50
N ALA A 131 16.13 -2.15 12.17
CA ALA A 131 17.38 -2.06 11.43
C ALA A 131 18.30 -1.00 12.03
N CYS A 132 17.77 0.22 12.16
CA CYS A 132 18.54 1.32 12.71
C CYS A 132 18.09 1.65 14.13
N GLY A 133 16.83 1.31 14.44
CA GLY A 133 16.29 1.57 15.76
C GLY A 133 15.66 2.93 15.86
N TYR A 134 14.89 3.31 14.84
CA TYR A 134 14.23 4.60 14.82
C TYR A 134 12.80 4.49 15.36
N ARG A 135 12.49 5.30 16.37
CA ARG A 135 11.16 5.29 16.97
C ARG A 135 10.64 6.71 17.15
N GLY A 136 9.60 7.05 16.39
CA GLY A 136 9.01 8.37 16.47
C GLY A 136 7.54 8.39 16.11
N MET A 137 7.02 9.58 15.85
CA MET A 137 5.61 9.72 15.49
C MET A 137 5.46 10.15 14.03
N LEU A 138 4.76 9.35 13.25
CA LEU A 138 4.55 9.65 11.84
C LEU A 138 3.70 10.90 11.66
N ASP A 139 4.03 11.70 10.65
CA ASP A 139 3.30 12.93 10.38
C ASP A 139 2.15 12.68 9.42
N THR A 140 1.49 11.53 9.58
CA THR A 140 0.36 11.16 8.73
C THR A 140 -0.79 12.15 8.88
N HIS A 141 -1.27 12.67 7.75
CA HIS A 141 -2.37 13.62 7.76
C HIS A 141 -3.51 13.14 8.66
N HIS A 142 -4.54 13.96 8.78
CA HIS A 142 -5.69 13.61 9.60
C HIS A 142 -6.84 13.09 8.74
N LYS A 143 -6.52 12.70 7.52
CA LYS A 143 -7.52 12.19 6.59
C LYS A 143 -7.59 10.66 6.67
N LEU A 144 -6.42 10.02 6.72
CA LEU A 144 -6.35 8.57 6.79
C LEU A 144 -6.34 8.10 8.24
N CYS A 145 -5.50 8.73 9.05
CA CYS A 145 -5.40 8.37 10.47
C CYS A 145 -6.76 8.02 11.04
N THR A 146 -7.78 8.76 10.64
CA THR A 146 -9.14 8.52 11.11
C THR A 146 -9.55 7.07 10.91
N PHE A 147 -9.43 6.60 9.67
CA PHE A 147 -9.80 5.22 9.34
C PHE A 147 -8.91 4.24 10.09
N ILE A 148 -7.61 4.49 10.10
CA ILE A 148 -6.66 3.63 10.77
C ILE A 148 -7.04 3.45 12.25
N LEU A 149 -7.23 4.56 12.93
CA LEU A 149 -7.60 4.52 14.35
C LEU A 149 -8.87 3.70 14.57
N LYS A 150 -9.92 4.05 13.83
CA LYS A 150 -11.20 3.35 13.93
C LYS A 150 -10.98 1.84 14.04
N ASN A 151 -10.26 1.29 13.07
CA ASN A 151 -9.97 -0.14 13.06
C ASN A 151 -8.47 -0.40 12.90
N PRO A 152 -7.84 -0.87 13.97
CA PRO A 152 -6.40 -1.16 13.98
C PRO A 152 -6.06 -2.38 13.12
N PRO A 153 -4.76 -2.60 12.89
CA PRO A 153 -4.27 -3.73 12.10
C PRO A 153 -4.47 -5.06 12.80
N GLU A 154 -4.21 -6.16 12.09
CA GLU A 154 -4.36 -7.50 12.65
C GLU A 154 -3.12 -8.35 12.36
N ASN A 155 -2.56 -8.95 13.40
CA ASN A 155 -1.38 -9.79 13.25
C ASN A 155 -1.73 -11.26 13.45
N SER A 156 -2.25 -11.89 12.40
CA SER A 156 -2.64 -13.29 12.47
C SER A 156 -1.51 -14.13 13.04
N ASP A 157 -0.29 -13.88 12.58
CA ASP A 157 0.87 -14.63 13.04
C ASP A 157 2.16 -13.84 12.79
ZN ZN B . 15.40 2.40 10.36
N GLY A 1 -5.95 -23.72 -21.76
CA GLY A 1 -5.59 -22.88 -20.63
C GLY A 1 -4.94 -21.59 -21.06
N SER A 2 -4.36 -20.87 -20.10
CA SER A 2 -3.69 -19.60 -20.39
C SER A 2 -2.77 -19.20 -19.24
N SER A 3 -1.71 -18.47 -19.58
CA SER A 3 -0.75 -18.03 -18.57
C SER A 3 -1.22 -16.73 -17.92
N GLY A 4 -1.64 -15.77 -18.73
CA GLY A 4 -2.10 -14.50 -18.22
C GLY A 4 -1.02 -13.44 -18.21
N SER A 5 -0.80 -12.82 -17.05
CA SER A 5 0.22 -11.80 -16.92
C SER A 5 1.16 -12.10 -15.75
N SER A 6 2.44 -12.29 -16.07
CA SER A 6 3.44 -12.60 -15.05
C SER A 6 3.89 -11.33 -14.34
N GLY A 7 4.17 -10.28 -15.12
CA GLY A 7 4.61 -9.03 -14.53
C GLY A 7 5.98 -9.12 -13.90
N MET A 8 6.96 -8.47 -14.50
CA MET A 8 8.33 -8.49 -14.00
C MET A 8 8.43 -7.70 -12.69
N SER A 9 8.58 -8.42 -11.58
CA SER A 9 8.69 -7.79 -10.27
C SER A 9 9.65 -6.60 -10.31
N VAL A 10 9.20 -5.48 -9.76
CA VAL A 10 10.01 -4.27 -9.74
C VAL A 10 10.79 -4.15 -8.43
N ASN A 11 11.60 -3.10 -8.32
CA ASN A 11 12.40 -2.88 -7.12
C ASN A 11 11.57 -2.26 -6.02
N VAL A 12 11.72 -2.78 -4.80
CA VAL A 12 10.97 -2.28 -3.66
C VAL A 12 10.75 -0.77 -3.76
N ASN A 13 11.75 -0.07 -4.29
CA ASN A 13 11.66 1.38 -4.45
C ASN A 13 11.79 1.77 -5.92
N ARG A 14 11.02 2.79 -6.31
CA ARG A 14 11.05 3.26 -7.69
C ARG A 14 12.16 4.29 -7.90
N SER A 15 13.23 4.15 -7.11
CA SER A 15 14.37 5.07 -7.20
C SER A 15 15.62 4.35 -7.66
N VAL A 16 15.70 3.06 -7.35
CA VAL A 16 16.85 2.24 -7.72
C VAL A 16 16.53 1.37 -8.92
N SER A 17 17.28 1.57 -10.01
CA SER A 17 17.07 0.81 -11.23
C SER A 17 17.93 -0.45 -11.23
N ASP A 18 19.03 -0.42 -10.49
CA ASP A 18 19.93 -1.56 -10.40
C ASP A 18 19.15 -2.86 -10.20
N GLN A 19 19.81 -3.98 -10.42
CA GLN A 19 19.18 -5.29 -10.26
C GLN A 19 19.87 -6.09 -9.17
N PHE A 20 20.34 -5.40 -8.13
CA PHE A 20 21.02 -6.05 -7.03
C PHE A 20 20.12 -6.11 -5.79
N TYR A 21 19.03 -5.34 -5.83
CA TYR A 21 18.09 -5.30 -4.72
C TYR A 21 17.52 -6.68 -4.44
N ARG A 22 17.90 -7.26 -3.31
CA ARG A 22 17.43 -8.59 -2.93
C ARG A 22 15.91 -8.62 -2.85
N TYR A 23 15.35 -7.85 -1.91
CA TYR A 23 13.91 -7.79 -1.73
C TYR A 23 13.23 -7.21 -2.97
N LYS A 24 12.09 -7.78 -3.34
CA LYS A 24 11.33 -7.32 -4.49
C LYS A 24 9.83 -7.34 -4.22
N MET A 25 9.05 -6.89 -5.18
CA MET A 25 7.60 -6.85 -5.04
C MET A 25 6.92 -6.90 -6.40
N PRO A 26 5.79 -7.62 -6.47
CA PRO A 26 5.02 -7.77 -7.72
C PRO A 26 4.33 -6.47 -8.13
N ARG A 27 4.37 -6.17 -9.42
CA ARG A 27 3.76 -4.95 -9.95
C ARG A 27 2.24 -5.03 -9.86
N LEU A 28 1.66 -4.17 -9.01
CA LEU A 28 0.21 -4.14 -8.83
C LEU A 28 -0.51 -4.05 -10.18
N ILE A 29 -1.66 -4.67 -10.26
CA ILE A 29 -2.45 -4.65 -11.49
C ILE A 29 -3.74 -3.86 -11.30
N ALA A 30 -4.10 -3.08 -12.32
CA ALA A 30 -5.32 -2.28 -12.27
C ALA A 30 -6.30 -2.71 -13.34
N LYS A 31 -7.56 -2.86 -12.94
CA LYS A 31 -8.61 -3.28 -13.87
C LYS A 31 -9.56 -2.12 -14.17
N VAL A 32 -9.93 -1.97 -15.44
CA VAL A 32 -10.84 -0.91 -15.84
C VAL A 32 -11.90 -1.44 -16.81
N GLU A 33 -13.13 -0.96 -16.66
CA GLU A 33 -14.23 -1.38 -17.51
C GLU A 33 -14.97 -0.16 -18.08
N GLY A 34 -15.33 -0.25 -19.35
CA GLY A 34 -16.04 0.86 -19.99
C GLY A 34 -15.30 2.17 -19.86
N LYS A 35 -15.93 3.24 -20.34
CA LYS A 35 -15.33 4.57 -20.28
C LYS A 35 -16.39 5.63 -19.97
N GLY A 36 -16.39 6.12 -18.73
CA GLY A 36 -17.34 7.13 -18.33
C GLY A 36 -18.68 6.53 -17.95
N ASN A 37 -19.05 5.44 -18.59
CA ASN A 37 -20.32 4.77 -18.32
C ASN A 37 -20.17 3.79 -17.16
N GLY A 38 -19.36 4.16 -16.18
CA GLY A 38 -19.15 3.29 -15.02
C GLY A 38 -17.72 2.80 -14.92
N ILE A 39 -16.78 3.62 -15.38
CA ILE A 39 -15.37 3.26 -15.34
C ILE A 39 -14.83 3.31 -13.91
N LYS A 40 -14.31 2.18 -13.45
CA LYS A 40 -13.75 2.11 -12.10
C LYS A 40 -12.45 1.31 -12.10
N THR A 41 -11.49 1.76 -11.29
CA THR A 41 -10.20 1.08 -11.20
C THR A 41 -10.20 0.05 -10.08
N VAL A 42 -10.00 -1.21 -10.44
CA VAL A 42 -9.97 -2.29 -9.47
C VAL A 42 -8.58 -2.88 -9.32
N ILE A 43 -7.96 -2.64 -8.17
CA ILE A 43 -6.61 -3.15 -7.90
C ILE A 43 -6.63 -4.65 -7.65
N VAL A 44 -6.76 -5.43 -8.71
CA VAL A 44 -6.79 -6.88 -8.60
C VAL A 44 -5.65 -7.38 -7.73
N ASN A 45 -4.42 -7.07 -8.12
CA ASN A 45 -3.25 -7.49 -7.38
C ASN A 45 -3.02 -6.60 -6.15
N MET A 46 -4.11 -6.34 -5.42
CA MET A 46 -4.04 -5.51 -4.22
C MET A 46 -3.52 -6.32 -3.03
N VAL A 47 -4.18 -7.44 -2.76
CA VAL A 47 -3.79 -8.29 -1.64
C VAL A 47 -2.40 -8.88 -1.86
N ASP A 48 -2.09 -9.21 -3.11
CA ASP A 48 -0.79 -9.78 -3.44
C ASP A 48 0.34 -8.87 -2.98
N VAL A 49 0.45 -7.69 -3.59
CA VAL A 49 1.48 -6.73 -3.23
C VAL A 49 1.53 -6.50 -1.73
N ALA A 50 0.35 -6.36 -1.12
CA ALA A 50 0.26 -6.14 0.32
C ALA A 50 0.98 -7.24 1.09
N LYS A 51 0.65 -8.49 0.79
CA LYS A 51 1.25 -9.62 1.45
C LYS A 51 2.78 -9.50 1.46
N ALA A 52 3.36 -9.26 0.29
CA ALA A 52 4.81 -9.12 0.17
C ALA A 52 5.33 -8.08 1.15
N LEU A 53 4.55 -7.02 1.37
CA LEU A 53 4.94 -5.95 2.28
C LEU A 53 4.52 -6.29 3.72
N ASN A 54 4.23 -7.55 3.96
CA ASN A 54 3.81 -8.01 5.29
C ASN A 54 2.81 -7.03 5.90
N ARG A 55 2.02 -6.39 5.05
CA ARG A 55 1.02 -5.43 5.52
C ARG A 55 -0.30 -5.63 4.79
N PRO A 56 -1.41 -5.28 5.46
CA PRO A 56 -2.76 -5.42 4.90
C PRO A 56 -3.02 -4.42 3.77
N PRO A 57 -3.76 -4.87 2.74
CA PRO A 57 -4.09 -4.04 1.59
C PRO A 57 -5.07 -2.92 1.94
N THR A 58 -5.55 -2.93 3.17
CA THR A 58 -6.50 -1.93 3.64
C THR A 58 -5.80 -0.60 3.88
N TYR A 59 -4.48 -0.64 4.06
CA TYR A 59 -3.70 0.57 4.30
C TYR A 59 -3.62 1.42 3.04
N PRO A 60 -3.08 0.84 1.96
CA PRO A 60 -2.94 1.52 0.67
C PRO A 60 -4.27 1.78 0.00
N THR A 61 -5.08 0.73 -0.14
CA THR A 61 -6.39 0.85 -0.77
C THR A 61 -7.09 2.14 -0.36
N LYS A 62 -7.20 2.36 0.95
CA LYS A 62 -7.85 3.55 1.48
C LYS A 62 -7.17 4.81 0.94
N TYR A 63 -5.84 4.85 1.04
CA TYR A 63 -5.07 5.99 0.57
C TYR A 63 -5.39 6.30 -0.89
N PHE A 64 -5.37 5.27 -1.72
CA PHE A 64 -5.66 5.42 -3.14
C PHE A 64 -6.88 6.30 -3.37
N GLY A 65 -8.03 5.82 -2.90
CA GLY A 65 -9.26 6.57 -3.07
C GLY A 65 -9.17 7.97 -2.46
N CYS A 66 -8.61 8.06 -1.25
CA CYS A 66 -8.47 9.33 -0.57
C CYS A 66 -7.86 10.38 -1.50
N GLU A 67 -6.66 10.11 -2.00
CA GLU A 67 -5.97 11.03 -2.89
C GLU A 67 -6.87 11.40 -4.07
N LEU A 68 -7.46 10.39 -4.70
CA LEU A 68 -8.34 10.61 -5.85
C LEU A 68 -9.66 11.24 -5.41
N GLY A 69 -9.97 11.12 -4.12
CA GLY A 69 -11.21 11.69 -3.60
C GLY A 69 -12.43 11.04 -4.19
N ALA A 70 -12.32 9.75 -4.53
CA ALA A 70 -13.44 9.02 -5.10
C ALA A 70 -13.95 7.95 -4.14
N GLN A 71 -15.00 7.26 -4.53
CA GLN A 71 -15.59 6.21 -3.70
C GLN A 71 -14.75 4.95 -3.76
N THR A 72 -14.86 4.12 -2.73
CA THR A 72 -14.11 2.87 -2.65
C THR A 72 -14.97 1.74 -2.08
N GLN A 73 -14.62 0.51 -2.44
CA GLN A 73 -15.36 -0.65 -1.96
C GLN A 73 -14.44 -1.63 -1.25
N PHE A 74 -14.83 -2.05 -0.05
CA PHE A 74 -14.03 -2.98 0.74
C PHE A 74 -14.80 -4.27 1.01
N ASP A 75 -14.36 -5.36 0.40
CA ASP A 75 -15.01 -6.65 0.56
C ASP A 75 -13.98 -7.74 0.88
N VAL A 76 -13.53 -7.78 2.12
CA VAL A 76 -12.55 -8.77 2.56
C VAL A 76 -13.02 -10.19 2.25
N LYS A 77 -14.33 -10.40 2.35
CA LYS A 77 -14.92 -11.71 2.10
C LYS A 77 -14.28 -12.35 0.86
N ASN A 78 -14.23 -11.60 -0.23
CA ASN A 78 -13.65 -12.09 -1.47
C ASN A 78 -12.34 -11.37 -1.79
N ASP A 79 -11.73 -10.79 -0.76
CA ASP A 79 -10.47 -10.08 -0.92
C ASP A 79 -10.48 -9.26 -2.21
N ARG A 80 -11.54 -8.49 -2.41
CA ARG A 80 -11.68 -7.65 -3.60
C ARG A 80 -11.78 -6.18 -3.23
N TYR A 81 -10.90 -5.37 -3.81
CA TYR A 81 -10.89 -3.94 -3.53
C TYR A 81 -11.13 -3.13 -4.81
N ILE A 82 -12.07 -2.19 -4.73
CA ILE A 82 -12.39 -1.35 -5.89
C ILE A 82 -12.14 0.12 -5.58
N VAL A 83 -11.83 0.89 -6.62
CA VAL A 83 -11.57 2.32 -6.47
C VAL A 83 -12.21 3.12 -7.60
N ASN A 84 -13.28 3.84 -7.26
CA ASN A 84 -13.99 4.66 -8.24
C ASN A 84 -13.01 5.55 -9.00
N GLY A 85 -13.40 5.94 -10.22
CA GLY A 85 -12.55 6.80 -11.02
C GLY A 85 -11.60 6.01 -11.90
N SER A 86 -11.43 6.45 -13.14
CA SER A 86 -10.54 5.78 -14.08
C SER A 86 -9.08 6.02 -13.72
N HIS A 87 -8.34 4.93 -13.51
CA HIS A 87 -6.93 5.03 -13.15
C HIS A 87 -6.15 3.83 -13.69
N GLU A 88 -4.97 4.10 -14.22
CA GLU A 88 -4.12 3.04 -14.77
C GLU A 88 -3.08 2.58 -13.77
N ALA A 89 -2.68 1.32 -13.86
CA ALA A 89 -1.68 0.78 -12.94
C ALA A 89 -0.55 1.76 -12.71
N ASN A 90 -0.04 2.34 -13.79
CA ASN A 90 1.04 3.30 -13.71
C ASN A 90 0.71 4.43 -12.74
N LYS A 91 -0.52 4.95 -12.86
CA LYS A 91 -0.97 6.03 -11.99
C LYS A 91 -0.99 5.59 -10.53
N LEU A 92 -1.55 4.41 -10.28
CA LEU A 92 -1.64 3.88 -8.93
C LEU A 92 -0.24 3.68 -8.33
N GLN A 93 0.60 2.95 -9.05
CA GLN A 93 1.96 2.69 -8.59
C GLN A 93 2.65 3.98 -8.17
N ASP A 94 2.54 5.00 -9.02
CA ASP A 94 3.16 6.29 -8.74
C ASP A 94 2.70 6.83 -7.39
N MET A 95 1.39 6.84 -7.17
CA MET A 95 0.83 7.32 -5.91
C MET A 95 1.27 6.45 -4.74
N LEU A 96 0.98 5.15 -4.83
CA LEU A 96 1.35 4.21 -3.78
C LEU A 96 2.81 4.38 -3.39
N ASP A 97 3.66 4.63 -4.38
CA ASP A 97 5.08 4.81 -4.14
C ASP A 97 5.33 5.53 -2.82
N GLY A 98 4.64 6.65 -2.63
CA GLY A 98 4.80 7.42 -1.41
C GLY A 98 4.58 6.57 -0.17
N PHE A 99 3.50 5.81 -0.15
CA PHE A 99 3.17 4.95 0.98
C PHE A 99 4.29 3.94 1.24
N ILE A 100 4.86 3.42 0.15
CA ILE A 100 5.94 2.44 0.26
C ILE A 100 7.28 3.13 0.43
N LYS A 101 7.26 4.44 0.60
CA LYS A 101 8.49 5.22 0.78
C LYS A 101 8.58 5.76 2.21
N LYS A 102 7.46 5.70 2.92
CA LYS A 102 7.41 6.19 4.31
C LYS A 102 7.00 5.07 5.25
N PHE A 103 5.85 4.46 4.98
CA PHE A 103 5.34 3.38 5.82
C PHE A 103 6.27 2.18 5.78
N VAL A 104 6.41 1.58 4.60
CA VAL A 104 7.28 0.41 4.42
C VAL A 104 8.74 0.79 4.66
N LEU A 105 9.26 1.68 3.81
CA LEU A 105 10.65 2.11 3.92
C LEU A 105 10.85 2.98 5.16
N CYS A 106 12.10 3.17 5.54
CA CYS A 106 12.43 3.98 6.71
C CYS A 106 12.93 5.37 6.29
N PRO A 107 12.42 6.40 6.96
CA PRO A 107 12.79 7.79 6.68
C PRO A 107 14.22 8.10 7.09
N GLU A 108 14.95 7.07 7.53
CA GLU A 108 16.33 7.23 7.96
C GLU A 108 17.24 6.24 7.25
N CYS A 109 16.84 4.98 7.24
CA CYS A 109 17.62 3.92 6.61
C CYS A 109 16.85 3.31 5.44
N GLU A 110 15.79 3.99 5.02
CA GLU A 110 14.97 3.51 3.91
C GLU A 110 14.88 1.98 3.92
N ASN A 111 14.78 1.41 5.11
CA ASN A 111 14.68 -0.04 5.26
C ASN A 111 13.25 -0.52 5.04
N PRO A 112 13.07 -1.48 4.14
CA PRO A 112 11.76 -2.04 3.82
C PRO A 112 11.20 -2.88 4.96
N GLU A 113 11.95 -2.95 6.06
CA GLU A 113 11.52 -3.72 7.23
C GLU A 113 11.33 -2.81 8.44
N THR A 114 10.13 -2.28 8.59
CA THR A 114 9.82 -1.40 9.72
C THR A 114 8.58 -1.86 10.45
N ASP A 115 8.21 -1.14 11.51
CA ASP A 115 7.04 -1.48 12.31
C ASP A 115 6.20 -0.24 12.59
N LEU A 116 4.89 -0.44 12.74
CA LEU A 116 3.97 0.66 13.02
C LEU A 116 3.26 0.46 14.34
N HIS A 117 3.05 1.55 15.07
CA HIS A 117 2.37 1.49 16.36
C HIS A 117 1.12 2.36 16.36
N VAL A 118 -0.03 1.74 16.62
CA VAL A 118 -1.30 2.47 16.65
C VAL A 118 -1.78 2.67 18.09
N ASN A 119 -1.90 3.93 18.49
CA ASN A 119 -2.36 4.27 19.83
C ASN A 119 -3.80 4.76 19.82
N PRO A 120 -4.72 3.92 20.31
CA PRO A 120 -6.14 4.24 20.36
C PRO A 120 -6.46 5.33 21.39
N LYS A 121 -5.43 5.75 22.13
CA LYS A 121 -5.58 6.78 23.14
C LYS A 121 -5.35 8.17 22.55
N LYS A 122 -4.09 8.45 22.22
CA LYS A 122 -3.73 9.75 21.65
C LYS A 122 -4.15 9.83 20.19
N GLN A 123 -4.72 8.75 19.67
CA GLN A 123 -5.18 8.70 18.29
C GLN A 123 -4.05 9.08 17.34
N THR A 124 -2.91 8.42 17.48
CA THR A 124 -1.75 8.71 16.63
C THR A 124 -1.04 7.41 16.23
N ILE A 125 -0.29 7.48 15.13
CA ILE A 125 0.43 6.32 14.64
C ILE A 125 1.93 6.60 14.56
N GLY A 126 2.70 5.91 15.41
CA GLY A 126 4.13 6.10 15.42
C GLY A 126 4.88 4.89 14.88
N ASN A 127 5.79 5.14 13.94
CA ASN A 127 6.57 4.07 13.34
C ASN A 127 7.86 3.82 14.12
N SER A 128 8.24 2.55 14.24
CA SER A 128 9.44 2.18 14.98
C SER A 128 10.30 1.23 14.15
N CYS A 129 11.44 1.73 13.68
CA CYS A 129 12.35 0.93 12.87
C CYS A 129 13.29 0.12 13.76
N LYS A 130 13.81 -0.97 13.23
CA LYS A 130 14.72 -1.84 13.97
C LYS A 130 16.11 -1.84 13.33
N ALA A 131 16.15 -1.61 12.02
CA ALA A 131 17.43 -1.59 11.30
C ALA A 131 18.36 -0.53 11.87
N CYS A 132 17.83 0.67 12.08
CA CYS A 132 18.62 1.77 12.62
C CYS A 132 18.14 2.15 14.01
N GLY A 133 16.85 1.95 14.27
CA GLY A 133 16.29 2.27 15.57
C GLY A 133 15.73 3.67 15.63
N TYR A 134 14.92 4.03 14.64
CA TYR A 134 14.32 5.36 14.57
C TYR A 134 12.84 5.31 14.97
N ARG A 135 12.44 6.21 15.85
CA ARG A 135 11.06 6.26 16.32
C ARG A 135 10.46 7.65 16.08
N GLY A 136 9.45 7.72 15.23
CA GLY A 136 8.81 8.98 14.93
C GLY A 136 7.31 8.84 14.73
N MET A 137 6.60 9.96 14.83
CA MET A 137 5.15 9.95 14.65
C MET A 137 4.77 10.24 13.20
N LEU A 138 3.87 9.43 12.66
CA LEU A 138 3.42 9.59 11.28
C LEU A 138 2.24 10.55 11.20
N ASP A 139 2.13 11.24 10.06
CA ASP A 139 1.03 12.18 9.86
C ASP A 139 -0.29 11.60 10.34
N THR A 140 -1.02 12.38 11.14
CA THR A 140 -2.30 11.95 11.67
C THR A 140 -3.42 12.15 10.66
N HIS A 141 -3.25 11.59 9.46
CA HIS A 141 -4.24 11.71 8.40
C HIS A 141 -5.65 11.57 8.96
N HIS A 142 -6.38 12.68 9.00
CA HIS A 142 -7.75 12.70 9.52
C HIS A 142 -8.62 11.70 8.75
N LYS A 143 -8.11 11.22 7.62
CA LYS A 143 -8.84 10.27 6.80
C LYS A 143 -8.36 8.84 7.07
N LEU A 144 -7.06 8.63 6.91
CA LEU A 144 -6.47 7.31 7.15
C LEU A 144 -6.34 7.03 8.64
N CYS A 145 -5.57 7.85 9.33
CA CYS A 145 -5.35 7.68 10.76
C CYS A 145 -6.67 7.40 11.47
N THR A 146 -7.69 8.21 11.18
CA THR A 146 -9.00 8.05 11.80
C THR A 146 -9.57 6.68 11.51
N PHE A 147 -9.23 6.13 10.36
CA PHE A 147 -9.71 4.80 9.97
C PHE A 147 -8.91 3.71 10.64
N ILE A 148 -7.58 3.85 10.63
CA ILE A 148 -6.70 2.88 11.25
C ILE A 148 -7.00 2.71 12.73
N LEU A 149 -7.31 3.83 13.39
CA LEU A 149 -7.62 3.81 14.82
C LEU A 149 -8.92 3.06 15.08
N LYS A 150 -9.91 3.28 14.21
CA LYS A 150 -11.21 2.62 14.35
C LYS A 150 -11.08 1.12 14.14
N ASN A 151 -10.16 0.72 13.26
CA ASN A 151 -9.94 -0.69 12.98
C ASN A 151 -8.45 -1.02 13.03
N PRO A 152 -8.02 -1.61 14.16
CA PRO A 152 -6.62 -2.00 14.37
C PRO A 152 -6.21 -3.16 13.49
N PRO A 153 -4.89 -3.35 13.31
CA PRO A 153 -4.33 -4.43 12.50
C PRO A 153 -4.53 -5.79 13.14
N GLU A 154 -4.75 -6.81 12.31
CA GLU A 154 -4.96 -8.17 12.80
C GLU A 154 -3.75 -8.64 13.61
N ASN A 155 -4.01 -9.08 14.85
CA ASN A 155 -2.94 -9.56 15.72
C ASN A 155 -3.10 -11.05 15.99
N SER A 156 -2.18 -11.84 15.46
CA SER A 156 -2.22 -13.29 15.64
C SER A 156 -1.74 -13.67 17.05
N ASP A 157 -0.54 -13.24 17.39
CA ASP A 157 0.04 -13.53 18.70
C ASP A 157 -0.99 -13.28 19.81
ZN ZN B . 15.60 2.78 9.98
N GLY A 1 1.03 -19.46 -28.10
CA GLY A 1 2.38 -19.18 -27.64
C GLY A 1 2.74 -19.97 -26.39
N SER A 2 2.94 -19.27 -25.29
CA SER A 2 3.30 -19.90 -24.03
C SER A 2 2.07 -20.14 -23.16
N SER A 3 2.15 -21.13 -22.28
CA SER A 3 1.03 -21.46 -21.41
C SER A 3 1.00 -20.53 -20.19
N GLY A 4 0.41 -19.35 -20.39
CA GLY A 4 0.33 -18.38 -19.32
C GLY A 4 1.57 -18.34 -18.46
N SER A 5 2.73 -18.25 -19.12
CA SER A 5 4.01 -18.21 -18.41
C SER A 5 4.53 -16.78 -18.32
N SER A 6 4.12 -16.07 -17.28
CA SER A 6 4.54 -14.69 -17.08
C SER A 6 4.27 -14.24 -15.65
N GLY A 7 5.33 -13.83 -14.95
CA GLY A 7 5.18 -13.38 -13.57
C GLY A 7 6.48 -12.84 -13.00
N MET A 8 6.77 -11.58 -13.27
CA MET A 8 7.98 -10.95 -12.79
C MET A 8 7.65 -9.78 -11.86
N SER A 9 8.51 -9.55 -10.87
CA SER A 9 8.31 -8.47 -9.92
C SER A 9 9.40 -7.41 -10.05
N VAL A 10 9.07 -6.17 -9.67
CA VAL A 10 10.02 -5.08 -9.75
C VAL A 10 10.63 -4.77 -8.39
N ASN A 11 11.73 -4.03 -8.39
CA ASN A 11 12.42 -3.67 -7.15
C ASN A 11 11.51 -2.83 -6.25
N VAL A 12 11.44 -3.19 -4.98
CA VAL A 12 10.61 -2.47 -4.02
C VAL A 12 10.58 -0.98 -4.34
N ASN A 13 11.75 -0.36 -4.38
CA ASN A 13 11.86 1.07 -4.68
C ASN A 13 11.65 1.33 -6.17
N ARG A 14 10.96 2.43 -6.48
CA ARG A 14 10.70 2.79 -7.86
C ARG A 14 11.77 3.72 -8.40
N SER A 15 12.99 3.60 -7.86
CA SER A 15 14.10 4.43 -8.27
C SER A 15 15.30 3.57 -8.69
N VAL A 16 15.44 2.42 -8.04
CA VAL A 16 16.54 1.50 -8.34
C VAL A 16 16.09 0.41 -9.30
N SER A 17 16.82 0.27 -10.41
CA SER A 17 16.50 -0.75 -11.41
C SER A 17 17.66 -1.70 -11.61
N ASP A 18 18.22 -2.19 -10.51
CA ASP A 18 19.34 -3.11 -10.58
C ASP A 18 18.96 -4.47 -10.02
N GLN A 19 19.90 -5.42 -10.09
CA GLN A 19 19.65 -6.77 -9.60
C GLN A 19 20.28 -6.98 -8.24
N PHE A 20 20.29 -5.93 -7.43
CA PHE A 20 20.87 -5.99 -6.09
C PHE A 20 19.78 -6.02 -5.02
N TYR A 21 18.74 -5.24 -5.23
CA TYR A 21 17.63 -5.17 -4.29
C TYR A 21 16.98 -6.54 -4.10
N ARG A 22 17.33 -7.20 -3.00
CA ARG A 22 16.79 -8.52 -2.69
C ARG A 22 15.26 -8.50 -2.71
N TYR A 23 14.68 -7.83 -1.73
CA TYR A 23 13.23 -7.73 -1.64
C TYR A 23 12.63 -7.13 -2.90
N LYS A 24 11.52 -7.71 -3.37
CA LYS A 24 10.86 -7.24 -4.57
C LYS A 24 9.34 -7.37 -4.44
N MET A 25 8.61 -6.65 -5.28
CA MET A 25 7.15 -6.69 -5.26
C MET A 25 6.60 -6.76 -6.67
N PRO A 26 5.61 -7.65 -6.89
CA PRO A 26 4.98 -7.83 -8.20
C PRO A 26 4.10 -6.63 -8.58
N ARG A 27 4.53 -5.91 -9.60
CA ARG A 27 3.79 -4.74 -10.07
C ARG A 27 2.29 -4.93 -9.86
N LEU A 28 1.64 -3.90 -9.34
CA LEU A 28 0.20 -3.94 -9.08
C LEU A 28 -0.58 -3.89 -10.38
N ILE A 29 -1.61 -4.75 -10.49
CA ILE A 29 -2.43 -4.80 -11.69
C ILE A 29 -3.71 -3.99 -11.50
N ALA A 30 -4.10 -3.24 -12.52
CA ALA A 30 -5.31 -2.43 -12.48
C ALA A 30 -6.29 -2.83 -13.57
N LYS A 31 -7.53 -3.09 -13.18
CA LYS A 31 -8.57 -3.48 -14.13
C LYS A 31 -9.58 -2.36 -14.32
N VAL A 32 -9.88 -2.06 -15.58
CA VAL A 32 -10.84 -1.01 -15.92
C VAL A 32 -11.85 -1.48 -16.94
N GLU A 33 -13.10 -1.07 -16.77
CA GLU A 33 -14.17 -1.46 -17.69
C GLU A 33 -14.93 -0.24 -18.19
N GLY A 34 -15.33 -0.27 -19.46
CA GLY A 34 -16.05 0.83 -20.05
C GLY A 34 -15.34 2.16 -19.83
N LYS A 35 -15.97 3.24 -20.32
CA LYS A 35 -15.40 4.57 -20.18
C LYS A 35 -16.49 5.62 -20.01
N GLY A 36 -16.57 6.19 -18.81
CA GLY A 36 -17.57 7.20 -18.54
C GLY A 36 -18.92 6.60 -18.20
N ASN A 37 -19.13 5.35 -18.61
CA ASN A 37 -20.39 4.66 -18.36
C ASN A 37 -20.24 3.68 -17.21
N GLY A 38 -19.44 4.05 -16.21
CA GLY A 38 -19.23 3.19 -15.07
C GLY A 38 -17.80 2.68 -14.97
N ILE A 39 -16.85 3.50 -15.43
CA ILE A 39 -15.45 3.13 -15.40
C ILE A 39 -14.89 3.21 -13.98
N LYS A 40 -14.31 2.11 -13.52
CA LYS A 40 -13.74 2.05 -12.18
C LYS A 40 -12.43 1.27 -12.18
N THR A 41 -11.51 1.65 -11.31
CA THR A 41 -10.21 0.99 -11.21
C THR A 41 -10.24 -0.09 -10.14
N VAL A 42 -10.26 -1.35 -10.56
CA VAL A 42 -10.28 -2.48 -9.64
C VAL A 42 -8.89 -3.07 -9.48
N ILE A 43 -8.20 -2.69 -8.41
CA ILE A 43 -6.86 -3.19 -8.15
C ILE A 43 -6.88 -4.70 -7.91
N VAL A 44 -6.70 -5.46 -8.98
CA VAL A 44 -6.69 -6.92 -8.90
C VAL A 44 -5.59 -7.41 -7.96
N ASN A 45 -4.35 -7.11 -8.32
CA ASN A 45 -3.20 -7.51 -7.51
C ASN A 45 -3.07 -6.64 -6.27
N MET A 46 -4.19 -6.46 -5.55
CA MET A 46 -4.20 -5.65 -4.35
C MET A 46 -3.69 -6.44 -3.15
N VAL A 47 -4.36 -7.56 -2.87
CA VAL A 47 -3.98 -8.41 -1.74
C VAL A 47 -2.60 -9.03 -1.96
N ASP A 48 -2.35 -9.45 -3.20
CA ASP A 48 -1.05 -10.05 -3.54
C ASP A 48 0.10 -9.14 -3.14
N VAL A 49 0.23 -8.02 -3.82
CA VAL A 49 1.30 -7.07 -3.54
C VAL A 49 1.37 -6.77 -2.05
N ALA A 50 0.23 -6.45 -1.45
CA ALA A 50 0.17 -6.13 -0.03
C ALA A 50 0.92 -7.19 0.79
N LYS A 51 0.64 -8.45 0.51
CA LYS A 51 1.28 -9.56 1.22
C LYS A 51 2.80 -9.43 1.16
N ALA A 52 3.31 -9.12 -0.04
CA ALA A 52 4.75 -8.98 -0.24
C ALA A 52 5.33 -7.96 0.75
N LEU A 53 4.60 -6.88 0.99
CA LEU A 53 5.05 -5.84 1.90
C LEU A 53 4.73 -6.21 3.35
N ASN A 54 4.26 -7.44 3.54
CA ASN A 54 3.92 -7.92 4.88
C ASN A 54 2.91 -6.99 5.55
N ARG A 55 1.99 -6.44 4.76
CA ARG A 55 0.98 -5.53 5.27
C ARG A 55 -0.33 -5.68 4.49
N PRO A 56 -1.45 -5.39 5.17
CA PRO A 56 -2.78 -5.49 4.56
C PRO A 56 -3.02 -4.41 3.52
N PRO A 57 -3.82 -4.74 2.48
CA PRO A 57 -4.14 -3.81 1.40
C PRO A 57 -5.06 -2.68 1.86
N THR A 58 -5.60 -2.81 3.07
CA THR A 58 -6.49 -1.80 3.63
C THR A 58 -5.75 -0.49 3.84
N TYR A 59 -4.45 -0.57 4.09
CA TYR A 59 -3.64 0.61 4.31
C TYR A 59 -3.49 1.43 3.03
N PRO A 60 -2.95 0.79 1.98
CA PRO A 60 -2.75 1.43 0.68
C PRO A 60 -4.06 1.70 -0.04
N THR A 61 -4.91 0.69 -0.14
CA THR A 61 -6.20 0.83 -0.80
C THR A 61 -6.90 2.11 -0.37
N LYS A 62 -6.96 2.34 0.94
CA LYS A 62 -7.60 3.53 1.48
C LYS A 62 -6.93 4.79 0.97
N TYR A 63 -5.60 4.78 0.92
CA TYR A 63 -4.84 5.93 0.45
C TYR A 63 -5.19 6.26 -1.00
N PHE A 64 -5.30 5.24 -1.83
CA PHE A 64 -5.65 5.42 -3.24
C PHE A 64 -6.89 6.29 -3.39
N GLY A 65 -8.02 5.77 -2.91
CA GLY A 65 -9.26 6.51 -3.00
C GLY A 65 -9.19 7.87 -2.32
N CYS A 66 -8.64 7.88 -1.11
CA CYS A 66 -8.50 9.13 -0.35
C CYS A 66 -7.80 10.20 -1.19
N GLU A 67 -6.69 9.82 -1.81
CA GLU A 67 -5.93 10.75 -2.63
C GLU A 67 -6.72 11.17 -3.86
N LEU A 68 -7.28 10.19 -4.55
CA LEU A 68 -8.07 10.46 -5.76
C LEU A 68 -9.36 11.19 -5.41
N GLY A 69 -9.80 11.05 -4.16
CA GLY A 69 -11.01 11.71 -3.71
C GLY A 69 -12.26 11.06 -4.29
N ALA A 70 -12.18 9.76 -4.56
CA ALA A 70 -13.30 9.02 -5.12
C ALA A 70 -13.79 7.94 -4.15
N GLN A 71 -14.85 7.24 -4.53
CA GLN A 71 -15.41 6.19 -3.70
C GLN A 71 -14.56 4.92 -3.77
N THR A 72 -14.69 4.06 -2.77
CA THR A 72 -13.92 2.82 -2.72
C THR A 72 -14.76 1.69 -2.14
N GLN A 73 -14.49 0.47 -2.59
CA GLN A 73 -15.22 -0.70 -2.12
C GLN A 73 -14.28 -1.65 -1.37
N PHE A 74 -14.70 -2.06 -0.17
CA PHE A 74 -13.91 -2.97 0.64
C PHE A 74 -14.70 -4.24 0.98
N ASP A 75 -14.30 -5.34 0.36
CA ASP A 75 -14.96 -6.62 0.60
C ASP A 75 -13.96 -7.70 0.97
N VAL A 76 -13.82 -7.95 2.26
CA VAL A 76 -12.89 -8.95 2.75
C VAL A 76 -13.29 -10.35 2.30
N LYS A 77 -14.60 -10.61 2.33
CA LYS A 77 -15.12 -11.92 1.91
C LYS A 77 -14.49 -12.36 0.61
N ASN A 78 -14.51 -11.50 -0.39
CA ASN A 78 -13.93 -11.81 -1.69
C ASN A 78 -12.61 -11.08 -1.90
N ASP A 79 -12.15 -10.41 -0.84
CA ASP A 79 -10.89 -9.66 -0.91
C ASP A 79 -10.84 -8.78 -2.15
N ARG A 80 -12.00 -8.28 -2.57
CA ARG A 80 -12.08 -7.42 -3.74
C ARG A 80 -12.06 -5.96 -3.35
N TYR A 81 -11.08 -5.23 -3.86
CA TYR A 81 -10.94 -3.81 -3.57
C TYR A 81 -11.13 -2.96 -4.82
N ILE A 82 -12.17 -2.14 -4.82
CA ILE A 82 -12.46 -1.27 -5.96
C ILE A 82 -12.23 0.20 -5.61
N VAL A 83 -11.73 0.96 -6.58
CA VAL A 83 -11.47 2.38 -6.39
C VAL A 83 -12.10 3.21 -7.50
N ASN A 84 -13.26 3.79 -7.19
CA ASN A 84 -13.96 4.62 -8.16
C ASN A 84 -13.00 5.54 -8.90
N GLY A 85 -13.31 5.81 -10.17
CA GLY A 85 -12.46 6.67 -10.97
C GLY A 85 -11.52 5.89 -11.87
N SER A 86 -11.27 6.43 -13.06
CA SER A 86 -10.40 5.78 -14.03
C SER A 86 -8.93 6.06 -13.72
N HIS A 87 -8.19 5.02 -13.36
CA HIS A 87 -6.78 5.16 -13.03
C HIS A 87 -5.97 3.99 -13.60
N GLU A 88 -4.89 4.29 -14.31
CA GLU A 88 -4.05 3.26 -14.90
C GLU A 88 -3.07 2.71 -13.88
N ALA A 89 -2.56 1.51 -14.13
CA ALA A 89 -1.62 0.87 -13.23
C ALA A 89 -0.41 1.77 -12.97
N ASN A 90 0.15 2.33 -14.04
CA ASN A 90 1.30 3.21 -13.93
C ASN A 90 1.06 4.31 -12.89
N LYS A 91 -0.11 4.93 -12.95
CA LYS A 91 -0.47 5.98 -12.01
C LYS A 91 -0.52 5.45 -10.58
N LEU A 92 -1.33 4.41 -10.37
CA LEU A 92 -1.48 3.81 -9.05
C LEU A 92 -0.10 3.55 -8.42
N GLN A 93 0.80 2.98 -9.20
CA GLN A 93 2.15 2.68 -8.72
C GLN A 93 2.86 3.96 -8.29
N ASP A 94 2.55 5.06 -8.96
CA ASP A 94 3.17 6.34 -8.64
C ASP A 94 2.69 6.85 -7.28
N MET A 95 1.38 6.90 -7.10
CA MET A 95 0.80 7.36 -5.84
C MET A 95 1.17 6.43 -4.69
N LEU A 96 0.90 5.14 -4.86
CA LEU A 96 1.21 4.15 -3.85
C LEU A 96 2.65 4.28 -3.38
N ASP A 97 3.57 4.39 -4.33
CA ASP A 97 4.99 4.52 -4.01
C ASP A 97 5.18 5.32 -2.73
N GLY A 98 4.66 6.54 -2.70
CA GLY A 98 4.79 7.39 -1.53
C GLY A 98 4.57 6.62 -0.24
N PHE A 99 3.49 5.85 -0.18
CA PHE A 99 3.16 5.08 0.99
C PHE A 99 4.25 4.05 1.29
N ILE A 100 4.70 3.35 0.25
CA ILE A 100 5.73 2.35 0.39
C ILE A 100 7.11 2.99 0.59
N LYS A 101 7.12 4.32 0.66
CA LYS A 101 8.37 5.05 0.84
C LYS A 101 8.45 5.63 2.26
N LYS A 102 7.29 5.79 2.89
CA LYS A 102 7.23 6.33 4.24
C LYS A 102 6.83 5.25 5.23
N PHE A 103 5.81 4.46 4.88
CA PHE A 103 5.34 3.39 5.74
C PHE A 103 6.31 2.21 5.73
N VAL A 104 6.35 1.50 4.61
CA VAL A 104 7.24 0.35 4.47
C VAL A 104 8.70 0.74 4.68
N LEU A 105 9.23 1.52 3.74
CA LEU A 105 10.62 1.97 3.81
C LEU A 105 10.77 3.05 4.88
N CYS A 106 11.96 3.13 5.47
CA CYS A 106 12.25 4.13 6.50
C CYS A 106 12.73 5.43 5.87
N PRO A 107 12.17 6.56 6.34
CA PRO A 107 12.54 7.88 5.85
C PRO A 107 13.95 8.29 6.27
N GLU A 108 14.66 7.37 6.91
CA GLU A 108 16.01 7.64 7.36
C GLU A 108 17.02 6.73 6.66
N CYS A 109 16.76 5.43 6.71
CA CYS A 109 17.65 4.46 6.08
C CYS A 109 17.01 3.89 4.81
N GLU A 110 15.71 4.16 4.63
CA GLU A 110 14.99 3.68 3.46
C GLU A 110 14.96 2.15 3.42
N ASN A 111 14.78 1.54 4.60
CA ASN A 111 14.74 0.09 4.71
C ASN A 111 13.30 -0.39 4.89
N PRO A 112 12.92 -1.43 4.13
CA PRO A 112 11.59 -2.01 4.18
C PRO A 112 11.33 -2.75 5.50
N GLU A 113 12.34 -2.77 6.37
CA GLU A 113 12.22 -3.44 7.65
C GLU A 113 11.91 -2.44 8.77
N THR A 114 10.63 -2.38 9.14
CA THR A 114 10.19 -1.46 10.19
C THR A 114 8.92 -1.97 10.86
N ASP A 115 8.45 -1.22 11.85
CA ASP A 115 7.24 -1.59 12.57
C ASP A 115 6.34 -0.37 12.80
N LEU A 116 5.07 -0.62 13.11
CA LEU A 116 4.12 0.45 13.34
C LEU A 116 3.45 0.29 14.70
N HIS A 117 3.10 1.41 15.33
CA HIS A 117 2.44 1.40 16.63
C HIS A 117 1.16 2.23 16.60
N VAL A 118 0.17 1.79 17.37
CA VAL A 118 -1.11 2.49 17.44
C VAL A 118 -1.41 2.94 18.86
N ASN A 119 -2.13 4.05 18.98
CA ASN A 119 -2.51 4.58 20.29
C ASN A 119 -3.97 4.98 20.33
N PRO A 120 -4.77 4.24 21.11
CA PRO A 120 -6.21 4.50 21.25
C PRO A 120 -6.49 5.79 22.00
N LYS A 121 -5.72 6.03 23.06
CA LYS A 121 -5.88 7.23 23.88
C LYS A 121 -5.30 8.45 23.16
N LYS A 122 -4.02 8.37 22.83
CA LYS A 122 -3.34 9.47 22.15
C LYS A 122 -3.92 9.70 20.77
N GLN A 123 -4.51 8.65 20.19
CA GLN A 123 -5.11 8.75 18.87
C GLN A 123 -4.08 9.16 17.83
N THR A 124 -2.83 8.76 18.03
CA THR A 124 -1.75 9.10 17.12
C THR A 124 -1.02 7.85 16.64
N ILE A 125 -0.45 7.92 15.44
CA ILE A 125 0.28 6.79 14.88
C ILE A 125 1.79 7.06 14.88
N GLY A 126 2.56 6.03 15.25
CA GLY A 126 4.00 6.18 15.29
C GLY A 126 4.72 4.90 14.88
N ASN A 127 5.78 5.05 14.08
CA ASN A 127 6.55 3.90 13.63
C ASN A 127 7.91 3.86 14.31
N SER A 128 8.52 2.68 14.34
CA SER A 128 9.83 2.50 14.96
C SER A 128 10.77 1.73 14.05
N CYS A 129 12.01 2.19 13.93
CA CYS A 129 13.00 1.54 13.09
C CYS A 129 14.16 1.02 13.93
N LYS A 130 14.85 0.00 13.40
CA LYS A 130 15.98 -0.58 14.10
C LYS A 130 17.25 -0.49 13.26
N ALA A 131 17.07 -0.42 11.94
CA ALA A 131 18.20 -0.32 11.03
C ALA A 131 19.08 0.89 11.36
N CYS A 132 18.43 2.03 11.55
CA CYS A 132 19.16 3.26 11.87
C CYS A 132 18.80 3.75 13.27
N GLY A 133 17.60 3.39 13.73
CA GLY A 133 17.17 3.80 15.06
C GLY A 133 16.33 5.06 15.03
N TYR A 134 15.33 5.08 14.15
CA TYR A 134 14.45 6.24 14.02
C TYR A 134 13.07 5.94 14.62
N ARG A 135 12.56 6.88 15.41
CA ARG A 135 11.26 6.73 16.04
C ARG A 135 10.53 8.06 16.11
N GLY A 136 9.23 8.04 15.83
CA GLY A 136 8.44 9.25 15.88
C GLY A 136 6.96 9.00 15.61
N MET A 137 6.27 10.04 15.17
CA MET A 137 4.84 9.92 14.87
C MET A 137 4.56 10.24 13.41
N LEU A 138 3.93 9.30 12.71
CA LEU A 138 3.61 9.48 11.30
C LEU A 138 2.64 10.64 11.11
N ASP A 139 2.66 11.23 9.92
CA ASP A 139 1.77 12.35 9.61
C ASP A 139 0.31 11.96 9.83
N THR A 140 -0.13 12.04 11.07
CA THR A 140 -1.51 11.69 11.41
C THR A 140 -2.48 12.20 10.35
N HIS A 141 -2.97 11.30 9.51
CA HIS A 141 -3.91 11.65 8.46
C HIS A 141 -5.33 11.70 8.99
N HIS A 142 -5.89 12.90 9.08
CA HIS A 142 -7.24 13.09 9.58
C HIS A 142 -8.21 12.16 8.84
N LYS A 143 -7.79 11.65 7.70
CA LYS A 143 -8.62 10.75 6.90
C LYS A 143 -8.31 9.29 7.22
N LEU A 144 -7.11 8.86 6.85
CA LEU A 144 -6.68 7.49 7.11
C LEU A 144 -6.59 7.21 8.60
N CYS A 145 -5.80 8.00 9.31
CA CYS A 145 -5.64 7.84 10.74
C CYS A 145 -6.93 7.39 11.40
N THR A 146 -8.00 8.15 11.16
CA THR A 146 -9.31 7.84 11.73
C THR A 146 -9.65 6.37 11.54
N PHE A 147 -9.39 5.85 10.34
CA PHE A 147 -9.68 4.45 10.04
C PHE A 147 -8.71 3.54 10.77
N ILE A 148 -7.41 3.82 10.64
CA ILE A 148 -6.39 3.02 11.29
C ILE A 148 -6.69 2.83 12.77
N LEU A 149 -6.94 3.94 13.46
CA LEU A 149 -7.24 3.91 14.89
C LEU A 149 -8.48 3.05 15.16
N LYS A 150 -9.60 3.42 14.55
CA LYS A 150 -10.84 2.68 14.73
C LYS A 150 -10.61 1.18 14.63
N ASN A 151 -9.80 0.77 13.66
CA ASN A 151 -9.49 -0.64 13.45
C ASN A 151 -7.98 -0.86 13.39
N PRO A 152 -7.42 -1.37 14.50
CA PRO A 152 -5.98 -1.63 14.61
C PRO A 152 -5.55 -2.81 13.74
N PRO A 153 -4.23 -2.97 13.57
CA PRO A 153 -3.65 -4.05 12.76
C PRO A 153 -3.84 -5.42 13.42
N GLU A 154 -3.81 -6.46 12.59
CA GLU A 154 -3.97 -7.83 13.09
C GLU A 154 -2.62 -8.52 13.26
N ASN A 155 -1.57 -7.71 13.38
CA ASN A 155 -0.22 -8.24 13.55
C ASN A 155 -0.03 -8.81 14.95
N SER A 156 -0.41 -10.06 15.13
CA SER A 156 -0.29 -10.73 16.43
C SER A 156 1.17 -10.73 16.90
N ASP A 157 2.08 -11.02 15.98
CA ASP A 157 3.50 -11.05 16.30
C ASP A 157 4.19 -9.79 15.81
ZN ZN B . 15.68 3.69 9.68
N GLY A 1 9.10 -26.15 -25.82
CA GLY A 1 8.76 -26.10 -24.41
C GLY A 1 9.65 -25.15 -23.64
N SER A 2 9.19 -23.92 -23.45
CA SER A 2 9.96 -22.92 -22.72
C SER A 2 9.10 -21.72 -22.36
N SER A 3 8.80 -21.58 -21.08
CA SER A 3 7.97 -20.48 -20.61
C SER A 3 8.82 -19.24 -20.30
N GLY A 4 8.51 -18.14 -20.98
CA GLY A 4 9.26 -16.91 -20.77
C GLY A 4 9.14 -16.39 -19.35
N SER A 5 9.46 -15.12 -19.16
CA SER A 5 9.40 -14.51 -17.84
C SER A 5 8.30 -13.45 -17.78
N SER A 6 7.11 -13.86 -17.37
CA SER A 6 5.96 -12.96 -17.28
C SER A 6 5.92 -12.27 -15.91
N GLY A 7 6.06 -13.08 -14.86
CA GLY A 7 6.04 -12.54 -13.51
C GLY A 7 7.26 -11.69 -13.21
N MET A 8 7.12 -10.38 -13.35
CA MET A 8 8.21 -9.45 -13.08
C MET A 8 7.85 -8.49 -11.95
N SER A 9 8.82 -8.23 -11.08
CA SER A 9 8.61 -7.33 -9.95
C SER A 9 9.70 -6.27 -9.88
N VAL A 10 9.33 -5.07 -9.45
CA VAL A 10 10.28 -3.97 -9.35
C VAL A 10 10.78 -3.80 -7.91
N ASN A 11 11.97 -3.26 -7.76
CA ASN A 11 12.56 -3.05 -6.45
C ASN A 11 11.59 -2.31 -5.53
N VAL A 12 11.59 -2.71 -4.25
CA VAL A 12 10.70 -2.08 -3.27
C VAL A 12 10.57 -0.59 -3.52
N ASN A 13 11.67 0.05 -3.89
CA ASN A 13 11.68 1.49 -4.15
C ASN A 13 11.82 1.76 -5.65
N ARG A 14 10.99 2.65 -6.16
CA ARG A 14 11.01 3.00 -7.58
C ARG A 14 12.04 4.11 -7.84
N SER A 15 13.09 4.14 -7.03
CA SER A 15 14.13 5.15 -7.18
C SER A 15 15.47 4.50 -7.49
N VAL A 16 15.60 3.22 -7.18
CA VAL A 16 16.82 2.49 -7.44
C VAL A 16 16.66 1.54 -8.62
N SER A 17 17.55 1.67 -9.60
CA SER A 17 17.50 0.83 -10.79
C SER A 17 18.34 -0.44 -10.60
N ASP A 18 19.45 -0.30 -9.88
CA ASP A 18 20.32 -1.44 -9.62
C ASP A 18 19.52 -2.70 -9.36
N GLN A 19 19.89 -3.78 -10.04
CA GLN A 19 19.20 -5.06 -9.89
C GLN A 19 19.83 -5.89 -8.78
N PHE A 20 20.18 -5.24 -7.68
CA PHE A 20 20.80 -5.92 -6.54
C PHE A 20 19.82 -6.01 -5.38
N TYR A 21 18.95 -5.02 -5.26
CA TYR A 21 17.96 -5.00 -4.19
C TYR A 21 17.41 -6.39 -3.92
N ARG A 22 17.62 -6.89 -2.71
CA ARG A 22 17.15 -8.21 -2.33
C ARG A 22 15.63 -8.27 -2.38
N TYR A 23 14.97 -7.48 -1.54
CA TYR A 23 13.51 -7.46 -1.50
C TYR A 23 12.94 -6.79 -2.74
N LYS A 24 11.76 -7.22 -3.15
CA LYS A 24 11.09 -6.67 -4.33
C LYS A 24 9.58 -6.79 -4.22
N MET A 25 8.87 -6.11 -5.11
CA MET A 25 7.41 -6.15 -5.11
C MET A 25 6.87 -6.20 -6.53
N PRO A 26 5.91 -7.09 -6.76
CA PRO A 26 5.28 -7.26 -8.08
C PRO A 26 4.40 -6.08 -8.46
N ARG A 27 4.76 -5.41 -9.54
CA ARG A 27 3.99 -4.26 -10.02
C ARG A 27 2.50 -4.52 -9.90
N LEU A 28 1.80 -3.66 -9.16
CA LEU A 28 0.36 -3.80 -8.97
C LEU A 28 -0.37 -3.77 -10.31
N ILE A 29 -1.60 -4.27 -10.31
CA ILE A 29 -2.41 -4.30 -11.52
C ILE A 29 -3.77 -3.65 -11.29
N ALA A 30 -4.30 -3.01 -12.33
CA ALA A 30 -5.60 -2.36 -12.25
C ALA A 30 -6.57 -2.94 -13.26
N LYS A 31 -7.76 -3.28 -12.80
CA LYS A 31 -8.79 -3.84 -13.68
C LYS A 31 -9.97 -2.88 -13.81
N VAL A 32 -10.21 -2.42 -15.03
CA VAL A 32 -11.31 -1.50 -15.30
C VAL A 32 -12.23 -2.04 -16.39
N GLU A 33 -13.53 -1.82 -16.23
CA GLU A 33 -14.51 -2.29 -17.21
C GLU A 33 -15.59 -1.24 -17.43
N GLY A 34 -16.02 -1.09 -18.68
CA GLY A 34 -17.04 -0.13 -19.01
C GLY A 34 -16.55 1.30 -18.92
N LYS A 35 -17.16 2.20 -19.69
CA LYS A 35 -16.78 3.60 -19.69
C LYS A 35 -17.98 4.50 -19.39
N GLY A 36 -18.11 4.89 -18.12
CA GLY A 36 -19.22 5.75 -17.73
C GLY A 36 -20.43 4.96 -17.28
N ASN A 37 -20.49 3.69 -17.69
CA ASN A 37 -21.61 2.83 -17.33
C ASN A 37 -21.22 1.89 -16.18
N GLY A 38 -20.42 2.40 -15.25
CA GLY A 38 -19.99 1.59 -14.12
C GLY A 38 -18.50 1.35 -14.12
N ILE A 39 -17.74 2.30 -14.65
CA ILE A 39 -16.29 2.18 -14.71
C ILE A 39 -15.66 2.36 -13.32
N LYS A 40 -15.05 1.29 -12.82
CA LYS A 40 -14.41 1.33 -11.51
C LYS A 40 -13.05 0.64 -11.55
N THR A 41 -12.08 1.24 -10.88
CA THR A 41 -10.73 0.68 -10.83
C THR A 41 -10.61 -0.41 -9.78
N VAL A 42 -10.59 -1.67 -10.23
CA VAL A 42 -10.49 -2.79 -9.33
C VAL A 42 -9.06 -3.31 -9.26
N ILE A 43 -8.37 -3.01 -8.16
CA ILE A 43 -6.99 -3.44 -7.96
C ILE A 43 -6.92 -4.94 -7.72
N VAL A 44 -6.86 -5.72 -8.79
CA VAL A 44 -6.79 -7.16 -8.69
C VAL A 44 -5.57 -7.60 -7.89
N ASN A 45 -4.42 -7.01 -8.21
CA ASN A 45 -3.17 -7.33 -7.52
C ASN A 45 -2.98 -6.43 -6.30
N MET A 46 -4.04 -6.30 -5.50
CA MET A 46 -3.98 -5.48 -4.30
C MET A 46 -3.52 -6.29 -3.09
N VAL A 47 -4.04 -7.51 -2.98
CA VAL A 47 -3.69 -8.40 -1.87
C VAL A 47 -2.26 -8.89 -2.01
N ASP A 48 -1.89 -9.34 -3.20
CA ASP A 48 -0.54 -9.83 -3.46
C ASP A 48 0.50 -8.82 -3.01
N VAL A 49 0.55 -7.69 -3.71
CA VAL A 49 1.52 -6.64 -3.39
C VAL A 49 1.57 -6.39 -1.88
N ALA A 50 0.41 -6.40 -1.25
CA ALA A 50 0.31 -6.18 0.19
C ALA A 50 1.23 -7.14 0.96
N LYS A 51 1.03 -8.44 0.73
CA LYS A 51 1.84 -9.46 1.39
C LYS A 51 3.32 -9.10 1.33
N ALA A 52 3.80 -8.75 0.14
CA ALA A 52 5.20 -8.39 -0.05
C ALA A 52 5.61 -7.30 0.93
N LEU A 53 4.70 -6.38 1.22
CA LEU A 53 4.97 -5.28 2.13
C LEU A 53 4.58 -5.66 3.56
N ASN A 54 4.43 -6.95 3.81
CA ASN A 54 4.05 -7.44 5.13
C ASN A 54 2.93 -6.59 5.73
N ARG A 55 2.11 -6.02 4.86
CA ARG A 55 1.00 -5.18 5.30
C ARG A 55 -0.26 -5.49 4.50
N PRO A 56 -1.43 -5.30 5.13
CA PRO A 56 -2.73 -5.54 4.50
C PRO A 56 -3.04 -4.52 3.41
N PRO A 57 -3.91 -4.92 2.46
CA PRO A 57 -4.31 -4.06 1.35
C PRO A 57 -5.18 -2.90 1.80
N THR A 58 -5.58 -2.92 3.07
CA THR A 58 -6.42 -1.86 3.63
C THR A 58 -5.66 -0.55 3.71
N TYR A 59 -4.38 -0.62 4.02
CA TYR A 59 -3.54 0.57 4.13
C TYR A 59 -3.36 1.24 2.77
N PRO A 60 -2.91 0.46 1.78
CA PRO A 60 -2.69 0.95 0.42
C PRO A 60 -3.99 1.26 -0.30
N THR A 61 -4.91 0.30 -0.29
CA THR A 61 -6.20 0.47 -0.95
C THR A 61 -6.85 1.80 -0.55
N LYS A 62 -6.90 2.06 0.76
CA LYS A 62 -7.50 3.28 1.26
C LYS A 62 -6.68 4.50 0.83
N TYR A 63 -5.37 4.43 1.00
CA TYR A 63 -4.48 5.52 0.63
C TYR A 63 -4.80 6.02 -0.77
N PHE A 64 -5.12 5.10 -1.67
CA PHE A 64 -5.45 5.45 -3.05
C PHE A 64 -6.62 6.43 -3.09
N GLY A 65 -7.76 6.00 -2.55
CA GLY A 65 -8.93 6.85 -2.54
C GLY A 65 -8.64 8.25 -2.04
N CYS A 66 -7.75 8.35 -1.06
CA CYS A 66 -7.39 9.64 -0.48
C CYS A 66 -6.80 10.56 -1.55
N GLU A 67 -5.70 10.13 -2.16
CA GLU A 67 -5.04 10.92 -3.20
C GLU A 67 -5.99 11.16 -4.37
N LEU A 68 -6.69 10.12 -4.79
CA LEU A 68 -7.62 10.23 -5.91
C LEU A 68 -8.82 11.09 -5.52
N GLY A 69 -9.13 11.13 -4.22
CA GLY A 69 -10.25 11.92 -3.75
C GLY A 69 -11.59 11.30 -4.14
N ALA A 70 -11.65 9.98 -4.16
CA ALA A 70 -12.87 9.27 -4.51
C ALA A 70 -13.23 8.23 -3.45
N GLN A 71 -14.33 7.52 -3.67
CA GLN A 71 -14.77 6.49 -2.74
C GLN A 71 -14.12 5.15 -3.05
N THR A 72 -14.30 4.18 -2.15
CA THR A 72 -13.73 2.86 -2.33
C THR A 72 -14.61 1.79 -1.67
N GLN A 73 -14.34 0.53 -2.01
CA GLN A 73 -15.10 -0.58 -1.45
C GLN A 73 -14.19 -1.57 -0.72
N PHE A 74 -14.42 -1.74 0.57
CA PHE A 74 -13.61 -2.65 1.38
C PHE A 74 -14.40 -3.90 1.73
N ASP A 75 -14.13 -4.98 0.99
CA ASP A 75 -14.82 -6.25 1.23
C ASP A 75 -13.81 -7.39 1.43
N VAL A 76 -13.40 -7.59 2.68
CA VAL A 76 -12.44 -8.64 3.00
C VAL A 76 -13.04 -10.02 2.80
N LYS A 77 -14.35 -10.13 3.06
CA LYS A 77 -15.05 -11.40 2.91
C LYS A 77 -14.64 -12.10 1.62
N ASN A 78 -14.69 -11.37 0.51
CA ASN A 78 -14.32 -11.92 -0.78
C ASN A 78 -12.99 -11.36 -1.26
N ASP A 79 -12.27 -10.70 -0.35
CA ASP A 79 -10.99 -10.11 -0.67
C ASP A 79 -11.07 -9.31 -1.97
N ARG A 80 -12.07 -8.45 -2.08
CA ARG A 80 -12.26 -7.64 -3.27
C ARG A 80 -12.17 -6.15 -2.92
N TYR A 81 -11.18 -5.47 -3.50
CA TYR A 81 -10.98 -4.05 -3.25
C TYR A 81 -11.15 -3.25 -4.54
N ILE A 82 -12.16 -2.37 -4.55
CA ILE A 82 -12.42 -1.54 -5.71
C ILE A 82 -12.19 -0.07 -5.40
N VAL A 83 -12.04 0.73 -6.45
CA VAL A 83 -11.82 2.16 -6.29
C VAL A 83 -12.66 2.97 -7.28
N ASN A 84 -13.68 3.63 -6.75
CA ASN A 84 -14.58 4.44 -7.59
C ASN A 84 -13.77 5.31 -8.54
N GLY A 85 -14.11 5.25 -9.83
CA GLY A 85 -13.41 6.04 -10.82
C GLY A 85 -12.41 5.23 -11.60
N SER A 86 -11.98 5.77 -12.75
CA SER A 86 -11.01 5.08 -13.60
C SER A 86 -9.60 5.59 -13.33
N HIS A 87 -8.67 4.65 -13.11
CA HIS A 87 -7.28 5.00 -12.85
C HIS A 87 -6.34 3.97 -13.45
N GLU A 88 -5.36 4.44 -14.22
CA GLU A 88 -4.39 3.55 -14.85
C GLU A 88 -3.40 3.01 -13.82
N ALA A 89 -2.87 1.81 -14.09
CA ALA A 89 -1.92 1.19 -13.19
C ALA A 89 -0.62 1.99 -13.11
N ASN A 90 -0.18 2.50 -14.26
CA ASN A 90 1.04 3.29 -14.33
C ASN A 90 1.01 4.44 -13.32
N LYS A 91 -0.18 5.02 -13.14
CA LYS A 91 -0.34 6.12 -12.19
C LYS A 91 -0.40 5.61 -10.76
N LEU A 92 -1.29 4.65 -10.51
CA LEU A 92 -1.45 4.08 -9.18
C LEU A 92 -0.09 3.81 -8.54
N GLN A 93 0.79 3.14 -9.29
CA GLN A 93 2.12 2.82 -8.79
C GLN A 93 2.84 4.08 -8.32
N ASP A 94 2.74 5.15 -9.11
CA ASP A 94 3.38 6.41 -8.77
C ASP A 94 2.86 6.94 -7.44
N MET A 95 1.55 6.85 -7.23
CA MET A 95 0.93 7.33 -6.00
C MET A 95 1.31 6.43 -4.83
N LEU A 96 0.87 5.18 -4.89
CA LEU A 96 1.16 4.21 -3.83
C LEU A 96 2.62 4.31 -3.39
N ASP A 97 3.49 4.68 -4.32
CA ASP A 97 4.91 4.82 -4.02
C ASP A 97 5.12 5.60 -2.72
N GLY A 98 4.49 6.76 -2.63
CA GLY A 98 4.62 7.58 -1.44
C GLY A 98 4.36 6.81 -0.17
N PHE A 99 3.32 5.98 -0.19
CA PHE A 99 2.96 5.18 0.98
C PHE A 99 4.05 4.17 1.31
N ILE A 100 4.68 3.63 0.26
CA ILE A 100 5.75 2.65 0.44
C ILE A 100 7.11 3.33 0.53
N LYS A 101 7.10 4.66 0.56
CA LYS A 101 8.33 5.43 0.65
C LYS A 101 8.52 5.99 2.05
N LYS A 102 7.42 6.14 2.77
CA LYS A 102 7.46 6.66 4.14
C LYS A 102 7.07 5.60 5.14
N PHE A 103 5.83 5.10 5.03
CA PHE A 103 5.33 4.08 5.93
C PHE A 103 6.22 2.84 5.89
N VAL A 104 6.28 2.21 4.72
CA VAL A 104 7.10 1.01 4.54
C VAL A 104 8.57 1.30 4.82
N LEU A 105 9.21 2.02 3.90
CA LEU A 105 10.62 2.37 4.05
C LEU A 105 10.85 3.18 5.32
N CYS A 106 12.11 3.31 5.71
CA CYS A 106 12.47 4.07 6.90
C CYS A 106 13.10 5.41 6.52
N PRO A 107 12.64 6.48 7.19
CA PRO A 107 13.14 7.84 6.94
C PRO A 107 14.57 8.02 7.43
N GLU A 108 15.19 6.94 7.88
CA GLU A 108 16.56 6.98 8.37
C GLU A 108 17.44 5.97 7.63
N CYS A 109 17.00 4.72 7.60
CA CYS A 109 17.74 3.67 6.92
C CYS A 109 17.07 3.29 5.60
N GLU A 110 15.87 3.80 5.39
CA GLU A 110 15.12 3.52 4.17
C GLU A 110 14.99 2.01 3.94
N ASN A 111 14.66 1.28 5.00
CA ASN A 111 14.51 -0.16 4.93
C ASN A 111 13.04 -0.56 5.00
N PRO A 112 12.65 -1.53 4.14
CA PRO A 112 11.27 -2.03 4.09
C PRO A 112 10.90 -2.83 5.33
N GLU A 113 11.82 -2.91 6.29
CA GLU A 113 11.58 -3.65 7.52
C GLU A 113 11.31 -2.70 8.68
N THR A 114 10.05 -2.30 8.83
CA THR A 114 9.65 -1.39 9.90
C THR A 114 8.37 -1.86 10.57
N ASP A 115 8.07 -1.29 11.73
CA ASP A 115 6.87 -1.65 12.48
C ASP A 115 5.92 -0.46 12.58
N LEU A 116 4.63 -0.75 12.72
CA LEU A 116 3.62 0.28 12.83
C LEU A 116 2.76 0.08 14.07
N HIS A 117 2.76 1.06 14.97
CA HIS A 117 1.98 0.98 16.20
C HIS A 117 0.75 1.88 16.11
N VAL A 118 -0.33 1.45 16.74
CA VAL A 118 -1.57 2.22 16.73
C VAL A 118 -2.07 2.47 18.16
N ASN A 119 -2.55 3.69 18.41
CA ASN A 119 -3.06 4.04 19.72
C ASN A 119 -4.46 4.64 19.63
N PRO A 120 -5.46 3.86 20.06
CA PRO A 120 -6.87 4.29 20.04
C PRO A 120 -7.16 5.41 21.04
N LYS A 121 -6.52 5.32 22.21
CA LYS A 121 -6.71 6.32 23.25
C LYS A 121 -6.10 7.66 22.84
N LYS A 122 -4.81 7.65 22.52
CA LYS A 122 -4.11 8.85 22.11
C LYS A 122 -4.47 9.22 20.67
N GLN A 123 -5.01 8.26 19.93
CA GLN A 123 -5.40 8.50 18.55
C GLN A 123 -4.20 8.96 17.73
N THR A 124 -3.07 8.28 17.89
CA THR A 124 -1.86 8.62 17.17
C THR A 124 -1.18 7.38 16.61
N ILE A 125 -0.49 7.53 15.49
CA ILE A 125 0.21 6.41 14.87
C ILE A 125 1.73 6.61 14.93
N GLY A 126 2.43 5.61 15.45
CA GLY A 126 3.87 5.70 15.57
C GLY A 126 4.57 4.44 15.07
N ASN A 127 5.45 4.59 14.09
CA ASN A 127 6.18 3.46 13.53
C ASN A 127 7.52 3.28 14.25
N SER A 128 7.95 2.02 14.36
CA SER A 128 9.22 1.71 15.01
C SER A 128 10.07 0.80 14.14
N CYS A 129 11.23 1.30 13.73
CA CYS A 129 12.14 0.54 12.89
C CYS A 129 13.08 -0.32 13.73
N LYS A 130 13.65 -1.36 13.12
CA LYS A 130 14.56 -2.25 13.82
C LYS A 130 15.95 -2.20 13.20
N ALA A 131 16.01 -1.86 11.91
CA ALA A 131 17.28 -1.77 11.21
C ALA A 131 18.21 -0.77 11.87
N CYS A 132 17.75 0.47 12.01
CA CYS A 132 18.55 1.52 12.63
C CYS A 132 18.02 1.84 14.03
N GLY A 133 16.73 1.60 14.24
CA GLY A 133 16.13 1.86 15.54
C GLY A 133 15.55 3.26 15.63
N TYR A 134 14.75 3.63 14.64
CA TYR A 134 14.13 4.95 14.61
C TYR A 134 12.66 4.86 14.99
N ARG A 135 12.26 5.65 15.99
CA ARG A 135 10.88 5.67 16.45
C ARG A 135 10.30 7.08 16.42
N GLY A 136 9.17 7.24 15.74
CA GLY A 136 8.55 8.55 15.64
C GLY A 136 7.09 8.45 15.24
N MET A 137 6.30 9.43 15.66
CA MET A 137 4.87 9.46 15.35
C MET A 137 4.64 9.93 13.91
N LEU A 138 3.95 9.12 13.12
CA LEU A 138 3.66 9.45 11.73
C LEU A 138 2.65 10.59 11.65
N ASP A 139 2.79 11.42 10.62
CA ASP A 139 1.89 12.55 10.41
C ASP A 139 1.07 12.36 9.15
N THR A 140 -0.10 11.76 9.30
CA THR A 140 -0.99 11.51 8.16
C THR A 140 -2.30 12.26 8.31
N HIS A 141 -2.85 12.73 7.20
CA HIS A 141 -4.11 13.46 7.21
C HIS A 141 -5.21 12.63 7.86
N HIS A 142 -6.06 13.30 8.63
CA HIS A 142 -7.16 12.63 9.33
C HIS A 142 -7.92 11.71 8.37
N LYS A 143 -7.89 12.04 7.09
CA LYS A 143 -8.56 11.24 6.08
C LYS A 143 -8.25 9.76 6.25
N LEU A 144 -6.97 9.44 6.36
CA LEU A 144 -6.54 8.05 6.54
C LEU A 144 -6.36 7.73 8.01
N CYS A 145 -5.63 8.58 8.72
CA CYS A 145 -5.38 8.36 10.14
C CYS A 145 -6.64 7.92 10.85
N THR A 146 -7.74 8.66 10.63
CA THR A 146 -9.01 8.33 11.26
C THR A 146 -9.40 6.89 11.00
N PHE A 147 -9.28 6.45 9.74
CA PHE A 147 -9.62 5.09 9.36
C PHE A 147 -8.72 4.08 10.07
N ILE A 148 -7.42 4.29 9.95
CA ILE A 148 -6.45 3.39 10.59
C ILE A 148 -6.78 3.20 12.06
N LEU A 149 -7.11 4.30 12.74
CA LEU A 149 -7.44 4.24 14.16
C LEU A 149 -8.72 3.46 14.39
N LYS A 150 -9.70 3.67 13.51
CA LYS A 150 -10.98 2.98 13.62
C LYS A 150 -10.80 1.47 13.50
N ASN A 151 -10.03 1.04 12.52
CA ASN A 151 -9.78 -0.38 12.30
C ASN A 151 -8.28 -0.66 12.22
N PRO A 152 -7.71 -1.15 13.33
CA PRO A 152 -6.28 -1.48 13.41
C PRO A 152 -5.91 -2.69 12.57
N PRO A 153 -4.59 -2.89 12.38
CA PRO A 153 -4.09 -4.02 11.59
C PRO A 153 -4.29 -5.36 12.28
N GLU A 154 -4.34 -6.43 11.50
CA GLU A 154 -4.54 -7.77 12.04
C GLU A 154 -3.47 -8.09 13.09
N ASN A 155 -3.73 -9.12 13.89
CA ASN A 155 -2.79 -9.53 14.92
C ASN A 155 -2.28 -10.95 14.66
N SER A 156 -1.97 -11.23 13.41
CA SER A 156 -1.47 -12.55 13.02
C SER A 156 -0.32 -12.43 12.02
N ASP A 157 0.61 -13.37 12.07
CA ASP A 157 1.76 -13.37 11.17
C ASP A 157 1.42 -14.09 9.86
ZN ZN B . 15.46 2.55 10.22
#